data_1RBL
#
_entry.id   1RBL
#
_cell.length_a   223.900
_cell.length_b   111.900
_cell.length_c   199.700
_cell.angle_alpha   90.00
_cell.angle_beta   90.00
_cell.angle_gamma   90.00
#
_symmetry.space_group_name_H-M   'P 21 21 21'
#
loop_
_entity.id
_entity.type
_entity.pdbx_description
1 polymer 'RIBULOSE 1,5 BISPHOSPHATE CARBOXYLASE/OXYGENASE (LARGE CHAIN)'
2 polymer 'RIBULOSE 1,5 BISPHOSPHATE CARBOXYLASE/OXYGENASE (SMALL CHAIN)'
3 non-polymer 'MAGNESIUM ION'
4 non-polymer 2-CARBOXYARABINITOL-1,5-DIPHOSPHATE
5 non-polymer 'FORMIC ACID'
6 water water
#
loop_
_entity_poly.entity_id
_entity_poly.type
_entity_poly.pdbx_seq_one_letter_code
_entity_poly.pdbx_strand_id
1 'polypeptide(L)'
;SAAGYKAGVKDYKLTYYTPDYTPKDTDLLAAFRFSPQPGVPADEAGAAIAAESSTGTWTTVWTDLLTDMDRYKGKCYHIE
PVAGEENSYFAFIAYPLDLFEEGSVTNILTSIVGNVFGFKAIRSLRLEDIRFPVALVKTFQGPPHGIQVERDLLNKYGRP
MLGCTIKPKLGLSAKNYGRAVYECLRGGLDFTKDDENINSQPFQRWRDRFLFVADAIHKSQAETGEIKGHYLNVTAPTCE
EMMKRAEFAKELGMPIIMHDFLTAGFTANTTLAKWCRDNGVLLHIHRAMHAVIDRQRNHGIHFRVLAKCLRLSGGDHLHS
GTVVGKLEGDKASTLGFVDLMREDHIEADRSRGVFFTQDWASMPGVLPVASGGIHVWHMPALVEIFGDDSVLQFGGGTLG
HPWGNAPGATANRVALEACVQARNEGRDLYREGGDILREAGKWSPELAAALDLWKEIKFEFETMDKL
;
A,B,C,D,E,F,G,H
2 'polypeptide(L)'
;SMKTLPKERRFETFSYLPPLSDRQIAAQIEYMIEQGFHPLIEFNEHSNPEEFYWTMWKLPLFACAAPQQVLDEVRECRSE
YGDCYIRVAGFDNIKECQTSSFIVHRPGR
;
M,I,N,J,O,K,P,L
#
# COMPACT_ATOMS: atom_id res chain seq x y z
N SER A 1 -54.28 6.94 12.16
CA SER A 1 -53.18 7.56 11.35
C SER A 1 -52.13 7.96 12.36
N ALA A 2 -51.26 8.89 11.98
CA ALA A 2 -50.43 9.56 12.98
C ALA A 2 -51.44 10.25 13.88
N ALA A 3 -51.44 9.88 15.14
CA ALA A 3 -52.62 10.00 15.96
C ALA A 3 -52.75 11.33 16.69
N GLY A 4 -52.12 12.36 16.15
CA GLY A 4 -52.07 13.63 16.83
C GLY A 4 -50.90 13.66 17.80
N TYR A 5 -50.18 14.77 17.81
CA TYR A 5 -49.11 14.97 18.77
C TYR A 5 -49.68 15.67 19.99
N LYS A 6 -49.67 14.97 21.12
CA LYS A 6 -49.93 15.60 22.41
C LYS A 6 -48.63 15.54 23.22
N ALA A 7 -48.02 16.70 23.42
CA ALA A 7 -46.80 16.78 24.19
C ALA A 7 -47.08 16.42 25.64
N GLY A 8 -46.05 15.96 26.34
CA GLY A 8 -46.18 15.71 27.76
C GLY A 8 -45.81 14.29 28.15
N VAL A 9 -45.65 14.09 29.45
CA VAL A 9 -45.25 12.80 29.99
C VAL A 9 -46.45 11.86 30.12
N LYS A 10 -46.29 10.69 29.51
CA LYS A 10 -47.20 9.56 29.69
C LYS A 10 -46.48 8.42 30.38
N ASP A 11 -47.26 7.52 30.96
CA ASP A 11 -46.76 6.24 31.45
C ASP A 11 -46.20 5.42 30.30
N TYR A 12 -45.07 4.78 30.54
CA TYR A 12 -44.47 3.90 29.54
C TYR A 12 -45.41 2.75 29.19
N LYS A 13 -46.16 2.27 30.17
CA LYS A 13 -46.95 1.06 29.98
C LYS A 13 -48.10 1.25 29.01
N LEU A 14 -48.43 2.51 28.72
CA LEU A 14 -49.46 2.80 27.73
C LEU A 14 -49.01 2.39 26.34
N THR A 15 -47.72 2.46 26.08
CA THR A 15 -47.18 2.15 24.76
C THR A 15 -46.44 0.81 24.74
N TYR A 16 -45.76 0.47 25.84
CA TYR A 16 -44.73 -0.56 25.81
C TYR A 16 -45.04 -1.83 26.58
N TYR A 17 -46.15 -1.84 27.31
CA TYR A 17 -46.61 -3.05 27.96
C TYR A 17 -47.70 -3.69 27.10
N THR A 18 -47.38 -4.85 26.55
CA THR A 18 -48.22 -5.48 25.54
C THR A 18 -48.47 -6.95 25.87
N PRO A 19 -49.24 -7.21 26.94
CA PRO A 19 -49.35 -8.57 27.48
C PRO A 19 -50.01 -9.54 26.50
N ASP A 20 -50.62 -9.00 25.45
CA ASP A 20 -51.26 -9.83 24.45
C ASP A 20 -50.39 -10.07 23.23
N TYR A 21 -49.14 -9.64 23.29
CA TYR A 21 -48.22 -9.82 22.18
C TYR A 21 -47.67 -11.23 22.15
N THR A 22 -47.68 -11.84 20.97
CA THR A 22 -47.05 -13.13 20.74
C THR A 22 -45.78 -12.94 19.90
N PRO A 23 -44.62 -13.26 20.47
CA PRO A 23 -43.33 -13.03 19.83
C PRO A 23 -43.21 -13.75 18.50
N LYS A 24 -42.63 -13.07 17.52
CA LYS A 24 -42.29 -13.67 16.24
C LYS A 24 -40.96 -14.40 16.36
N ASP A 25 -40.69 -15.28 15.41
CA ASP A 25 -39.46 -16.06 15.42
C ASP A 25 -38.26 -15.24 15.02
N THR A 26 -38.52 -14.05 14.49
CA THR A 26 -37.46 -13.12 14.17
C THR A 26 -37.19 -12.11 15.28
N ASP A 27 -38.05 -12.12 16.30
CA ASP A 27 -37.86 -11.24 17.47
C ASP A 27 -36.68 -11.71 18.30
N LEU A 28 -35.93 -10.75 18.84
CA LEU A 28 -34.92 -11.02 19.87
C LEU A 28 -35.68 -10.89 21.19
N LEU A 29 -35.59 -11.93 22.03
CA LEU A 29 -36.29 -11.92 23.31
C LEU A 29 -35.30 -11.75 24.44
N ALA A 30 -35.68 -11.03 25.48
CA ALA A 30 -34.81 -10.86 26.64
C ALA A 30 -35.59 -11.14 27.91
N ALA A 31 -34.95 -11.82 28.87
CA ALA A 31 -35.55 -12.07 30.17
C ALA A 31 -34.79 -11.28 31.22
N PHE A 32 -35.46 -10.32 31.84
CA PHE A 32 -34.85 -9.51 32.90
C PHE A 32 -35.45 -9.90 34.24
N ARG A 33 -34.64 -9.86 35.28
CA ARG A 33 -35.10 -10.01 36.65
C ARG A 33 -34.96 -8.62 37.29
N PHE A 34 -36.06 -8.07 37.82
CA PHE A 34 -35.99 -6.71 38.36
C PHE A 34 -36.75 -6.53 39.66
N SER A 35 -36.34 -5.53 40.43
CA SER A 35 -37.10 -5.07 41.59
C SER A 35 -37.39 -3.60 41.38
N PRO A 36 -38.69 -3.24 41.30
CA PRO A 36 -39.07 -1.82 41.19
C PRO A 36 -38.91 -1.08 42.51
N GLN A 37 -38.67 0.23 42.42
CA GLN A 37 -38.69 1.08 43.61
C GLN A 37 -40.09 1.05 44.20
N PRO A 38 -40.21 1.19 45.53
CA PRO A 38 -41.53 1.33 46.16
C PRO A 38 -42.39 2.38 45.47
N GLY A 39 -43.59 1.97 45.07
CA GLY A 39 -44.51 2.89 44.43
C GLY A 39 -44.52 2.79 42.93
N VAL A 40 -43.55 2.07 42.37
CA VAL A 40 -43.51 1.85 40.93
C VAL A 40 -44.09 0.46 40.66
N PRO A 41 -45.25 0.40 39.98
CA PRO A 41 -45.85 -0.89 39.63
C PRO A 41 -44.97 -1.69 38.66
N ALA A 42 -45.06 -3.01 38.77
CA ALA A 42 -44.22 -3.91 38.00
C ALA A 42 -44.40 -3.76 36.50
N ASP A 43 -45.63 -3.54 36.06
CA ASP A 43 -45.88 -3.41 34.62
C ASP A 43 -45.36 -2.10 34.04
N GLU A 44 -45.33 -1.06 34.87
CA GLU A 44 -44.76 0.21 34.44
C GLU A 44 -43.23 0.09 34.39
N ALA A 45 -42.67 -0.59 35.38
CA ALA A 45 -41.23 -0.83 35.42
C ALA A 45 -40.78 -1.70 34.24
N GLY A 46 -41.55 -2.74 33.95
CA GLY A 46 -41.25 -3.59 32.80
C GLY A 46 -41.37 -2.84 31.48
N ALA A 47 -42.38 -1.97 31.39
CA ALA A 47 -42.58 -1.13 30.22
C ALA A 47 -41.47 -0.10 30.05
N ALA A 48 -40.97 0.43 31.16
CA ALA A 48 -39.88 1.41 31.13
C ALA A 48 -38.60 0.76 30.59
N ILE A 49 -38.36 -0.49 31.00
CA ILE A 49 -37.22 -1.25 30.52
C ILE A 49 -37.32 -1.49 29.02
N ALA A 50 -38.50 -1.92 28.56
CA ALA A 50 -38.75 -2.11 27.14
C ALA A 50 -38.61 -0.81 26.35
N ALA A 51 -39.10 0.29 26.90
CA ALA A 51 -39.09 1.58 26.22
C ALA A 51 -37.68 2.09 26.01
N GLU A 52 -36.93 2.16 27.11
CA GLU A 52 -35.63 2.82 27.09
C GLU A 52 -34.50 1.94 26.58
N SER A 53 -34.83 0.71 26.16
CA SER A 53 -33.88 -0.14 25.48
C SER A 53 -34.25 -0.34 24.02
N SER A 54 -35.25 0.40 23.54
CA SER A 54 -35.64 0.30 22.15
C SER A 54 -35.86 1.67 21.48
N THR A 55 -37.00 2.31 21.75
CA THR A 55 -37.41 3.49 20.97
C THR A 55 -37.78 4.70 21.82
N GLY A 56 -37.97 4.49 23.11
CA GLY A 56 -38.64 5.49 23.94
C GLY A 56 -37.76 6.36 24.81
N THR A 57 -38.32 7.51 25.21
CA THR A 57 -37.71 8.33 26.26
C THR A 57 -38.79 8.82 27.22
N TRP A 58 -38.45 9.77 28.09
CA TRP A 58 -39.22 10.10 29.28
C TRP A 58 -40.47 10.96 29.01
N THR A 59 -40.52 11.58 27.85
CA THR A 59 -41.63 12.43 27.48
C THR A 59 -41.99 12.17 26.01
N THR A 60 -43.20 12.53 25.63
CA THR A 60 -43.70 12.31 24.28
C THR A 60 -43.06 13.27 23.27
N VAL A 61 -42.55 12.71 22.18
CA VAL A 61 -41.90 13.48 21.13
C VAL A 61 -42.69 13.30 19.83
N TRP A 62 -42.75 14.37 19.03
CA TRP A 62 -43.59 14.37 17.82
C TRP A 62 -43.03 13.49 16.71
N THR A 63 -41.72 13.24 16.76
CA THR A 63 -41.01 12.53 15.71
C THR A 63 -41.46 11.07 15.58
N ASP A 64 -42.04 10.52 16.64
CA ASP A 64 -42.63 9.17 16.60
C ASP A 64 -43.56 9.02 15.41
N LEU A 65 -44.28 10.11 15.11
CA LEU A 65 -45.35 10.07 14.14
C LEU A 65 -44.84 10.13 12.69
N LEU A 66 -43.53 10.33 12.54
CA LEU A 66 -42.89 10.26 11.22
C LEU A 66 -42.64 8.82 10.79
N THR A 67 -42.70 7.89 11.74
CA THR A 67 -42.39 6.51 11.46
C THR A 67 -43.49 5.63 12.06
N ASP A 68 -43.28 4.32 12.02
CA ASP A 68 -44.28 3.34 12.43
C ASP A 68 -43.83 2.73 13.75
N MET A 69 -44.21 3.35 14.86
CA MET A 69 -43.73 2.94 16.16
C MET A 69 -44.08 1.50 16.53
N ASP A 70 -45.23 1.05 16.05
CA ASP A 70 -45.65 -0.32 16.30
C ASP A 70 -44.67 -1.33 15.74
N ARG A 71 -44.05 -0.98 14.61
CA ARG A 71 -43.08 -1.86 13.98
C ARG A 71 -41.76 -1.92 14.74
N TYR A 72 -41.43 -0.85 15.45
CA TYR A 72 -40.08 -0.71 15.99
C TYR A 72 -39.95 -0.86 17.49
N LYS A 73 -41.03 -0.65 18.23
CA LYS A 73 -40.94 -0.57 19.69
C LYS A 73 -40.66 -1.92 20.36
N GLY A 74 -39.89 -1.90 21.45
CA GLY A 74 -39.75 -3.06 22.30
C GLY A 74 -41.05 -3.31 23.01
N LYS A 75 -41.36 -4.57 23.28
CA LYS A 75 -42.68 -4.94 23.78
C LYS A 75 -42.54 -5.85 24.99
N CYS A 76 -42.82 -5.30 26.17
CA CYS A 76 -42.86 -6.12 27.36
C CYS A 76 -44.16 -6.94 27.33
N TYR A 77 -44.04 -8.21 27.01
CA TYR A 77 -45.21 -9.02 26.71
C TYR A 77 -45.57 -9.96 27.84
N HIS A 78 -44.70 -10.06 28.84
CA HIS A 78 -44.98 -10.93 29.98
C HIS A 78 -44.21 -10.50 31.21
N ILE A 79 -44.90 -10.49 32.35
CA ILE A 79 -44.26 -10.26 33.64
C ILE A 79 -44.73 -11.35 34.59
N GLU A 80 -43.81 -11.89 35.39
CA GLU A 80 -44.17 -12.87 36.39
C GLU A 80 -43.36 -12.65 37.64
N PRO A 81 -44.00 -12.74 38.81
CA PRO A 81 -43.25 -12.65 40.07
C PRO A 81 -42.29 -13.81 40.26
N VAL A 82 -41.13 -13.52 40.83
CA VAL A 82 -40.17 -14.55 41.17
C VAL A 82 -40.68 -15.28 42.41
N ALA A 83 -40.95 -16.56 42.25
CA ALA A 83 -41.55 -17.37 43.31
C ALA A 83 -40.72 -17.34 44.57
N GLY A 84 -41.34 -16.92 45.67
CA GLY A 84 -40.71 -16.99 46.97
C GLY A 84 -39.92 -15.76 47.34
N GLU A 85 -39.92 -14.75 46.47
CA GLU A 85 -39.11 -13.57 46.71
C GLU A 85 -39.93 -12.30 46.60
N GLU A 86 -39.81 -11.44 47.61
CA GLU A 86 -40.60 -10.22 47.67
C GLU A 86 -40.08 -9.18 46.66
N ASN A 87 -41.00 -8.56 45.93
CA ASN A 87 -40.68 -7.45 45.05
C ASN A 87 -39.63 -7.78 43.99
N SER A 88 -39.72 -8.97 43.42
CA SER A 88 -38.80 -9.38 42.37
C SER A 88 -39.64 -10.02 41.26
N TYR A 89 -39.40 -9.62 40.02
CA TYR A 89 -40.19 -10.08 38.88
C TYR A 89 -39.28 -10.44 37.71
N PHE A 90 -39.78 -11.30 36.83
CA PHE A 90 -39.21 -11.49 35.51
C PHE A 90 -40.05 -10.72 34.49
N ALA A 91 -39.39 -9.90 33.68
CA ALA A 91 -40.02 -9.28 32.52
C ALA A 91 -39.45 -9.92 31.27
N PHE A 92 -40.34 -10.32 30.35
CA PHE A 92 -39.94 -10.84 29.07
C PHE A 92 -40.28 -9.80 28.01
N ILE A 93 -39.27 -9.42 27.24
CA ILE A 93 -39.41 -8.31 26.31
C ILE A 93 -38.99 -8.76 24.91
N ALA A 94 -39.81 -8.43 23.92
CA ALA A 94 -39.52 -8.77 22.52
C ALA A 94 -39.03 -7.53 21.76
N TYR A 95 -37.95 -7.69 21.01
CA TYR A 95 -37.38 -6.62 20.21
C TYR A 95 -37.41 -7.04 18.75
N PRO A 96 -37.93 -6.19 17.87
CA PRO A 96 -37.92 -6.50 16.44
C PRO A 96 -36.51 -6.69 15.88
N LEU A 97 -36.40 -7.58 14.90
CA LEU A 97 -35.13 -7.84 14.21
C LEU A 97 -34.49 -6.58 13.66
N ASP A 98 -35.33 -5.61 13.27
CA ASP A 98 -34.89 -4.40 12.59
C ASP A 98 -34.04 -3.49 13.47
N LEU A 99 -34.10 -3.69 14.78
CA LEU A 99 -33.43 -2.79 15.72
C LEU A 99 -31.92 -2.97 15.78
N PHE A 100 -31.43 -4.07 15.20
CA PHE A 100 -30.05 -4.49 15.47
C PHE A 100 -29.15 -4.44 14.24
N GLU A 101 -27.91 -3.99 14.44
CA GLU A 101 -26.94 -4.06 13.37
C GLU A 101 -26.48 -5.51 13.19
N GLU A 102 -26.52 -5.96 11.96
CA GLU A 102 -26.11 -7.31 11.61
C GLU A 102 -24.67 -7.55 12.03
N GLY A 103 -24.42 -8.69 12.68
CA GLY A 103 -23.07 -9.09 12.99
C GLY A 103 -22.42 -8.30 14.12
N SER A 104 -23.22 -7.55 14.88
CA SER A 104 -22.69 -6.70 15.93
C SER A 104 -23.23 -7.04 17.31
N VAL A 105 -22.42 -7.74 18.11
CA VAL A 105 -22.73 -7.98 19.51
C VAL A 105 -22.69 -6.66 20.29
N THR A 106 -21.77 -5.78 19.90
CA THR A 106 -21.64 -4.45 20.49
C THR A 106 -22.97 -3.68 20.44
N ASN A 107 -23.62 -3.69 19.27
CA ASN A 107 -24.89 -2.98 19.09
C ASN A 107 -26.02 -3.63 19.90
N ILE A 108 -26.08 -4.95 19.86
CA ILE A 108 -27.11 -5.68 20.60
C ILE A 108 -27.06 -5.34 22.09
N LEU A 109 -25.87 -5.39 22.67
CA LEU A 109 -25.69 -5.07 24.08
C LEU A 109 -26.00 -3.61 24.38
N THR A 110 -25.64 -2.71 23.47
CA THR A 110 -25.89 -1.28 23.64
C THR A 110 -27.39 -0.97 23.81
N SER A 111 -28.24 -1.69 23.09
CA SER A 111 -29.68 -1.54 23.27
C SER A 111 -30.14 -2.22 24.56
N ILE A 112 -29.88 -3.51 24.68
CA ILE A 112 -30.47 -4.32 25.75
C ILE A 112 -29.98 -3.91 27.13
N VAL A 113 -28.70 -3.57 27.25
CA VAL A 113 -28.13 -3.25 28.56
C VAL A 113 -27.47 -1.86 28.62
N GLY A 114 -27.77 -1.02 27.63
CA GLY A 114 -27.12 0.28 27.54
C GLY A 114 -27.43 1.27 28.66
N ASN A 115 -28.70 1.56 28.88
CA ASN A 115 -29.10 2.60 29.85
C ASN A 115 -30.01 2.13 30.97
N VAL A 116 -30.73 1.02 30.77
CA VAL A 116 -31.84 0.68 31.66
C VAL A 116 -31.45 0.23 33.07
N PHE A 117 -30.21 -0.19 33.25
CA PHE A 117 -29.74 -0.67 34.56
C PHE A 117 -29.57 0.45 35.59
N GLY A 118 -29.51 1.69 35.11
CA GLY A 118 -29.29 2.81 35.99
C GLY A 118 -30.53 3.63 36.26
N PHE A 119 -31.66 3.18 35.74
CA PHE A 119 -32.93 3.86 35.90
C PHE A 119 -33.31 4.00 37.37
N LYS A 120 -33.59 5.23 37.79
CA LYS A 120 -33.96 5.52 39.17
C LYS A 120 -35.13 4.67 39.68
N ALA A 121 -36.11 4.45 38.82
CA ALA A 121 -37.35 3.80 39.22
C ALA A 121 -37.17 2.30 39.49
N ILE A 122 -35.99 1.78 39.16
CA ILE A 122 -35.66 0.36 39.31
C ILE A 122 -34.54 0.24 40.34
N ARG A 123 -34.70 -0.67 41.31
CA ARG A 123 -33.68 -0.87 42.33
C ARG A 123 -32.51 -1.69 41.80
N SER A 124 -32.85 -2.76 41.09
CA SER A 124 -31.85 -3.69 40.60
C SER A 124 -32.39 -4.35 39.34
N LEU A 125 -31.48 -4.72 38.44
CA LEU A 125 -31.86 -5.31 37.17
C LEU A 125 -30.77 -6.30 36.79
N ARG A 126 -31.19 -7.48 36.36
CA ARG A 126 -30.25 -8.49 35.90
C ARG A 126 -30.78 -9.19 34.65
N LEU A 127 -30.00 -9.14 33.58
CA LEU A 127 -30.35 -9.82 32.35
C LEU A 127 -29.99 -11.30 32.47
N GLU A 128 -31.00 -12.15 32.35
CA GLU A 128 -30.85 -13.58 32.59
C GLU A 128 -30.57 -14.36 31.32
N ASP A 129 -31.22 -13.98 30.22
CA ASP A 129 -31.13 -14.73 28.97
C ASP A 129 -31.58 -13.85 27.81
N ILE A 130 -31.07 -14.17 26.62
CA ILE A 130 -31.51 -13.54 25.38
C ILE A 130 -31.77 -14.67 24.39
N ARG A 131 -32.93 -14.70 23.76
CA ARG A 131 -33.06 -15.57 22.60
C ARG A 131 -32.64 -14.85 21.34
N PHE A 132 -31.53 -15.29 20.75
CA PHE A 132 -31.09 -14.75 19.48
C PHE A 132 -31.83 -15.47 18.37
N PRO A 133 -32.60 -14.72 17.58
CA PRO A 133 -33.30 -15.33 16.44
C PRO A 133 -32.32 -15.87 15.41
N VAL A 134 -32.71 -16.94 14.74
CA VAL A 134 -31.86 -17.60 13.76
C VAL A 134 -31.43 -16.65 12.63
N ALA A 135 -32.33 -15.75 12.25
CA ALA A 135 -32.06 -14.79 11.19
C ALA A 135 -30.95 -13.81 11.58
N LEU A 136 -30.83 -13.55 12.88
CA LEU A 136 -29.75 -12.71 13.37
C LEU A 136 -28.47 -13.52 13.58
N VAL A 137 -28.61 -14.75 14.06
CA VAL A 137 -27.47 -15.63 14.28
C VAL A 137 -26.68 -15.80 12.98
N LYS A 138 -27.39 -15.85 11.86
CA LYS A 138 -26.76 -16.05 10.57
C LYS A 138 -25.97 -14.86 10.04
N THR A 139 -26.10 -13.70 10.68
CA THR A 139 -25.33 -12.52 10.28
C THR A 139 -23.95 -12.49 10.93
N PHE A 140 -23.70 -13.46 11.82
CA PHE A 140 -22.42 -13.57 12.53
C PHE A 140 -21.57 -14.70 11.95
N GLN A 141 -20.25 -14.55 12.06
CA GLN A 141 -19.32 -15.62 11.69
C GLN A 141 -19.33 -16.73 12.72
N GLY A 142 -19.28 -16.35 13.99
CA GLY A 142 -19.19 -17.32 15.06
C GLY A 142 -17.76 -17.79 15.22
N PRO A 143 -17.56 -18.95 15.86
CA PRO A 143 -16.20 -19.50 16.06
C PRO A 143 -15.41 -19.56 14.76
N PRO A 144 -14.14 -19.13 14.80
CA PRO A 144 -13.27 -19.29 13.62
C PRO A 144 -13.23 -20.73 13.10
N HIS A 145 -13.26 -21.70 14.03
CA HIS A 145 -13.19 -23.12 13.67
C HIS A 145 -14.25 -23.95 14.37
N GLY A 146 -14.26 -23.90 15.71
CA GLY A 146 -15.23 -24.67 16.47
C GLY A 146 -14.71 -26.05 16.79
N ILE A 147 -15.45 -26.79 17.60
CA ILE A 147 -14.98 -28.03 18.20
C ILE A 147 -14.46 -29.09 17.22
N GLN A 148 -15.26 -29.48 16.23
CA GLN A 148 -14.87 -30.60 15.38
C GLN A 148 -13.69 -30.26 14.47
N VAL A 149 -13.66 -29.03 13.94
CA VAL A 149 -12.55 -28.62 13.10
C VAL A 149 -11.27 -28.51 13.93
N GLU A 150 -11.39 -28.08 15.17
CA GLU A 150 -10.23 -28.01 16.06
C GLU A 150 -9.63 -29.39 16.35
N ARG A 151 -10.47 -30.37 16.67
CA ARG A 151 -9.97 -31.73 16.93
C ARG A 151 -9.25 -32.26 15.69
N ASP A 152 -9.81 -31.97 14.51
CA ASP A 152 -9.24 -32.40 13.25
C ASP A 152 -7.90 -31.75 12.92
N LEU A 153 -7.78 -30.46 13.25
CA LEU A 153 -6.53 -29.75 13.04
C LEU A 153 -5.42 -30.25 13.97
N LEU A 154 -5.80 -30.62 15.20
CA LEU A 154 -4.81 -30.95 16.21
C LEU A 154 -4.57 -32.45 16.36
N ASN A 155 -5.38 -33.26 15.67
CA ASN A 155 -5.29 -34.72 15.76
C ASN A 155 -5.53 -35.18 17.19
N LYS A 156 -6.47 -34.54 17.86
CA LYS A 156 -6.76 -34.80 19.25
C LYS A 156 -8.18 -35.37 19.35
N TYR A 157 -8.29 -36.67 19.60
CA TYR A 157 -9.59 -37.35 19.65
C TYR A 157 -9.68 -38.24 20.87
N GLY A 158 -10.89 -38.38 21.42
CA GLY A 158 -11.16 -39.45 22.34
C GLY A 158 -11.11 -39.13 23.81
N ARG A 159 -10.76 -37.88 24.15
CA ARG A 159 -10.75 -37.46 25.55
C ARG A 159 -10.65 -35.94 25.67
N PRO A 160 -10.91 -35.39 26.88
CA PRO A 160 -10.64 -33.98 27.13
C PRO A 160 -9.18 -33.61 26.83
N MET A 161 -8.96 -32.38 26.40
CA MET A 161 -7.61 -31.87 26.24
C MET A 161 -7.14 -31.24 27.55
N LEU A 162 -5.83 -31.16 27.72
CA LEU A 162 -5.25 -30.70 28.99
C LEU A 162 -4.41 -29.47 28.76
N GLY A 163 -4.59 -28.48 29.63
CA GLY A 163 -3.81 -27.27 29.56
C GLY A 163 -3.22 -26.89 30.91
N CYS A 164 -2.64 -25.71 30.96
CA CYS A 164 -1.90 -25.28 32.14
C CYS A 164 -1.49 -23.82 31.98
N THR A 165 -1.87 -23.01 32.95
CA THR A 165 -1.39 -21.63 33.01
C THR A 165 -0.03 -21.59 33.72
N ILE A 166 0.94 -20.93 33.10
CA ILE A 166 2.24 -20.73 33.70
C ILE A 166 2.14 -19.78 34.90
N LYS A 167 2.89 -20.09 35.96
CA LYS A 167 2.93 -19.27 37.16
C LYS A 167 4.40 -19.05 37.55
N PRO A 168 4.70 -17.98 38.31
CA PRO A 168 3.81 -16.91 38.78
C PRO A 168 3.14 -16.14 37.66
N LYS A 169 2.00 -15.52 37.96
CA LYS A 169 1.21 -14.81 36.97
C LYS A 169 2.09 -13.83 36.19
N LEU A 170 2.86 -13.05 36.94
CA LEU A 170 3.75 -12.05 36.38
C LEU A 170 5.11 -12.17 37.07
N GLY A 171 6.18 -11.77 36.39
CA GLY A 171 7.49 -11.76 37.04
C GLY A 171 8.56 -12.57 36.34
N LEU A 172 8.16 -13.55 35.54
CA LEU A 172 9.11 -14.39 34.83
C LEU A 172 9.59 -13.74 33.54
N SER A 173 10.87 -13.89 33.25
CA SER A 173 11.44 -13.44 32.00
C SER A 173 10.95 -14.33 30.86
N ALA A 174 11.17 -13.89 29.63
CA ALA A 174 10.75 -14.65 28.45
C ALA A 174 11.37 -16.05 28.39
N LYS A 175 12.67 -16.11 28.67
CA LYS A 175 13.41 -17.38 28.64
C LYS A 175 12.92 -18.33 29.71
N ASN A 176 12.68 -17.82 30.92
CA ASN A 176 12.17 -18.66 32.00
C ASN A 176 10.74 -19.07 31.74
N TYR A 177 10.01 -18.25 31.00
CA TYR A 177 8.66 -18.59 30.59
C TYR A 177 8.66 -19.79 29.64
N GLY A 178 9.50 -19.73 28.62
CA GLY A 178 9.60 -20.83 27.68
C GLY A 178 10.12 -22.10 28.34
N ARG A 179 11.01 -21.94 29.32
CA ARG A 179 11.51 -23.08 30.09
C ARG A 179 10.37 -23.82 30.78
N ALA A 180 9.54 -23.07 31.50
CA ALA A 180 8.40 -23.66 32.19
C ALA A 180 7.44 -24.32 31.21
N VAL A 181 7.27 -23.68 30.05
CA VAL A 181 6.40 -24.20 28.99
C VAL A 181 6.92 -25.53 28.44
N TYR A 182 8.20 -25.58 28.10
CA TYR A 182 8.81 -26.79 27.56
C TYR A 182 8.62 -27.96 28.53
N GLU A 183 8.92 -27.73 29.79
CA GLU A 183 8.84 -28.79 30.79
C GLU A 183 7.41 -29.28 31.01
N CYS A 184 6.44 -28.36 30.96
CA CYS A 184 5.04 -28.74 31.06
C CYS A 184 4.60 -29.59 29.86
N LEU A 185 4.88 -29.11 28.66
CA LEU A 185 4.43 -29.76 27.44
C LEU A 185 5.07 -31.13 27.24
N ARG A 186 6.37 -31.25 27.55
CA ARG A 186 7.10 -32.51 27.38
C ARG A 186 6.51 -33.60 28.28
N GLY A 187 5.83 -33.17 29.35
CA GLY A 187 5.30 -34.11 30.32
C GLY A 187 3.94 -34.67 30.02
N GLY A 188 3.28 -34.18 28.97
CA GLY A 188 2.02 -34.78 28.57
C GLY A 188 0.81 -33.87 28.44
N LEU A 189 0.97 -32.59 28.76
CA LEU A 189 -0.10 -31.62 28.56
C LEU A 189 -0.20 -31.24 27.09
N ASP A 190 -1.41 -31.01 26.60
CA ASP A 190 -1.60 -30.60 25.21
C ASP A 190 -1.25 -29.13 25.02
N PHE A 191 -1.61 -28.31 26.00
CA PHE A 191 -1.46 -26.87 25.91
C PHE A 191 -0.84 -26.32 27.17
N THR A 192 -0.11 -25.22 27.01
CA THR A 192 0.10 -24.27 28.09
C THR A 192 -0.49 -22.91 27.68
N LYS A 193 -0.49 -21.94 28.58
CA LYS A 193 -1.05 -20.63 28.24
C LYS A 193 -0.42 -19.50 29.03
N ASP A 194 -0.38 -18.33 28.41
CA ASP A 194 -0.12 -17.07 29.11
C ASP A 194 -1.21 -16.85 30.15
N ASP A 195 -0.84 -16.26 31.27
CA ASP A 195 -1.85 -15.76 32.18
C ASP A 195 -2.59 -14.61 31.48
N GLU A 196 -3.85 -14.39 31.86
CA GLU A 196 -4.68 -13.39 31.20
C GLU A 196 -4.05 -12.00 31.26
N ASN A 197 -3.28 -11.72 32.31
CA ASN A 197 -2.66 -10.40 32.46
C ASN A 197 -1.22 -10.35 31.95
N ILE A 198 -0.75 -11.44 31.36
CA ILE A 198 0.51 -11.43 30.64
C ILE A 198 0.26 -10.88 29.24
N ASN A 199 0.69 -9.64 29.02
CA ASN A 199 0.52 -9.00 27.71
C ASN A 199 1.90 -8.59 27.20
N SER A 200 2.36 -7.40 27.60
CA SER A 200 3.73 -6.99 27.35
C SER A 200 4.12 -6.02 28.44
N GLN A 201 5.16 -6.35 29.20
CA GLN A 201 5.48 -5.63 30.43
C GLN A 201 6.98 -5.53 30.54
N PRO A 202 7.48 -4.66 31.44
CA PRO A 202 8.93 -4.45 31.57
C PRO A 202 9.76 -5.71 31.80
N PHE A 203 9.22 -6.66 32.58
CA PHE A 203 9.94 -7.89 32.93
C PHE A 203 9.90 -8.92 31.80
N GLN A 204 8.99 -8.72 30.85
CA GLN A 204 8.80 -9.66 29.76
C GLN A 204 7.97 -9.01 28.64
N ARG A 205 8.68 -8.59 27.60
CA ARG A 205 8.10 -8.00 26.40
C ARG A 205 7.49 -9.13 25.56
N TRP A 206 6.42 -8.84 24.82
CA TRP A 206 5.62 -9.91 24.20
C TRP A 206 6.37 -10.65 23.11
N ARG A 207 7.15 -9.93 22.32
CA ARG A 207 7.76 -10.53 21.14
C ARG A 207 8.86 -11.52 21.56
N ASP A 208 9.52 -11.23 22.68
CA ASP A 208 10.50 -12.16 23.25
C ASP A 208 9.82 -13.45 23.73
N ARG A 209 8.70 -13.32 24.45
CA ARG A 209 7.96 -14.49 24.89
C ARG A 209 7.52 -15.35 23.72
N PHE A 210 6.99 -14.73 22.67
CA PHE A 210 6.50 -15.47 21.50
C PHE A 210 7.65 -16.29 20.91
N LEU A 211 8.83 -15.69 20.86
CA LEU A 211 10.03 -16.31 20.31
C LEU A 211 10.44 -17.54 21.12
N PHE A 212 10.60 -17.35 22.43
CA PHE A 212 11.06 -18.42 23.30
C PHE A 212 10.03 -19.52 23.47
N VAL A 213 8.75 -19.15 23.52
CA VAL A 213 7.68 -20.13 23.61
C VAL A 213 7.59 -21.00 22.35
N ALA A 214 7.81 -20.41 21.18
CA ALA A 214 7.78 -21.19 19.94
C ALA A 214 8.85 -22.28 19.95
N ASP A 215 10.02 -21.94 20.49
CA ASP A 215 11.13 -22.89 20.60
C ASP A 215 10.75 -24.05 21.54
N ALA A 216 10.10 -23.73 22.64
CA ALA A 216 9.64 -24.71 23.62
C ALA A 216 8.61 -25.67 23.03
N ILE A 217 7.73 -25.14 22.18
CA ILE A 217 6.71 -25.95 21.55
C ILE A 217 7.34 -26.94 20.58
N HIS A 218 8.32 -26.48 19.81
CA HIS A 218 8.97 -27.34 18.83
C HIS A 218 9.73 -28.48 19.48
N LYS A 219 10.45 -28.18 20.56
CA LYS A 219 11.26 -29.16 21.26
C LYS A 219 10.39 -30.24 21.91
N SER A 220 9.32 -29.81 22.57
CA SER A 220 8.43 -30.73 23.26
C SER A 220 7.60 -31.57 22.30
N GLN A 221 7.21 -30.98 21.17
CA GLN A 221 6.46 -31.72 20.17
C GLN A 221 7.35 -32.79 19.52
N ALA A 222 8.61 -32.44 19.32
CA ALA A 222 9.56 -33.35 18.70
C ALA A 222 9.81 -34.53 19.63
N GLU A 223 9.84 -34.28 20.93
CA GLU A 223 10.15 -35.31 21.90
C GLU A 223 8.99 -36.28 22.16
N THR A 224 7.77 -35.76 22.07
CA THR A 224 6.60 -36.52 22.50
C THR A 224 5.83 -37.14 21.34
N GLY A 225 5.97 -36.57 20.15
CA GLY A 225 5.23 -37.06 18.99
C GLY A 225 3.75 -36.74 19.05
N GLU A 226 3.39 -35.74 19.83
CA GLU A 226 2.01 -35.23 19.90
C GLU A 226 2.00 -33.73 19.60
N ILE A 227 0.94 -33.25 18.95
CA ILE A 227 0.77 -31.82 18.69
C ILE A 227 0.69 -31.05 20.01
N LYS A 228 1.49 -29.99 20.11
CA LYS A 228 1.52 -29.13 21.29
C LYS A 228 1.09 -27.72 20.90
N GLY A 229 0.53 -26.99 21.87
CA GLY A 229 0.18 -25.60 21.62
C GLY A 229 0.36 -24.78 22.89
N HIS A 230 0.45 -23.47 22.71
CA HIS A 230 0.50 -22.54 23.84
C HIS A 230 -0.30 -21.31 23.45
N TYR A 231 -1.32 -20.96 24.23
CA TYR A 231 -2.17 -19.82 23.89
C TYR A 231 -1.39 -18.54 24.13
N LEU A 232 -0.86 -17.98 23.06
CA LEU A 232 -0.14 -16.72 23.16
C LEU A 232 -1.14 -15.56 23.22
N ASN A 233 -1.03 -14.80 24.30
CA ASN A 233 -1.95 -13.71 24.60
C ASN A 233 -1.68 -12.49 23.71
N VAL A 234 -2.62 -12.16 22.83
CA VAL A 234 -2.48 -11.00 21.95
C VAL A 234 -3.27 -9.79 22.45
N THR A 235 -3.91 -9.94 23.61
CA THR A 235 -4.61 -8.83 24.26
C THR A 235 -3.69 -7.61 24.39
N ALA A 236 -4.16 -6.47 23.87
CA ALA A 236 -3.28 -5.33 23.61
C ALA A 236 -4.01 -4.01 23.90
N PRO A 237 -3.27 -2.88 23.96
CA PRO A 237 -3.91 -1.59 24.22
C PRO A 237 -4.83 -1.10 23.10
N THR A 238 -4.49 -1.46 21.87
CA THR A 238 -5.16 -0.92 20.67
C THR A 238 -5.38 -2.07 19.68
N CYS A 239 -6.28 -1.85 18.72
CA CYS A 239 -6.50 -2.81 17.65
C CYS A 239 -5.21 -3.10 16.88
N GLU A 240 -4.43 -2.06 16.65
CA GLU A 240 -3.22 -2.16 15.84
C GLU A 240 -2.20 -3.09 16.51
N GLU A 241 -2.01 -2.91 17.81
CA GLU A 241 -1.09 -3.75 18.58
C GLU A 241 -1.58 -5.17 18.65
N MET A 242 -2.87 -5.34 18.89
CA MET A 242 -3.48 -6.65 18.91
C MET A 242 -3.15 -7.41 17.62
N MET A 243 -3.33 -6.74 16.48
CA MET A 243 -3.11 -7.38 15.19
C MET A 243 -1.64 -7.66 14.95
N LYS A 244 -0.79 -6.76 15.41
CA LYS A 244 0.65 -6.92 15.25
C LYS A 244 1.11 -8.19 15.97
N ARG A 245 0.53 -8.44 17.14
CA ARG A 245 0.89 -9.60 17.94
C ARG A 245 0.31 -10.88 17.36
N ALA A 246 -0.93 -10.83 16.89
CA ALA A 246 -1.55 -11.98 16.21
C ALA A 246 -0.74 -12.37 14.98
N GLU A 247 -0.24 -11.37 14.28
CA GLU A 247 0.50 -11.57 13.06
C GLU A 247 1.80 -12.32 13.28
N PHE A 248 2.52 -11.98 14.34
CA PHE A 248 3.78 -12.62 14.63
C PHE A 248 3.57 -14.07 15.05
N ALA A 249 2.50 -14.35 15.79
CA ALA A 249 2.15 -15.71 16.16
C ALA A 249 1.94 -16.55 14.90
N LYS A 250 1.28 -15.98 13.91
CA LYS A 250 1.08 -16.67 12.66
C LYS A 250 2.42 -16.89 11.95
N GLU A 251 3.26 -15.87 11.97
CA GLU A 251 4.58 -15.94 11.35
C GLU A 251 5.40 -17.08 11.96
N LEU A 252 5.23 -17.30 13.25
CA LEU A 252 5.96 -18.35 13.96
C LEU A 252 5.31 -19.71 13.74
N GLY A 253 4.17 -19.73 13.06
CA GLY A 253 3.48 -20.98 12.82
C GLY A 253 2.80 -21.50 14.05
N MET A 254 2.38 -20.61 14.94
CA MET A 254 1.73 -20.98 16.18
C MET A 254 0.27 -21.35 15.93
N PRO A 255 -0.18 -22.47 16.50
CA PRO A 255 -1.53 -22.94 16.15
C PRO A 255 -2.67 -22.21 16.87
N ILE A 256 -2.36 -21.51 17.96
CA ILE A 256 -3.39 -20.99 18.84
C ILE A 256 -2.92 -19.77 19.61
N ILE A 257 -3.82 -18.78 19.72
CA ILE A 257 -3.58 -17.58 20.52
C ILE A 257 -4.76 -17.38 21.47
N MET A 258 -4.64 -16.45 22.40
CA MET A 258 -5.73 -16.16 23.30
C MET A 258 -6.05 -14.67 23.37
N HIS A 259 -7.26 -14.35 23.85
CA HIS A 259 -7.72 -12.98 23.88
C HIS A 259 -8.67 -12.82 25.05
N ASP A 260 -8.51 -11.75 25.81
CA ASP A 260 -9.42 -11.43 26.90
C ASP A 260 -10.58 -10.61 26.35
N PHE A 261 -11.68 -11.25 26.00
CA PHE A 261 -12.71 -10.60 25.18
C PHE A 261 -13.43 -9.44 25.88
N LEU A 262 -13.54 -9.50 27.20
CA LEU A 262 -14.27 -8.48 27.96
C LEU A 262 -13.41 -7.26 28.30
N THR A 263 -12.15 -7.46 28.66
CA THR A 263 -11.31 -6.33 29.02
C THR A 263 -10.78 -5.61 27.78
N ALA A 264 -10.66 -6.35 26.68
CA ALA A 264 -10.34 -5.77 25.39
C ALA A 264 -11.60 -5.23 24.72
N GLY A 265 -12.67 -6.04 24.75
CA GLY A 265 -13.94 -5.60 24.23
C GLY A 265 -14.38 -6.39 23.01
N PHE A 266 -15.68 -6.34 22.75
CA PHE A 266 -16.29 -7.13 21.68
C PHE A 266 -15.91 -6.66 20.28
N THR A 267 -15.65 -5.37 20.13
CA THR A 267 -15.27 -4.82 18.84
C THR A 267 -13.89 -5.32 18.41
N ALA A 268 -12.94 -5.31 19.35
CA ALA A 268 -11.62 -5.87 19.08
C ALA A 268 -11.70 -7.39 18.93
N ASN A 269 -12.50 -8.04 19.77
CA ASN A 269 -12.65 -9.48 19.70
C ASN A 269 -13.21 -9.94 18.35
N THR A 270 -14.24 -9.25 17.86
CA THR A 270 -14.85 -9.62 16.59
C THR A 270 -13.87 -9.44 15.44
N THR A 271 -13.04 -8.40 15.50
CA THR A 271 -11.95 -8.23 14.55
C THR A 271 -11.00 -9.43 14.58
N LEU A 272 -10.62 -9.87 15.78
CA LEU A 272 -9.67 -10.95 15.96
C LEU A 272 -10.23 -12.29 15.50
N ALA A 273 -11.49 -12.54 15.81
CA ALA A 273 -12.16 -13.77 15.40
C ALA A 273 -12.23 -13.89 13.88
N LYS A 274 -12.43 -12.78 13.17
CA LYS A 274 -12.45 -12.82 11.70
C LYS A 274 -11.06 -13.10 11.16
N TRP A 275 -10.06 -12.45 11.73
CA TRP A 275 -8.68 -12.66 11.34
C TRP A 275 -8.26 -14.12 11.55
N CYS A 276 -8.65 -14.69 12.68
CA CYS A 276 -8.34 -16.08 12.99
C CYS A 276 -8.91 -17.03 11.96
N ARG A 277 -10.13 -16.76 11.50
CA ARG A 277 -10.72 -17.56 10.45
C ARG A 277 -9.94 -17.45 9.15
N ASP A 278 -9.51 -16.24 8.81
CA ASP A 278 -8.82 -16.04 7.55
C ASP A 278 -7.40 -16.55 7.58
N ASN A 279 -6.87 -16.77 8.77
CA ASN A 279 -5.46 -17.12 8.92
C ASN A 279 -5.24 -18.46 9.60
N GLY A 280 -6.33 -19.15 9.89
CA GLY A 280 -6.26 -20.52 10.36
C GLY A 280 -5.61 -20.67 11.72
N VAL A 281 -5.78 -19.68 12.58
CA VAL A 281 -5.26 -19.72 13.94
C VAL A 281 -6.43 -19.92 14.90
N LEU A 282 -6.28 -20.84 15.85
CA LEU A 282 -7.33 -21.13 16.82
C LEU A 282 -7.36 -20.01 17.85
N LEU A 283 -8.52 -19.76 18.42
CA LEU A 283 -8.69 -18.63 19.33
C LEU A 283 -9.26 -19.08 20.67
N HIS A 284 -8.42 -19.00 21.68
CA HIS A 284 -8.84 -19.30 23.05
C HIS A 284 -9.32 -18.01 23.71
N ILE A 285 -10.50 -18.04 24.31
CA ILE A 285 -11.05 -16.84 24.94
C ILE A 285 -11.05 -16.91 26.47
N HIS A 286 -10.37 -15.95 27.09
CA HIS A 286 -10.38 -15.79 28.53
C HIS A 286 -11.49 -14.80 28.93
N ARG A 287 -12.25 -15.14 29.97
CA ARG A 287 -13.40 -14.32 30.42
C ARG A 287 -13.08 -13.33 31.54
N ALA A 288 -11.83 -12.88 31.61
CA ALA A 288 -11.42 -11.90 32.62
C ALA A 288 -12.42 -10.75 32.72
N MET A 289 -12.85 -10.48 33.95
CA MET A 289 -13.77 -9.41 34.33
C MET A 289 -15.23 -9.82 34.39
N HIS A 290 -15.54 -11.03 33.93
CA HIS A 290 -16.93 -11.45 33.83
C HIS A 290 -17.65 -11.44 35.18
N ALA A 291 -16.92 -11.76 36.26
CA ALA A 291 -17.55 -11.87 37.57
C ALA A 291 -17.90 -10.52 38.18
N VAL A 292 -17.29 -9.46 37.66
CA VAL A 292 -17.69 -8.09 38.00
C VAL A 292 -19.15 -7.91 37.59
N ILE A 293 -19.55 -8.64 36.55
CA ILE A 293 -20.81 -8.46 35.88
C ILE A 293 -21.81 -9.55 36.29
N ASP A 294 -21.34 -10.79 36.45
CA ASP A 294 -22.27 -11.92 36.47
C ASP A 294 -22.45 -12.67 37.79
N ARG A 295 -21.78 -12.22 38.85
CA ARG A 295 -21.74 -13.00 40.09
C ARG A 295 -23.02 -12.95 40.92
N GLN A 296 -23.54 -11.75 41.14
CA GLN A 296 -24.68 -11.57 42.02
C GLN A 296 -25.96 -11.74 41.23
N ARG A 297 -26.95 -12.41 41.81
CA ARG A 297 -28.17 -12.69 41.05
C ARG A 297 -29.24 -11.60 41.07
N ASN A 298 -29.00 -10.51 41.79
CA ASN A 298 -29.97 -9.42 41.80
C ASN A 298 -29.69 -8.36 40.75
N HIS A 299 -28.44 -8.27 40.30
CA HIS A 299 -28.02 -7.21 39.40
C HIS A 299 -26.85 -7.64 38.53
N GLY A 300 -26.96 -7.36 37.23
CA GLY A 300 -25.86 -7.61 36.32
C GLY A 300 -26.35 -8.36 35.10
N ILE A 301 -25.46 -9.15 34.50
CA ILE A 301 -25.81 -9.99 33.37
C ILE A 301 -25.31 -11.40 33.70
N HIS A 302 -26.17 -12.40 33.56
CA HIS A 302 -25.74 -13.76 33.81
C HIS A 302 -24.72 -14.22 32.76
N PHE A 303 -23.78 -15.05 33.17
CA PHE A 303 -22.71 -15.51 32.29
C PHE A 303 -23.22 -16.18 31.03
N ARG A 304 -24.36 -16.84 31.12
CA ARG A 304 -24.88 -17.56 29.96
C ARG A 304 -25.24 -16.64 28.80
N VAL A 305 -25.51 -15.36 29.11
CA VAL A 305 -25.70 -14.36 28.06
C VAL A 305 -24.35 -14.00 27.45
N LEU A 306 -23.33 -13.85 28.29
CA LEU A 306 -21.99 -13.54 27.83
C LEU A 306 -21.41 -14.67 26.98
N ALA A 307 -21.72 -15.91 27.36
CA ALA A 307 -21.29 -17.08 26.61
C ALA A 307 -21.93 -17.10 25.22
N LYS A 308 -23.23 -16.81 25.16
CA LYS A 308 -23.92 -16.71 23.88
C LYS A 308 -23.33 -15.61 23.00
N CYS A 309 -23.08 -14.45 23.60
CA CYS A 309 -22.48 -13.34 22.87
C CYS A 309 -21.10 -13.68 22.33
N LEU A 310 -20.30 -14.41 23.11
CA LEU A 310 -18.96 -14.81 22.68
C LEU A 310 -19.01 -15.79 21.54
N ARG A 311 -19.94 -16.76 21.58
CA ARG A 311 -20.07 -17.70 20.47
C ARG A 311 -20.40 -16.96 19.18
N LEU A 312 -21.18 -15.88 19.28
CA LEU A 312 -21.53 -15.06 18.13
C LEU A 312 -20.33 -14.24 17.63
N SER A 313 -19.68 -13.53 18.55
CA SER A 313 -18.51 -12.72 18.23
C SER A 313 -17.38 -13.57 17.66
N GLY A 314 -17.11 -14.70 18.32
CA GLY A 314 -16.15 -15.65 17.80
C GLY A 314 -15.14 -16.06 18.85
N GLY A 315 -15.05 -17.37 19.08
CA GLY A 315 -14.02 -17.92 19.92
C GLY A 315 -14.07 -19.43 19.77
N ASP A 316 -12.91 -20.08 19.76
CA ASP A 316 -12.87 -21.53 19.69
C ASP A 316 -12.96 -22.21 21.06
N HIS A 317 -12.33 -21.61 22.07
CA HIS A 317 -12.47 -22.03 23.46
C HIS A 317 -13.14 -20.88 24.22
N LEU A 318 -13.80 -21.21 25.33
CA LEU A 318 -14.23 -20.21 26.31
C LEU A 318 -14.25 -20.85 27.69
N HIS A 319 -13.62 -20.20 28.67
CA HIS A 319 -13.65 -20.68 30.05
C HIS A 319 -15.10 -20.77 30.54
N SER A 320 -15.43 -21.86 31.24
CA SER A 320 -16.80 -22.16 31.63
C SER A 320 -16.94 -22.29 33.15
N GLY A 321 -15.82 -22.22 33.85
CA GLY A 321 -15.79 -22.59 35.25
C GLY A 321 -15.55 -24.07 35.49
N THR A 322 -15.39 -24.43 36.76
CA THR A 322 -15.05 -25.80 37.17
C THR A 322 -16.15 -26.42 38.03
N VAL A 323 -16.96 -25.57 38.65
CA VAL A 323 -17.87 -25.95 39.74
C VAL A 323 -17.14 -26.28 41.06
N VAL A 324 -16.09 -27.09 40.96
CA VAL A 324 -15.41 -27.64 42.14
C VAL A 324 -14.14 -26.90 42.56
N GLY A 325 -13.68 -25.97 41.73
CA GLY A 325 -12.40 -25.32 41.97
C GLY A 325 -12.47 -24.07 42.83
N LYS A 326 -11.48 -23.18 42.68
CA LYS A 326 -11.35 -22.02 43.57
C LYS A 326 -12.31 -20.86 43.26
N LEU A 327 -12.90 -20.88 42.07
CA LEU A 327 -13.82 -19.82 41.64
C LEU A 327 -15.23 -20.36 41.49
N GLU A 328 -16.21 -19.48 41.66
CA GLU A 328 -17.60 -19.88 41.74
C GLU A 328 -18.21 -20.34 40.42
N GLY A 329 -19.02 -21.40 40.53
CA GLY A 329 -19.77 -21.91 39.42
C GLY A 329 -20.86 -22.85 39.91
N ASP A 330 -22.10 -22.45 39.68
CA ASP A 330 -23.26 -23.27 40.03
C ASP A 330 -23.36 -24.39 39.01
N LYS A 331 -23.52 -25.62 39.49
CA LYS A 331 -23.50 -26.80 38.63
C LYS A 331 -24.65 -26.82 37.61
N ALA A 332 -25.87 -26.61 38.08
CA ALA A 332 -27.06 -26.66 37.22
C ALA A 332 -26.95 -25.60 36.13
N SER A 333 -26.59 -24.40 36.55
CA SER A 333 -26.37 -23.27 35.64
C SER A 333 -25.30 -23.64 34.61
N THR A 334 -24.19 -24.20 35.08
CA THR A 334 -23.05 -24.53 34.24
C THR A 334 -23.39 -25.56 33.19
N LEU A 335 -24.13 -26.58 33.58
CA LEU A 335 -24.56 -27.60 32.63
C LEU A 335 -25.44 -26.96 31.56
N GLY A 336 -26.21 -25.95 31.96
CA GLY A 336 -27.04 -25.21 31.04
C GLY A 336 -26.27 -24.43 30.00
N PHE A 337 -25.33 -23.58 30.41
CA PHE A 337 -24.63 -22.77 29.43
C PHE A 337 -23.50 -23.48 28.70
N VAL A 338 -23.06 -24.62 29.24
CA VAL A 338 -22.19 -25.51 28.49
C VAL A 338 -22.95 -26.07 27.28
N ASP A 339 -24.21 -26.42 27.48
CA ASP A 339 -25.04 -26.83 26.36
C ASP A 339 -25.25 -25.69 25.38
N LEU A 340 -25.44 -24.48 25.89
CA LEU A 340 -25.65 -23.31 25.05
C LEU A 340 -24.45 -22.98 24.18
N MET A 341 -23.25 -23.28 24.67
CA MET A 341 -22.06 -22.98 23.90
C MET A 341 -21.56 -24.12 23.02
N ARG A 342 -22.13 -25.31 23.19
CA ARG A 342 -21.68 -26.48 22.44
C ARG A 342 -22.68 -26.96 21.38
N GLU A 343 -23.95 -27.01 21.78
CA GLU A 343 -24.97 -27.69 20.99
C GLU A 343 -25.60 -26.77 19.95
N ASP A 344 -26.41 -27.35 19.08
CA ASP A 344 -27.06 -26.61 18.00
C ASP A 344 -28.48 -26.17 18.36
N HIS A 345 -29.08 -26.90 19.28
CA HIS A 345 -30.45 -26.65 19.68
C HIS A 345 -30.58 -26.98 21.16
N ILE A 346 -30.98 -25.99 21.95
CA ILE A 346 -31.08 -26.15 23.39
C ILE A 346 -32.49 -25.76 23.82
N GLU A 347 -33.24 -26.73 24.31
CA GLU A 347 -34.60 -26.49 24.80
C GLU A 347 -34.59 -25.65 26.05
N ALA A 348 -35.59 -24.79 26.18
CA ALA A 348 -35.82 -24.04 27.41
C ALA A 348 -35.91 -25.00 28.58
N ASP A 349 -35.26 -24.64 29.68
CA ASP A 349 -35.25 -25.45 30.88
C ASP A 349 -34.85 -24.56 32.05
N ARG A 350 -35.84 -24.11 32.79
CA ARG A 350 -35.60 -23.15 33.86
C ARG A 350 -34.79 -23.74 35.01
N SER A 351 -34.78 -25.06 35.12
CA SER A 351 -34.05 -25.73 36.20
C SER A 351 -32.55 -25.65 35.97
N ARG A 352 -32.17 -25.34 34.74
CA ARG A 352 -30.76 -25.16 34.42
C ARG A 352 -30.51 -23.72 33.96
N GLY A 353 -31.52 -22.87 34.19
CA GLY A 353 -31.38 -21.45 33.91
C GLY A 353 -31.57 -21.05 32.47
N VAL A 354 -32.04 -21.96 31.62
CA VAL A 354 -32.24 -21.67 30.21
C VAL A 354 -33.68 -21.20 30.02
N PHE A 355 -33.86 -19.88 29.90
CA PHE A 355 -35.19 -19.29 29.83
C PHE A 355 -35.85 -19.50 28.48
N PHE A 356 -35.04 -19.50 27.42
CA PHE A 356 -35.54 -19.59 26.06
C PHE A 356 -34.89 -20.77 25.35
N THR A 357 -35.62 -21.38 24.43
CA THR A 357 -35.05 -22.32 23.48
C THR A 357 -34.16 -21.57 22.50
N GLN A 358 -32.93 -22.06 22.32
CA GLN A 358 -31.96 -21.40 21.46
C GLN A 358 -31.54 -22.32 20.34
N ASP A 359 -31.63 -21.81 19.11
CA ASP A 359 -31.11 -22.49 17.94
C ASP A 359 -29.90 -21.73 17.42
N TRP A 360 -28.97 -22.46 16.82
CA TRP A 360 -27.72 -21.88 16.36
C TRP A 360 -27.49 -22.03 14.87
N ALA A 361 -28.43 -22.67 14.18
CA ALA A 361 -28.37 -22.82 12.72
C ALA A 361 -27.01 -23.27 12.19
N SER A 362 -26.44 -24.26 12.88
CA SER A 362 -25.18 -24.92 12.51
C SER A 362 -23.95 -24.07 12.70
N MET A 363 -24.06 -23.01 13.50
CA MET A 363 -22.88 -22.30 13.96
C MET A 363 -22.09 -23.23 14.88
N PRO A 364 -20.77 -23.39 14.61
CA PRO A 364 -19.91 -24.29 15.38
C PRO A 364 -20.00 -24.04 16.86
N GLY A 365 -19.76 -25.09 17.64
CA GLY A 365 -19.72 -24.96 19.08
C GLY A 365 -18.37 -24.46 19.56
N VAL A 366 -18.35 -24.06 20.82
CA VAL A 366 -17.16 -23.54 21.48
C VAL A 366 -16.76 -24.55 22.55
N LEU A 367 -15.47 -24.87 22.63
CA LEU A 367 -14.96 -25.76 23.67
C LEU A 367 -15.00 -25.06 25.02
N PRO A 368 -15.70 -25.64 26.00
CA PRO A 368 -15.63 -25.17 27.39
C PRO A 368 -14.28 -25.50 28.02
N VAL A 369 -13.74 -24.55 28.77
CA VAL A 369 -12.44 -24.72 29.42
C VAL A 369 -12.62 -24.62 30.93
N ALA A 370 -12.36 -25.73 31.63
CA ALA A 370 -12.46 -25.76 33.07
C ALA A 370 -11.09 -25.47 33.67
N SER A 371 -11.00 -24.40 34.44
CA SER A 371 -9.71 -23.89 34.93
C SER A 371 -9.93 -23.19 36.26
N GLY A 372 -8.98 -23.36 37.17
CA GLY A 372 -8.94 -22.57 38.39
C GLY A 372 -9.06 -23.38 39.67
N GLY A 373 -7.94 -23.61 40.33
CA GLY A 373 -7.94 -24.24 41.64
C GLY A 373 -8.27 -25.72 41.62
N ILE A 374 -8.05 -26.37 40.49
CA ILE A 374 -8.31 -27.80 40.37
C ILE A 374 -7.03 -28.64 40.33
N HIS A 375 -7.12 -29.86 40.86
CA HIS A 375 -5.99 -30.79 40.88
C HIS A 375 -6.50 -32.20 40.60
N VAL A 376 -5.61 -33.18 40.69
CA VAL A 376 -5.88 -34.55 40.25
C VAL A 376 -7.14 -35.19 40.86
N TRP A 377 -7.40 -34.90 42.12
CA TRP A 377 -8.58 -35.46 42.78
C TRP A 377 -9.89 -35.00 42.16
N HIS A 378 -9.85 -33.89 41.42
CA HIS A 378 -11.04 -33.35 40.78
C HIS A 378 -11.34 -34.05 39.46
N MET A 379 -10.36 -34.80 38.94
CA MET A 379 -10.42 -35.30 37.57
C MET A 379 -11.68 -36.11 37.26
N PRO A 380 -12.08 -37.04 38.15
CA PRO A 380 -13.25 -37.82 37.75
C PRO A 380 -14.54 -36.99 37.67
N ALA A 381 -14.66 -36.02 38.57
CA ALA A 381 -15.81 -35.10 38.55
C ALA A 381 -15.81 -34.22 37.31
N LEU A 382 -14.64 -33.71 36.94
CA LEU A 382 -14.51 -32.87 35.75
C LEU A 382 -14.87 -33.62 34.47
N VAL A 383 -14.39 -34.85 34.35
CA VAL A 383 -14.70 -35.67 33.17
C VAL A 383 -16.19 -36.01 33.16
N GLU A 384 -16.73 -36.26 34.34
CA GLU A 384 -18.15 -36.52 34.48
C GLU A 384 -19.00 -35.33 34.03
N ILE A 385 -18.66 -34.14 34.51
CA ILE A 385 -19.44 -32.93 34.24
C ILE A 385 -19.33 -32.48 32.78
N PHE A 386 -18.10 -32.39 32.27
CA PHE A 386 -17.86 -31.76 30.99
C PHE A 386 -17.78 -32.73 29.82
N GLY A 387 -17.44 -33.98 30.10
CA GLY A 387 -17.29 -34.95 29.03
C GLY A 387 -16.04 -34.72 28.21
N ASP A 388 -15.98 -35.35 27.04
CA ASP A 388 -14.77 -35.33 26.23
C ASP A 388 -14.46 -33.99 25.58
N ASP A 389 -15.52 -33.27 25.21
CA ASP A 389 -15.32 -32.02 24.49
C ASP A 389 -15.15 -30.85 25.45
N SER A 390 -13.98 -30.80 26.07
CA SER A 390 -13.63 -29.78 27.03
C SER A 390 -12.11 -29.73 27.12
N VAL A 391 -11.60 -28.65 27.69
CA VAL A 391 -10.19 -28.53 28.01
C VAL A 391 -10.13 -28.35 29.52
N LEU A 392 -9.34 -29.17 30.19
CA LEU A 392 -9.18 -29.06 31.63
C LEU A 392 -7.78 -28.50 31.90
N GLN A 393 -7.72 -27.44 32.69
CA GLN A 393 -6.46 -26.73 32.85
C GLN A 393 -5.96 -26.70 34.28
N PHE A 394 -4.68 -26.99 34.45
CA PHE A 394 -4.06 -27.11 35.76
C PHE A 394 -2.80 -26.25 35.79
N GLY A 395 -2.90 -25.06 36.39
CA GLY A 395 -1.75 -24.18 36.51
C GLY A 395 -0.92 -24.53 37.73
N GLY A 396 -1.42 -24.13 38.90
CA GLY A 396 -0.82 -24.56 40.14
C GLY A 396 -0.83 -26.08 40.29
N GLY A 397 -1.82 -26.73 39.70
CA GLY A 397 -1.92 -28.18 39.75
C GLY A 397 -0.92 -28.93 38.89
N THR A 398 -0.10 -28.19 38.14
CA THR A 398 1.02 -28.79 37.42
C THR A 398 2.34 -28.28 37.97
N LEU A 399 2.49 -26.96 38.04
CA LEU A 399 3.74 -26.35 38.46
C LEU A 399 3.96 -26.46 39.98
N GLY A 400 2.91 -26.85 40.69
CA GLY A 400 3.03 -27.04 42.13
C GLY A 400 3.30 -28.48 42.52
N HIS A 401 3.51 -29.35 41.54
CA HIS A 401 3.91 -30.73 41.80
C HIS A 401 5.27 -30.71 42.50
N PRO A 402 5.47 -31.61 43.48
CA PRO A 402 6.72 -31.60 44.25
C PRO A 402 7.98 -31.83 43.43
N TRP A 403 7.82 -32.46 42.26
CA TRP A 403 8.97 -32.79 41.43
C TRP A 403 9.11 -31.87 40.22
N GLY A 404 8.20 -30.92 40.08
CA GLY A 404 8.29 -29.97 38.98
C GLY A 404 7.26 -30.19 37.89
N ASN A 405 7.50 -29.57 36.74
CA ASN A 405 6.50 -29.40 35.69
C ASN A 405 6.21 -30.67 34.90
N ALA A 406 7.27 -31.31 34.40
CA ALA A 406 7.10 -32.49 33.56
C ALA A 406 6.44 -33.65 34.32
N PRO A 407 6.88 -33.94 35.55
CA PRO A 407 6.13 -34.93 36.32
C PRO A 407 4.73 -34.47 36.71
N GLY A 408 4.58 -33.17 36.98
CA GLY A 408 3.26 -32.61 37.23
C GLY A 408 2.32 -32.81 36.07
N ALA A 409 2.84 -32.64 34.86
CA ALA A 409 2.06 -32.83 33.64
C ALA A 409 1.67 -34.30 33.44
N THR A 410 2.63 -35.20 33.66
CA THR A 410 2.39 -36.63 33.55
C THR A 410 1.34 -37.10 34.57
N ALA A 411 1.40 -36.57 35.79
CA ALA A 411 0.40 -36.89 36.81
C ALA A 411 -1.01 -36.57 36.31
N ASN A 412 -1.19 -35.38 35.74
CA ASN A 412 -2.48 -34.98 35.21
C ASN A 412 -2.91 -35.78 33.99
N ARG A 413 -1.98 -36.01 33.08
CA ARG A 413 -2.26 -36.78 31.87
C ARG A 413 -2.64 -38.24 32.17
N VAL A 414 -1.94 -38.85 33.12
CA VAL A 414 -2.25 -40.22 33.55
C VAL A 414 -3.61 -40.26 34.25
N ALA A 415 -3.85 -39.32 35.16
CA ALA A 415 -5.12 -39.26 35.87
C ALA A 415 -6.29 -39.14 34.91
N LEU A 416 -6.12 -38.31 33.87
CA LEU A 416 -7.17 -38.11 32.87
C LEU A 416 -7.44 -39.39 32.07
N GLU A 417 -6.38 -39.99 31.54
CA GLU A 417 -6.53 -41.17 30.69
C GLU A 417 -7.10 -42.34 31.48
N ALA A 418 -6.71 -42.45 32.74
CA ALA A 418 -7.26 -43.48 33.63
C ALA A 418 -8.77 -43.31 33.80
N CYS A 419 -9.21 -42.05 33.94
CA CYS A 419 -10.63 -41.76 34.11
C CYS A 419 -11.42 -42.00 32.83
N VAL A 420 -10.87 -41.64 31.69
CA VAL A 420 -11.54 -41.84 30.41
C VAL A 420 -11.67 -43.33 30.12
N GLN A 421 -10.60 -44.09 30.36
CA GLN A 421 -10.63 -45.53 30.18
C GLN A 421 -11.70 -46.18 31.06
N ALA A 422 -11.71 -45.80 32.33
CA ALA A 422 -12.66 -46.34 33.30
C ALA A 422 -14.10 -46.01 32.91
N ARG A 423 -14.34 -44.76 32.56
CA ARG A 423 -15.66 -44.35 32.12
C ARG A 423 -16.12 -45.20 30.94
N ASN A 424 -15.25 -45.35 29.95
CA ASN A 424 -15.58 -46.10 28.74
C ASN A 424 -15.85 -47.56 29.05
N GLU A 425 -15.26 -48.06 30.13
CA GLU A 425 -15.45 -49.44 30.54
C GLU A 425 -16.73 -49.63 31.34
N GLY A 426 -17.36 -48.52 31.73
CA GLY A 426 -18.65 -48.60 32.39
C GLY A 426 -18.57 -48.33 33.87
N ARG A 427 -17.39 -47.96 34.35
CA ARG A 427 -17.21 -47.63 35.76
C ARG A 427 -17.84 -46.28 36.06
N ASP A 428 -18.44 -46.18 37.24
CA ASP A 428 -19.06 -44.94 37.67
C ASP A 428 -18.02 -44.00 38.27
N LEU A 429 -17.76 -42.91 37.55
CA LEU A 429 -16.73 -41.95 37.93
C LEU A 429 -17.02 -41.28 39.28
N TYR A 430 -18.29 -41.08 39.58
CA TYR A 430 -18.67 -40.46 40.84
C TYR A 430 -18.37 -41.36 42.02
N ARG A 431 -18.83 -42.60 41.93
CA ARG A 431 -18.68 -43.55 43.03
C ARG A 431 -17.27 -44.13 43.09
N GLU A 432 -16.64 -44.30 41.95
CA GLU A 432 -15.37 -45.02 41.89
C GLU A 432 -14.15 -44.17 41.59
N GLY A 433 -14.35 -42.85 41.47
CA GLY A 433 -13.27 -41.96 41.06
C GLY A 433 -12.02 -42.03 41.90
N GLY A 434 -12.20 -42.02 43.22
CA GLY A 434 -11.06 -42.11 44.12
C GLY A 434 -10.28 -43.39 43.89
N ASP A 435 -11.00 -44.49 43.67
CA ASP A 435 -10.39 -45.79 43.47
C ASP A 435 -9.63 -45.84 42.16
N ILE A 436 -10.25 -45.34 41.10
CA ILE A 436 -9.61 -45.29 39.79
C ILE A 436 -8.29 -44.55 39.91
N LEU A 437 -8.27 -43.48 40.70
CA LEU A 437 -7.07 -42.67 40.89
C LEU A 437 -6.01 -43.39 41.72
N ARG A 438 -6.43 -44.03 42.79
CA ARG A 438 -5.53 -44.86 43.61
C ARG A 438 -4.89 -45.96 42.78
N GLU A 439 -5.69 -46.65 41.98
CA GLU A 439 -5.19 -47.68 41.07
C GLU A 439 -4.04 -47.13 40.24
N ALA A 440 -4.30 -46.03 39.53
CA ALA A 440 -3.32 -45.47 38.62
C ALA A 440 -2.10 -44.99 39.40
N GLY A 441 -2.34 -44.53 40.62
CA GLY A 441 -1.25 -44.09 41.48
C GLY A 441 -0.29 -45.20 41.85
N LYS A 442 -0.78 -46.44 41.78
CA LYS A 442 0.03 -47.61 42.09
C LYS A 442 1.20 -47.76 41.13
N TRP A 443 0.98 -47.46 39.84
CA TRP A 443 2.02 -47.61 38.85
C TRP A 443 2.57 -46.28 38.33
N SER A 444 1.96 -45.18 38.74
CA SER A 444 2.51 -43.86 38.40
C SER A 444 2.97 -43.13 39.66
N PRO A 445 4.28 -43.14 39.92
CA PRO A 445 4.86 -42.43 41.07
C PRO A 445 4.52 -40.94 41.08
N GLU A 446 4.55 -40.32 39.91
CA GLU A 446 4.29 -38.89 39.84
C GLU A 446 2.84 -38.55 40.10
N LEU A 447 1.91 -39.43 39.71
CA LEU A 447 0.52 -39.27 40.11
C LEU A 447 0.35 -39.49 41.62
N ALA A 448 1.04 -40.49 42.15
CA ALA A 448 0.99 -40.78 43.59
C ALA A 448 1.46 -39.57 44.39
N ALA A 449 2.54 -38.93 43.95
CA ALA A 449 3.05 -37.75 44.62
C ALA A 449 2.02 -36.60 44.65
N ALA A 450 1.28 -36.45 43.55
CA ALA A 450 0.28 -35.39 43.43
C ALA A 450 -0.94 -35.69 44.30
N LEU A 451 -1.40 -36.94 44.27
CA LEU A 451 -2.53 -37.36 45.08
C LEU A 451 -2.26 -37.10 46.56
N ASP A 452 -1.04 -37.43 46.99
CA ASP A 452 -0.63 -37.17 48.36
C ASP A 452 -0.66 -35.69 48.70
N LEU A 453 -0.12 -34.86 47.81
CA LEU A 453 0.05 -33.44 48.09
C LEU A 453 -1.29 -32.74 48.31
N TRP A 454 -2.27 -33.04 47.46
CA TRP A 454 -3.50 -32.27 47.42
C TRP A 454 -4.73 -33.03 47.92
N LYS A 455 -4.48 -34.11 48.65
CA LYS A 455 -5.54 -34.95 49.20
C LYS A 455 -6.59 -34.17 49.98
N GLU A 456 -6.14 -33.19 50.75
CA GLU A 456 -7.02 -32.48 51.66
C GLU A 456 -7.72 -31.25 51.06
N ILE A 457 -7.33 -30.85 49.86
CA ILE A 457 -7.70 -29.53 49.33
C ILE A 457 -9.04 -29.53 48.60
N LYS A 458 -10.00 -28.83 49.20
CA LYS A 458 -11.35 -28.66 48.66
C LYS A 458 -11.73 -27.19 48.69
N PHE A 459 -12.67 -26.80 47.84
CA PHE A 459 -13.21 -25.43 47.84
C PHE A 459 -14.72 -25.52 47.89
N GLU A 460 -15.25 -25.39 49.10
CA GLU A 460 -16.68 -25.57 49.31
C GLU A 460 -17.24 -24.38 50.09
N PHE A 461 -17.89 -23.50 49.35
CA PHE A 461 -18.48 -22.29 49.90
C PHE A 461 -19.87 -22.12 49.32
N GLU A 462 -20.65 -21.22 49.94
CA GLU A 462 -21.99 -20.89 49.46
C GLU A 462 -21.94 -20.16 48.13
N THR A 463 -22.74 -20.65 47.19
CA THR A 463 -22.85 -20.06 45.87
C THR A 463 -23.73 -18.82 45.95
N MET A 464 -23.20 -17.69 45.50
CA MET A 464 -23.94 -16.42 45.46
C MET A 464 -24.91 -16.42 44.28
N ASP A 465 -24.46 -16.96 43.17
CA ASP A 465 -25.21 -16.93 41.92
C ASP A 465 -26.14 -18.14 41.85
N LYS A 466 -27.12 -18.17 42.73
CA LYS A 466 -28.13 -19.23 42.73
C LYS A 466 -29.20 -18.91 41.70
N LEU A 467 -29.79 -19.96 41.13
CA LEU A 467 -30.84 -19.83 40.12
C LEU A 467 -32.09 -19.08 40.60
N SER B 1 12.28 -35.18 46.78
CA SER B 1 12.70 -36.57 46.41
C SER B 1 13.01 -36.56 44.92
N MET B 2 12.04 -36.99 44.12
CA MET B 2 11.91 -36.59 42.73
C MET B 2 12.79 -37.27 41.70
N LYS B 3 12.12 -37.74 40.65
CA LYS B 3 12.77 -38.30 39.49
C LYS B 3 12.64 -37.30 38.35
N THR B 4 13.67 -37.24 37.52
CA THR B 4 13.59 -36.57 36.23
C THR B 4 12.77 -37.44 35.28
N LEU B 5 11.71 -36.86 34.73
CA LEU B 5 10.84 -37.57 33.79
C LEU B 5 11.62 -37.97 32.54
N PRO B 6 11.53 -39.25 32.16
CA PRO B 6 12.18 -39.73 30.93
C PRO B 6 11.51 -39.20 29.67
N LYS B 7 12.26 -39.25 28.58
CA LYS B 7 11.73 -38.92 27.27
C LYS B 7 11.30 -40.19 26.56
N GLU B 8 10.04 -40.22 26.17
CA GLU B 8 9.47 -41.36 25.47
C GLU B 8 8.42 -40.79 24.53
N ARG B 9 8.44 -41.22 23.28
CA ARG B 9 7.40 -40.82 22.33
C ARG B 9 6.07 -41.41 22.74
N ARG B 10 5.01 -40.62 22.57
CA ARG B 10 3.67 -41.05 22.87
C ARG B 10 2.80 -41.01 21.61
N PHE B 11 1.57 -41.48 21.75
CA PHE B 11 0.72 -41.78 20.60
C PHE B 11 -0.73 -41.43 20.90
N GLU B 12 -0.90 -40.28 21.56
CA GLU B 12 -2.20 -39.74 21.92
C GLU B 12 -2.97 -40.64 22.87
N THR B 13 -4.29 -40.69 22.72
CA THR B 13 -5.15 -41.20 23.79
C THR B 13 -4.84 -42.64 24.22
N PHE B 14 -4.66 -42.80 25.53
CA PHE B 14 -4.35 -44.07 26.20
C PHE B 14 -2.86 -44.44 26.19
N SER B 15 -2.04 -43.61 25.55
CA SER B 15 -0.62 -43.95 25.42
C SER B 15 0.18 -43.64 26.67
N TYR B 16 -0.48 -43.08 27.68
CA TYR B 16 0.13 -42.89 28.98
C TYR B 16 -0.29 -43.95 29.99
N LEU B 17 -1.17 -44.85 29.56
CA LEU B 17 -1.54 -45.99 30.38
C LEU B 17 -0.63 -47.16 30.03
N PRO B 18 -0.53 -48.16 30.92
CA PRO B 18 -0.01 -49.47 30.56
C PRO B 18 -0.64 -49.97 29.26
N PRO B 19 0.15 -50.62 28.40
CA PRO B 19 -0.36 -51.19 27.16
C PRO B 19 -1.64 -51.99 27.40
N LEU B 20 -2.63 -51.75 26.56
CA LEU B 20 -3.96 -52.31 26.76
C LEU B 20 -3.94 -53.79 26.44
N SER B 21 -4.48 -54.59 27.34
CA SER B 21 -4.69 -56.01 27.07
C SER B 21 -5.76 -56.13 26.00
N ASP B 22 -5.81 -57.27 25.32
CA ASP B 22 -6.76 -57.46 24.24
C ASP B 22 -8.19 -57.44 24.75
N ARG B 23 -8.34 -57.64 26.06
CA ARG B 23 -9.62 -57.50 26.71
C ARG B 23 -9.96 -56.04 27.02
N GLN B 24 -8.93 -55.23 27.28
CA GLN B 24 -9.11 -53.79 27.45
C GLN B 24 -9.43 -53.12 26.11
N ILE B 25 -8.81 -53.63 25.05
CA ILE B 25 -9.12 -53.20 23.69
C ILE B 25 -10.56 -53.51 23.31
N ALA B 26 -11.00 -54.74 23.62
CA ALA B 26 -12.37 -55.15 23.32
C ALA B 26 -13.39 -54.31 24.09
N ALA B 27 -13.05 -53.90 25.30
CA ALA B 27 -13.94 -53.08 26.12
C ALA B 27 -14.16 -51.70 25.50
N GLN B 28 -13.09 -51.16 24.91
CA GLN B 28 -13.15 -49.87 24.23
C GLN B 28 -13.99 -49.97 22.96
N ILE B 29 -13.84 -51.09 22.26
CA ILE B 29 -14.63 -51.34 21.06
C ILE B 29 -16.09 -51.58 21.40
N GLU B 30 -16.35 -52.17 22.56
CA GLU B 30 -17.72 -52.32 23.05
C GLU B 30 -18.36 -50.95 23.31
N TYR B 31 -17.58 -50.05 23.90
CA TYR B 31 -18.05 -48.70 24.17
C TYR B 31 -18.45 -48.00 22.88
N MET B 32 -17.59 -48.08 21.87
CA MET B 32 -17.90 -47.60 20.53
C MET B 32 -19.25 -48.08 20.06
N ILE B 33 -19.39 -49.41 19.97
CA ILE B 33 -20.58 -50.03 19.42
C ILE B 33 -21.81 -49.52 20.17
N GLU B 34 -21.72 -49.52 21.49
CA GLU B 34 -22.83 -49.12 22.35
C GLU B 34 -23.19 -47.66 22.10
N GLN B 35 -22.18 -46.85 21.83
CA GLN B 35 -22.34 -45.43 21.65
C GLN B 35 -22.85 -45.13 20.24
N GLY B 36 -22.78 -46.11 19.35
CA GLY B 36 -23.26 -45.92 17.99
C GLY B 36 -22.21 -45.43 17.02
N PHE B 37 -20.95 -45.41 17.44
CA PHE B 37 -19.87 -44.98 16.57
C PHE B 37 -19.49 -46.08 15.60
N HIS B 38 -18.98 -45.69 14.43
CA HIS B 38 -18.56 -46.65 13.43
C HIS B 38 -17.07 -46.88 13.53
N PRO B 39 -16.64 -48.14 13.66
CA PRO B 39 -15.22 -48.45 13.79
C PRO B 39 -14.49 -48.27 12.47
N LEU B 40 -13.27 -47.77 12.55
CA LEU B 40 -12.44 -47.60 11.39
C LEU B 40 -11.03 -48.01 11.79
N ILE B 41 -10.39 -48.80 10.95
CA ILE B 41 -9.02 -49.22 11.18
C ILE B 41 -8.13 -48.54 10.15
N GLU B 42 -7.09 -47.89 10.63
CA GLU B 42 -6.14 -47.20 9.76
C GLU B 42 -4.73 -47.64 10.12
N PHE B 43 -3.82 -47.51 9.16
CA PHE B 43 -2.42 -47.83 9.41
C PHE B 43 -1.50 -46.80 8.77
N ASN B 44 -0.32 -46.65 9.35
CA ASN B 44 0.66 -45.72 8.87
C ASN B 44 2.03 -46.29 9.17
N GLU B 45 2.99 -46.06 8.26
CA GLU B 45 4.35 -46.47 8.48
C GLU B 45 5.06 -45.55 9.47
N HIS B 46 4.48 -44.38 9.74
CA HIS B 46 5.07 -43.43 10.68
C HIS B 46 4.02 -42.86 11.60
N SER B 47 4.45 -42.33 12.73
CA SER B 47 3.54 -41.63 13.65
C SER B 47 3.98 -40.18 13.80
N ASN B 48 3.77 -39.40 12.74
CA ASN B 48 4.09 -37.97 12.75
C ASN B 48 2.83 -37.18 13.04
N PRO B 49 2.83 -36.43 14.15
CA PRO B 49 1.65 -35.71 14.65
C PRO B 49 1.12 -34.65 13.69
N GLU B 50 1.99 -34.13 12.84
CA GLU B 50 1.67 -33.04 11.92
C GLU B 50 0.85 -33.53 10.74
N GLU B 51 0.82 -34.84 10.52
CA GLU B 51 0.10 -35.42 9.41
C GLU B 51 -1.34 -35.73 9.75
N PHE B 52 -2.23 -35.38 8.83
CA PHE B 52 -3.66 -35.56 9.02
C PHE B 52 -4.08 -36.98 8.69
N TYR B 53 -3.50 -37.56 7.64
CA TYR B 53 -4.02 -38.80 7.07
C TYR B 53 -3.16 -40.05 7.24
N TRP B 54 -3.81 -41.09 7.73
CA TRP B 54 -3.32 -42.47 7.69
C TRP B 54 -4.05 -43.19 6.56
N THR B 55 -3.61 -44.39 6.21
CA THR B 55 -4.27 -45.16 5.17
C THR B 55 -5.37 -46.01 5.78
N MET B 56 -6.50 -46.00 5.10
CA MET B 56 -7.69 -46.73 5.52
C MET B 56 -7.53 -48.23 5.23
N TRP B 57 -7.79 -49.05 6.23
CA TRP B 57 -7.91 -50.50 6.03
C TRP B 57 -9.32 -50.82 5.56
N LYS B 58 -9.42 -51.32 4.34
CA LYS B 58 -10.70 -51.60 3.70
C LYS B 58 -11.64 -50.39 3.73
N LEU B 59 -12.81 -50.54 4.36
CA LEU B 59 -13.75 -49.44 4.56
C LEU B 59 -14.18 -49.48 6.02
N PRO B 60 -14.78 -48.39 6.53
CA PRO B 60 -15.29 -48.40 7.90
C PRO B 60 -16.34 -49.48 8.11
N LEU B 61 -16.37 -50.06 9.30
CA LEU B 61 -17.31 -51.13 9.61
C LEU B 61 -18.62 -50.48 10.04
N PHE B 62 -19.39 -50.05 9.05
CA PHE B 62 -20.51 -49.14 9.27
C PHE B 62 -21.66 -49.69 10.10
N ALA B 63 -21.92 -50.99 10.02
CA ALA B 63 -22.94 -51.59 10.87
C ALA B 63 -22.29 -52.67 11.73
N CYS B 64 -21.17 -52.33 12.35
CA CYS B 64 -20.48 -53.29 13.19
C CYS B 64 -21.27 -53.53 14.46
N ALA B 65 -21.64 -54.79 14.68
CA ALA B 65 -22.39 -55.17 15.86
C ALA B 65 -21.50 -55.92 16.84
N ALA B 66 -20.45 -56.54 16.32
CA ALA B 66 -19.58 -57.35 17.15
C ALA B 66 -18.21 -56.70 17.30
N PRO B 67 -17.74 -56.54 18.55
CA PRO B 67 -16.33 -56.26 18.85
C PRO B 67 -15.37 -57.23 18.18
N GLN B 68 -15.78 -58.49 18.06
CA GLN B 68 -14.95 -59.51 17.47
C GLN B 68 -14.68 -59.22 15.99
N GLN B 69 -15.71 -58.74 15.30
CA GLN B 69 -15.61 -58.33 13.91
C GLN B 69 -14.51 -57.29 13.73
N VAL B 70 -14.45 -56.33 14.65
CA VAL B 70 -13.41 -55.31 14.63
C VAL B 70 -12.05 -55.94 14.92
N LEU B 71 -11.99 -56.77 15.95
CA LEU B 71 -10.74 -57.41 16.35
C LEU B 71 -10.17 -58.32 15.26
N ASP B 72 -11.07 -58.96 14.50
CA ASP B 72 -10.64 -59.81 13.40
C ASP B 72 -9.99 -59.00 12.29
N GLU B 73 -10.51 -57.81 12.02
CA GLU B 73 -9.92 -56.94 11.02
C GLU B 73 -8.60 -56.38 11.49
N VAL B 74 -8.50 -56.07 12.77
CA VAL B 74 -7.24 -55.63 13.34
C VAL B 74 -6.17 -56.72 13.20
N ARG B 75 -6.56 -57.98 13.38
CA ARG B 75 -5.63 -59.11 13.18
C ARG B 75 -5.21 -59.20 11.72
N GLU B 76 -6.18 -59.12 10.82
CA GLU B 76 -5.92 -59.17 9.39
C GLU B 76 -4.96 -58.06 8.97
N CYS B 77 -5.21 -56.86 9.47
CA CYS B 77 -4.39 -55.71 9.12
C CYS B 77 -2.95 -55.91 9.59
N ARG B 78 -2.79 -56.50 10.76
CA ARG B 78 -1.47 -56.74 11.33
C ARG B 78 -0.64 -57.74 10.54
N SER B 79 -1.27 -58.79 10.03
CA SER B 79 -0.55 -59.82 9.30
C SER B 79 -0.04 -59.24 7.98
N GLU B 80 -0.79 -58.27 7.47
CA GLU B 80 -0.45 -57.62 6.23
C GLU B 80 0.49 -56.43 6.44
N TYR B 81 0.36 -55.75 7.59
CA TYR B 81 1.10 -54.51 7.83
C TYR B 81 1.75 -54.45 9.21
N GLY B 82 2.50 -55.48 9.56
CA GLY B 82 3.08 -55.57 10.90
C GLY B 82 4.19 -54.56 11.13
N ASP B 83 4.70 -54.01 10.04
CA ASP B 83 5.72 -52.97 10.09
C ASP B 83 5.13 -51.56 10.22
N CYS B 84 3.82 -51.48 10.43
CA CYS B 84 3.12 -50.20 10.51
C CYS B 84 2.49 -50.02 11.88
N TYR B 85 2.23 -48.77 12.24
CA TYR B 85 1.33 -48.47 13.35
C TYR B 85 -0.08 -48.73 12.87
N ILE B 86 -0.91 -49.27 13.76
CA ILE B 86 -2.30 -49.54 13.44
C ILE B 86 -3.15 -48.94 14.55
N ARG B 87 -4.17 -48.20 14.17
CA ARG B 87 -4.99 -47.47 15.12
C ARG B 87 -6.47 -47.77 14.87
N VAL B 88 -7.21 -47.93 15.96
CA VAL B 88 -8.65 -48.11 15.88
C VAL B 88 -9.31 -46.78 16.19
N ALA B 89 -10.25 -46.38 15.34
CA ALA B 89 -10.96 -45.12 15.52
C ALA B 89 -12.46 -45.39 15.48
N GLY B 90 -13.21 -44.58 16.22
CA GLY B 90 -14.65 -44.60 16.11
C GLY B 90 -15.11 -43.29 15.51
N PHE B 91 -16.10 -43.34 14.64
CA PHE B 91 -16.58 -42.14 13.96
C PHE B 91 -18.05 -41.88 14.27
N ASP B 92 -18.31 -40.67 14.77
CA ASP B 92 -19.66 -40.18 14.95
C ASP B 92 -20.08 -39.44 13.67
N ASN B 93 -21.06 -39.97 12.95
CA ASN B 93 -21.47 -39.39 11.67
C ASN B 93 -22.47 -38.25 11.82
N ILE B 94 -23.03 -38.10 13.00
CA ILE B 94 -24.00 -37.04 13.25
C ILE B 94 -23.31 -35.73 13.58
N LYS B 95 -22.32 -35.81 14.47
CA LYS B 95 -21.44 -34.68 14.71
C LYS B 95 -20.33 -34.64 13.67
N GLU B 96 -20.23 -35.70 12.87
CA GLU B 96 -19.16 -35.88 11.90
C GLU B 96 -17.77 -35.60 12.49
N CYS B 97 -17.44 -36.31 13.55
CA CYS B 97 -16.11 -36.24 14.13
C CYS B 97 -15.68 -37.60 14.66
N GLN B 98 -14.37 -37.78 14.73
CA GLN B 98 -13.77 -39.00 15.25
C GLN B 98 -13.83 -38.93 16.77
N THR B 99 -14.40 -39.96 17.39
CA THR B 99 -14.74 -39.92 18.80
C THR B 99 -13.79 -40.73 19.65
N SER B 100 -13.29 -41.81 19.07
CA SER B 100 -12.31 -42.68 19.72
C SER B 100 -11.14 -42.82 18.77
N SER B 101 -9.98 -43.08 19.34
CA SER B 101 -8.77 -43.22 18.56
C SER B 101 -7.66 -43.68 19.50
N PHE B 102 -7.15 -44.89 19.28
CA PHE B 102 -6.01 -45.38 20.03
C PHE B 102 -5.23 -46.40 19.22
N ILE B 103 -3.91 -46.38 19.41
CA ILE B 103 -2.99 -47.27 18.71
C ILE B 103 -3.14 -48.68 19.28
N VAL B 104 -3.39 -49.66 18.41
CA VAL B 104 -3.48 -51.05 18.83
C VAL B 104 -2.26 -51.87 18.40
N HIS B 105 -1.43 -51.31 17.52
CA HIS B 105 -0.22 -51.99 17.12
C HIS B 105 0.87 -51.00 16.76
N ARG B 106 2.07 -51.25 17.28
CA ARG B 106 3.26 -50.51 16.90
C ARG B 106 4.21 -51.45 16.17
N PRO B 107 4.96 -50.93 15.20
CA PRO B 107 5.77 -51.78 14.33
C PRO B 107 6.92 -52.44 15.07
N GLY B 108 7.46 -53.50 14.46
CA GLY B 108 8.62 -54.18 15.03
C GLY B 108 9.77 -53.25 15.34
N ARG B 109 9.91 -52.92 16.62
CA ARG B 109 10.84 -51.93 17.15
C ARG B 109 11.00 -50.63 16.35
N SER C 1 17.96 -16.59 50.43
CA SER C 1 18.16 -16.87 48.97
C SER C 1 16.82 -17.34 48.46
N ALA C 2 16.84 -18.04 47.33
CA ALA C 2 15.65 -18.80 46.94
C ALA C 2 15.49 -19.80 48.08
N ALA C 3 14.36 -19.73 48.76
CA ALA C 3 14.29 -20.18 50.12
C ALA C 3 13.89 -21.62 50.27
N GLY C 4 14.17 -22.43 49.26
CA GLY C 4 13.72 -23.81 49.25
C GLY C 4 12.31 -23.90 48.71
N TYR C 5 12.08 -24.87 47.85
CA TYR C 5 10.75 -25.14 47.35
C TYR C 5 10.07 -26.17 48.24
N LYS C 6 9.03 -25.74 48.94
CA LYS C 6 8.14 -26.67 49.61
C LYS C 6 6.79 -26.63 48.92
N ALA C 7 6.45 -27.72 48.22
CA ALA C 7 5.19 -27.81 47.53
C ALA C 7 4.05 -27.81 48.54
N GLY C 8 2.87 -27.39 48.09
CA GLY C 8 1.69 -27.49 48.93
C GLY C 8 0.99 -26.16 49.11
N VAL C 9 -0.23 -26.23 49.65
CA VAL C 9 -1.05 -25.06 49.85
C VAL C 9 -0.68 -24.33 51.14
N LYS C 10 -0.40 -23.05 50.97
CA LYS C 10 -0.22 -22.11 52.08
C LYS C 10 -1.34 -21.08 52.06
N ASP C 11 -1.54 -20.43 53.20
CA ASP C 11 -2.38 -19.24 53.29
C ASP C 11 -1.78 -18.12 52.46
N TYR C 12 -2.66 -17.40 51.75
CA TYR C 12 -2.22 -16.25 50.97
C TYR C 12 -1.59 -15.19 51.86
N LYS C 13 -2.11 -15.05 53.07
CA LYS C 13 -1.70 -13.93 53.92
C LYS C 13 -0.27 -14.06 54.40
N LEU C 14 0.31 -15.25 54.27
CA LEU C 14 1.71 -15.44 54.62
C LEU C 14 2.63 -14.68 53.66
N THR C 15 2.19 -14.52 52.43
CA THR C 15 3.00 -13.85 51.41
C THR C 15 2.47 -12.45 51.06
N TYR C 16 1.15 -12.29 51.09
CA TYR C 16 0.52 -11.15 50.42
C TYR C 16 -0.14 -10.14 51.34
N TYR C 17 -0.20 -10.43 52.63
CA TYR C 17 -0.68 -9.46 53.61
C TYR C 17 0.52 -8.79 54.26
N THR C 18 0.69 -7.51 54.00
CA THR C 18 1.89 -6.79 54.37
C THR C 18 1.53 -5.47 55.07
N PRO C 19 0.98 -5.56 56.30
CA PRO C 19 0.41 -4.39 56.96
C PRO C 19 1.45 -3.31 57.27
N ASP C 20 2.72 -3.68 57.17
CA ASP C 20 3.80 -2.74 57.43
C ASP C 20 4.37 -2.11 56.17
N TYR C 21 3.74 -2.39 55.04
CA TYR C 21 4.19 -1.85 53.76
C TYR C 21 3.76 -0.40 53.60
N THR C 22 4.70 0.44 53.18
CA THR C 22 4.40 1.82 52.83
C THR C 22 4.50 1.99 51.31
N PRO C 23 3.38 2.33 50.67
CA PRO C 23 3.30 2.41 49.20
C PRO C 23 4.27 3.43 48.63
N LYS C 24 4.91 3.06 47.52
CA LYS C 24 5.75 3.98 46.77
C LYS C 24 4.88 4.84 45.86
N ASP C 25 5.45 5.93 45.38
CA ASP C 25 4.72 6.84 44.51
C ASP C 25 4.55 6.29 43.11
N THR C 26 5.28 5.22 42.82
CA THR C 26 5.14 4.53 41.54
C THR C 26 4.18 3.35 41.63
N ASP C 27 3.75 3.01 42.84
CA ASP C 27 2.78 1.93 43.03
C ASP C 27 1.41 2.36 42.52
N LEU C 28 0.69 1.41 41.93
CA LEU C 28 -0.73 1.56 41.61
C LEU C 28 -1.46 1.06 42.85
N LEU C 29 -2.34 1.87 43.41
CA LEU C 29 -3.08 1.49 44.61
C LEU C 29 -4.52 1.21 44.25
N ALA C 30 -5.13 0.22 44.90
CA ALA C 30 -6.54 -0.09 44.67
C ALA C 30 -7.27 -0.20 46.01
N ALA C 31 -8.49 0.33 46.06
CA ALA C 31 -9.33 0.19 47.24
C ALA C 31 -10.51 -0.71 46.91
N PHE C 32 -10.59 -1.85 47.57
CA PHE C 32 -11.68 -2.79 47.36
C PHE C 32 -12.56 -2.80 48.60
N ARG C 33 -13.85 -2.97 48.39
CA ARG C 33 -14.81 -3.19 49.46
C ARG C 33 -15.25 -4.65 49.34
N PHE C 34 -15.08 -5.45 50.39
CA PHE C 34 -15.39 -6.87 50.30
C PHE C 34 -16.10 -7.44 51.52
N SER C 35 -16.84 -8.52 51.31
CA SER C 35 -17.38 -9.33 52.39
C SER C 35 -16.86 -10.74 52.22
N PRO C 36 -16.09 -11.24 53.20
CA PRO C 36 -15.62 -12.63 53.15
C PRO C 36 -16.74 -13.62 53.47
N GLN C 37 -16.61 -14.84 52.94
CA GLN C 37 -17.50 -15.92 53.32
C GLN C 37 -17.29 -16.20 54.81
N PRO C 38 -18.35 -16.65 55.50
CA PRO C 38 -18.21 -17.11 56.89
C PRO C 38 -17.04 -18.07 57.06
N GLY C 39 -16.15 -17.75 58.00
CA GLY C 39 -15.02 -18.62 58.26
C GLY C 39 -13.74 -18.18 57.58
N VAL C 40 -13.85 -17.24 56.66
CA VAL C 40 -12.67 -16.70 56.00
C VAL C 40 -12.32 -15.37 56.67
N PRO C 41 -11.17 -15.31 57.35
CA PRO C 41 -10.74 -14.07 57.98
C PRO C 41 -10.45 -12.96 56.96
N ALA C 42 -10.68 -11.72 57.38
CA ALA C 42 -10.57 -10.56 56.51
C ALA C 42 -9.17 -10.41 55.91
N ASP C 43 -8.14 -10.68 56.70
CA ASP C 43 -6.78 -10.51 56.22
C ASP C 43 -6.38 -11.58 55.21
N GLU C 44 -6.95 -12.77 55.33
CA GLU C 44 -6.72 -13.82 54.35
C GLU C 44 -7.47 -13.50 53.06
N ALA C 45 -8.69 -12.99 53.20
CA ALA C 45 -9.48 -12.58 52.05
C ALA C 45 -8.81 -11.42 51.30
N GLY C 46 -8.31 -10.45 52.05
CA GLY C 46 -7.59 -9.34 51.45
C GLY C 46 -6.31 -9.78 50.76
N ALA C 47 -5.61 -10.73 51.38
CA ALA C 47 -4.40 -11.29 50.80
C ALA C 47 -4.69 -12.11 49.54
N ALA C 48 -5.82 -12.82 49.52
CA ALA C 48 -6.22 -13.61 48.36
C ALA C 48 -6.49 -12.70 47.17
N ILE C 49 -7.12 -11.55 47.43
CA ILE C 49 -7.39 -10.55 46.41
C ILE C 49 -6.08 -10.00 45.84
N ALA C 50 -5.16 -9.64 46.72
CA ALA C 50 -3.84 -9.17 46.31
C ALA C 50 -3.07 -10.22 45.51
N ALA C 51 -3.15 -11.48 45.96
CA ALA C 51 -2.40 -12.57 45.33
C ALA C 51 -2.88 -12.84 43.92
N GLU C 52 -4.18 -13.04 43.77
CA GLU C 52 -4.74 -13.51 42.51
C GLU C 52 -5.00 -12.40 41.51
N SER C 53 -4.63 -11.17 41.87
CA SER C 53 -4.65 -10.07 40.93
C SER C 53 -3.24 -9.59 40.60
N SER C 54 -2.23 -10.33 41.06
CA SER C 54 -0.85 -9.97 40.75
C SER C 54 0.00 -11.17 40.32
N THR C 55 0.44 -12.00 41.27
CA THR C 55 1.45 -13.01 40.99
C THR C 55 1.08 -14.42 41.44
N GLY C 56 0.05 -14.54 42.26
CA GLY C 56 -0.19 -15.78 42.99
C GLY C 56 -1.27 -16.71 42.46
N THR C 57 -1.18 -17.97 42.86
CA THR C 57 -2.27 -18.91 42.66
C THR C 57 -2.47 -19.75 43.93
N TRP C 58 -3.27 -20.81 43.82
CA TRP C 58 -3.85 -21.49 44.98
C TRP C 58 -2.88 -22.42 45.72
N THR C 59 -1.79 -22.78 45.07
CA THR C 59 -0.80 -23.65 45.66
C THR C 59 0.60 -23.13 45.32
N THR C 60 1.58 -23.55 46.10
CA THR C 60 2.97 -23.11 45.94
C THR C 60 3.62 -23.71 44.69
N VAL C 61 4.23 -22.86 43.88
CA VAL C 61 4.89 -23.28 42.65
C VAL C 61 6.36 -22.94 42.75
N TRP C 62 7.22 -23.78 42.19
CA TRP C 62 8.67 -23.63 42.33
C TRP C 62 9.22 -22.46 41.53
N THR C 63 8.49 -22.06 40.49
CA THR C 63 8.94 -21.05 39.55
C THR C 63 9.09 -19.66 40.20
N ASP C 64 8.40 -19.44 41.31
CA ASP C 64 8.55 -18.22 42.10
C ASP C 64 10.03 -17.93 42.37
N LEU C 65 10.79 -19.00 42.58
CA LEU C 65 12.17 -18.88 43.05
C LEU C 65 13.13 -18.56 41.92
N LEU C 66 12.63 -18.54 40.69
CA LEU C 66 13.41 -18.10 39.54
C LEU C 66 13.47 -16.57 39.43
N THR C 67 12.57 -15.91 40.15
CA THR C 67 12.48 -14.46 40.07
C THR C 67 12.40 -13.89 41.48
N ASP C 68 12.17 -12.58 41.58
CA ASP C 68 12.20 -11.87 42.85
C ASP C 68 10.77 -11.51 43.22
N MET C 69 10.11 -12.40 43.93
CA MET C 69 8.69 -12.24 44.23
C MET C 69 8.38 -10.99 45.02
N ASP C 70 9.30 -10.58 45.88
CA ASP C 70 9.12 -9.38 46.67
C ASP C 70 8.97 -8.14 45.79
N ARG C 71 9.66 -8.14 44.66
CA ARG C 71 9.59 -7.03 43.72
C ARG C 71 8.27 -6.97 42.97
N TYR C 72 7.64 -8.12 42.78
CA TYR C 72 6.51 -8.19 41.85
C TYR C 72 5.15 -8.36 42.50
N LYS C 73 5.09 -8.89 43.71
CA LYS C 73 3.82 -9.27 44.31
C LYS C 73 2.93 -8.08 44.69
N GLY C 74 1.62 -8.25 44.54
CA GLY C 74 0.67 -7.30 45.08
C GLY C 74 0.70 -7.39 46.59
N LYS C 75 0.45 -6.27 47.26
CA LYS C 75 0.65 -6.20 48.70
C LYS C 75 -0.57 -5.58 49.36
N CYS C 76 -1.37 -6.40 50.03
CA CYS C 76 -2.46 -5.88 50.81
C CYS C 76 -1.89 -5.25 52.08
N TYR C 77 -1.83 -3.93 52.11
CA TYR C 77 -1.09 -3.25 53.16
C TYR C 77 -2.00 -2.63 54.22
N HIS C 78 -3.30 -2.64 53.97
CA HIS C 78 -4.25 -2.10 54.94
C HIS C 78 -5.64 -2.68 54.77
N ILE C 79 -6.25 -3.04 55.89
CA ILE C 79 -7.64 -3.47 55.90
C ILE C 79 -8.36 -2.68 56.99
N GLU C 80 -9.57 -2.23 56.71
CA GLU C 80 -10.37 -1.55 57.72
C GLU C 80 -11.83 -1.94 57.56
N PRO C 81 -12.51 -2.20 58.67
CA PRO C 81 -13.95 -2.47 58.62
C PRO C 81 -14.75 -1.26 58.16
N VAL C 82 -15.78 -1.51 57.36
CA VAL C 82 -16.68 -0.47 56.95
C VAL C 82 -17.58 -0.12 58.12
N ALA C 83 -17.47 1.13 58.57
CA ALA C 83 -18.17 1.58 59.76
C ALA C 83 -19.67 1.38 59.64
N GLY C 84 -20.23 0.66 60.60
CA GLY C 84 -21.67 0.51 60.68
C GLY C 84 -22.23 -0.65 59.90
N GLU C 85 -21.36 -1.44 59.28
CA GLU C 85 -21.81 -2.53 58.43
C GLU C 85 -21.14 -3.83 58.81
N GLU C 86 -21.96 -4.86 58.99
CA GLU C 86 -21.45 -6.18 59.40
C GLU C 86 -20.73 -6.88 58.25
N ASN C 87 -19.56 -7.43 58.55
CA ASN C 87 -18.82 -8.27 57.62
C ASN C 87 -18.50 -7.58 56.29
N SER C 88 -18.12 -6.31 56.36
CA SER C 88 -17.73 -5.55 55.19
C SER C 88 -16.45 -4.81 55.52
N TYR C 89 -15.46 -4.88 54.64
CA TYR C 89 -14.15 -4.28 54.87
C TYR C 89 -13.66 -3.55 53.63
N PHE C 90 -12.77 -2.60 53.83
CA PHE C 90 -11.95 -2.04 52.76
C PHE C 90 -10.56 -2.66 52.82
N ALA C 91 -10.09 -3.18 51.69
CA ALA C 91 -8.71 -3.60 51.55
C ALA C 91 -8.00 -2.63 50.60
N PHE C 92 -6.84 -2.17 51.03
CA PHE C 92 -6.01 -1.32 50.19
C PHE C 92 -4.80 -2.14 49.75
N ILE C 93 -4.60 -2.20 48.43
CA ILE C 93 -3.60 -3.08 47.86
C ILE C 93 -2.67 -2.28 46.95
N ALA C 94 -1.37 -2.48 47.11
CA ALA C 94 -0.37 -1.81 46.27
C ALA C 94 0.19 -2.76 45.22
N TYR C 95 0.25 -2.29 43.98
CA TYR C 95 0.79 -3.08 42.87
C TYR C 95 1.98 -2.35 42.30
N PRO C 96 3.12 -3.05 42.14
CA PRO C 96 4.30 -2.43 41.53
C PRO C 96 4.03 -1.93 40.11
N LEU C 97 4.70 -0.85 39.75
CA LEU C 97 4.61 -0.26 38.41
C LEU C 97 4.92 -1.28 37.31
N ASP C 98 5.80 -2.23 37.63
CA ASP C 98 6.30 -3.19 36.66
C ASP C 98 5.25 -4.16 36.14
N LEU C 99 4.13 -4.27 36.86
CA LEU C 99 3.11 -5.26 36.53
C LEU C 99 2.27 -4.90 35.32
N PHE C 100 2.37 -3.66 34.86
CA PHE C 100 1.39 -3.12 33.91
C PHE C 100 1.98 -2.78 32.56
N GLU C 101 1.26 -3.09 31.50
CA GLU C 101 1.66 -2.65 30.18
C GLU C 101 1.39 -1.16 30.04
N GLU C 102 2.41 -0.46 29.58
CA GLU C 102 2.32 0.98 29.36
C GLU C 102 1.20 1.31 28.38
N GLY C 103 0.38 2.28 28.74
CA GLY C 103 -0.62 2.78 27.83
C GLY C 103 -1.81 1.86 27.63
N SER C 104 -1.97 0.87 28.50
CA SER C 104 -3.02 -0.13 28.35
C SER C 104 -3.96 -0.19 29.55
N VAL C 105 -5.13 0.42 29.38
CA VAL C 105 -6.21 0.29 30.37
C VAL C 105 -6.73 -1.15 30.41
N THR C 106 -6.75 -1.79 29.24
CA THR C 106 -7.14 -3.19 29.12
C THR C 106 -6.32 -4.09 30.04
N ASN C 107 -5.00 -3.91 30.06
CA ASN C 107 -4.12 -4.72 30.89
C ASN C 107 -4.31 -4.42 32.37
N ILE C 108 -4.42 -3.15 32.71
CA ILE C 108 -4.62 -2.74 34.10
C ILE C 108 -5.88 -3.39 34.68
N LEU C 109 -6.98 -3.31 33.96
CA LEU C 109 -8.23 -3.92 34.40
C LEU C 109 -8.14 -5.44 34.48
N THR C 110 -7.43 -6.05 33.53
CA THR C 110 -7.27 -7.50 33.51
C THR C 110 -6.62 -8.04 34.79
N SER C 111 -5.66 -7.30 35.34
CA SER C 111 -5.07 -7.67 36.62
C SER C 111 -6.01 -7.37 37.78
N ILE C 112 -6.43 -6.10 37.89
CA ILE C 112 -7.14 -5.64 39.09
C ILE C 112 -8.51 -6.28 39.24
N VAL C 113 -9.22 -6.47 38.14
CA VAL C 113 -10.59 -7.00 38.19
C VAL C 113 -10.79 -8.26 37.34
N GLY C 114 -9.68 -8.90 36.93
CA GLY C 114 -9.76 -10.05 36.05
C GLY C 114 -10.45 -11.29 36.62
N ASN C 115 -9.95 -11.79 37.75
CA ASN C 115 -10.43 -13.06 38.30
C ASN C 115 -10.99 -12.98 39.71
N VAL C 116 -10.60 -11.96 40.48
CA VAL C 116 -10.84 -11.98 41.93
C VAL C 116 -12.30 -11.80 42.36
N PHE C 117 -13.14 -11.27 41.48
CA PHE C 117 -14.54 -11.04 41.81
C PHE C 117 -15.36 -12.32 41.90
N GLY C 118 -14.82 -13.41 41.34
CA GLY C 118 -15.55 -14.66 41.33
C GLY C 118 -15.04 -15.69 42.33
N PHE C 119 -14.09 -15.27 43.14
CA PHE C 119 -13.48 -16.13 44.14
C PHE C 119 -14.53 -16.64 45.13
N LYS C 120 -14.59 -17.97 45.29
CA LYS C 120 -15.54 -18.60 46.19
C LYS C 120 -15.50 -18.05 47.62
N ALA C 121 -14.29 -17.78 48.11
CA ALA C 121 -14.09 -17.39 49.50
C ALA C 121 -14.59 -15.98 49.80
N ILE C 122 -14.99 -15.25 48.76
CA ILE C 122 -15.46 -13.87 48.87
C ILE C 122 -16.93 -13.84 48.43
N ARG C 123 -17.78 -13.20 49.23
CA ARG C 123 -19.20 -13.09 48.88
C ARG C 123 -19.45 -12.04 47.83
N SER C 124 -18.81 -10.89 48.02
CA SER C 124 -19.02 -9.75 47.13
C SER C 124 -17.75 -8.90 47.15
N LEU C 125 -17.50 -8.23 46.04
CA LEU C 125 -16.29 -7.42 45.89
C LEU C 125 -16.64 -6.24 45.02
N ARG C 126 -16.22 -5.06 45.42
CA ARG C 126 -16.44 -3.85 44.64
C ARG C 126 -15.20 -2.97 44.65
N LEU C 127 -14.68 -2.68 43.46
CA LEU C 127 -13.53 -1.79 43.34
C LEU C 127 -14.00 -0.34 43.43
N GLU C 128 -13.50 0.38 44.42
CA GLU C 128 -13.97 1.72 44.74
C GLU C 128 -13.13 2.80 44.06
N ASP C 129 -11.81 2.59 44.01
CA ASP C 129 -10.90 3.61 43.51
C ASP C 129 -9.56 2.97 43.14
N ILE C 130 -8.84 3.59 42.22
CA ILE C 130 -7.48 3.22 41.87
C ILE C 130 -6.66 4.50 41.87
N ARG C 131 -5.53 4.51 42.57
CA ARG C 131 -4.59 5.59 42.35
C ARG C 131 -3.63 5.23 41.23
N PHE C 132 -3.75 5.93 40.11
CA PHE C 132 -2.82 5.75 39.00
C PHE C 132 -1.60 6.60 39.26
N PRO C 133 -0.43 5.96 39.38
CA PRO C 133 0.82 6.71 39.57
C PRO C 133 1.12 7.58 38.37
N VAL C 134 1.76 8.72 38.63
CA VAL C 134 2.07 9.69 37.59
C VAL C 134 2.95 9.09 36.48
N ALA C 135 3.84 8.16 36.87
CA ALA C 135 4.73 7.51 35.91
C ALA C 135 3.96 6.64 34.94
N LEU C 136 2.83 6.11 35.39
CA LEU C 136 1.96 5.32 34.52
C LEU C 136 1.04 6.23 33.70
N VAL C 137 0.55 7.29 34.32
CA VAL C 137 -0.34 8.24 33.65
C VAL C 137 0.35 8.80 32.40
N LYS C 138 1.66 8.99 32.49
CA LYS C 138 2.42 9.57 31.39
C LYS C 138 2.63 8.64 30.20
N THR C 139 2.28 7.36 30.36
CA THR C 139 2.39 6.41 29.25
C THR C 139 1.13 6.42 28.36
N PHE C 140 0.14 7.19 28.79
CA PHE C 140 -1.14 7.31 28.06
C PHE C 140 -1.23 8.63 27.31
N GLN C 141 -1.96 8.64 26.20
CA GLN C 141 -2.25 9.88 25.48
C GLN C 141 -3.27 10.71 26.23
N GLY C 142 -4.33 10.07 26.70
CA GLY C 142 -5.41 10.78 27.35
C GLY C 142 -6.33 11.39 26.32
N PRO C 143 -7.14 12.39 26.70
CA PRO C 143 -8.07 13.06 25.77
C PRO C 143 -7.36 13.51 24.48
N PRO C 144 -7.98 13.25 23.32
CA PRO C 144 -7.44 13.77 22.06
C PRO C 144 -7.20 15.29 22.11
N HIS C 145 -8.09 16.01 22.79
CA HIS C 145 -8.02 17.47 22.87
C HIS C 145 -8.19 17.97 24.30
N GLY C 146 -9.30 17.63 24.93
CA GLY C 146 -9.56 18.08 26.29
C GLY C 146 -10.29 19.42 26.30
N ILE C 147 -10.69 19.84 27.49
CA ILE C 147 -11.61 20.97 27.65
C ILE C 147 -11.17 22.29 26.98
N GLN C 148 -9.97 22.78 27.29
CA GLN C 148 -9.59 24.10 26.80
C GLN C 148 -9.36 24.12 25.28
N VAL C 149 -8.77 23.07 24.74
CA VAL C 149 -8.56 23.00 23.30
C VAL C 149 -9.90 22.88 22.58
N GLU C 150 -10.85 22.16 23.17
CA GLU C 150 -12.18 22.05 22.57
C GLU C 150 -12.92 23.39 22.51
N ARG C 151 -12.89 24.17 23.60
CA ARG C 151 -13.54 25.48 23.60
C ARG C 151 -12.91 26.37 22.52
N ASP C 152 -11.59 26.27 22.38
CA ASP C 152 -10.86 27.06 21.40
C ASP C 152 -11.17 26.67 19.96
N LEU C 153 -11.35 25.37 19.72
CA LEU C 153 -11.72 24.89 18.39
C LEU C 153 -13.13 25.32 18.01
N LEU C 154 -14.03 25.35 18.98
CA LEU C 154 -15.44 25.57 18.70
C LEU C 154 -15.88 27.02 18.91
N ASN C 155 -14.99 27.84 19.45
CA ASN C 155 -15.29 29.24 19.74
C ASN C 155 -16.45 29.33 20.71
N LYS C 156 -16.46 28.44 21.70
CA LYS C 156 -17.54 28.34 22.67
C LYS C 156 -16.97 28.70 24.04
N TYR C 157 -17.30 29.88 24.55
CA TYR C 157 -16.77 30.35 25.83
C TYR C 157 -17.89 30.94 26.69
N GLY C 158 -17.76 30.78 28.00
CA GLY C 158 -18.55 31.58 28.92
C GLY C 158 -19.78 30.93 29.50
N ARG C 159 -20.09 29.71 29.08
CA ARG C 159 -21.23 28.99 29.63
C ARG C 159 -21.20 27.51 29.26
N PRO C 160 -22.02 26.68 29.93
CA PRO C 160 -22.19 25.29 29.49
C PRO C 160 -22.61 25.20 28.03
N MET C 161 -22.21 24.11 27.37
CA MET C 161 -22.68 23.85 26.03
C MET C 161 -23.96 23.01 26.10
N LEU C 162 -24.77 23.05 25.05
CA LEU C 162 -26.07 22.41 25.05
C LEU C 162 -26.16 21.38 23.95
N GLY C 163 -26.67 20.21 24.29
CA GLY C 163 -26.85 19.16 23.32
C GLY C 163 -28.24 18.57 23.38
N CYS C 164 -28.44 17.49 22.64
CA CYS C 164 -29.76 16.91 22.46
C CYS C 164 -29.66 15.59 21.71
N THR C 165 -30.18 14.53 22.31
CA THR C 165 -30.29 13.25 21.62
C THR C 165 -31.58 13.23 20.79
N ILE C 166 -31.45 12.86 19.52
CA ILE C 166 -32.60 12.70 18.65
C ILE C 166 -33.45 11.51 19.09
N LYS C 167 -34.77 11.67 19.03
CA LYS C 167 -35.72 10.61 19.38
C LYS C 167 -36.76 10.50 18.26
N PRO C 168 -37.42 9.34 18.12
CA PRO C 168 -37.24 8.09 18.86
C PRO C 168 -35.84 7.50 18.73
N LYS C 169 -35.45 6.70 19.71
CA LYS C 169 -34.10 6.11 19.74
C LYS C 169 -33.76 5.47 18.41
N LEU C 170 -34.69 4.65 17.93
CA LEU C 170 -34.54 3.91 16.68
C LEU C 170 -35.83 4.06 15.89
N GLY C 171 -35.74 3.97 14.57
CA GLY C 171 -36.94 3.97 13.76
C GLY C 171 -37.01 5.05 12.69
N LEU C 172 -36.26 6.13 12.87
CA LEU C 172 -36.23 7.23 11.91
C LEU C 172 -35.29 6.95 10.74
N SER C 173 -35.71 7.33 9.55
CA SER C 173 -34.86 7.24 8.37
C SER C 173 -33.77 8.29 8.46
N ALA C 174 -32.77 8.18 7.58
CA ALA C 174 -31.65 9.11 7.57
C ALA C 174 -32.10 10.56 7.32
N LYS C 175 -33.00 10.73 6.35
CA LYS C 175 -33.51 12.05 5.99
C LYS C 175 -34.31 12.67 7.13
N ASN C 176 -35.14 11.88 7.79
CA ASN C 176 -35.92 12.38 8.92
C ASN C 176 -35.02 12.66 10.11
N TYR C 177 -33.92 11.92 10.20
CA TYR C 177 -32.92 12.17 11.24
C TYR C 177 -32.28 13.54 11.05
N GLY C 178 -31.82 13.82 9.84
CA GLY C 178 -31.21 15.11 9.56
C GLY C 178 -32.19 16.26 9.71
N ARG C 179 -33.47 16.01 9.38
CA ARG C 179 -34.53 16.98 9.58
C ARG C 179 -34.62 17.40 11.04
N ALA C 180 -34.72 16.42 11.93
CA ALA C 180 -34.82 16.67 13.35
C ALA C 180 -33.57 17.41 13.85
N VAL C 181 -32.42 17.03 13.31
CA VAL C 181 -31.15 17.66 13.67
C VAL C 181 -31.11 19.13 13.27
N TYR C 182 -31.47 19.42 12.02
CA TYR C 182 -31.47 20.79 11.52
C TYR C 182 -32.35 21.67 12.40
N GLU C 183 -33.56 21.21 12.68
CA GLU C 183 -34.50 21.99 13.47
C GLU C 183 -34.03 22.24 14.90
N CYS C 184 -33.38 21.24 15.49
CA CYS C 184 -32.80 21.40 16.82
C CYS C 184 -31.66 22.43 16.82
N LEU C 185 -30.72 22.27 15.90
CA LEU C 185 -29.54 23.11 15.87
C LEU C 185 -29.87 24.57 15.52
N ARG C 186 -30.81 24.78 14.60
CA ARG C 186 -31.19 26.13 14.18
C ARG C 186 -31.81 26.90 15.35
N GLY C 187 -32.31 26.17 16.33
CA GLY C 187 -33.01 26.77 17.46
C GLY C 187 -32.12 27.22 18.60
N GLY C 188 -30.82 26.89 18.55
CA GLY C 188 -29.93 27.40 19.57
C GLY C 188 -29.09 26.38 20.34
N LEU C 189 -29.28 25.10 20.07
CA LEU C 189 -28.43 24.06 20.67
C LEU C 189 -27.08 24.02 19.96
N ASP C 190 -26.02 23.74 20.72
CA ASP C 190 -24.69 23.63 20.14
C ASP C 190 -24.51 22.30 19.42
N PHE C 191 -25.07 21.24 20.00
CA PHE C 191 -24.88 19.89 19.51
C PHE C 191 -26.19 19.15 19.45
N THR C 192 -26.28 18.22 18.51
CA THR C 192 -27.19 17.10 18.63
C THR C 192 -26.36 15.80 18.62
N LYS C 193 -27.01 14.65 18.83
CA LYS C 193 -26.27 13.40 18.86
C LYS C 193 -27.11 12.21 18.45
N ASP C 194 -26.45 11.23 17.86
CA ASP C 194 -27.02 9.89 17.68
C ASP C 194 -27.32 9.30 19.05
N ASP C 195 -28.39 8.52 19.12
CA ASP C 195 -28.59 7.70 20.30
C ASP C 195 -27.47 6.65 20.35
N GLU C 196 -27.13 6.20 21.56
CA GLU C 196 -26.03 5.27 21.73
C GLU C 196 -26.21 3.99 20.91
N ASN C 197 -27.46 3.59 20.68
CA ASN C 197 -27.73 2.37 19.93
C ASN C 197 -28.02 2.62 18.45
N ILE C 198 -27.89 3.86 18.01
CA ILE C 198 -27.92 4.18 16.59
C ILE C 198 -26.53 3.93 16.02
N ASN C 199 -26.40 2.83 15.27
CA ASN C 199 -25.11 2.49 14.66
C ASN C 199 -25.33 2.38 13.15
N SER C 200 -25.74 1.21 12.68
CA SER C 200 -26.17 1.04 11.30
C SER C 200 -27.18 -0.08 11.27
N GLN C 201 -28.39 0.20 10.81
CA GLN C 201 -29.50 -0.73 10.96
C GLN C 201 -30.36 -0.66 9.70
N PRO C 202 -31.26 -1.62 9.51
CA PRO C 202 -32.08 -1.67 8.29
C PRO C 202 -32.86 -0.40 7.98
N PHE C 203 -33.37 0.28 9.01
CA PHE C 203 -34.19 1.47 8.85
C PHE C 203 -33.34 2.72 8.58
N GLN C 204 -32.04 2.63 8.86
CA GLN C 204 -31.13 3.76 8.72
C GLN C 204 -29.68 3.27 8.74
N ARG C 205 -29.10 3.18 7.56
CA ARG C 205 -27.71 2.80 7.36
C ARG C 205 -26.83 4.01 7.73
N TRP C 206 -25.62 3.75 8.23
CA TRP C 206 -24.82 4.81 8.85
C TRP C 206 -24.36 5.88 7.87
N ARG C 207 -23.99 5.46 6.67
CA ARG C 207 -23.38 6.38 5.73
C ARG C 207 -24.42 7.39 5.22
N ASP C 208 -25.67 6.94 5.11
CA ASP C 208 -26.78 7.84 4.76
C ASP C 208 -27.01 8.88 5.85
N ARG C 209 -27.03 8.45 7.12
CA ARG C 209 -27.18 9.38 8.22
C ARG C 209 -26.07 10.43 8.24
N PHE C 210 -24.83 9.99 8.05
CA PHE C 210 -23.68 10.90 8.08
C PHE C 210 -23.88 11.98 7.01
N LEU C 211 -24.35 11.57 5.85
CA LEU C 211 -24.56 12.45 4.70
C LEU C 211 -25.62 13.51 5.00
N PHE C 212 -26.80 13.05 5.45
CA PHE C 212 -27.91 13.95 5.71
C PHE C 212 -27.68 14.84 6.92
N VAL C 213 -27.03 14.31 7.95
CA VAL C 213 -26.68 15.10 9.11
C VAL C 213 -25.67 16.20 8.80
N ALA C 214 -24.71 15.93 7.92
CA ALA C 214 -23.74 16.95 7.54
C ALA C 214 -24.43 18.13 6.87
N ASP C 215 -25.44 17.84 6.05
CA ASP C 215 -26.22 18.87 5.38
C ASP C 215 -26.96 19.74 6.40
N ALA C 216 -27.55 19.09 7.41
CA ALA C 216 -28.27 19.77 8.47
C ALA C 216 -27.37 20.69 9.29
N ILE C 217 -26.14 20.26 9.51
CA ILE C 217 -25.18 21.06 10.28
C ILE C 217 -24.79 22.31 9.50
N HIS C 218 -24.58 22.16 8.20
CA HIS C 218 -24.18 23.29 7.38
C HIS C 218 -25.28 24.35 7.29
N LYS C 219 -26.51 23.91 7.12
CA LYS C 219 -27.65 24.81 6.99
C LYS C 219 -27.91 25.58 8.28
N SER C 220 -27.86 24.88 9.41
CA SER C 220 -28.13 25.50 10.69
C SER C 220 -26.99 26.41 11.13
N GLN C 221 -25.76 26.06 10.80
CA GLN C 221 -24.62 26.90 11.14
C GLN C 221 -24.66 28.19 10.31
N ALA C 222 -25.07 28.05 9.06
CA ALA C 222 -25.14 29.20 8.17
C ALA C 222 -26.23 30.17 8.65
N GLU C 223 -27.32 29.63 9.20
CA GLU C 223 -28.43 30.46 9.62
C GLU C 223 -28.19 31.19 10.94
N THR C 224 -27.44 30.54 11.83
CA THR C 224 -27.29 31.03 13.20
C THR C 224 -25.99 31.78 13.44
N GLY C 225 -24.99 31.52 12.62
CA GLY C 225 -23.69 32.16 12.83
C GLY C 225 -22.94 31.64 14.05
N GLU C 226 -23.29 30.44 14.50
CA GLU C 226 -22.59 29.76 15.60
C GLU C 226 -22.14 28.37 15.11
N ILE C 227 -20.99 27.92 15.60
CA ILE C 227 -20.48 26.58 15.31
C ILE C 227 -21.47 25.52 15.83
N LYS C 228 -21.83 24.59 14.96
CA LYS C 228 -22.74 23.50 15.30
C LYS C 228 -22.01 22.16 15.17
N GLY C 229 -22.45 21.16 15.92
CA GLY C 229 -21.90 19.84 15.80
C GLY C 229 -22.95 18.79 16.07
N HIS C 230 -22.69 17.57 15.60
CA HIS C 230 -23.55 16.43 15.88
C HIS C 230 -22.66 15.22 16.11
N TYR C 231 -22.75 14.58 17.27
CA TYR C 231 -21.89 13.44 17.58
C TYR C 231 -22.32 12.26 16.74
N LEU C 232 -21.61 12.03 15.64
CA LEU C 232 -21.89 10.88 14.80
C LEU C 232 -21.29 9.61 15.42
N ASN C 233 -22.17 8.65 15.67
CA ASN C 233 -21.81 7.41 16.35
C ASN C 233 -21.04 6.46 15.42
N VAL C 234 -19.77 6.22 15.74
CA VAL C 234 -18.93 5.32 14.95
C VAL C 234 -18.82 3.94 15.58
N THR C 235 -19.49 3.73 16.71
CA THR C 235 -19.54 2.43 17.36
C THR C 235 -19.96 1.33 16.36
N ALA C 236 -19.15 0.29 16.26
CA ALA C 236 -19.22 -0.64 15.14
C ALA C 236 -18.92 -2.07 15.60
N PRO C 237 -19.21 -3.08 14.75
CA PRO C 237 -18.93 -4.47 15.12
C PRO C 237 -17.46 -4.82 15.26
N THR C 238 -16.62 -4.15 14.47
CA THR C 238 -15.19 -4.47 14.36
C THR C 238 -14.39 -3.19 14.34
N CYS C 239 -13.08 -3.29 14.59
CA CYS C 239 -12.18 -2.16 14.49
C CYS C 239 -12.21 -1.55 13.10
N GLU C 240 -12.28 -2.39 12.09
CA GLU C 240 -12.23 -1.95 10.70
C GLU C 240 -13.42 -1.07 10.35
N GLU C 241 -14.61 -1.51 10.77
CA GLU C 241 -15.83 -0.76 10.53
C GLU C 241 -15.83 0.54 11.31
N MET C 242 -15.39 0.48 12.57
CA MET C 242 -15.28 1.67 13.38
C MET C 242 -14.44 2.73 12.66
N MET C 243 -13.30 2.32 12.13
CA MET C 243 -12.40 3.25 11.47
C MET C 243 -12.96 3.77 10.16
N LYS C 244 -13.68 2.91 9.46
CA LYS C 244 -14.30 3.28 8.19
C LYS C 244 -15.30 4.41 8.43
N ARG C 245 -16.03 4.31 9.53
CA ARG C 245 -17.05 5.29 9.86
C ARG C 245 -16.42 6.60 10.37
N ALA C 246 -15.39 6.49 11.20
CA ALA C 246 -14.65 7.66 11.65
C ALA C 246 -14.05 8.42 10.48
N GLU C 247 -13.59 7.68 9.49
CA GLU C 247 -12.93 8.25 8.33
C GLU C 247 -13.89 9.09 7.48
N PHE C 248 -15.11 8.61 7.31
CA PHE C 248 -16.08 9.34 6.51
C PHE C 248 -16.52 10.62 7.22
N ALA C 249 -16.64 10.58 8.53
CA ALA C 249 -16.96 11.76 9.32
C ALA C 249 -15.90 12.83 9.09
N LYS C 250 -14.64 12.41 9.05
CA LYS C 250 -13.55 13.33 8.79
C LYS C 250 -13.65 13.89 7.37
N GLU C 251 -13.97 13.01 6.43
CA GLU C 251 -14.11 13.38 5.03
C GLU C 251 -15.20 14.45 4.87
N LEU C 252 -16.25 14.36 5.67
CA LEU C 252 -17.35 15.30 5.63
C LEU C 252 -17.02 16.59 6.37
N GLY C 253 -15.86 16.60 7.03
CA GLY C 253 -15.46 17.77 7.79
C GLY C 253 -16.23 17.92 9.07
N MET C 254 -16.67 16.80 9.64
CA MET C 254 -17.43 16.80 10.88
C MET C 254 -16.54 17.01 12.08
N PRO C 255 -16.93 17.92 12.99
CA PRO C 255 -16.02 18.28 14.08
C PRO C 255 -15.96 17.26 15.22
N ILE C 256 -16.96 16.38 15.31
CA ILE C 256 -17.11 15.54 16.49
C ILE C 256 -17.85 14.24 16.18
N ILE C 257 -17.37 13.16 16.78
CA ILE C 257 -18.00 11.85 16.68
C ILE C 257 -18.19 11.30 18.08
N MET C 258 -18.93 10.20 18.21
CA MET C 258 -19.11 9.56 19.52
C MET C 258 -18.82 8.07 19.48
N HIS C 259 -18.57 7.50 20.66
CA HIS C 259 -18.18 6.11 20.77
C HIS C 259 -18.68 5.58 22.09
N ASP C 260 -19.27 4.39 22.07
CA ASP C 260 -19.69 3.72 23.30
C ASP C 260 -18.52 2.89 23.83
N PHE C 261 -17.75 3.45 24.76
CA PHE C 261 -16.46 2.87 25.10
C PHE C 261 -16.55 1.50 25.79
N LEU C 262 -17.62 1.25 26.51
CA LEU C 262 -17.76 0.00 27.26
C LEU C 262 -18.33 -1.15 26.41
N THR C 263 -19.31 -0.86 25.56
CA THR C 263 -19.89 -1.93 24.76
C THR C 263 -19.01 -2.28 23.56
N ALA C 264 -18.22 -1.29 23.11
CA ALA C 264 -17.22 -1.53 22.08
C ALA C 264 -15.94 -2.06 22.73
N GLY C 265 -15.53 -1.43 23.83
CA GLY C 265 -14.38 -1.90 24.57
C GLY C 265 -13.22 -0.93 24.54
N PHE C 266 -12.33 -1.08 25.52
CA PHE C 266 -11.22 -0.16 25.71
C PHE C 266 -10.15 -0.25 24.62
N THR C 267 -10.00 -1.44 24.04
CA THR C 267 -9.01 -1.63 22.98
C THR C 267 -9.42 -0.87 21.72
N ALA C 268 -10.69 -0.96 21.34
CA ALA C 268 -11.21 -0.20 20.22
C ALA C 268 -11.23 1.30 20.56
N ASN C 269 -11.63 1.63 21.78
CA ASN C 269 -11.66 3.03 22.20
C ASN C 269 -10.31 3.69 22.15
N THR C 270 -9.27 3.01 22.64
CA THR C 270 -7.92 3.57 22.63
C THR C 270 -7.41 3.78 21.21
N THR C 271 -7.75 2.87 20.31
CA THR C 271 -7.49 3.06 18.89
C THR C 271 -8.14 4.34 18.36
N LEU C 272 -9.41 4.54 18.71
CA LEU C 272 -10.19 5.68 18.22
C LEU C 272 -9.69 6.99 18.79
N ALA C 273 -9.34 7.00 20.07
CA ALA C 273 -8.80 8.19 20.71
C ALA C 273 -7.49 8.64 20.08
N LYS C 274 -6.65 7.70 19.67
CA LYS C 274 -5.39 8.06 19.01
C LYS C 274 -5.65 8.64 17.62
N TRP C 275 -6.57 8.01 16.90
CA TRP C 275 -6.96 8.48 15.58
C TRP C 275 -7.54 9.90 15.65
N CYS C 276 -8.38 10.14 16.65
CA CYS C 276 -8.98 11.46 16.84
C CYS C 276 -7.93 12.54 17.06
N ARG C 277 -6.90 12.22 17.82
CA ARG C 277 -5.81 13.15 18.00
C ARG C 277 -5.08 13.44 16.70
N ASP C 278 -4.85 12.39 15.91
CA ASP C 278 -4.10 12.57 14.68
C ASP C 278 -4.91 13.25 13.59
N ASN C 279 -6.22 13.27 13.75
CA ASN C 279 -7.11 13.75 12.70
C ASN C 279 -7.98 14.92 13.13
N GLY C 280 -7.75 15.39 14.36
CA GLY C 280 -8.37 16.61 14.82
C GLY C 280 -9.88 16.54 14.95
N VAL C 281 -10.40 15.36 15.27
CA VAL C 281 -11.84 15.17 15.49
C VAL C 281 -12.08 15.00 16.98
N LEU C 282 -13.09 15.70 17.50
CA LEU C 282 -13.41 15.61 18.92
C LEU C 282 -14.14 14.30 19.19
N LEU C 283 -13.99 13.77 20.39
CA LEU C 283 -14.54 12.46 20.71
C LEU C 283 -15.45 12.51 21.93
N HIS C 284 -16.74 12.33 21.68
CA HIS C 284 -17.72 12.26 22.75
C HIS C 284 -17.88 10.80 23.18
N ILE C 285 -17.79 10.54 24.48
CA ILE C 285 -17.90 9.17 24.98
C ILE C 285 -19.21 8.90 25.72
N HIS C 286 -19.96 7.92 25.21
CA HIS C 286 -21.17 7.44 25.86
C HIS C 286 -20.82 6.25 26.78
N ARG C 287 -21.36 6.24 28.00
CA ARG C 287 -21.06 5.21 29.00
C ARG C 287 -22.04 4.04 29.03
N ALA C 288 -22.68 3.75 27.90
CA ALA C 288 -23.63 2.63 27.80
C ALA C 288 -23.05 1.37 28.44
N MET C 289 -23.85 0.78 29.33
CA MET C 289 -23.57 -0.46 30.06
C MET C 289 -22.92 -0.27 31.42
N HIS C 290 -22.53 0.96 31.74
CA HIS C 290 -21.81 1.20 32.98
C HIS C 290 -22.59 0.80 34.22
N ALA C 291 -23.91 0.97 34.18
CA ALA C 291 -24.73 0.71 35.36
C ALA C 291 -24.90 -0.78 35.64
N VAL C 292 -24.63 -1.62 34.64
CA VAL C 292 -24.54 -3.06 34.83
C VAL C 292 -23.43 -3.34 35.85
N ILE C 293 -22.44 -2.45 35.85
CA ILE C 293 -21.20 -2.64 36.58
C ILE C 293 -21.18 -1.82 37.87
N ASP C 294 -21.71 -0.60 37.82
CA ASP C 294 -21.41 0.37 38.87
C ASP C 294 -22.54 0.78 39.81
N ARG C 295 -23.72 0.19 39.65
CA ARG C 295 -24.90 0.68 40.37
C ARG C 295 -24.94 0.28 41.84
N GLN C 296 -24.73 -1.00 42.12
CA GLN C 296 -24.87 -1.52 43.48
C GLN C 296 -23.57 -1.35 44.23
N ARG C 297 -23.64 -0.95 45.50
CA ARG C 297 -22.42 -0.67 46.24
C ARG C 297 -21.75 -1.87 46.91
N ASN C 298 -22.35 -3.05 46.81
CA ASN C 298 -21.73 -4.23 47.40
C ASN C 298 -20.84 -4.99 46.41
N HIS C 299 -21.08 -4.81 45.12
CA HIS C 299 -20.38 -5.59 44.11
C HIS C 299 -20.29 -4.82 42.79
N GLY C 300 -19.10 -4.81 42.21
CA GLY C 300 -18.91 -4.23 40.89
C GLY C 300 -17.72 -3.29 40.91
N ILE C 301 -17.76 -2.28 40.04
CA ILE C 301 -16.73 -1.25 39.99
C ILE C 301 -17.44 0.09 40.05
N HIS C 302 -17.02 0.98 40.93
CA HIS C 302 -17.63 2.29 40.98
C HIS C 302 -17.30 3.10 39.73
N PHE C 303 -18.24 3.94 39.30
CA PHE C 303 -18.08 4.73 38.08
C PHE C 303 -16.83 5.58 38.07
N ARG C 304 -16.41 6.05 39.23
CA ARG C 304 -15.27 6.94 39.30
C ARG C 304 -13.97 6.26 38.84
N VAL C 305 -13.94 4.93 38.93
CA VAL C 305 -12.82 4.17 38.37
C VAL C 305 -12.94 4.14 36.85
N LEU C 306 -14.15 3.93 36.35
CA LEU C 306 -14.40 3.90 34.92
C LEU C 306 -14.12 5.26 34.27
N ALA C 307 -14.44 6.33 34.99
CA ALA C 307 -14.16 7.70 34.54
C ALA C 307 -12.67 7.93 34.42
N LYS C 308 -11.92 7.50 35.44
CA LYS C 308 -10.46 7.61 35.41
C LYS C 308 -9.87 6.82 34.24
N CYS C 309 -10.35 5.59 34.05
CA CYS C 309 -9.89 4.75 32.95
C CYS C 309 -10.17 5.39 31.59
N LEU C 310 -11.34 6.02 31.45
CA LEU C 310 -11.71 6.67 30.19
C LEU C 310 -10.82 7.88 29.91
N ARG C 311 -10.52 8.68 30.94
CA ARG C 311 -9.64 9.82 30.74
C ARG C 311 -8.26 9.35 30.25
N LEU C 312 -7.82 8.18 30.72
CA LEU C 312 -6.55 7.61 30.28
C LEU C 312 -6.63 7.08 28.85
N SER C 313 -7.65 6.27 28.57
CA SER C 313 -7.87 5.71 27.23
C SER C 313 -8.06 6.82 26.18
N GLY C 314 -8.90 7.80 26.53
CA GLY C 314 -9.07 8.95 25.67
C GLY C 314 -10.52 9.25 25.39
N GLY C 315 -10.94 10.47 25.74
CA GLY C 315 -12.26 10.96 25.37
C GLY C 315 -12.29 12.43 25.68
N ASP C 316 -12.97 13.21 24.84
CA ASP C 316 -13.10 14.64 25.09
C ASP C 316 -14.31 14.97 25.97
N HIS C 317 -15.42 14.25 25.77
CA HIS C 317 -16.59 14.33 26.65
C HIS C 317 -16.75 12.96 27.32
N LEU C 318 -17.40 12.94 28.48
CA LEU C 318 -17.89 11.70 29.09
C LEU C 318 -19.14 12.01 29.90
N HIS C 319 -20.21 11.24 29.68
CA HIS C 319 -21.43 11.40 30.47
C HIS C 319 -21.13 11.18 31.95
N SER C 320 -21.69 12.04 32.80
CA SER C 320 -21.37 12.06 34.23
C SER C 320 -22.61 11.83 35.09
N GLY C 321 -23.78 11.75 34.45
CA GLY C 321 -25.03 11.79 35.18
C GLY C 321 -25.54 13.20 35.42
N THR C 322 -26.76 13.29 35.95
CA THR C 322 -27.46 14.57 36.17
C THR C 322 -27.71 14.83 37.65
N VAL C 323 -27.72 13.76 38.44
CA VAL C 323 -28.23 13.77 39.82
C VAL C 323 -29.77 13.89 39.89
N VAL C 324 -30.33 14.84 39.14
CA VAL C 324 -31.74 15.18 39.23
C VAL C 324 -32.65 14.55 38.19
N GLY C 325 -32.07 13.89 37.19
CA GLY C 325 -32.83 13.37 36.07
C GLY C 325 -33.36 11.97 36.25
N LYS C 326 -33.62 11.27 35.14
CA LYS C 326 -34.29 9.97 35.19
C LYS C 326 -33.39 8.79 35.60
N LEU C 327 -32.08 9.00 35.55
CA LEU C 327 -31.12 7.95 35.88
C LEU C 327 -30.34 8.32 37.14
N GLU C 328 -29.88 7.31 37.86
CA GLU C 328 -29.29 7.50 39.18
C GLU C 328 -27.92 8.16 39.18
N GLY C 329 -27.74 9.04 40.15
CA GLY C 329 -26.47 9.69 40.38
C GLY C 329 -26.46 10.34 41.75
N ASP C 330 -25.59 9.85 42.62
CA ASP C 330 -25.41 10.42 43.95
C ASP C 330 -24.63 11.72 43.81
N LYS C 331 -25.13 12.77 44.45
CA LYS C 331 -24.54 14.10 44.28
C LYS C 331 -23.10 14.20 44.79
N ALA C 332 -22.85 13.72 46.01
CA ALA C 332 -21.53 13.82 46.62
C ALA C 332 -20.51 13.06 45.78
N SER C 333 -20.90 11.85 45.40
CA SER C 333 -20.10 10.99 44.53
C SER C 333 -19.80 11.71 43.21
N THR C 334 -20.84 12.30 42.62
CA THR C 334 -20.74 12.95 41.32
C THR C 334 -19.80 14.14 41.34
N LEU C 335 -19.89 14.95 42.39
CA LEU C 335 -18.99 16.08 42.54
C LEU C 335 -17.55 15.59 42.62
N GLY C 336 -17.37 14.42 43.25
CA GLY C 336 -16.07 13.80 43.36
C GLY C 336 -15.47 13.39 42.03
N PHE C 337 -16.20 12.59 41.25
CA PHE C 337 -15.62 12.11 40.00
C PHE C 337 -15.66 13.12 38.85
N VAL C 338 -16.48 14.16 38.99
CA VAL C 338 -16.40 15.30 38.08
C VAL C 338 -15.05 16.00 38.29
N ASP C 339 -14.62 16.13 39.53
CA ASP C 339 -13.30 16.67 39.80
C ASP C 339 -12.22 15.77 39.26
N LEU C 340 -12.41 14.46 39.40
CA LEU C 340 -11.43 13.48 38.92
C LEU C 340 -11.25 13.53 37.41
N MET C 341 -12.32 13.86 36.69
CA MET C 341 -12.23 13.90 35.24
C MET C 341 -11.87 15.26 34.66
N ARG C 342 -11.89 16.29 35.49
CA ARG C 342 -11.62 17.65 35.02
C ARG C 342 -10.27 18.22 35.47
N GLU C 343 -9.97 18.02 36.75
CA GLU C 343 -8.88 18.70 37.40
C GLU C 343 -7.55 17.97 37.24
N ASP C 344 -6.47 18.63 37.66
CA ASP C 344 -5.13 18.08 37.53
C ASP C 344 -4.66 17.38 38.80
N HIS C 345 -5.24 17.79 39.93
CA HIS C 345 -4.85 17.29 41.22
C HIS C 345 -6.08 17.25 42.10
N ILE C 346 -6.42 16.07 42.59
CA ILE C 346 -7.62 15.90 43.40
C ILE C 346 -7.23 15.24 44.71
N GLU C 347 -7.40 15.96 45.81
CA GLU C 347 -7.09 15.45 47.13
C GLU C 347 -8.06 14.35 47.53
N ALA C 348 -7.55 13.36 48.26
CA ALA C 348 -8.38 12.34 48.87
C ALA C 348 -9.47 12.99 49.71
N ASP C 349 -10.68 12.48 49.59
CA ASP C 349 -11.82 12.99 50.33
C ASP C 349 -12.90 11.93 50.34
N ARG C 350 -12.97 11.19 51.44
CA ARG C 350 -13.88 10.07 51.52
C ARG C 350 -15.34 10.48 51.51
N SER C 351 -15.61 11.74 51.85
CA SER C 351 -16.99 12.23 51.89
C SER C 351 -17.55 12.40 50.48
N ARG C 352 -16.66 12.44 49.50
CA ARG C 352 -17.06 12.51 48.11
C ARG C 352 -16.61 11.25 47.36
N GLY C 353 -16.19 10.26 48.13
CA GLY C 353 -15.85 8.96 47.58
C GLY C 353 -14.47 8.87 46.95
N VAL C 354 -13.63 9.88 47.16
CA VAL C 354 -12.28 9.89 46.60
C VAL C 354 -11.33 9.28 47.63
N PHE C 355 -10.97 8.03 47.44
CA PHE C 355 -10.15 7.30 48.40
C PHE C 355 -8.69 7.71 48.37
N PHE C 356 -8.21 8.05 47.18
CA PHE C 356 -6.79 8.37 46.99
C PHE C 356 -6.68 9.76 46.36
N THR C 357 -5.60 10.46 46.69
CA THR C 357 -5.21 11.66 45.96
C THR C 357 -4.72 11.27 44.57
N GLN C 358 -5.26 11.93 43.55
CA GLN C 358 -4.93 11.62 42.18
C GLN C 358 -4.31 12.82 41.48
N ASP C 359 -3.15 12.58 40.87
CA ASP C 359 -2.50 13.57 40.03
C ASP C 359 -2.57 13.11 38.59
N TRP C 360 -2.62 14.08 37.68
CA TRP C 360 -2.79 13.77 36.26
C TRP C 360 -1.65 14.29 35.39
N ALA C 361 -0.68 14.94 36.01
CA ALA C 361 0.52 15.42 35.31
C ALA C 361 0.22 16.14 33.99
N SER C 362 -0.79 17.02 34.06
CA SER C 362 -1.18 17.91 32.96
C SER C 362 -1.87 17.20 31.80
N MET C 363 -2.35 15.98 32.03
CA MET C 363 -3.25 15.35 31.08
C MET C 363 -4.56 16.14 31.05
N PRO C 364 -5.01 16.53 29.84
CA PRO C 364 -6.21 17.34 29.68
C PRO C 364 -7.42 16.76 30.40
N GLY C 365 -8.32 17.64 30.80
CA GLY C 365 -9.56 17.20 31.41
C GLY C 365 -10.58 16.77 30.38
N VAL C 366 -11.62 16.12 30.86
CA VAL C 366 -12.72 15.61 30.06
C VAL C 366 -13.96 16.40 30.45
N LEU C 367 -14.72 16.86 29.45
CA LEU C 367 -15.98 17.56 29.71
C LEU C 367 -17.03 16.57 30.22
N PRO C 368 -17.58 16.82 31.41
CA PRO C 368 -18.74 16.07 31.90
C PRO C 368 -20.01 16.42 31.12
N VAL C 369 -20.80 15.41 30.80
CA VAL C 369 -22.03 15.60 30.05
C VAL C 369 -23.22 15.15 30.88
N ALA C 370 -24.07 16.08 31.24
CA ALA C 370 -25.27 15.78 32.02
C ALA C 370 -26.44 15.55 31.06
N SER C 371 -27.00 14.35 31.11
CA SER C 371 -28.00 13.92 30.14
C SER C 371 -28.93 12.91 30.79
N GLY C 372 -30.21 13.00 30.44
CA GLY C 372 -31.17 11.97 30.82
C GLY C 372 -32.30 12.45 31.71
N GLY C 373 -33.47 12.67 31.10
CA GLY C 373 -34.66 12.99 31.87
C GLY C 373 -34.67 14.38 32.48
N ILE C 374 -33.90 15.30 31.90
CA ILE C 374 -33.85 16.66 32.39
C ILE C 374 -34.58 17.65 31.46
N HIS C 375 -35.14 18.70 32.05
CA HIS C 375 -35.85 19.74 31.33
C HIS C 375 -35.53 21.10 31.95
N VAL C 376 -36.19 22.14 31.45
CA VAL C 376 -35.85 23.53 31.77
C VAL C 376 -35.81 23.84 33.27
N TRP C 377 -36.72 23.25 34.04
CA TRP C 377 -36.76 23.49 35.47
C TRP C 377 -35.50 23.01 36.20
N HIS C 378 -34.76 22.11 35.57
CA HIS C 378 -33.53 21.59 36.15
C HIS C 378 -32.34 22.51 35.94
N MET C 379 -32.49 23.47 35.02
CA MET C 379 -31.36 24.26 34.55
C MET C 379 -30.56 24.94 35.65
N PRO C 380 -31.24 25.59 36.62
CA PRO C 380 -30.40 26.28 37.61
C PRO C 380 -29.58 25.33 38.48
N ALA C 381 -30.16 24.17 38.80
CA ALA C 381 -29.45 23.14 39.56
C ALA C 381 -28.28 22.57 38.77
N LEU C 382 -28.49 22.31 37.49
CA LEU C 382 -27.42 21.78 36.63
C LEU C 382 -26.25 22.75 36.51
N VAL C 383 -26.55 24.02 36.30
CA VAL C 383 -25.50 25.04 36.20
C VAL C 383 -24.78 25.17 37.53
N GLU C 384 -25.53 25.08 38.61
CA GLU C 384 -24.97 25.12 39.95
C GLU C 384 -24.00 23.95 40.19
N ILE C 385 -24.43 22.74 39.86
CA ILE C 385 -23.64 21.54 40.12
C ILE C 385 -22.41 21.44 39.24
N PHE C 386 -22.58 21.63 37.94
CA PHE C 386 -21.52 21.33 36.98
C PHE C 386 -20.69 22.55 36.57
N GLY C 387 -21.28 23.73 36.70
CA GLY C 387 -20.57 24.93 36.30
C GLY C 387 -20.46 25.05 34.78
N ASP C 388 -19.58 25.93 34.32
CA ASP C 388 -19.50 26.26 32.90
C ASP C 388 -18.93 25.15 32.03
N ASP C 389 -18.00 24.39 32.59
CA ASP C 389 -17.31 23.37 31.80
C ASP C 389 -18.06 22.05 31.86
N SER C 390 -19.17 22.03 31.13
CA SER C 390 -20.04 20.87 31.07
C SER C 390 -20.88 20.99 29.80
N VAL C 391 -21.48 19.88 29.39
CA VAL C 391 -22.47 19.88 28.31
C VAL C 391 -23.75 19.38 28.94
N LEU C 392 -24.84 20.13 28.76
CA LEU C 392 -26.14 19.72 29.27
C LEU C 392 -26.99 19.30 28.11
N GLN C 393 -27.56 18.11 28.17
CA GLN C 393 -28.24 17.55 27.01
C GLN C 393 -29.71 17.27 27.26
N PHE C 394 -30.54 17.68 26.30
CA PHE C 394 -31.99 17.57 26.44
C PHE C 394 -32.54 16.91 25.19
N GLY C 395 -32.84 15.61 25.29
CA GLY C 395 -33.41 14.89 24.16
C GLY C 395 -34.92 15.06 24.11
N GLY C 396 -35.61 14.35 25.00
CA GLY C 396 -37.04 14.56 25.17
C GLY C 396 -37.36 15.99 25.58
N GLY C 397 -36.42 16.63 26.29
CA GLY C 397 -36.61 17.99 26.74
C GLY C 397 -36.47 19.04 25.64
N THR C 398 -36.17 18.61 24.42
CA THR C 398 -36.19 19.50 23.27
C THR C 398 -37.27 19.06 22.28
N LEU C 399 -37.23 17.78 21.89
CA LEU C 399 -38.15 17.26 20.89
C LEU C 399 -39.56 17.06 21.44
N GLY C 400 -39.70 17.13 22.76
CA GLY C 400 -40.99 17.01 23.39
C GLY C 400 -41.66 18.35 23.67
N HIS C 401 -41.05 19.44 23.21
CA HIS C 401 -41.65 20.76 23.30
C HIS C 401 -42.92 20.77 22.47
N PRO C 402 -43.97 21.45 22.97
CA PRO C 402 -45.27 21.42 22.27
C PRO C 402 -45.24 22.00 20.85
N TRP C 403 -44.24 22.84 20.58
CA TRP C 403 -44.16 23.50 19.27
C TRP C 403 -43.08 22.90 18.38
N GLY C 404 -42.37 21.90 18.88
CA GLY C 404 -41.35 21.24 18.08
C GLY C 404 -39.93 21.56 18.49
N ASN C 405 -39.00 21.25 17.59
CA ASN C 405 -37.57 21.19 17.92
C ASN C 405 -36.92 22.55 18.07
N ALA C 406 -37.11 23.42 17.09
CA ALA C 406 -36.46 24.73 17.09
C ALA C 406 -36.91 25.59 18.27
N PRO C 407 -38.24 25.64 18.54
CA PRO C 407 -38.64 26.34 19.77
C PRO C 407 -38.20 25.63 21.05
N GLY C 408 -38.18 24.29 21.01
CA GLY C 408 -37.67 23.52 22.11
C GLY C 408 -36.22 23.85 22.42
N ALA C 409 -35.43 24.02 21.37
CA ALA C 409 -34.02 24.39 21.50
C ALA C 409 -33.85 25.80 22.07
N THR C 410 -34.63 26.73 21.56
CA THR C 410 -34.60 28.11 22.04
C THR C 410 -35.00 28.21 23.50
N ALA C 411 -36.00 27.43 23.92
CA ALA C 411 -36.40 27.36 25.32
C ALA C 411 -35.23 27.00 26.21
N ASN C 412 -34.50 25.96 25.84
CA ASN C 412 -33.34 25.51 26.60
C ASN C 412 -32.17 26.50 26.57
N ARG C 413 -31.91 27.06 25.39
CA ARG C 413 -30.83 28.03 25.23
C ARG C 413 -31.08 29.32 26.02
N VAL C 414 -32.34 29.79 26.02
CA VAL C 414 -32.71 30.97 26.79
C VAL C 414 -32.61 30.69 28.28
N ALA C 415 -33.16 29.55 28.71
CA ALA C 415 -33.12 29.16 30.12
C ALA C 415 -31.68 29.10 30.63
N LEU C 416 -30.78 28.56 29.81
CA LEU C 416 -29.37 28.45 30.19
C LEU C 416 -28.72 29.82 30.32
N GLU C 417 -28.87 30.66 29.30
CA GLU C 417 -28.23 31.96 29.30
C GLU C 417 -28.76 32.86 30.41
N ALA C 418 -30.05 32.72 30.72
CA ALA C 418 -30.65 33.45 31.83
C ALA C 418 -30.03 33.04 33.16
N CYS C 419 -29.76 31.75 33.32
CA CYS C 419 -29.15 31.24 34.54
C CYS C 419 -27.69 31.66 34.67
N VAL C 420 -26.95 31.64 33.57
CA VAL C 420 -25.54 32.03 33.58
C VAL C 420 -25.41 33.52 33.90
N GLN C 421 -26.26 34.33 33.26
CA GLN C 421 -26.27 35.77 33.53
C GLN C 421 -26.56 36.05 35.00
N ALA C 422 -27.60 35.40 35.53
CA ALA C 422 -28.02 35.59 36.92
C ALA C 422 -26.92 35.17 37.89
N ARG C 423 -26.32 34.00 37.65
CA ARG C 423 -25.22 33.53 38.47
C ARG C 423 -24.10 34.56 38.50
N ASN C 424 -23.71 35.03 37.33
CA ASN C 424 -22.61 35.98 37.20
C ASN C 424 -22.93 37.30 37.91
N GLU C 425 -24.22 37.61 38.01
CA GLU C 425 -24.64 38.82 38.69
C GLU C 425 -24.69 38.66 40.19
N GLY C 426 -24.57 37.43 40.67
CA GLY C 426 -24.50 37.20 42.10
C GLY C 426 -25.77 36.61 42.67
N ARG C 427 -26.72 36.29 41.81
CA ARG C 427 -27.96 35.69 42.25
C ARG C 427 -27.74 34.23 42.62
N ASP C 428 -28.43 33.79 43.66
CA ASP C 428 -28.32 32.42 44.13
C ASP C 428 -29.22 31.51 43.31
N LEU C 429 -28.61 30.65 42.51
CA LEU C 429 -29.34 29.77 41.60
C LEU C 429 -30.25 28.79 42.31
N TYR C 430 -29.84 28.36 43.50
CA TYR C 430 -30.63 27.42 44.27
C TYR C 430 -31.91 28.08 44.79
N ARG C 431 -31.77 29.24 45.41
CA ARG C 431 -32.89 29.93 46.02
C ARG C 431 -33.75 30.66 44.97
N GLU C 432 -33.10 31.16 43.93
CA GLU C 432 -33.79 32.04 42.98
C GLU C 432 -34.05 31.43 41.61
N GLY C 433 -33.66 30.16 41.43
CA GLY C 433 -33.75 29.54 40.13
C GLY C 433 -35.12 29.59 39.47
N GLY C 434 -36.15 29.25 40.24
CA GLY C 434 -37.50 29.29 39.72
C GLY C 434 -37.87 30.67 39.23
N ASP C 435 -37.46 31.68 39.99
CA ASP C 435 -37.77 33.07 39.66
C ASP C 435 -37.04 33.51 38.40
N ILE C 436 -35.75 33.19 38.32
CA ILE C 436 -34.96 33.51 37.16
C ILE C 436 -35.62 32.94 35.91
N LEU C 437 -36.18 31.73 36.03
CA LEU C 437 -36.83 31.06 34.91
C LEU C 437 -38.17 31.72 34.56
N ARG C 438 -38.96 32.05 35.58
CA ARG C 438 -40.21 32.78 35.39
C ARG C 438 -39.99 34.11 34.68
N GLU C 439 -38.98 34.85 35.15
CA GLU C 439 -38.59 36.11 34.53
C GLU C 439 -38.39 35.92 33.03
N ALA C 440 -37.52 34.99 32.67
CA ALA C 440 -37.17 34.78 31.27
C ALA C 440 -38.39 34.30 30.50
N GLY C 441 -39.25 33.54 31.18
CA GLY C 441 -40.48 33.06 30.56
C GLY C 441 -41.41 34.19 30.16
N LYS C 442 -41.27 35.34 30.82
CA LYS C 442 -42.11 36.50 30.54
C LYS C 442 -41.90 37.02 29.12
N TRP C 443 -40.65 36.99 28.64
CA TRP C 443 -40.35 37.48 27.31
C TRP C 443 -40.01 36.39 26.30
N SER C 444 -39.90 35.15 26.76
CA SER C 444 -39.73 34.03 25.85
C SER C 444 -40.94 33.10 25.88
N PRO C 445 -41.83 33.23 24.89
CA PRO C 445 -43.02 32.35 24.78
C PRO C 445 -42.66 30.87 24.73
N GLU C 446 -41.59 30.54 24.03
CA GLU C 446 -41.21 29.13 23.89
C GLU C 446 -40.65 28.56 25.17
N LEU C 447 -39.98 29.39 25.98
CA LEU C 447 -39.59 28.95 27.31
C LEU C 447 -40.81 28.81 28.22
N ALA C 448 -41.75 29.75 28.11
CA ALA C 448 -42.98 29.69 28.89
C ALA C 448 -43.75 28.40 28.61
N ALA C 449 -43.83 28.03 27.33
CA ALA C 449 -44.51 26.80 26.94
C ALA C 449 -43.86 25.56 27.58
N ALA C 450 -42.54 25.57 27.66
CA ALA C 450 -41.80 24.43 28.21
C ALA C 450 -41.95 24.37 29.73
N LEU C 451 -41.85 25.52 30.38
CA LEU C 451 -42.03 25.60 31.83
C LEU C 451 -43.40 25.06 32.24
N ASP C 452 -44.43 25.43 31.49
CA ASP C 452 -45.77 24.93 31.71
C ASP C 452 -45.85 23.42 31.57
N LEU C 453 -45.25 22.89 30.51
CA LEU C 453 -45.40 21.48 30.18
C LEU C 453 -44.81 20.57 31.28
N TRP C 454 -43.63 20.93 31.76
CA TRP C 454 -42.87 20.03 32.62
C TRP C 454 -42.78 20.49 34.07
N LYS C 455 -43.67 21.41 34.46
CA LYS C 455 -43.70 21.96 35.81
C LYS C 455 -43.73 20.89 36.90
N GLU C 456 -44.50 19.83 36.65
CA GLU C 456 -44.73 18.82 37.67
C GLU C 456 -43.71 17.69 37.72
N ILE C 457 -42.84 17.62 36.71
CA ILE C 457 -42.02 16.42 36.49
C ILE C 457 -40.73 16.40 37.29
N LYS C 458 -40.66 15.46 38.23
CA LYS C 458 -39.49 15.25 39.09
C LYS C 458 -39.14 13.77 39.09
N PHE C 459 -37.88 13.45 39.41
CA PHE C 459 -37.43 12.07 39.56
C PHE C 459 -36.73 11.95 40.90
N GLU C 460 -37.47 11.48 41.88
CA GLU C 460 -36.95 11.42 43.25
C GLU C 460 -37.18 10.02 43.81
N PHE C 461 -36.10 9.26 43.83
CA PHE C 461 -36.12 7.88 44.33
C PHE C 461 -34.89 7.65 45.19
N GLU C 462 -34.91 6.56 45.95
CA GLU C 462 -33.78 6.18 46.79
C GLU C 462 -32.58 5.77 45.95
N THR C 463 -31.44 6.35 46.30
CA THR C 463 -30.17 6.05 45.64
C THR C 463 -29.64 4.72 46.15
N MET C 464 -29.38 3.81 45.23
CA MET C 464 -28.80 2.50 45.56
C MET C 464 -27.31 2.62 45.83
N ASP C 465 -26.66 3.46 45.03
CA ASP C 465 -25.22 3.62 45.08
C ASP C 465 -24.83 4.67 46.11
N LYS C 466 -25.10 4.39 47.37
CA LYS C 466 -24.72 5.27 48.47
C LYS C 466 -23.25 5.05 48.82
N LEU C 467 -22.60 6.11 49.29
CA LEU C 467 -21.20 6.07 49.67
C LEU C 467 -20.88 5.09 50.80
N SER D 1 -50.69 25.05 19.52
CA SER D 1 -50.79 26.53 19.30
C SER D 1 -49.66 26.90 18.33
N MET D 2 -48.55 27.37 18.88
CA MET D 2 -47.24 27.27 18.24
C MET D 2 -46.90 28.28 17.17
N LYS D 3 -45.72 28.86 17.34
CA LYS D 3 -45.13 29.75 16.36
C LYS D 3 -43.97 29.03 15.72
N THR D 4 -43.78 29.28 14.44
CA THR D 4 -42.55 28.92 13.74
C THR D 4 -41.44 29.86 14.18
N LEU D 5 -40.35 29.29 14.70
CA LEU D 5 -39.22 30.07 15.15
C LEU D 5 -38.59 30.84 13.99
N PRO D 6 -38.38 32.15 14.17
CA PRO D 6 -37.73 32.97 13.14
C PRO D 6 -36.24 32.65 13.01
N LYS D 7 -35.70 33.04 11.86
CA LYS D 7 -34.27 32.95 11.61
C LYS D 7 -33.62 34.27 11.93
N GLU D 8 -32.65 34.23 12.82
CA GLU D 8 -31.90 35.40 13.23
C GLU D 8 -30.50 34.94 13.57
N ARG D 9 -29.49 35.63 13.04
CA ARG D 9 -28.12 35.32 13.39
C ARG D 9 -27.86 35.63 14.86
N ARG D 10 -27.08 34.76 15.49
CA ARG D 10 -26.71 34.94 16.88
C ARG D 10 -25.20 35.06 17.02
N PHE D 11 -24.75 35.33 18.24
CA PHE D 11 -23.38 35.77 18.48
C PHE D 11 -22.86 35.16 19.79
N GLU D 12 -23.17 33.89 19.98
CA GLU D 12 -22.77 33.12 21.14
C GLU D 12 -23.29 33.68 22.45
N THR D 13 -22.51 33.58 23.52
CA THR D 13 -23.04 33.73 24.87
C THR D 13 -23.75 35.06 25.13
N PHE D 14 -24.98 34.95 25.63
CA PHE D 14 -25.88 36.05 25.97
C PHE D 14 -26.66 36.61 24.78
N SER D 15 -26.43 36.06 23.59
CA SER D 15 -27.09 36.61 22.39
C SER D 15 -28.52 36.13 22.24
N TYR D 16 -28.97 35.27 23.15
CA TYR D 16 -30.37 34.89 23.19
C TYR D 16 -31.14 35.64 24.28
N LEU D 17 -30.45 36.48 25.03
CA LEU D 17 -31.12 37.35 25.98
C LEU D 17 -31.43 38.69 25.31
N PRO D 18 -32.37 39.45 25.86
CA PRO D 18 -32.49 40.87 25.55
C PRO D 18 -31.13 41.57 25.58
N PRO D 19 -30.88 42.49 24.65
CA PRO D 19 -29.63 43.25 24.63
C PRO D 19 -29.29 43.80 26.00
N LEU D 20 -28.04 43.61 26.39
CA LEU D 20 -27.62 43.94 27.75
C LEU D 20 -27.54 45.46 27.92
N SER D 21 -28.15 45.96 28.99
CA SER D 21 -27.98 47.36 29.35
C SER D 21 -26.54 47.57 29.78
N ASP D 22 -26.09 48.82 29.76
CA ASP D 22 -24.71 49.12 30.11
C ASP D 22 -24.43 48.79 31.57
N ARG D 23 -25.48 48.68 32.34
CA ARG D 23 -25.37 48.23 33.72
C ARG D 23 -25.28 46.71 33.83
N GLN D 24 -25.91 46.00 32.89
CA GLN D 24 -25.78 44.55 32.80
C GLN D 24 -24.40 44.16 32.29
N ILE D 25 -23.86 44.97 31.37
CA ILE D 25 -22.49 44.82 30.90
C ILE D 25 -21.48 45.02 32.02
N ALA D 26 -21.68 46.07 32.81
CA ALA D 26 -20.80 46.35 33.93
C ALA D 26 -20.81 45.24 34.97
N ALA D 27 -21.97 44.62 35.16
CA ALA D 27 -22.12 43.53 36.12
C ALA D 27 -21.29 42.31 35.71
N GLN D 28 -21.26 42.05 34.41
CA GLN D 28 -20.48 40.95 33.85
C GLN D 28 -18.99 41.23 33.98
N ILE D 29 -18.61 42.50 33.78
CA ILE D 29 -17.22 42.89 33.94
C ILE D 29 -16.80 42.85 35.40
N GLU D 30 -17.74 43.14 36.30
CA GLU D 30 -17.47 42.99 37.72
C GLU D 30 -17.20 41.53 38.08
N TYR D 31 -17.98 40.62 37.50
CA TYR D 31 -17.81 39.20 37.73
C TYR D 31 -16.41 38.76 37.30
N MET D 32 -15.99 39.18 36.11
CA MET D 32 -14.63 38.97 35.62
C MET D 32 -13.61 39.37 36.66
N ILE D 33 -13.63 40.64 37.05
CA ILE D 33 -12.64 41.22 37.94
C ILE D 33 -12.59 40.41 39.23
N GLU D 34 -13.77 40.11 39.78
CA GLU D 34 -13.87 39.39 41.03
C GLU D 34 -13.30 37.99 40.89
N GLN D 35 -13.49 37.40 39.72
CA GLN D 35 -13.06 36.05 39.45
C GLN D 35 -11.56 36.00 39.15
N GLY D 36 -10.96 37.16 38.91
CA GLY D 36 -9.54 37.22 38.63
C GLY D 36 -9.18 37.11 37.16
N PHE D 37 -10.17 37.15 36.28
CA PHE D 37 -9.93 37.07 34.85
C PHE D 37 -9.43 38.40 34.31
N HIS D 38 -8.64 38.35 33.25
CA HIS D 38 -8.13 39.55 32.62
C HIS D 38 -8.99 39.95 31.44
N PRO D 39 -9.49 41.20 31.44
CA PRO D 39 -10.36 41.65 30.36
C PRO D 39 -9.57 41.88 29.07
N LEU D 40 -10.20 41.52 27.96
CA LEU D 40 -9.60 41.73 26.66
C LEU D 40 -10.72 42.21 25.74
N ILE D 41 -10.43 43.26 24.98
CA ILE D 41 -11.38 43.79 24.01
C ILE D 41 -10.86 43.47 22.61
N GLU D 42 -11.71 42.87 21.80
CA GLU D 42 -11.37 42.53 20.43
C GLU D 42 -12.44 43.06 19.50
N PHE D 43 -12.07 43.27 18.24
CA PHE D 43 -13.03 43.70 17.24
C PHE D 43 -12.82 42.97 15.92
N ASN D 44 -13.89 42.85 15.15
CA ASN D 44 -13.85 42.18 13.88
C ASN D 44 -14.88 42.85 12.97
N GLU D 45 -14.56 42.95 11.69
CA GLU D 45 -15.49 43.47 10.71
C GLU D 45 -16.58 42.46 10.39
N HIS D 46 -16.36 41.20 10.74
CA HIS D 46 -17.34 40.15 10.46
C HIS D 46 -17.52 39.25 11.68
N SER D 47 -18.63 38.54 11.72
CA SER D 47 -18.86 37.54 12.76
C SER D 47 -19.03 36.17 12.14
N ASN D 48 -17.92 35.63 11.64
CA ASN D 48 -17.90 34.29 11.07
C ASN D 48 -17.41 33.30 12.09
N PRO D 49 -18.26 32.32 12.43
CA PRO D 49 -18.00 31.36 13.53
C PRO D 49 -16.77 30.47 13.28
N GLU D 50 -16.42 30.28 12.02
CA GLU D 50 -15.33 29.40 11.62
C GLU D 50 -13.97 30.03 11.86
N GLU D 51 -13.94 31.33 12.08
CA GLU D 51 -12.70 32.04 12.29
C GLU D 51 -12.30 32.09 13.76
N PHE D 52 -11.03 31.83 14.00
CA PHE D 52 -10.49 31.78 15.35
C PHE D 52 -10.18 33.17 15.88
N TYR D 53 -9.65 34.04 15.02
CA TYR D 53 -9.06 35.29 15.47
C TYR D 53 -9.80 36.57 15.10
N TRP D 54 -10.02 37.40 16.12
CA TRP D 54 -10.42 38.79 15.98
C TRP D 54 -9.17 39.64 16.23
N THR D 55 -9.26 40.94 15.97
CA THR D 55 -8.13 41.83 16.21
C THR D 55 -8.20 42.38 17.63
N MET D 56 -7.05 42.38 18.27
CA MET D 56 -6.91 42.82 19.64
C MET D 56 -6.93 44.35 19.70
N TRP D 57 -7.76 44.90 20.58
CA TRP D 57 -7.71 46.31 20.92
C TRP D 57 -6.64 46.54 21.97
N LYS D 58 -5.61 47.30 21.60
CA LYS D 58 -4.44 47.55 22.44
C LYS D 58 -3.85 46.24 22.99
N LEU D 59 -3.80 46.09 24.31
CA LEU D 59 -3.35 44.86 24.96
C LEU D 59 -4.38 44.52 26.03
N PRO D 60 -4.38 43.27 26.54
CA PRO D 60 -5.30 42.90 27.63
C PRO D 60 -5.08 43.77 28.87
N LEU D 61 -6.16 44.07 29.57
CA LEU D 61 -6.08 44.90 30.77
C LEU D 61 -5.69 44.01 31.94
N PHE D 62 -4.40 43.70 32.02
CA PHE D 62 -3.91 42.63 32.88
C PHE D 62 -4.11 42.83 34.38
N ALA D 63 -4.07 44.07 34.85
CA ALA D 63 -4.36 44.33 36.26
C ALA D 63 -5.56 45.26 36.36
N CYS D 64 -6.62 44.94 35.61
CA CYS D 64 -7.80 45.77 35.64
C CYS D 64 -8.52 45.61 36.97
N ALA D 65 -8.68 46.74 37.66
CA ALA D 65 -9.35 46.74 38.96
C ALA D 65 -10.74 47.36 38.82
N ALA D 66 -10.91 48.21 37.83
CA ALA D 66 -12.17 48.94 37.66
C ALA D 66 -12.90 48.45 36.42
N PRO D 67 -14.18 48.07 36.57
CA PRO D 67 -15.11 47.92 35.44
C PRO D 67 -15.16 49.13 34.52
N GLN D 68 -15.00 50.31 35.10
CA GLN D 68 -15.06 51.55 34.34
C GLN D 68 -13.90 51.63 33.36
N GLN D 69 -12.72 51.19 33.79
CA GLN D 69 -11.53 51.12 32.96
C GLN D 69 -11.80 50.30 31.70
N VAL D 70 -12.49 49.17 31.88
CA VAL D 70 -12.86 48.33 30.75
C VAL D 70 -13.89 49.05 29.86
N LEU D 71 -14.91 49.62 30.49
CA LEU D 71 -15.96 50.32 29.76
C LEU D 71 -15.44 51.52 28.96
N ASP D 72 -14.42 52.18 29.51
CA ASP D 72 -13.80 53.30 28.82
C ASP D 72 -13.09 52.86 27.56
N GLU D 73 -12.44 51.70 27.61
CA GLU D 73 -11.77 51.17 26.44
C GLU D 73 -12.77 50.70 25.40
N VAL D 74 -13.87 50.12 25.86
CA VAL D 74 -14.94 49.73 24.95
C VAL D 74 -15.50 50.95 24.22
N ARG D 75 -15.62 52.08 24.92
CA ARG D 75 -16.08 53.33 24.28
C ARG D 75 -15.05 53.81 23.26
N GLU D 76 -13.78 53.81 23.65
CA GLU D 76 -12.70 54.20 22.75
C GLU D 76 -12.69 53.35 21.49
N CYS D 77 -12.83 52.05 21.67
CA CYS D 77 -12.81 51.12 20.55
C CYS D 77 -13.95 51.40 19.58
N ARG D 78 -15.11 51.72 20.14
CA ARG D 78 -16.29 52.00 19.33
C ARG D 78 -16.17 53.25 18.47
N SER D 79 -15.54 54.30 19.01
CA SER D 79 -15.43 55.55 18.28
C SER D 79 -14.49 55.35 17.10
N GLU D 80 -13.54 54.43 17.28
CA GLU D 80 -12.57 54.12 16.26
C GLU D 80 -13.08 53.06 15.29
N TYR D 81 -13.90 52.12 15.78
CA TYR D 81 -14.33 50.96 14.99
C TYR D 81 -15.82 50.69 15.08
N GLY D 82 -16.64 51.70 14.83
CA GLY D 82 -18.07 51.56 14.99
C GLY D 82 -18.70 50.69 13.93
N ASP D 83 -17.97 50.46 12.85
CA ASP D 83 -18.40 49.58 11.78
C ASP D 83 -18.02 48.11 12.03
N CYS D 84 -17.52 47.81 13.22
CA CYS D 84 -17.07 46.47 13.57
C CYS D 84 -17.90 45.91 14.71
N TYR D 85 -17.92 44.58 14.83
CA TYR D 85 -18.36 43.92 16.05
C TYR D 85 -17.29 44.11 17.09
N ILE D 86 -17.69 44.32 18.32
CA ILE D 86 -16.75 44.47 19.42
C ILE D 86 -17.19 43.54 20.53
N ARG D 87 -16.25 42.77 21.06
CA ARG D 87 -16.55 41.73 22.04
C ARG D 87 -15.62 41.89 23.25
N VAL D 88 -16.20 41.71 24.44
CA VAL D 88 -15.41 41.71 25.67
C VAL D 88 -15.18 40.27 26.07
N ALA D 89 -13.93 39.95 26.38
CA ALA D 89 -13.55 38.60 26.80
C ALA D 89 -12.81 38.67 28.11
N GLY D 90 -12.95 37.63 28.92
CA GLY D 90 -12.13 37.49 30.10
C GLY D 90 -11.21 36.30 29.91
N PHE D 91 -9.97 36.41 30.37
CA PHE D 91 -9.01 35.35 30.18
C PHE D 91 -8.49 34.82 31.51
N ASP D 92 -8.62 33.52 31.70
CA ASP D 92 -8.02 32.82 32.83
C ASP D 92 -6.64 32.34 32.41
N ASN D 93 -5.59 32.89 33.03
CA ASN D 93 -4.22 32.56 32.64
C ASN D 93 -3.69 31.29 33.31
N ILE D 94 -4.40 30.80 34.32
CA ILE D 94 -3.98 29.61 35.02
C ILE D 94 -4.44 28.36 34.29
N LYS D 95 -5.70 28.36 33.89
CA LYS D 95 -6.22 27.34 32.99
C LYS D 95 -5.89 27.68 31.54
N GLU D 96 -5.39 28.89 31.32
CA GLU D 96 -5.14 29.42 30.00
C GLU D 96 -6.30 29.19 29.02
N CYS D 97 -7.47 29.69 29.41
CA CYS D 97 -8.61 29.66 28.54
C CYS D 97 -9.47 30.91 28.72
N GLN D 98 -10.20 31.25 27.67
CA GLN D 98 -11.12 32.39 27.69
C GLN D 98 -12.36 31.97 28.45
N THR D 99 -12.75 32.75 29.45
CA THR D 99 -13.77 32.35 30.40
C THR D 99 -15.08 33.07 30.17
N SER D 100 -14.98 34.32 29.71
CA SER D 100 -16.13 35.13 29.38
C SER D 100 -15.95 35.63 27.97
N SER D 101 -17.06 35.91 27.30
CA SER D 101 -17.02 36.38 25.94
C SER D 101 -18.44 36.75 25.54
N PHE D 102 -18.66 38.03 25.27
CA PHE D 102 -19.94 38.49 24.77
C PHE D 102 -19.79 39.76 23.94
N ILE D 103 -20.61 39.87 22.91
CA ILE D 103 -20.60 41.01 22.00
C ILE D 103 -21.19 42.22 22.71
N VAL D 104 -20.45 43.33 22.72
CA VAL D 104 -20.94 44.57 23.31
C VAL D 104 -21.29 45.61 22.26
N HIS D 105 -20.89 45.38 21.01
CA HIS D 105 -21.24 46.28 19.94
C HIS D 105 -21.37 45.56 18.61
N ARG D 106 -22.46 45.83 17.91
CA ARG D 106 -22.63 45.36 16.53
C ARG D 106 -22.61 46.56 15.60
N PRO D 107 -22.10 46.36 14.38
CA PRO D 107 -21.88 47.48 13.47
C PRO D 107 -23.18 48.12 12.99
N GLY D 108 -23.07 49.34 12.48
CA GLY D 108 -24.22 50.02 11.92
C GLY D 108 -24.96 49.20 10.86
N ARG D 109 -26.08 48.62 11.28
CA ARG D 109 -26.88 47.66 10.51
C ARG D 109 -26.11 46.61 9.71
N SER E 1 -25.32 13.03 -48.26
CA SER E 1 -24.77 13.67 -47.02
C SER E 1 -25.59 13.11 -45.88
N ALA E 2 -25.58 13.82 -44.75
CA ALA E 2 -26.58 13.52 -43.72
C ALA E 2 -27.91 13.81 -44.43
N ALA E 3 -28.74 12.78 -44.53
CA ALA E 3 -29.72 12.72 -45.59
C ALA E 3 -31.05 13.34 -45.23
N GLY E 4 -31.04 14.28 -44.30
CA GLY E 4 -32.27 14.84 -43.80
C GLY E 4 -32.83 13.98 -42.68
N TYR E 5 -33.29 14.64 -41.62
CA TYR E 5 -33.93 13.93 -40.53
C TYR E 5 -35.44 13.92 -40.80
N LYS E 6 -35.98 12.73 -41.02
CA LYS E 6 -37.42 12.53 -41.02
C LYS E 6 -37.77 11.66 -39.81
N ALA E 7 -38.43 12.27 -38.83
CA ALA E 7 -38.84 11.55 -37.65
C ALA E 7 -39.88 10.49 -38.01
N GLY E 8 -39.98 9.46 -37.19
CA GLY E 8 -41.03 8.48 -37.38
C GLY E 8 -40.50 7.07 -37.50
N VAL E 9 -41.42 6.11 -37.41
CA VAL E 9 -41.07 4.71 -37.48
C VAL E 9 -40.92 4.23 -38.91
N LYS E 10 -39.76 3.64 -39.18
CA LYS E 10 -39.49 2.93 -40.43
C LYS E 10 -39.28 1.45 -40.12
N ASP E 11 -39.43 0.64 -41.16
CA ASP E 11 -39.03 -0.77 -41.13
C ASP E 11 -37.53 -0.88 -40.91
N TYR E 12 -37.14 -1.82 -40.07
CA TYR E 12 -35.73 -2.08 -39.82
C TYR E 12 -35.02 -2.49 -41.11
N LYS E 13 -35.72 -3.23 -41.96
CA LYS E 13 -35.07 -3.83 -43.12
C LYS E 13 -34.64 -2.81 -44.16
N LEU E 14 -35.15 -1.58 -44.03
CA LEU E 14 -34.72 -0.51 -44.92
C LEU E 14 -33.27 -0.12 -44.66
N THR E 15 -32.83 -0.29 -43.42
CA THR E 15 -31.47 0.10 -43.04
C THR E 15 -30.57 -1.12 -42.81
N TYR E 16 -31.14 -2.20 -42.28
CA TYR E 16 -30.34 -3.26 -41.67
C TYR E 16 -30.33 -4.59 -42.39
N TYR E 17 -31.16 -4.72 -43.43
CA TYR E 17 -31.13 -5.91 -44.27
C TYR E 17 -30.32 -5.60 -45.51
N THR E 18 -29.17 -6.26 -45.63
CA THR E 18 -28.20 -5.92 -46.65
C THR E 18 -27.73 -7.17 -47.38
N PRO E 19 -28.62 -7.78 -48.18
CA PRO E 19 -28.35 -9.12 -48.75
C PRO E 19 -27.16 -9.11 -49.72
N ASP E 20 -26.74 -7.91 -50.12
CA ASP E 20 -25.61 -7.80 -51.04
C ASP E 20 -24.30 -7.51 -50.32
N TYR E 21 -24.32 -7.55 -48.99
CA TYR E 21 -23.12 -7.29 -48.21
C TYR E 21 -22.21 -8.51 -48.17
N THR E 22 -20.93 -8.27 -48.42
CA THR E 22 -19.91 -9.31 -48.28
C THR E 22 -19.05 -9.02 -47.04
N PRO E 23 -19.10 -9.92 -46.05
CA PRO E 23 -18.42 -9.71 -44.76
C PRO E 23 -16.93 -9.53 -44.92
N LYS E 24 -16.38 -8.60 -44.16
CA LYS E 24 -14.94 -8.42 -44.07
C LYS E 24 -14.35 -9.41 -43.07
N ASP E 25 -13.04 -9.60 -43.15
CA ASP E 25 -12.37 -10.53 -42.26
C ASP E 25 -12.23 -10.00 -40.85
N THR E 26 -12.51 -8.71 -40.70
CA THR E 26 -12.52 -8.10 -39.37
C THR E 26 -13.91 -8.05 -38.78
N ASP E 27 -14.93 -8.41 -39.56
CA ASP E 27 -16.30 -8.46 -39.06
C ASP E 27 -16.48 -9.64 -38.10
N LEU E 28 -17.27 -9.42 -37.05
CA LEU E 28 -17.76 -10.48 -36.18
C LEU E 28 -19.05 -10.96 -36.83
N LEU E 29 -19.16 -12.25 -37.10
CA LEU E 29 -20.35 -12.81 -37.73
C LEU E 29 -21.14 -13.62 -36.72
N ALA E 30 -22.47 -13.55 -36.80
CA ALA E 30 -23.32 -14.34 -35.92
C ALA E 30 -24.37 -15.08 -36.72
N ALA E 31 -24.63 -16.33 -36.34
CA ALA E 31 -25.69 -17.11 -36.96
C ALA E 31 -26.81 -17.33 -35.96
N PHE E 32 -27.98 -16.78 -36.25
CA PHE E 32 -29.14 -16.93 -35.39
C PHE E 32 -30.15 -17.84 -36.06
N ARG E 33 -30.85 -18.63 -35.26
CA ARG E 33 -31.97 -19.43 -35.72
C ARG E 33 -33.22 -18.77 -35.10
N PHE E 34 -34.18 -18.36 -35.92
CA PHE E 34 -35.35 -17.64 -35.39
C PHE E 34 -36.68 -18.06 -36.03
N SER E 35 -37.75 -17.85 -35.28
CA SER E 35 -39.10 -17.96 -35.82
C SER E 35 -39.79 -16.63 -35.59
N PRO E 36 -40.20 -15.95 -36.68
CA PRO E 36 -40.96 -14.71 -36.54
C PRO E 36 -42.40 -14.95 -36.11
N GLN E 37 -42.99 -13.96 -35.44
CA GLN E 37 -44.40 -13.99 -35.15
C GLN E 37 -45.17 -13.98 -36.47
N PRO E 38 -46.35 -14.61 -36.50
CA PRO E 38 -47.22 -14.51 -37.68
C PRO E 38 -47.41 -13.06 -38.13
N GLY E 39 -47.12 -12.83 -39.41
CA GLY E 39 -47.31 -11.49 -39.97
C GLY E 39 -46.02 -10.69 -40.03
N VAL E 40 -44.97 -11.19 -39.38
CA VAL E 40 -43.68 -10.53 -39.45
C VAL E 40 -42.82 -11.27 -40.47
N PRO E 41 -42.49 -10.62 -41.58
CA PRO E 41 -41.63 -11.23 -42.60
C PRO E 41 -40.22 -11.52 -42.09
N ALA E 42 -39.63 -12.58 -42.61
CA ALA E 42 -38.32 -13.06 -42.15
C ALA E 42 -37.22 -12.01 -42.29
N ASP E 43 -37.26 -11.25 -43.38
CA ASP E 43 -36.21 -10.25 -43.59
C ASP E 43 -36.34 -9.05 -42.66
N GLU E 44 -37.56 -8.74 -42.25
CA GLU E 44 -37.77 -7.68 -41.29
C GLU E 44 -37.35 -8.15 -39.91
N ALA E 45 -37.67 -9.41 -39.59
CA ALA E 45 -37.26 -10.00 -38.31
C ALA E 45 -35.73 -10.10 -38.22
N GLY E 46 -35.10 -10.52 -39.30
CA GLY E 46 -33.64 -10.58 -39.34
C GLY E 46 -33.00 -9.21 -39.21
N ALA E 47 -33.61 -8.23 -39.86
CA ALA E 47 -33.15 -6.85 -39.79
C ALA E 47 -33.33 -6.26 -38.38
N ALA E 48 -34.43 -6.62 -37.71
CA ALA E 48 -34.69 -6.17 -36.35
C ALA E 48 -33.63 -6.69 -35.38
N ILE E 49 -33.24 -7.95 -35.58
CA ILE E 49 -32.18 -8.57 -34.78
C ILE E 49 -30.86 -7.84 -34.99
N ALA E 50 -30.51 -7.59 -36.25
CA ALA E 50 -29.30 -6.84 -36.58
C ALA E 50 -29.32 -5.43 -36.01
N ALA E 51 -30.48 -4.77 -36.08
CA ALA E 51 -30.62 -3.39 -35.63
C ALA E 51 -30.43 -3.26 -34.14
N GLU E 52 -31.19 -4.05 -33.38
CA GLU E 52 -31.26 -3.88 -31.94
C GLU E 52 -30.13 -4.57 -31.19
N SER E 53 -29.20 -5.17 -31.94
CA SER E 53 -27.98 -5.70 -31.35
C SER E 53 -26.76 -4.91 -31.79
N SER E 54 -26.98 -3.79 -32.47
CA SER E 54 -25.87 -2.94 -32.91
C SER E 54 -26.12 -1.45 -32.65
N THR E 55 -26.93 -0.80 -33.48
CA THR E 55 -27.02 0.66 -33.48
C THR E 55 -28.45 1.20 -33.39
N GLY E 56 -29.43 0.34 -33.63
CA GLY E 56 -30.78 0.82 -33.89
C GLY E 56 -31.78 0.73 -32.76
N THR E 57 -32.85 1.53 -32.87
CA THR E 57 -34.00 1.39 -32.00
C THR E 57 -35.29 1.51 -32.84
N TRP E 58 -36.43 1.63 -32.16
CA TRP E 58 -37.74 1.40 -32.76
C TRP E 58 -38.25 2.55 -33.64
N THR E 59 -37.66 3.72 -33.48
CA THR E 59 -38.05 4.89 -34.25
C THR E 59 -36.80 5.64 -34.70
N THR E 60 -36.94 6.47 -35.72
CA THR E 60 -35.83 7.23 -36.28
C THR E 60 -35.40 8.37 -35.36
N VAL E 61 -34.09 8.43 -35.10
CA VAL E 61 -33.51 9.46 -34.24
C VAL E 61 -32.54 10.30 -35.06
N TRP E 62 -32.47 11.59 -34.77
CA TRP E 62 -31.66 12.52 -35.57
C TRP E 62 -30.17 12.34 -35.36
N THR E 63 -29.80 11.77 -34.23
CA THR E 63 -28.40 11.64 -33.83
C THR E 63 -27.60 10.72 -34.75
N ASP E 64 -28.29 9.83 -35.47
CA ASP E 64 -27.66 8.98 -36.48
C ASP E 64 -26.81 9.81 -37.43
N LEU E 65 -27.30 11.02 -37.73
CA LEU E 65 -26.72 11.85 -38.78
C LEU E 65 -25.47 12.59 -38.29
N LEU E 66 -25.17 12.48 -37.00
CA LEU E 66 -23.93 13.02 -36.44
C LEU E 66 -22.74 12.10 -36.70
N THR E 67 -23.02 10.85 -37.07
CA THR E 67 -21.98 9.87 -37.28
C THR E 67 -22.24 9.14 -38.59
N ASP E 68 -21.44 8.11 -38.85
CA ASP E 68 -21.47 7.40 -40.12
C ASP E 68 -22.10 6.03 -39.89
N MET E 69 -23.43 5.97 -40.02
CA MET E 69 -24.17 4.77 -39.68
C MET E 69 -23.77 3.55 -40.50
N ASP E 70 -23.38 3.79 -41.74
CA ASP E 70 -22.94 2.71 -42.61
C ASP E 70 -21.72 1.99 -42.05
N ARG E 71 -20.85 2.73 -41.36
CA ARG E 71 -19.65 2.17 -40.77
C ARG E 71 -19.96 1.32 -39.53
N TYR E 72 -21.04 1.64 -38.84
CA TYR E 72 -21.26 1.06 -37.52
C TYR E 72 -22.38 0.04 -37.43
N LYS E 73 -23.33 0.07 -38.36
CA LYS E 73 -24.54 -0.74 -38.22
C LYS E 73 -24.29 -2.24 -38.42
N GLY E 74 -25.03 -3.06 -37.66
CA GLY E 74 -25.06 -4.48 -37.92
C GLY E 74 -25.79 -4.74 -39.22
N LYS E 75 -25.39 -5.78 -39.93
CA LYS E 75 -25.87 -5.99 -41.29
C LYS E 75 -26.34 -7.43 -41.46
N CYS E 76 -27.65 -7.62 -41.51
CA CYS E 76 -28.19 -8.94 -41.82
C CYS E 76 -28.00 -9.19 -43.31
N TYR E 77 -27.01 -10.01 -43.65
CA TYR E 77 -26.60 -10.13 -45.03
C TYR E 77 -27.08 -11.42 -45.68
N HIS E 78 -27.65 -12.32 -44.88
CA HIS E 78 -28.18 -13.55 -45.42
C HIS E 78 -29.24 -14.16 -44.53
N ILE E 79 -30.32 -14.63 -45.15
CA ILE E 79 -31.36 -15.37 -44.45
C ILE E 79 -31.64 -16.64 -45.25
N GLU E 80 -31.80 -17.76 -44.57
CA GLU E 80 -32.16 -19.00 -45.23
C GLU E 80 -33.13 -19.78 -44.36
N PRO E 81 -34.17 -20.35 -44.97
CA PRO E 81 -35.08 -21.22 -44.23
C PRO E 81 -34.40 -22.48 -43.73
N VAL E 82 -34.77 -22.91 -42.52
CA VAL E 82 -34.28 -24.16 -41.98
C VAL E 82 -35.02 -25.29 -42.68
N ALA E 83 -34.24 -26.11 -43.39
CA ALA E 83 -34.80 -27.18 -44.21
C ALA E 83 -35.67 -28.13 -43.39
N GLY E 84 -36.91 -28.26 -43.82
CA GLY E 84 -37.80 -29.24 -43.23
C GLY E 84 -38.59 -28.73 -42.05
N GLU E 85 -38.45 -27.45 -41.72
CA GLU E 85 -39.10 -26.90 -40.55
C GLU E 85 -39.88 -25.65 -40.89
N GLU E 86 -41.13 -25.62 -40.46
CA GLU E 86 -42.01 -24.49 -40.77
C GLU E 86 -41.64 -23.25 -39.94
N ASN E 87 -41.58 -22.11 -40.60
CA ASN E 87 -41.40 -20.82 -39.94
C ASN E 87 -40.13 -20.75 -39.08
N SER E 88 -39.04 -21.31 -39.59
CA SER E 88 -37.77 -21.26 -38.89
C SER E 88 -36.71 -20.87 -39.92
N TYR E 89 -35.86 -19.91 -39.56
CA TYR E 89 -34.85 -19.40 -40.48
C TYR E 89 -33.51 -19.24 -39.77
N PHE E 90 -32.43 -19.24 -40.56
CA PHE E 90 -31.13 -18.77 -40.10
C PHE E 90 -30.90 -17.37 -40.64
N ALA E 91 -30.53 -16.45 -39.75
CA ALA E 91 -30.07 -15.12 -40.16
C ALA E 91 -28.58 -15.04 -39.87
N PHE E 92 -27.82 -14.57 -40.85
CA PHE E 92 -26.40 -14.34 -40.67
C PHE E 92 -26.18 -12.84 -40.64
N ILE E 93 -25.54 -12.36 -39.58
CA ILE E 93 -25.40 -10.93 -39.34
C ILE E 93 -23.94 -10.58 -39.13
N ALA E 94 -23.48 -9.53 -39.81
CA ALA E 94 -22.11 -9.05 -39.68
C ALA E 94 -22.05 -7.80 -38.80
N TYR E 95 -21.12 -7.78 -37.85
CA TYR E 95 -20.93 -6.65 -36.96
C TYR E 95 -19.52 -6.13 -37.15
N PRO E 96 -19.37 -4.81 -37.37
CA PRO E 96 -18.04 -4.21 -37.48
C PRO E 96 -17.19 -4.42 -36.24
N LEU E 97 -15.88 -4.56 -36.45
CA LEU E 97 -14.91 -4.71 -35.38
C LEU E 97 -15.00 -3.59 -34.35
N ASP E 98 -15.39 -2.40 -34.81
CA ASP E 98 -15.40 -1.20 -33.99
C ASP E 98 -16.42 -1.24 -32.86
N LEU E 99 -17.40 -2.14 -32.96
CA LEU E 99 -18.50 -2.18 -32.01
C LEU E 99 -18.13 -2.77 -30.66
N PHE E 100 -16.96 -3.41 -30.57
CA PHE E 100 -16.66 -4.26 -29.43
C PHE E 100 -15.50 -3.75 -28.59
N GLU E 101 -15.64 -3.85 -27.27
CA GLU E 101 -14.52 -3.56 -26.40
C GLU E 101 -13.50 -4.68 -26.47
N GLU E 102 -12.25 -4.30 -26.68
CA GLU E 102 -11.15 -5.25 -26.77
C GLU E 102 -11.05 -6.07 -25.48
N GLY E 103 -10.92 -7.38 -25.65
CA GLY E 103 -10.67 -8.25 -24.51
C GLY E 103 -11.87 -8.46 -23.61
N SER E 104 -13.06 -8.13 -24.08
CA SER E 104 -14.26 -8.22 -23.27
C SER E 104 -15.33 -9.14 -23.88
N VAL E 105 -15.41 -10.35 -23.35
CA VAL E 105 -16.49 -11.27 -23.70
C VAL E 105 -17.83 -10.72 -23.19
N THR E 106 -17.80 -10.07 -22.03
CA THR E 106 -18.98 -9.43 -21.44
C THR E 106 -19.63 -8.44 -22.42
N ASN E 107 -18.82 -7.60 -23.05
CA ASN E 107 -19.32 -6.61 -24.00
C ASN E 107 -19.86 -7.26 -25.27
N ILE E 108 -19.14 -8.24 -25.79
CA ILE E 108 -19.56 -8.95 -26.99
C ILE E 108 -20.94 -9.56 -26.81
N LEU E 109 -21.14 -10.27 -25.70
CA LEU E 109 -22.42 -10.89 -25.39
C LEU E 109 -23.52 -9.86 -25.18
N THR E 110 -23.18 -8.74 -24.55
CA THR E 110 -24.16 -7.68 -24.28
C THR E 110 -24.78 -7.14 -25.57
N SER E 111 -23.99 -7.03 -26.63
CA SER E 111 -24.52 -6.63 -27.93
C SER E 111 -25.30 -7.77 -28.58
N ILE E 112 -24.65 -8.92 -28.77
CA ILE E 112 -25.20 -9.98 -29.59
C ILE E 112 -26.44 -10.61 -28.97
N VAL E 113 -26.46 -10.78 -27.66
CA VAL E 113 -27.58 -11.44 -26.98
C VAL E 113 -28.22 -10.59 -25.88
N GLY E 114 -27.94 -9.29 -25.89
CA GLY E 114 -28.44 -8.41 -24.83
C GLY E 114 -29.95 -8.23 -24.76
N ASN E 115 -30.56 -7.78 -25.86
CA ASN E 115 -31.98 -7.44 -25.84
C ASN E 115 -32.84 -8.20 -26.84
N VAL E 116 -32.24 -8.74 -27.90
CA VAL E 116 -33.01 -9.22 -29.05
C VAL E 116 -33.84 -10.48 -28.82
N PHE E 117 -33.49 -11.26 -27.80
CA PHE E 117 -34.18 -12.51 -27.51
C PHE E 117 -35.59 -12.30 -26.94
N GLY E 118 -35.86 -11.08 -26.46
CA GLY E 118 -37.15 -10.79 -25.85
C GLY E 118 -38.08 -9.98 -26.73
N PHE E 119 -37.65 -9.72 -27.95
CA PHE E 119 -38.41 -8.94 -28.91
C PHE E 119 -39.76 -9.59 -29.19
N LYS E 120 -40.83 -8.82 -29.02
CA LYS E 120 -42.19 -9.30 -29.24
C LYS E 120 -42.40 -9.92 -30.62
N ALA E 121 -41.79 -9.33 -31.63
CA ALA E 121 -42.02 -9.72 -33.02
C ALA E 121 -41.39 -11.07 -33.37
N ILE E 122 -40.59 -11.61 -32.44
CA ILE E 122 -39.88 -12.87 -32.63
C ILE E 122 -40.41 -13.86 -31.60
N ARG E 123 -40.74 -15.07 -32.04
CA ARG E 123 -41.24 -16.10 -31.14
C ARG E 123 -40.13 -16.75 -30.34
N SER E 124 -39.04 -17.07 -31.03
CA SER E 124 -37.92 -17.76 -30.42
C SER E 124 -36.65 -17.39 -31.17
N LEU E 125 -35.53 -17.39 -30.48
CA LEU E 125 -34.26 -17.00 -31.06
C LEU E 125 -33.18 -17.83 -30.38
N ARG E 126 -32.28 -18.38 -31.19
CA ARG E 126 -31.16 -19.15 -30.66
C ARG E 126 -29.88 -18.81 -31.41
N LEU E 127 -28.87 -18.36 -30.68
CA LEU E 127 -27.57 -18.07 -31.27
C LEU E 127 -26.80 -19.38 -31.44
N GLU E 128 -26.45 -19.68 -32.70
CA GLU E 128 -25.85 -20.96 -33.04
C GLU E 128 -24.32 -20.90 -33.07
N ASP E 129 -23.78 -19.79 -33.56
CA ASP E 129 -22.34 -19.67 -33.75
C ASP E 129 -21.96 -18.19 -33.90
N ILE E 130 -20.72 -17.88 -33.54
CA ILE E 130 -20.13 -16.56 -33.77
C ILE E 130 -18.77 -16.78 -34.41
N ARG E 131 -18.50 -16.12 -35.52
CA ARG E 131 -17.12 -16.09 -35.97
C ARG E 131 -16.38 -14.91 -35.35
N PHE E 132 -15.44 -15.21 -34.47
CA PHE E 132 -14.59 -14.17 -33.88
C PHE E 132 -13.47 -13.87 -34.84
N PRO E 133 -13.38 -12.63 -35.33
CA PRO E 133 -12.28 -12.25 -36.21
C PRO E 133 -10.94 -12.33 -35.49
N VAL E 134 -9.90 -12.65 -36.23
CA VAL E 134 -8.56 -12.82 -35.68
C VAL E 134 -8.06 -11.55 -34.98
N ALA E 135 -8.45 -10.39 -35.52
CA ALA E 135 -8.04 -9.11 -34.94
C ALA E 135 -8.65 -8.90 -33.57
N LEU E 136 -9.82 -9.48 -33.34
CA LEU E 136 -10.45 -9.42 -32.02
C LEU E 136 -9.90 -10.52 -31.09
N VAL E 137 -9.65 -11.69 -31.65
CA VAL E 137 -9.12 -12.81 -30.87
C VAL E 137 -7.79 -12.40 -30.21
N LYS E 138 -7.01 -11.59 -30.92
CA LYS E 138 -5.71 -11.17 -30.42
C LYS E 138 -5.76 -10.15 -29.27
N THR E 139 -6.94 -9.61 -28.99
CA THR E 139 -7.09 -8.68 -27.86
C THR E 139 -7.34 -9.42 -26.55
N PHE E 140 -7.48 -10.73 -26.63
CA PHE E 140 -7.72 -11.59 -25.47
C PHE E 140 -6.46 -12.35 -25.06
N GLN E 141 -6.34 -12.65 -23.77
CA GLN E 141 -5.27 -13.51 -23.26
C GLN E 141 -5.52 -14.96 -23.65
N GLY E 142 -6.75 -15.42 -23.46
CA GLY E 142 -7.06 -16.81 -23.69
C GLY E 142 -6.64 -17.66 -22.51
N PRO E 143 -6.49 -18.97 -22.70
CA PRO E 143 -6.06 -19.88 -21.62
C PRO E 143 -4.81 -19.39 -20.92
N PRO E 144 -4.79 -19.42 -19.58
CA PRO E 144 -3.57 -19.09 -18.83
C PRO E 144 -2.35 -19.91 -19.31
N HIS E 145 -2.59 -21.18 -19.65
CA HIS E 145 -1.52 -22.08 -20.08
C HIS E 145 -1.87 -22.84 -21.35
N GLY E 146 -2.98 -23.57 -21.32
CA GLY E 146 -3.39 -24.34 -22.48
C GLY E 146 -2.79 -25.73 -22.46
N ILE E 147 -3.22 -26.57 -23.41
CA ILE E 147 -2.93 -28.00 -23.39
C ILE E 147 -1.44 -28.38 -23.28
N GLN E 148 -0.60 -27.89 -24.18
CA GLN E 148 0.78 -28.36 -24.22
C GLN E 148 1.59 -27.89 -23.00
N VAL E 149 1.36 -26.65 -22.56
CA VAL E 149 2.06 -26.14 -21.39
C VAL E 149 1.60 -26.89 -20.15
N GLU E 150 0.32 -27.25 -20.08
CA GLU E 150 -0.17 -28.02 -18.95
C GLU E 150 0.45 -29.42 -18.86
N ARG E 151 0.56 -30.14 -19.98
CA ARG E 151 1.18 -31.46 -19.98
C ARG E 151 2.63 -31.33 -19.52
N ASP E 152 3.30 -30.28 -19.96
CA ASP E 152 4.70 -30.04 -19.59
C ASP E 152 4.88 -29.71 -18.12
N LEU E 153 3.95 -28.95 -17.55
CA LEU E 153 4.00 -28.62 -16.12
C LEU E 153 3.75 -29.85 -15.25
N LEU E 154 2.88 -30.73 -15.71
CA LEU E 154 2.44 -31.85 -14.88
C LEU E 154 3.19 -33.15 -15.18
N ASN E 155 4.01 -33.15 -16.22
CA ASN E 155 4.74 -34.35 -16.65
C ASN E 155 3.78 -35.46 -17.00
N LYS E 156 2.69 -35.11 -17.66
CA LYS E 156 1.63 -36.03 -18.00
C LYS E 156 1.56 -36.14 -19.52
N TYR E 157 2.04 -37.26 -20.07
CA TYR E 157 2.09 -37.45 -21.52
C TYR E 157 1.55 -38.83 -21.89
N GLY E 158 0.92 -38.92 -23.07
CA GLY E 158 0.70 -40.21 -23.67
C GLY E 158 -0.67 -40.82 -23.49
N ARG E 159 -1.54 -40.16 -22.74
CA ARG E 159 -2.90 -40.65 -22.56
C ARG E 159 -3.80 -39.59 -21.93
N PRO E 160 -5.14 -39.80 -21.97
CA PRO E 160 -6.04 -38.93 -21.21
C PRO E 160 -5.69 -38.88 -19.73
N MET E 161 -5.96 -37.73 -19.10
CA MET E 161 -5.82 -37.63 -17.66
C MET E 161 -7.12 -38.03 -16.99
N LEU E 162 -7.03 -38.43 -15.72
CA LEU E 162 -8.18 -38.96 -15.00
C LEU E 162 -8.48 -38.12 -13.78
N GLY E 163 -9.76 -37.82 -13.61
CA GLY E 163 -10.19 -37.06 -12.45
C GLY E 163 -11.37 -37.71 -11.76
N CYS E 164 -11.93 -37.00 -10.79
CA CYS E 164 -12.95 -37.56 -9.93
C CYS E 164 -13.53 -36.47 -9.04
N THR E 165 -14.84 -36.29 -9.10
CA THR E 165 -15.53 -35.40 -8.18
C THR E 165 -15.84 -36.15 -6.88
N ILE E 166 -15.48 -35.55 -5.75
CA ILE E 166 -15.81 -36.10 -4.44
C ILE E 166 -17.32 -36.04 -4.19
N LYS E 167 -17.85 -37.10 -3.59
CA LYS E 167 -19.26 -37.19 -3.24
C LYS E 167 -19.38 -37.64 -1.78
N PRO E 168 -20.52 -37.34 -1.11
CA PRO E 168 -21.66 -36.56 -1.57
C PRO E 168 -21.32 -35.13 -1.96
N LYS E 169 -22.14 -34.53 -2.80
CA LYS E 169 -21.89 -33.17 -3.31
C LYS E 169 -21.60 -32.23 -2.16
N LEU E 170 -22.46 -32.27 -1.15
CA LEU E 170 -22.37 -31.41 0.02
C LEU E 170 -22.57 -32.28 1.25
N GLY E 171 -22.00 -31.88 2.38
CA GLY E 171 -22.26 -32.59 3.62
C GLY E 171 -21.03 -33.10 4.35
N LEU E 172 -19.93 -33.29 3.62
CA LEU E 172 -18.68 -33.77 4.22
C LEU E 172 -17.89 -32.65 4.86
N SER E 173 -17.30 -32.95 6.01
CA SER E 173 -16.40 -32.03 6.68
C SER E 173 -15.10 -31.91 5.89
N ALA E 174 -14.28 -30.92 6.23
CA ALA E 174 -13.01 -30.70 5.55
C ALA E 174 -12.08 -31.91 5.65
N LYS E 175 -11.98 -32.47 6.85
CA LYS E 175 -11.11 -33.62 7.11
C LYS E 175 -11.58 -34.85 6.34
N ASN E 176 -12.89 -35.10 6.31
CA ASN E 176 -13.43 -36.24 5.56
C ASN E 176 -13.29 -36.00 4.07
N TYR E 177 -13.29 -34.74 3.66
CA TYR E 177 -13.06 -34.40 2.26
C TYR E 177 -11.64 -34.77 1.83
N GLY E 178 -10.66 -34.35 2.62
CA GLY E 178 -9.29 -34.68 2.33
C GLY E 178 -9.01 -36.18 2.39
N ARG E 179 -9.71 -36.87 3.29
CA ARG E 179 -9.63 -38.33 3.38
C ARG E 179 -10.02 -38.97 2.07
N ALA E 180 -11.19 -38.61 1.54
CA ALA E 180 -11.68 -39.15 0.29
C ALA E 180 -10.73 -38.82 -0.85
N VAL E 181 -10.17 -37.62 -0.81
CA VAL E 181 -9.21 -37.16 -1.83
C VAL E 181 -7.93 -38.00 -1.81
N TYR E 182 -7.36 -38.18 -0.62
CA TYR E 182 -6.13 -38.97 -0.48
C TYR E 182 -6.32 -40.37 -1.05
N GLU E 183 -7.41 -41.01 -0.66
CA GLU E 183 -7.66 -42.38 -1.09
C GLU E 183 -7.90 -42.50 -2.60
N CYS E 184 -8.55 -41.50 -3.19
CA CYS E 184 -8.72 -41.47 -4.64
C CYS E 184 -7.39 -41.30 -5.36
N LEU E 185 -6.61 -40.31 -4.94
CA LEU E 185 -5.36 -39.98 -5.63
C LEU E 185 -4.31 -41.09 -5.49
N ARG E 186 -4.24 -41.72 -4.32
CA ARG E 186 -3.26 -42.78 -4.07
C ARG E 186 -3.53 -43.98 -4.98
N GLY E 187 -4.77 -44.09 -5.45
CA GLY E 187 -5.17 -45.22 -6.25
C GLY E 187 -4.90 -45.11 -7.73
N GLY E 188 -4.46 -43.94 -8.21
CA GLY E 188 -4.08 -43.83 -9.60
C GLY E 188 -4.73 -42.73 -10.42
N LEU E 189 -5.65 -41.97 -9.82
CA LEU E 189 -6.23 -40.82 -10.50
C LEU E 189 -5.26 -39.64 -10.48
N ASP E 190 -5.25 -38.86 -11.54
CA ASP E 190 -4.38 -37.69 -11.61
C ASP E 190 -4.95 -36.54 -10.78
N PHE E 191 -6.27 -36.39 -10.81
CA PHE E 191 -6.94 -35.27 -10.17
C PHE E 191 -8.13 -35.74 -9.37
N THR E 192 -8.44 -35.00 -8.32
CA THR E 192 -9.80 -34.98 -7.77
C THR E 192 -10.31 -33.52 -7.86
N LYS E 193 -11.57 -33.30 -7.51
CA LYS E 193 -12.12 -31.96 -7.58
C LYS E 193 -13.24 -31.71 -6.60
N ASP E 194 -13.36 -30.46 -6.17
CA ASP E 194 -14.55 -29.98 -5.48
C ASP E 194 -15.76 -30.13 -6.40
N ASP E 195 -16.91 -30.42 -5.83
CA ASP E 195 -18.14 -30.29 -6.58
C ASP E 195 -18.34 -28.79 -6.90
N GLU E 196 -19.04 -28.51 -8.00
CA GLU E 196 -19.23 -27.13 -8.44
C GLU E 196 -19.90 -26.27 -7.37
N ASN E 197 -20.73 -26.87 -6.53
CA ASN E 197 -21.43 -26.12 -5.49
C ASN E 197 -20.74 -26.18 -4.13
N ILE E 198 -19.57 -26.80 -4.08
CA ILE E 198 -18.72 -26.72 -2.90
C ILE E 198 -17.94 -25.41 -2.97
N ASN E 199 -18.33 -24.45 -2.14
CA ASN E 199 -17.65 -23.15 -2.10
C ASN E 199 -17.17 -22.92 -0.68
N SER E 200 -18.03 -22.37 0.17
CA SER E 200 -17.75 -22.28 1.59
C SER E 200 -19.08 -22.28 2.31
N GLN E 201 -19.30 -23.25 3.19
CA GLN E 201 -20.62 -23.50 3.75
C GLN E 201 -20.45 -23.90 5.21
N PRO E 202 -21.53 -23.89 5.99
CA PRO E 202 -21.45 -24.20 7.42
C PRO E 202 -20.78 -25.53 7.77
N PHE E 203 -21.02 -26.56 6.95
CA PHE E 203 -20.48 -27.90 7.20
C PHE E 203 -19.01 -28.03 6.80
N GLN E 204 -18.54 -27.08 6.00
CA GLN E 204 -17.19 -27.10 5.47
C GLN E 204 -16.81 -25.74 4.90
N ARG E 205 -16.04 -25.00 5.69
CA ARG E 205 -15.51 -23.69 5.33
C ARG E 205 -14.34 -23.91 4.36
N TRP E 206 -14.12 -22.97 3.43
CA TRP E 206 -13.21 -23.20 2.31
C TRP E 206 -11.76 -23.35 2.74
N ARG E 207 -11.34 -22.54 3.71
CA ARG E 207 -9.93 -22.49 4.05
C ARG E 207 -9.50 -23.80 4.74
N ASP E 208 -10.43 -24.40 5.49
CA ASP E 208 -10.19 -25.70 6.09
C ASP E 208 -10.02 -26.78 5.02
N ARG E 209 -10.91 -26.80 4.02
CA ARG E 209 -10.80 -27.75 2.92
C ARG E 209 -9.47 -27.61 2.20
N PHE E 210 -9.07 -26.37 1.89
CA PHE E 210 -7.83 -26.13 1.17
C PHE E 210 -6.65 -26.73 1.94
N LEU E 211 -6.68 -26.56 3.26
CA LEU E 211 -5.64 -27.05 4.17
C LEU E 211 -5.55 -28.58 4.15
N PHE E 212 -6.68 -29.24 4.38
CA PHE E 212 -6.71 -30.69 4.45
C PHE E 212 -6.48 -31.36 3.11
N VAL E 213 -6.99 -30.75 2.04
CA VAL E 213 -6.76 -31.26 0.70
C VAL E 213 -5.29 -31.17 0.29
N ALA E 214 -4.60 -30.10 0.68
CA ALA E 214 -3.18 -29.96 0.36
C ALA E 214 -2.37 -31.10 1.00
N ASP E 215 -2.75 -31.47 2.22
CA ASP E 215 -2.09 -32.56 2.93
C ASP E 215 -2.30 -33.89 2.19
N ALA E 216 -3.52 -34.11 1.70
CA ALA E 216 -3.87 -35.31 0.95
C ALA E 216 -3.10 -35.41 -0.34
N ILE E 217 -2.87 -34.29 -1.00
CA ILE E 217 -2.14 -34.26 -2.26
C ILE E 217 -0.68 -34.62 -2.03
N HIS E 218 -0.09 -34.09 -0.96
CA HIS E 218 1.31 -34.36 -0.66
C HIS E 218 1.56 -35.82 -0.33
N LYS E 219 0.67 -36.40 0.47
CA LYS E 219 0.81 -37.79 0.90
C LYS E 219 0.66 -38.75 -0.28
N SER E 220 -0.33 -38.51 -1.13
CA SER E 220 -0.59 -39.39 -2.27
C SER E 220 0.48 -39.24 -3.35
N GLN E 221 1.00 -38.03 -3.54
CA GLN E 221 2.05 -37.82 -4.51
C GLN E 221 3.34 -38.49 -4.06
N ALA E 222 3.59 -38.45 -2.76
CA ALA E 222 4.78 -39.04 -2.20
C ALA E 222 4.72 -40.56 -2.34
N GLU E 223 3.53 -41.13 -2.21
CA GLU E 223 3.37 -42.57 -2.27
C GLU E 223 3.43 -43.16 -3.68
N THR E 224 2.95 -42.37 -4.65
CA THR E 224 2.78 -42.88 -6.01
C THR E 224 3.89 -42.47 -6.96
N GLY E 225 4.58 -41.38 -6.65
CA GLY E 225 5.62 -40.89 -7.53
C GLY E 225 5.10 -40.28 -8.81
N GLU E 226 3.83 -39.85 -8.79
CA GLU E 226 3.21 -39.13 -9.90
C GLU E 226 2.64 -37.80 -9.39
N ILE E 227 2.68 -36.77 -10.24
CA ILE E 227 2.09 -35.47 -9.91
C ILE E 227 0.59 -35.63 -9.70
N LYS E 228 0.10 -35.10 -8.58
CA LYS E 228 -1.33 -35.13 -8.23
C LYS E 228 -1.87 -33.70 -8.16
N GLY E 229 -3.16 -33.55 -8.41
CA GLY E 229 -3.80 -32.25 -8.26
C GLY E 229 -5.23 -32.41 -7.80
N HIS E 230 -5.77 -31.33 -7.25
CA HIS E 230 -7.18 -31.29 -6.86
C HIS E 230 -7.70 -29.89 -7.20
N TYR E 231 -8.74 -29.80 -8.02
CA TYR E 231 -9.26 -28.50 -8.44
C TYR E 231 -9.98 -27.87 -7.26
N LEU E 232 -9.29 -26.96 -6.57
CA LEU E 232 -9.90 -26.25 -5.47
C LEU E 232 -10.80 -25.12 -6.00
N ASN E 233 -12.07 -25.20 -5.63
CA ASN E 233 -13.10 -24.28 -6.10
C ASN E 233 -12.98 -22.90 -5.43
N VAL E 234 -12.65 -21.89 -6.22
CA VAL E 234 -12.52 -20.52 -5.71
C VAL E 234 -13.75 -19.68 -6.02
N THR E 235 -14.76 -20.28 -6.65
CA THR E 235 -16.03 -19.62 -6.92
C THR E 235 -16.59 -19.01 -5.63
N ALA E 236 -16.89 -17.71 -5.68
CA ALA E 236 -17.12 -16.92 -4.46
C ALA E 236 -18.21 -15.87 -4.69
N PRO E 237 -18.71 -15.25 -3.61
CA PRO E 237 -19.77 -14.24 -3.75
C PRO E 237 -19.31 -12.96 -4.46
N THR E 238 -18.05 -12.61 -4.29
CA THR E 238 -17.51 -11.33 -4.76
C THR E 238 -16.13 -11.57 -5.39
N CYS E 239 -15.66 -10.60 -6.16
CA CYS E 239 -14.31 -10.65 -6.71
C CYS E 239 -13.25 -10.76 -5.62
N GLU E 240 -13.46 -10.05 -4.53
CA GLU E 240 -12.50 -10.00 -3.44
C GLU E 240 -12.32 -11.36 -2.80
N GLU E 241 -13.43 -12.04 -2.53
CA GLU E 241 -13.41 -13.38 -1.95
C GLU E 241 -12.80 -14.38 -2.90
N MET E 242 -13.18 -14.29 -4.18
CA MET E 242 -12.61 -15.15 -5.20
C MET E 242 -11.09 -15.07 -5.17
N MET E 243 -10.56 -13.86 -5.12
CA MET E 243 -9.12 -13.65 -5.16
C MET E 243 -8.45 -14.11 -3.88
N LYS E 244 -9.14 -13.94 -2.75
CA LYS E 244 -8.61 -14.36 -1.46
C LYS E 244 -8.41 -15.87 -1.46
N ARG E 245 -9.35 -16.58 -2.08
CA ARG E 245 -9.30 -18.03 -2.13
C ARG E 245 -8.26 -18.53 -3.12
N ALA E 246 -8.16 -17.88 -4.28
CA ALA E 246 -7.13 -18.19 -5.27
C ALA E 246 -5.74 -18.00 -4.67
N GLU E 247 -5.60 -16.96 -3.86
CA GLU E 247 -4.34 -16.60 -3.26
C GLU E 247 -3.83 -17.66 -2.28
N PHE E 248 -4.73 -18.21 -1.49
CA PHE E 248 -4.35 -19.21 -0.51
C PHE E 248 -3.95 -20.51 -1.21
N ALA E 249 -4.64 -20.86 -2.29
CA ALA E 249 -4.27 -22.02 -3.08
C ALA E 249 -2.85 -21.89 -3.59
N LYS E 250 -2.49 -20.69 -4.03
CA LYS E 250 -1.13 -20.44 -4.47
C LYS E 250 -0.15 -20.56 -3.32
N GLU E 251 -0.54 -20.02 -2.17
CA GLU E 251 0.28 -20.07 -0.97
C GLU E 251 0.58 -21.52 -0.58
N LEU E 252 -0.39 -22.41 -0.79
CA LEU E 252 -0.25 -23.81 -0.45
C LEU E 252 0.54 -24.56 -1.54
N GLY E 253 0.85 -23.87 -2.62
CA GLY E 253 1.58 -24.48 -3.71
C GLY E 253 0.72 -25.42 -4.53
N MET E 254 -0.58 -25.14 -4.57
CA MET E 254 -1.53 -25.98 -5.31
C MET E 254 -1.44 -25.71 -6.80
N PRO E 255 -1.39 -26.77 -7.61
CA PRO E 255 -1.14 -26.58 -9.04
C PRO E 255 -2.36 -26.13 -9.85
N ILE E 256 -3.56 -26.29 -9.30
CA ILE E 256 -4.78 -26.13 -10.07
C ILE E 256 -5.97 -25.76 -9.19
N ILE E 257 -6.79 -24.83 -9.69
CA ILE E 257 -8.03 -24.43 -9.04
C ILE E 257 -9.16 -24.51 -10.06
N MET E 258 -10.40 -24.36 -9.61
CA MET E 258 -11.53 -24.38 -10.52
C MET E 258 -12.46 -23.19 -10.30
N HIS E 259 -13.27 -22.89 -11.31
CA HIS E 259 -14.15 -21.73 -11.27
C HIS E 259 -15.38 -22.04 -12.09
N ASP E 260 -16.55 -21.70 -11.56
CA ASP E 260 -17.80 -21.84 -12.28
C ASP E 260 -18.04 -20.57 -13.10
N PHE E 261 -17.64 -20.56 -14.36
CA PHE E 261 -17.56 -19.31 -15.11
C PHE E 261 -18.90 -18.63 -15.38
N LEU E 262 -19.96 -19.42 -15.47
CA LEU E 262 -21.28 -18.88 -15.79
C LEU E 262 -22.05 -18.37 -14.57
N THR E 263 -21.96 -19.09 -13.44
CA THR E 263 -22.69 -18.65 -12.25
C THR E 263 -21.94 -17.52 -11.53
N ALA E 264 -20.63 -17.48 -11.71
CA ALA E 264 -19.82 -16.37 -11.21
C ALA E 264 -19.84 -15.23 -12.23
N GLY E 265 -19.66 -15.58 -13.50
CA GLY E 265 -19.74 -14.59 -14.55
C GLY E 265 -18.42 -14.37 -15.25
N PHE E 266 -18.50 -13.82 -16.47
CA PHE E 266 -17.34 -13.63 -17.32
C PHE E 266 -16.38 -12.57 -16.83
N THR E 267 -16.91 -11.56 -16.14
CA THR E 267 -16.07 -10.49 -15.62
C THR E 267 -15.15 -11.01 -14.51
N ALA E 268 -15.71 -11.80 -13.60
CA ALA E 268 -14.92 -12.44 -12.55
C ALA E 268 -13.99 -13.49 -13.15
N ASN E 269 -14.49 -14.26 -14.12
CA ASN E 269 -13.67 -15.27 -14.76
C ASN E 269 -12.46 -14.69 -15.47
N THR E 270 -12.65 -13.60 -16.20
CA THR E 270 -11.55 -12.98 -16.92
C THR E 270 -10.49 -12.44 -15.95
N THR E 271 -10.94 -11.91 -14.82
CA THR E 271 -10.02 -11.52 -13.75
C THR E 271 -9.19 -12.71 -13.28
N LEU E 272 -9.85 -13.85 -13.06
CA LEU E 272 -9.21 -15.05 -12.53
C LEU E 272 -8.23 -15.65 -13.53
N ALA E 273 -8.62 -15.68 -14.79
CA ALA E 273 -7.75 -16.20 -15.85
C ALA E 273 -6.47 -15.40 -15.99
N LYS E 274 -6.54 -14.08 -15.80
CA LYS E 274 -5.33 -13.25 -15.87
C LYS E 274 -4.43 -13.52 -14.67
N TRP E 275 -5.05 -13.63 -13.48
CA TRP E 275 -4.32 -13.93 -12.26
C TRP E 275 -3.61 -15.29 -12.38
N CYS E 276 -4.31 -16.28 -12.92
CA CYS E 276 -3.74 -17.61 -13.11
C CYS E 276 -2.50 -17.59 -13.99
N ARG E 277 -2.54 -16.78 -15.04
CA ARG E 277 -1.38 -16.63 -15.89
C ARG E 277 -0.21 -15.99 -15.14
N ASP E 278 -0.50 -14.99 -14.33
CA ASP E 278 0.56 -14.29 -13.64
C ASP E 278 1.13 -15.08 -12.47
N ASN E 279 0.38 -16.09 -12.03
CA ASN E 279 0.75 -16.83 -10.83
C ASN E 279 0.97 -18.31 -11.08
N GLY E 280 0.88 -18.71 -12.34
CA GLY E 280 1.25 -20.06 -12.74
C GLY E 280 0.36 -21.14 -12.15
N VAL E 281 -0.91 -20.83 -11.96
CA VAL E 281 -1.89 -21.80 -11.46
C VAL E 281 -2.80 -22.19 -12.61
N LEU E 282 -3.04 -23.48 -12.77
CA LEU E 282 -3.90 -23.99 -13.84
C LEU E 282 -5.35 -23.72 -13.46
N LEU E 283 -6.20 -23.53 -14.46
CA LEU E 283 -7.59 -23.15 -14.22
C LEU E 283 -8.56 -24.13 -14.88
N HIS E 284 -9.25 -24.89 -14.05
CA HIS E 284 -10.29 -25.79 -14.53
C HIS E 284 -11.63 -25.06 -14.52
N ILE E 285 -12.36 -25.12 -15.63
CA ILE E 285 -13.62 -24.41 -15.72
C ILE E 285 -14.83 -25.34 -15.72
N HIS E 286 -15.71 -25.16 -14.74
CA HIS E 286 -16.97 -25.87 -14.67
C HIS E 286 -18.07 -25.04 -15.36
N ARG E 287 -18.90 -25.70 -16.18
CA ARG E 287 -19.94 -25.03 -16.96
C ARG E 287 -21.33 -25.00 -16.29
N ALA E 288 -21.36 -25.04 -14.96
CA ALA E 288 -22.62 -24.99 -14.23
C ALA E 288 -23.55 -23.89 -14.77
N MET E 289 -24.78 -24.28 -15.06
CA MET E 289 -25.87 -23.42 -15.55
C MET E 289 -26.00 -23.37 -17.06
N HIS E 290 -25.03 -23.96 -17.77
CA HIS E 290 -25.03 -23.84 -19.22
C HIS E 290 -26.29 -24.42 -19.86
N ALA E 291 -26.83 -25.49 -19.28
CA ALA E 291 -27.98 -26.17 -19.88
C ALA E 291 -29.27 -25.39 -19.74
N VAL E 292 -29.30 -24.44 -18.81
CA VAL E 292 -30.39 -23.48 -18.70
C VAL E 292 -30.47 -22.71 -20.02
N ILE E 293 -29.31 -22.56 -20.65
CA ILE E 293 -29.14 -21.68 -21.80
C ILE E 293 -29.11 -22.48 -23.10
N ASP E 294 -28.46 -23.65 -23.09
CA ASP E 294 -28.07 -24.28 -24.34
C ASP E 294 -28.77 -25.57 -24.75
N ARG E 295 -29.73 -26.03 -23.96
CA ARG E 295 -30.31 -27.36 -24.16
C ARG E 295 -31.28 -27.45 -25.34
N GLN E 296 -32.23 -26.52 -25.40
CA GLN E 296 -33.28 -26.58 -26.41
C GLN E 296 -32.82 -25.90 -27.69
N ARG E 297 -33.14 -26.48 -28.83
CA ARG E 297 -32.64 -25.93 -30.07
C ARG E 297 -33.46 -24.81 -30.70
N ASN E 298 -34.59 -24.46 -30.09
CA ASN E 298 -35.40 -23.37 -30.63
C ASN E 298 -35.05 -22.02 -30.00
N HIS E 299 -34.47 -22.03 -28.81
CA HIS E 299 -34.23 -20.80 -28.07
C HIS E 299 -33.04 -20.94 -27.13
N GLY E 300 -32.15 -19.95 -27.16
CA GLY E 300 -31.04 -19.91 -26.23
C GLY E 300 -29.74 -19.65 -26.97
N ILE E 301 -28.65 -20.14 -26.41
CA ILE E 301 -27.34 -20.05 -27.06
C ILE E 301 -26.75 -21.44 -27.07
N HIS E 302 -26.27 -21.89 -28.22
CA HIS E 302 -25.64 -23.20 -28.28
C HIS E 302 -24.33 -23.21 -27.52
N PHE E 303 -24.01 -24.36 -26.91
CA PHE E 303 -22.81 -24.48 -26.08
C PHE E 303 -21.54 -24.12 -26.81
N ARG E 304 -21.49 -24.37 -28.11
CA ARG E 304 -20.28 -24.11 -28.86
C ARG E 304 -19.91 -22.63 -28.90
N VAL E 305 -20.90 -21.76 -28.70
CA VAL E 305 -20.63 -20.34 -28.55
C VAL E 305 -20.04 -20.07 -27.16
N LEU E 306 -20.59 -20.73 -26.16
CA LEU E 306 -20.10 -20.58 -24.79
C LEU E 306 -18.68 -21.11 -24.64
N ALA E 307 -18.37 -22.19 -25.35
CA ALA E 307 -17.03 -22.77 -25.37
C ALA E 307 -16.04 -21.80 -26.00
N LYS E 308 -16.42 -21.20 -27.12
CA LYS E 308 -15.58 -20.19 -27.76
C LYS E 308 -15.34 -18.99 -26.84
N CYS E 309 -16.40 -18.53 -26.20
CA CYS E 309 -16.28 -17.41 -25.26
C CYS E 309 -15.35 -17.73 -24.10
N LEU E 310 -15.43 -18.96 -23.59
CA LEU E 310 -14.59 -19.38 -22.47
C LEU E 310 -13.12 -19.46 -22.88
N ARG E 311 -12.83 -19.97 -24.08
CA ARG E 311 -11.46 -20.01 -24.54
C ARG E 311 -10.88 -18.60 -24.63
N LEU E 312 -11.71 -17.62 -24.98
CA LEU E 312 -11.28 -16.22 -25.04
C LEU E 312 -11.07 -15.64 -23.64
N SER E 313 -12.06 -15.80 -22.77
CA SER E 313 -11.99 -15.31 -21.40
C SER E 313 -10.82 -15.95 -20.64
N GLY E 314 -10.69 -17.26 -20.77
CA GLY E 314 -9.55 -17.95 -20.20
C GLY E 314 -9.96 -19.15 -19.38
N GLY E 315 -9.43 -20.31 -19.75
CA GLY E 315 -9.59 -21.52 -18.96
C GLY E 315 -8.67 -22.56 -19.53
N ASP E 316 -8.07 -23.38 -18.67
CA ASP E 316 -7.20 -24.46 -19.14
C ASP E 316 -7.97 -25.74 -19.43
N HIS E 317 -8.98 -26.04 -18.61
CA HIS E 317 -9.92 -27.14 -18.86
C HIS E 317 -11.30 -26.52 -19.08
N LEU E 318 -12.17 -27.23 -19.80
CA LEU E 318 -13.59 -26.92 -19.84
C LEU E 318 -14.38 -28.21 -20.05
N HIS E 319 -15.39 -28.46 -19.23
CA HIS E 319 -16.26 -29.61 -19.40
C HIS E 319 -16.93 -29.58 -20.78
N SER E 320 -16.96 -30.72 -21.45
CA SER E 320 -17.42 -30.80 -22.84
C SER E 320 -18.61 -31.75 -23.00
N GLY E 321 -18.98 -32.40 -21.91
CA GLY E 321 -19.93 -33.51 -21.98
C GLY E 321 -19.26 -34.85 -22.27
N THR E 322 -20.06 -35.92 -22.21
CA THR E 322 -19.59 -37.30 -22.37
C THR E 322 -20.18 -37.97 -23.59
N VAL E 323 -21.32 -37.46 -24.05
CA VAL E 323 -22.19 -38.13 -25.02
C VAL E 323 -22.93 -39.35 -24.43
N VAL E 324 -22.19 -40.21 -23.73
CA VAL E 324 -22.71 -41.49 -23.25
C VAL E 324 -23.18 -41.52 -21.80
N GLY E 325 -22.91 -40.45 -21.06
CA GLY E 325 -23.18 -40.45 -19.63
C GLY E 325 -24.57 -39.96 -19.24
N LYS E 326 -24.72 -39.45 -18.02
CA LYS E 326 -26.05 -39.12 -17.49
C LYS E 326 -26.62 -37.79 -17.99
N LEU E 327 -25.77 -36.95 -18.56
CA LEU E 327 -26.19 -35.65 -19.07
C LEU E 327 -26.07 -35.59 -20.58
N GLU E 328 -26.90 -34.74 -21.20
CA GLU E 328 -27.05 -34.72 -22.64
C GLU E 328 -25.86 -34.15 -23.39
N GLY E 329 -25.55 -34.80 -24.50
CA GLY E 329 -24.52 -34.33 -25.41
C GLY E 329 -24.65 -35.04 -26.75
N ASP E 330 -24.95 -34.27 -27.79
CA ASP E 330 -25.03 -34.79 -29.15
C ASP E 330 -23.61 -35.03 -29.65
N LYS E 331 -23.38 -36.20 -30.22
CA LYS E 331 -22.03 -36.59 -30.61
C LYS E 331 -21.44 -35.72 -31.71
N ALA E 332 -22.20 -35.50 -32.78
CA ALA E 332 -21.73 -34.71 -33.92
C ALA E 332 -21.39 -33.30 -33.48
N SER E 333 -22.30 -32.72 -32.71
CA SER E 333 -22.13 -31.39 -32.14
C SER E 333 -20.86 -31.35 -31.28
N THR E 334 -20.70 -32.37 -30.43
CA THR E 334 -19.60 -32.44 -29.49
C THR E 334 -18.26 -32.52 -30.18
N LEU E 335 -18.18 -33.34 -31.22
CA LEU E 335 -16.95 -33.44 -31.99
C LEU E 335 -16.61 -32.09 -32.59
N GLY E 336 -17.64 -31.34 -32.98
CA GLY E 336 -17.48 -30.02 -33.52
C GLY E 336 -16.88 -29.02 -32.53
N PHE E 337 -17.49 -28.87 -31.36
CA PHE E 337 -16.98 -27.86 -30.43
C PHE E 337 -15.75 -28.30 -29.63
N VAL E 338 -15.48 -29.60 -29.61
CA VAL E 338 -14.20 -30.08 -29.10
C VAL E 338 -13.08 -29.60 -30.03
N ASP E 339 -13.32 -29.64 -31.33
CA ASP E 339 -12.36 -29.08 -32.28
C ASP E 339 -12.22 -27.58 -32.09
N LEU E 340 -13.34 -26.90 -31.85
CA LEU E 340 -13.34 -25.45 -31.65
C LEU E 340 -12.54 -25.03 -30.42
N MET E 341 -12.53 -25.86 -29.39
CA MET E 341 -11.81 -25.51 -28.18
C MET E 341 -10.37 -26.01 -28.13
N ARG E 342 -10.00 -26.87 -29.07
CA ARG E 342 -8.64 -27.44 -29.07
C ARG E 342 -7.74 -26.93 -30.18
N GLU E 343 -8.30 -26.85 -31.39
CA GLU E 343 -7.52 -26.64 -32.59
C GLU E 343 -7.30 -25.15 -32.89
N ASP E 344 -6.46 -24.87 -33.86
CA ASP E 344 -6.11 -23.51 -34.23
C ASP E 344 -6.95 -22.99 -35.40
N HIS E 345 -7.43 -23.92 -36.21
CA HIS E 345 -8.19 -23.58 -37.39
C HIS E 345 -9.24 -24.66 -37.61
N ILE E 346 -10.50 -24.25 -37.62
CA ILE E 346 -11.61 -25.19 -37.76
C ILE E 346 -12.47 -24.75 -38.93
N GLU E 347 -12.51 -25.58 -39.96
CA GLU E 347 -13.32 -25.32 -41.15
C GLU E 347 -14.80 -25.39 -40.82
N ALA E 348 -15.58 -24.54 -41.47
CA ALA E 348 -17.02 -24.62 -41.40
C ALA E 348 -17.48 -26.01 -41.79
N ASP E 349 -18.44 -26.55 -41.05
CA ASP E 349 -18.98 -27.87 -41.30
C ASP E 349 -20.31 -27.99 -40.60
N ARG E 350 -21.38 -27.79 -41.35
CA ARG E 350 -22.71 -27.74 -40.78
C ARG E 350 -23.16 -29.08 -40.21
N SER E 351 -22.52 -30.17 -40.66
CA SER E 351 -22.89 -31.50 -40.18
C SER E 351 -22.43 -31.71 -38.74
N ARG E 352 -21.51 -30.88 -38.30
CA ARG E 352 -21.05 -30.92 -36.92
C ARG E 352 -21.40 -29.62 -36.20
N GLY E 353 -22.26 -28.84 -36.84
CA GLY E 353 -22.78 -27.62 -36.23
C GLY E 353 -21.85 -26.42 -36.29
N VAL E 354 -20.77 -26.51 -37.06
CA VAL E 354 -19.83 -25.41 -37.18
C VAL E 354 -20.24 -24.54 -38.37
N PHE E 355 -20.89 -23.41 -38.08
CA PHE E 355 -21.43 -22.55 -39.13
C PHE E 355 -20.36 -21.75 -39.85
N PHE E 356 -19.33 -21.36 -39.11
CA PHE E 356 -18.28 -20.49 -39.62
C PHE E 356 -16.93 -21.16 -39.43
N THR E 357 -16.00 -20.90 -40.35
CA THR E 357 -14.60 -21.23 -40.14
C THR E 357 -14.02 -20.32 -39.07
N GLN E 358 -13.35 -20.92 -38.09
CA GLN E 358 -12.80 -20.19 -36.97
C GLN E 358 -11.29 -20.35 -36.91
N ASP E 359 -10.60 -19.22 -36.84
CA ASP E 359 -9.16 -19.21 -36.61
C ASP E 359 -8.89 -18.65 -35.23
N TRP E 360 -7.81 -19.11 -34.61
CA TRP E 360 -7.49 -18.75 -33.24
C TRP E 360 -6.14 -18.05 -33.10
N ALA E 361 -5.43 -17.90 -34.21
CA ALA E 361 -4.16 -17.17 -34.24
C ALA E 361 -3.19 -17.58 -33.11
N SER E 362 -3.09 -18.90 -32.92
CA SER E 362 -2.17 -19.53 -31.97
C SER E 362 -2.52 -19.32 -30.51
N MET E 363 -3.77 -18.94 -30.24
CA MET E 363 -4.27 -18.98 -28.88
C MET E 363 -4.34 -20.44 -28.44
N PRO E 364 -3.76 -20.77 -27.28
CA PRO E 364 -3.71 -22.14 -26.76
C PRO E 364 -5.07 -22.80 -26.73
N GLY E 365 -5.08 -24.11 -26.87
CA GLY E 365 -6.31 -24.86 -26.76
C GLY E 365 -6.69 -25.12 -25.31
N VAL E 366 -7.92 -25.57 -25.12
CA VAL E 366 -8.49 -25.87 -23.83
C VAL E 366 -8.73 -27.38 -23.78
N LEU E 367 -8.35 -28.02 -22.68
CA LEU E 367 -8.60 -29.44 -22.49
C LEU E 367 -10.09 -29.68 -22.25
N PRO E 368 -10.73 -30.50 -23.11
CA PRO E 368 -12.09 -30.97 -22.85
C PRO E 368 -12.14 -31.95 -21.68
N VAL E 369 -13.14 -31.81 -20.84
CA VAL E 369 -13.30 -32.68 -19.68
C VAL E 369 -14.62 -33.43 -19.78
N ALA E 370 -14.53 -34.75 -19.91
CA ALA E 370 -15.72 -35.59 -19.98
C ALA E 370 -16.07 -36.09 -18.59
N SER E 371 -17.25 -35.74 -18.12
CA SER E 371 -17.65 -35.99 -16.74
C SER E 371 -19.16 -36.15 -16.68
N GLY E 372 -19.60 -37.08 -15.82
CA GLY E 372 -21.02 -37.19 -15.49
C GLY E 372 -21.64 -38.52 -15.87
N GLY E 373 -21.82 -39.39 -14.87
CA GLY E 373 -22.54 -40.64 -15.09
C GLY E 373 -21.80 -41.67 -15.91
N ILE E 374 -20.48 -41.57 -15.95
CA ILE E 374 -19.66 -42.53 -16.68
C ILE E 374 -18.90 -43.49 -15.76
N HIS E 375 -18.69 -44.70 -16.27
CA HIS E 375 -17.98 -45.75 -15.53
C HIS E 375 -17.07 -46.52 -16.51
N VAL E 376 -16.44 -47.58 -16.00
CA VAL E 376 -15.40 -48.29 -16.74
C VAL E 376 -15.82 -48.79 -18.12
N TRP E 377 -17.06 -49.24 -18.25
CA TRP E 377 -17.53 -49.73 -19.54
C TRP E 377 -17.56 -48.66 -20.63
N HIS E 378 -17.56 -47.39 -20.21
CA HIS E 378 -17.57 -46.28 -21.15
C HIS E 378 -16.18 -45.96 -21.69
N MET E 379 -15.16 -46.49 -21.04
CA MET E 379 -13.78 -46.07 -21.30
C MET E 379 -13.36 -46.17 -22.77
N PRO E 380 -13.66 -47.29 -23.45
CA PRO E 380 -13.16 -47.34 -24.83
C PRO E 380 -13.82 -46.31 -25.75
N ALA E 381 -15.11 -46.05 -25.51
CA ALA E 381 -15.84 -45.03 -26.27
C ALA E 381 -15.30 -43.62 -25.98
N LEU E 382 -15.03 -43.34 -24.72
CA LEU E 382 -14.50 -42.03 -24.32
C LEU E 382 -13.12 -41.77 -24.95
N VAL E 383 -12.25 -42.77 -24.92
CA VAL E 383 -10.92 -42.64 -25.51
C VAL E 383 -11.04 -42.48 -27.03
N GLU E 384 -11.99 -43.21 -27.60
CA GLU E 384 -12.26 -43.11 -29.02
C GLU E 384 -12.72 -41.70 -29.42
N ILE E 385 -13.67 -41.16 -28.68
CA ILE E 385 -14.27 -39.86 -29.00
C ILE E 385 -13.31 -38.70 -28.75
N PHE E 386 -12.69 -38.67 -27.58
CA PHE E 386 -11.93 -37.50 -27.16
C PHE E 386 -10.43 -37.59 -27.44
N GLY E 387 -9.92 -38.80 -27.55
CA GLY E 387 -8.49 -38.97 -27.77
C GLY E 387 -7.69 -38.66 -26.52
N ASP E 388 -6.38 -38.49 -26.70
CA ASP E 388 -5.46 -38.32 -25.57
C ASP E 388 -5.60 -37.00 -24.84
N ASP E 389 -5.92 -35.95 -25.57
CA ASP E 389 -5.96 -34.62 -24.97
C ASP E 389 -7.33 -34.33 -24.41
N SER E 390 -7.61 -34.97 -23.27
CA SER E 390 -8.87 -34.84 -22.58
C SER E 390 -8.65 -35.27 -21.13
N VAL E 391 -9.59 -34.90 -20.27
CA VAL E 391 -9.62 -35.39 -18.89
C VAL E 391 -10.93 -36.14 -18.77
N LEU E 392 -10.86 -37.38 -18.28
CA LEU E 392 -12.06 -38.18 -18.07
C LEU E 392 -12.28 -38.29 -16.57
N GLN E 393 -13.49 -37.94 -16.12
CA GLN E 393 -13.73 -37.83 -14.69
C GLN E 393 -14.80 -38.77 -14.20
N PHE E 394 -14.50 -39.45 -13.08
CA PHE E 394 -15.38 -40.47 -12.53
C PHE E 394 -15.61 -40.17 -11.05
N GLY E 395 -16.75 -39.58 -10.73
CA GLY E 395 -17.07 -39.29 -9.34
C GLY E 395 -17.70 -40.49 -8.66
N GLY E 396 -18.98 -40.73 -8.98
CA GLY E 396 -19.63 -41.95 -8.54
C GLY E 396 -18.93 -43.20 -9.06
N GLY E 397 -18.31 -43.08 -10.23
CA GLY E 397 -17.59 -44.19 -10.83
C GLY E 397 -16.28 -44.54 -10.16
N THR E 398 -15.88 -43.78 -9.15
CA THR E 398 -14.73 -44.11 -8.31
C THR E 398 -15.17 -44.41 -6.89
N LEU E 399 -15.91 -43.47 -6.29
CA LEU E 399 -16.32 -43.58 -4.90
C LEU E 399 -17.44 -44.61 -4.71
N GLY E 400 -18.05 -45.04 -5.82
CA GLY E 400 -19.08 -46.05 -5.75
C GLY E 400 -18.57 -47.46 -5.99
N HIS E 401 -17.25 -47.61 -6.11
CA HIS E 401 -16.63 -48.93 -6.21
C HIS E 401 -16.92 -49.70 -4.92
N PRO E 402 -17.19 -51.01 -5.02
CA PRO E 402 -17.56 -51.79 -3.82
C PRO E 402 -16.49 -51.83 -2.74
N TRP E 403 -15.23 -51.59 -3.12
CA TRP E 403 -14.13 -51.67 -2.16
C TRP E 403 -13.62 -50.31 -1.75
N GLY E 404 -14.22 -49.24 -2.27
CA GLY E 404 -13.82 -47.90 -1.89
C GLY E 404 -13.03 -47.16 -2.95
N ASN E 405 -12.38 -46.08 -2.51
CA ASN E 405 -11.82 -45.06 -3.41
C ASN E 405 -10.56 -45.51 -4.14
N ALA E 406 -9.58 -45.99 -3.38
CA ALA E 406 -8.30 -46.36 -3.96
C ALA E 406 -8.42 -47.51 -4.97
N PRO E 407 -9.18 -48.57 -4.63
CA PRO E 407 -9.44 -49.58 -5.66
C PRO E 407 -10.30 -49.07 -6.82
N GLY E 408 -11.24 -48.18 -6.50
CA GLY E 408 -12.04 -47.54 -7.53
C GLY E 408 -11.18 -46.76 -8.51
N ALA E 409 -10.18 -46.07 -7.98
CA ALA E 409 -9.24 -45.30 -8.80
C ALA E 409 -8.39 -46.20 -9.68
N THR E 410 -7.86 -47.28 -9.08
CA THR E 410 -7.06 -48.25 -9.82
C THR E 410 -7.85 -48.92 -10.93
N ALA E 411 -9.12 -49.24 -10.68
CA ALA E 411 -10.00 -49.79 -11.70
C ALA E 411 -10.05 -48.88 -12.93
N ASN E 412 -10.27 -47.59 -12.70
CA ASN E 412 -10.35 -46.62 -13.79
C ASN E 412 -9.00 -46.40 -14.49
N ARG E 413 -7.93 -46.31 -13.71
CA ARG E 413 -6.59 -46.12 -14.25
C ARG E 413 -6.13 -47.31 -15.10
N VAL E 414 -6.43 -48.53 -14.64
CA VAL E 414 -6.10 -49.74 -15.40
C VAL E 414 -6.94 -49.80 -16.68
N ALA E 415 -8.24 -49.55 -16.57
CA ALA E 415 -9.13 -49.58 -17.73
C ALA E 415 -8.66 -48.58 -18.79
N LEU E 416 -8.22 -47.41 -18.37
CA LEU E 416 -7.74 -46.39 -19.29
C LEU E 416 -6.46 -46.83 -20.01
N GLU E 417 -5.47 -47.26 -19.23
CA GLU E 417 -4.18 -47.63 -19.79
C GLU E 417 -4.30 -48.84 -20.72
N ALA E 418 -5.20 -49.76 -20.38
CA ALA E 418 -5.47 -50.91 -21.23
C ALA E 418 -6.03 -50.47 -22.57
N CYS E 419 -6.91 -49.48 -22.56
CA CYS E 419 -7.52 -48.95 -23.79
C CYS E 419 -6.52 -48.18 -24.64
N VAL E 420 -5.66 -47.39 -24.00
CA VAL E 420 -4.65 -46.62 -24.72
C VAL E 420 -3.64 -47.56 -25.37
N GLN E 421 -3.20 -48.57 -24.62
CA GLN E 421 -2.28 -49.57 -25.15
C GLN E 421 -2.87 -50.28 -26.36
N ALA E 422 -4.12 -50.73 -26.23
CA ALA E 422 -4.81 -51.45 -27.29
C ALA E 422 -4.98 -50.59 -28.54
N ARG E 423 -5.43 -49.35 -28.33
CA ARG E 423 -5.58 -48.41 -29.43
C ARG E 423 -4.26 -48.26 -30.19
N ASN E 424 -3.18 -48.03 -29.44
CA ASN E 424 -1.86 -47.81 -30.02
C ASN E 424 -1.38 -49.04 -30.78
N GLU E 425 -1.86 -50.21 -30.38
CA GLU E 425 -1.48 -51.45 -31.03
C GLU E 425 -2.31 -51.71 -32.28
N GLY E 426 -3.36 -50.93 -32.48
CA GLY E 426 -4.13 -51.03 -33.70
C GLY E 426 -5.47 -51.70 -33.51
N ARG E 427 -5.80 -52.01 -32.27
CA ARG E 427 -7.09 -52.62 -31.96
C ARG E 427 -8.20 -51.60 -32.08
N ASP E 428 -9.35 -52.04 -32.59
CA ASP E 428 -10.49 -51.17 -32.74
C ASP E 428 -11.27 -51.08 -31.43
N LEU E 429 -11.22 -49.90 -30.82
CA LEU E 429 -11.83 -49.67 -29.51
C LEU E 429 -13.34 -49.86 -29.52
N TYR E 430 -13.97 -49.53 -30.64
CA TYR E 430 -15.42 -49.68 -30.77
C TYR E 430 -15.82 -51.14 -30.78
N ARG E 431 -15.17 -51.92 -31.65
CA ARG E 431 -15.52 -53.32 -31.81
C ARG E 431 -14.96 -54.18 -30.69
N GLU E 432 -13.79 -53.82 -30.16
CA GLU E 432 -13.09 -54.70 -29.24
C GLU E 432 -13.05 -54.18 -27.79
N GLY E 433 -13.70 -53.06 -27.53
CA GLY E 433 -13.63 -52.43 -26.23
C GLY E 433 -14.00 -53.32 -25.06
N GLY E 434 -15.12 -54.03 -25.20
CA GLY E 434 -15.56 -54.93 -24.15
C GLY E 434 -14.52 -55.99 -23.86
N ASP E 435 -13.90 -56.50 -24.92
CA ASP E 435 -12.90 -57.55 -24.79
C ASP E 435 -11.64 -57.04 -24.13
N ILE E 436 -11.18 -55.87 -24.55
CA ILE E 436 -10.01 -55.24 -23.96
C ILE E 436 -10.22 -55.10 -22.46
N LEU E 437 -11.45 -54.75 -22.06
CA LEU E 437 -11.78 -54.56 -20.65
C LEU E 437 -11.83 -55.87 -19.89
N ARG E 438 -12.45 -56.89 -20.50
CA ARG E 438 -12.48 -58.24 -19.93
C ARG E 438 -11.07 -58.78 -19.71
N GLU E 439 -10.21 -58.62 -20.71
CA GLU E 439 -8.81 -59.02 -20.62
C GLU E 439 -8.19 -58.43 -19.37
N ALA E 440 -8.26 -57.11 -19.23
CA ALA E 440 -7.61 -56.42 -18.13
C ALA E 440 -8.25 -56.83 -16.82
N GLY E 441 -9.54 -57.13 -16.86
CA GLY E 441 -10.26 -57.58 -15.67
C GLY E 441 -9.74 -58.91 -15.15
N LYS E 442 -9.12 -59.68 -16.04
CA LYS E 442 -8.57 -60.98 -15.67
C LYS E 442 -7.45 -60.87 -14.65
N TRP E 443 -6.62 -59.82 -14.78
CA TRP E 443 -5.51 -59.65 -13.86
C TRP E 443 -5.69 -58.48 -12.90
N SER E 444 -6.74 -57.69 -13.08
CA SER E 444 -7.06 -56.64 -12.12
C SER E 444 -8.38 -56.94 -11.41
N PRO E 445 -8.31 -57.45 -10.17
CA PRO E 445 -9.51 -57.74 -9.38
C PRO E 445 -10.39 -56.51 -9.17
N GLU E 446 -9.78 -55.36 -8.95
CA GLU E 446 -10.54 -54.14 -8.71
C GLU E 446 -11.25 -53.64 -9.94
N LEU E 447 -10.65 -53.85 -11.11
CA LEU E 447 -11.37 -53.58 -12.36
C LEU E 447 -12.51 -54.57 -12.58
N ALA E 448 -12.25 -55.84 -12.26
CA ALA E 448 -13.28 -56.87 -12.39
C ALA E 448 -14.49 -56.55 -11.52
N ALA E 449 -14.23 -56.09 -10.30
CA ALA E 449 -15.31 -55.72 -9.39
C ALA E 449 -16.17 -54.57 -9.96
N ALA E 450 -15.52 -53.62 -10.63
CA ALA E 450 -16.21 -52.46 -11.20
C ALA E 450 -17.02 -52.87 -12.42
N LEU E 451 -16.41 -53.68 -13.28
CA LEU E 451 -17.09 -54.17 -14.48
C LEU E 451 -18.37 -54.91 -14.12
N ASP E 452 -18.29 -55.74 -13.08
CA ASP E 452 -19.46 -56.44 -12.58
C ASP E 452 -20.54 -55.50 -12.10
N LEU E 453 -20.14 -54.50 -11.31
CA LEU E 453 -21.11 -53.62 -10.66
C LEU E 453 -21.96 -52.84 -11.68
N TRP E 454 -21.30 -52.31 -12.71
CA TRP E 454 -21.95 -51.36 -13.60
C TRP E 454 -22.21 -51.89 -14.99
N LYS E 455 -22.16 -53.23 -15.13
CA LYS E 455 -22.38 -53.90 -16.41
C LYS E 455 -23.68 -53.46 -17.11
N GLU E 456 -24.72 -53.28 -16.33
CA GLU E 456 -26.04 -53.03 -16.90
C GLU E 456 -26.36 -51.55 -17.15
N ILE E 457 -25.52 -50.65 -16.66
CA ILE E 457 -25.88 -49.23 -16.56
C ILE E 457 -25.58 -48.44 -17.83
N LYS E 458 -26.65 -47.98 -18.48
CA LYS E 458 -26.58 -47.17 -19.69
C LYS E 458 -27.50 -45.97 -19.54
N PHE E 459 -27.22 -44.91 -20.30
CA PHE E 459 -28.07 -43.72 -20.34
C PHE E 459 -28.39 -43.41 -21.79
N GLU E 460 -29.55 -43.85 -22.21
CA GLU E 460 -29.93 -43.74 -23.62
C GLU E 460 -31.33 -43.12 -23.71
N PHE E 461 -31.34 -41.84 -24.04
CA PHE E 461 -32.57 -41.08 -24.16
C PHE E 461 -32.49 -40.22 -25.42
N GLU E 462 -33.64 -39.68 -25.83
CA GLU E 462 -33.72 -38.79 -26.98
C GLU E 462 -33.02 -37.47 -26.70
N THR E 463 -32.16 -37.08 -27.63
CA THR E 463 -31.43 -35.83 -27.56
C THR E 463 -32.37 -34.68 -27.95
N MET E 464 -32.49 -33.70 -27.06
CA MET E 464 -33.29 -32.51 -27.33
C MET E 464 -32.56 -31.55 -28.26
N ASP E 465 -31.25 -31.44 -28.04
CA ASP E 465 -30.41 -30.50 -28.75
C ASP E 465 -29.90 -31.12 -30.05
N LYS E 466 -30.81 -31.40 -30.97
CA LYS E 466 -30.45 -31.92 -32.28
C LYS E 466 -30.01 -30.78 -33.18
N LEU E 467 -29.12 -31.10 -34.11
CA LEU E 467 -28.58 -30.13 -35.06
C LEU E 467 -29.64 -29.50 -35.97
N SER F 1 -16.48 -57.51 0.19
CA SER F 1 -15.35 -58.49 0.11
C SER F 1 -14.08 -57.70 0.37
N MET F 2 -13.39 -57.30 -0.70
CA MET F 2 -12.50 -56.15 -0.71
C MET F 2 -11.11 -56.31 -0.14
N LYS F 3 -10.15 -55.87 -0.94
CA LYS F 3 -8.77 -55.81 -0.55
C LYS F 3 -8.41 -54.34 -0.35
N THR F 4 -7.54 -54.09 0.63
CA THR F 4 -6.87 -52.82 0.76
C THR F 4 -5.81 -52.70 -0.32
N LEU F 5 -5.89 -51.64 -1.12
CA LEU F 5 -4.95 -51.41 -2.20
C LEU F 5 -3.54 -51.19 -1.63
N PRO F 6 -2.55 -51.94 -2.15
CA PRO F 6 -1.16 -51.77 -1.74
C PRO F 6 -0.55 -50.45 -2.20
N LYS F 7 0.52 -50.05 -1.54
CA LYS F 7 1.29 -48.90 -1.94
C LYS F 7 2.45 -49.34 -2.80
N GLU F 8 2.53 -48.78 -3.99
CA GLU F 8 3.58 -49.09 -4.93
C GLU F 8 3.82 -47.83 -5.74
N ARG F 9 5.09 -47.44 -5.89
CA ARG F 9 5.41 -46.30 -6.74
C ARG F 9 5.12 -46.62 -8.18
N ARG F 10 4.60 -45.63 -8.91
CA ARG F 10 4.30 -45.78 -10.31
C ARG F 10 5.11 -44.77 -11.12
N PHE F 11 4.99 -44.88 -12.44
CA PHE F 11 5.91 -44.21 -13.36
C PHE F 11 5.16 -43.72 -14.59
N GLU F 12 3.98 -43.18 -14.35
CA GLU F 12 3.11 -42.61 -15.38
C GLU F 12 2.65 -43.65 -16.40
N THR F 13 2.52 -43.25 -17.66
CA THR F 13 1.76 -44.02 -18.62
C THR F 13 2.25 -45.46 -18.82
N PHE F 14 1.30 -46.39 -18.69
CA PHE F 14 1.50 -47.83 -18.82
C PHE F 14 2.03 -48.52 -17.55
N SER F 15 2.28 -47.73 -16.51
CA SER F 15 2.88 -48.31 -15.29
C SER F 15 1.85 -49.01 -14.41
N TYR F 16 0.59 -48.99 -14.83
CA TYR F 16 -0.43 -49.78 -14.15
C TYR F 16 -0.77 -51.06 -14.92
N LEU F 17 -0.12 -51.26 -16.06
CA LEU F 17 -0.25 -52.51 -16.78
C LEU F 17 0.87 -53.46 -16.34
N PRO F 18 0.69 -54.77 -16.57
CA PRO F 18 1.82 -55.70 -16.55
C PRO F 18 3.00 -55.16 -17.33
N PRO F 19 4.22 -55.37 -16.83
CA PRO F 19 5.43 -54.95 -17.53
C PRO F 19 5.40 -55.36 -19.00
N LEU F 20 5.74 -54.40 -19.86
CA LEU F 20 5.59 -54.58 -21.29
C LEU F 20 6.66 -55.54 -21.80
N SER F 21 6.24 -56.54 -22.57
CA SER F 21 7.19 -57.40 -23.26
C SER F 21 7.90 -56.58 -24.32
N ASP F 22 9.04 -57.05 -24.77
CA ASP F 22 9.83 -56.31 -25.74
C ASP F 22 9.10 -56.20 -27.07
N ARG F 23 8.11 -57.08 -27.26
CA ARG F 23 7.23 -56.99 -28.40
C ARG F 23 6.11 -55.96 -28.21
N GLN F 24 5.69 -55.77 -26.96
CA GLN F 24 4.74 -54.72 -26.64
C GLN F 24 5.39 -53.35 -26.72
N ILE F 25 6.66 -53.28 -26.34
CA ILE F 25 7.47 -52.08 -26.49
C ILE F 25 7.64 -51.71 -27.96
N ALA F 26 7.95 -52.70 -28.80
CA ALA F 26 8.13 -52.48 -30.22
C ALA F 26 6.84 -52.00 -30.88
N ALA F 27 5.70 -52.48 -30.39
CA ALA F 27 4.40 -52.09 -30.94
C ALA F 27 4.11 -50.61 -30.67
N GLN F 28 4.53 -50.13 -29.50
CA GLN F 28 4.37 -48.74 -29.12
C GLN F 28 5.29 -47.86 -29.96
N ILE F 29 6.49 -48.36 -30.23
CA ILE F 29 7.43 -47.63 -31.07
C ILE F 29 6.97 -47.61 -32.52
N GLU F 30 6.29 -48.67 -32.95
CA GLU F 30 5.68 -48.69 -34.27
C GLU F 30 4.60 -47.63 -34.39
N TYR F 31 3.78 -47.48 -33.34
CA TYR F 31 2.74 -46.48 -33.31
C TYR F 31 3.33 -45.08 -33.47
N MET F 32 4.38 -44.79 -32.70
CA MET F 32 5.14 -43.56 -32.84
C MET F 32 5.49 -43.29 -34.29
N ILE F 33 6.25 -44.21 -34.89
CA ILE F 33 6.78 -44.05 -36.22
C ILE F 33 5.64 -43.77 -37.19
N GLU F 34 4.57 -44.56 -37.09
CA GLU F 34 3.42 -44.43 -37.97
C GLU F 34 2.77 -43.08 -37.81
N GLN F 35 2.76 -42.58 -36.57
CA GLN F 35 2.11 -41.33 -36.24
C GLN F 35 2.98 -40.14 -36.64
N GLY F 36 4.24 -40.41 -36.94
CA GLY F 36 5.15 -39.35 -37.35
C GLY F 36 5.91 -38.69 -36.20
N PHE F 37 5.81 -39.26 -35.01
CA PHE F 37 6.52 -38.72 -33.85
C PHE F 37 7.98 -39.10 -33.89
N HIS F 38 8.83 -38.26 -33.31
CA HIS F 38 10.26 -38.53 -33.25
C HIS F 38 10.62 -39.16 -31.93
N PRO F 39 11.28 -40.33 -31.98
CA PRO F 39 11.65 -41.03 -30.74
C PRO F 39 12.78 -40.33 -30.02
N LEU F 40 12.71 -40.31 -28.70
CA LEU F 40 13.74 -39.73 -27.87
C LEU F 40 13.93 -40.66 -26.69
N ILE F 41 15.18 -40.96 -26.38
CA ILE F 41 15.52 -41.79 -25.23
C ILE F 41 16.18 -40.91 -24.18
N GLU F 42 15.66 -40.98 -22.97
CA GLU F 42 16.19 -40.20 -21.86
C GLU F 42 16.44 -41.12 -20.68
N PHE F 43 17.34 -40.71 -19.79
CA PHE F 43 17.61 -41.50 -18.59
C PHE F 43 17.78 -40.58 -17.38
N ASN F 44 17.47 -41.12 -16.21
CA ASN F 44 17.57 -40.40 -14.98
C ASN F 44 17.93 -41.38 -13.88
N GLU F 45 18.75 -40.93 -12.93
CA GLU F 45 19.09 -41.75 -11.78
C GLU F 45 17.92 -41.81 -10.79
N HIS F 46 16.96 -40.91 -10.92
CA HIS F 46 15.80 -40.90 -10.01
C HIS F 46 14.52 -40.70 -10.80
N SER F 47 13.40 -41.07 -10.20
CA SER F 47 12.09 -40.82 -10.78
C SER F 47 11.27 -39.92 -9.87
N ASN F 48 11.67 -38.66 -9.81
CA ASN F 48 10.96 -37.65 -9.03
C ASN F 48 10.02 -36.87 -9.92
N PRO F 49 8.71 -36.94 -9.64
CA PRO F 49 7.67 -36.36 -10.49
C PRO F 49 7.76 -34.84 -10.64
N GLU F 50 8.36 -34.18 -9.65
CA GLU F 50 8.45 -32.73 -9.60
C GLU F 50 9.50 -32.18 -10.55
N GLU F 51 10.38 -33.06 -11.04
CA GLU F 51 11.45 -32.64 -11.93
C GLU F 51 11.03 -32.70 -13.39
N PHE F 52 11.40 -31.65 -14.12
CA PHE F 52 11.03 -31.52 -15.52
C PHE F 52 11.98 -32.31 -16.42
N TYR F 53 13.27 -32.29 -16.08
CA TYR F 53 14.28 -32.77 -17.01
C TYR F 53 15.01 -34.06 -16.63
N TRP F 54 15.04 -34.98 -17.60
CA TRP F 54 15.93 -36.13 -17.60
C TRP F 54 17.08 -35.83 -18.56
N THR F 55 18.10 -36.67 -18.57
CA THR F 55 19.22 -36.48 -19.48
C THR F 55 18.96 -37.17 -20.78
N MET F 56 19.26 -36.48 -21.87
CA MET F 56 19.05 -36.96 -23.21
C MET F 56 20.14 -37.97 -23.59
N TRP F 57 19.72 -39.12 -24.10
CA TRP F 57 20.63 -40.07 -24.72
C TRP F 57 20.88 -39.67 -26.16
N LYS F 58 22.13 -39.32 -26.45
CA LYS F 58 22.54 -38.81 -27.76
C LYS F 58 21.65 -37.64 -28.21
N LEU F 59 20.98 -37.80 -29.35
CA LEU F 59 20.01 -36.82 -29.86
C LEU F 59 18.75 -37.58 -30.26
N PRO F 60 17.61 -36.87 -30.43
CA PRO F 60 16.40 -37.55 -30.90
C PRO F 60 16.59 -38.21 -32.25
N LEU F 61 15.93 -39.34 -32.45
CA LEU F 61 16.06 -40.08 -33.70
C LEU F 61 15.08 -39.48 -34.69
N PHE F 62 15.49 -38.36 -35.29
CA PHE F 62 14.57 -37.48 -36.01
C PHE F 62 13.94 -38.08 -37.28
N ALA F 63 14.66 -38.95 -37.96
CA ALA F 63 14.08 -39.63 -39.11
C ALA F 63 14.09 -41.13 -38.87
N CYS F 64 13.65 -41.54 -37.68
CA CYS F 64 13.64 -42.95 -37.36
C CYS F 64 12.56 -43.66 -38.16
N ALA F 65 12.99 -44.65 -38.93
CA ALA F 65 12.07 -45.42 -39.76
C ALA F 65 11.86 -46.81 -39.16
N ALA F 66 12.84 -47.28 -38.41
CA ALA F 66 12.80 -48.62 -37.85
C ALA F 66 12.61 -48.58 -36.35
N PRO F 67 11.62 -49.31 -35.82
CA PRO F 67 11.53 -49.65 -34.40
C PRO F 67 12.80 -50.27 -33.83
N GLN F 68 13.49 -51.05 -34.67
CA GLN F 68 14.70 -51.72 -34.24
C GLN F 68 15.80 -50.71 -33.92
N GLN F 69 15.89 -49.66 -34.73
CA GLN F 69 16.83 -48.57 -34.52
C GLN F 69 16.64 -47.96 -33.13
N VAL F 70 15.38 -47.77 -32.74
CA VAL F 70 15.07 -47.26 -31.40
C VAL F 70 15.47 -48.29 -30.34
N LEU F 71 15.08 -49.54 -30.55
CA LEU F 71 15.37 -50.60 -29.59
C LEU F 71 16.88 -50.82 -29.40
N ASP F 72 17.64 -50.63 -30.46
CA ASP F 72 19.10 -50.75 -30.38
C ASP F 72 19.70 -49.67 -29.51
N GLU F 73 19.16 -48.45 -29.59
CA GLU F 73 19.63 -47.37 -28.75
C GLU F 73 19.24 -47.58 -27.31
N VAL F 74 18.04 -48.10 -27.10
CA VAL F 74 17.61 -48.45 -25.75
C VAL F 74 18.54 -49.48 -25.12
N ARG F 75 19.00 -50.45 -25.92
CA ARG F 75 19.95 -51.46 -25.43
C ARG F 75 21.29 -50.80 -25.10
N GLU F 76 21.77 -49.95 -26.00
CA GLU F 76 23.01 -49.22 -25.79
C GLU F 76 22.96 -48.39 -24.52
N CYS F 77 21.85 -47.70 -24.33
CA CYS F 77 21.68 -46.83 -23.16
C CYS F 77 21.73 -47.65 -21.87
N ARG F 78 21.12 -48.82 -21.91
CA ARG F 78 21.08 -49.69 -20.74
C ARG F 78 22.44 -50.23 -20.32
N SER F 79 23.29 -50.56 -21.29
CA SER F 79 24.59 -51.12 -20.97
C SER F 79 25.46 -50.05 -20.32
N GLU F 80 25.18 -48.81 -20.71
CA GLU F 80 25.91 -47.67 -20.19
C GLU F 80 25.30 -47.16 -18.88
N TYR F 81 23.98 -47.26 -18.75
CA TYR F 81 23.27 -46.65 -17.63
C TYR F 81 22.25 -47.58 -16.98
N GLY F 82 22.69 -48.79 -16.62
CA GLY F 82 21.77 -49.78 -16.09
C GLY F 82 21.27 -49.45 -14.69
N ASP F 83 21.96 -48.53 -14.03
CA ASP F 83 21.58 -48.04 -12.72
C ASP F 83 20.58 -46.88 -12.79
N CYS F 84 20.09 -46.58 -13.98
CA CYS F 84 19.19 -45.45 -14.19
C CYS F 84 17.84 -45.94 -14.70
N TYR F 85 16.82 -45.12 -14.51
CA TYR F 85 15.55 -45.29 -15.24
C TYR F 85 15.79 -44.84 -16.65
N ILE F 86 15.18 -45.54 -17.59
CA ILE F 86 15.28 -45.18 -19.00
C ILE F 86 13.88 -45.14 -19.57
N ARG F 87 13.57 -44.06 -20.29
CA ARG F 87 12.22 -43.83 -20.78
C ARG F 87 12.28 -43.51 -22.27
N VAL F 88 11.32 -44.07 -23.01
CA VAL F 88 11.17 -43.77 -24.43
C VAL F 88 10.05 -42.74 -24.58
N ALA F 89 10.34 -41.69 -25.33
CA ALA F 89 9.36 -40.64 -25.57
C ALA F 89 9.21 -40.41 -27.07
N GLY F 90 8.01 -40.02 -27.47
CA GLY F 90 7.80 -39.58 -28.84
C GLY F 90 7.48 -38.10 -28.83
N PHE F 91 8.01 -37.36 -29.79
CA PHE F 91 7.82 -35.92 -29.84
C PHE F 91 7.10 -35.50 -31.11
N ASP F 92 5.99 -34.79 -30.94
CA ASP F 92 5.29 -34.14 -32.03
C ASP F 92 5.84 -32.73 -32.18
N ASN F 93 6.50 -32.45 -33.30
CA ASN F 93 7.15 -31.15 -33.50
C ASN F 93 6.19 -30.08 -34.05
N ILE F 94 5.02 -30.50 -34.50
CA ILE F 94 4.04 -29.57 -35.04
C ILE F 94 3.22 -28.95 -33.93
N LYS F 95 2.75 -29.79 -33.03
CA LYS F 95 2.13 -29.31 -31.80
C LYS F 95 3.19 -28.98 -30.75
N GLU F 96 4.43 -29.35 -31.05
CA GLU F 96 5.55 -29.22 -30.12
C GLU F 96 5.22 -29.71 -28.71
N CYS F 97 4.80 -30.98 -28.63
CA CYS F 97 4.58 -31.62 -27.35
C CYS F 97 4.97 -33.09 -27.40
N GLN F 98 5.31 -33.62 -26.23
CA GLN F 98 5.67 -35.03 -26.08
C GLN F 98 4.37 -35.84 -26.11
N THR F 99 4.31 -36.83 -26.98
CA THR F 99 3.06 -37.53 -27.27
C THR F 99 3.01 -38.90 -26.63
N SER F 100 4.18 -39.53 -26.55
CA SER F 100 4.33 -40.83 -25.92
C SER F 100 5.42 -40.72 -24.88
N SER F 101 5.35 -41.57 -23.87
CA SER F 101 6.31 -41.55 -22.80
C SER F 101 6.04 -42.74 -21.91
N PHE F 102 6.99 -43.68 -21.85
CA PHE F 102 6.88 -44.81 -20.94
C PHE F 102 8.27 -45.33 -20.56
N ILE F 103 8.38 -45.78 -19.32
CA ILE F 103 9.63 -46.32 -18.78
C ILE F 103 9.89 -47.68 -19.40
N VAL F 104 11.07 -47.86 -19.98
CA VAL F 104 11.47 -49.15 -20.54
C VAL F 104 12.52 -49.86 -19.69
N HIS F 105 13.11 -49.14 -18.73
CA HIS F 105 14.07 -49.76 -17.83
C HIS F 105 14.05 -49.10 -16.47
N ARG F 106 14.02 -49.91 -15.43
CA ARG F 106 14.19 -49.45 -14.06
C ARG F 106 15.49 -50.00 -13.51
N PRO F 107 16.16 -49.24 -12.63
CA PRO F 107 17.50 -49.60 -12.19
C PRO F 107 17.50 -50.86 -11.33
N GLY F 108 18.68 -51.47 -11.19
CA GLY F 108 18.84 -52.63 -10.34
C GLY F 108 18.33 -52.42 -8.92
N ARG F 109 17.13 -52.95 -8.66
CA ARG F 109 16.37 -52.74 -7.44
C ARG F 109 16.35 -51.33 -6.85
N SER G 1 -28.31 -46.90 12.09
CA SER G 1 -26.94 -46.32 12.16
C SER G 1 -26.54 -46.02 10.73
N ALA G 2 -25.25 -45.91 10.48
CA ALA G 2 -24.77 -45.95 9.10
C ALA G 2 -25.19 -47.34 8.63
N ALA G 3 -26.04 -47.36 7.60
CA ALA G 3 -26.92 -48.48 7.39
C ALA G 3 -26.34 -49.58 6.52
N GLY G 4 -25.02 -49.68 6.50
CA GLY G 4 -24.37 -50.60 5.60
C GLY G 4 -24.18 -49.98 4.23
N TYR G 5 -23.00 -50.17 3.66
CA TYR G 5 -22.74 -49.72 2.31
C TYR G 5 -23.05 -50.85 1.34
N LYS G 6 -24.08 -50.64 0.51
CA LYS G 6 -24.31 -51.50 -0.63
C LYS G 6 -24.06 -50.70 -1.89
N ALA G 7 -22.98 -51.04 -2.59
CA ALA G 7 -22.63 -50.37 -3.83
C ALA G 7 -23.70 -50.65 -4.88
N GLY G 8 -23.82 -49.74 -5.85
CA GLY G 8 -24.70 -49.98 -6.97
C GLY G 8 -25.71 -48.87 -7.16
N VAL G 9 -26.36 -48.90 -8.32
CA VAL G 9 -27.34 -47.90 -8.69
C VAL G 9 -28.70 -48.19 -8.07
N LYS G 10 -29.20 -47.19 -7.36
CA LYS G 10 -30.58 -47.16 -6.86
C LYS G 10 -31.34 -46.04 -7.54
N ASP G 11 -32.67 -46.15 -7.48
CA ASP G 11 -33.57 -45.07 -7.87
C ASP G 11 -33.37 -43.89 -6.93
N TYR G 12 -33.37 -42.69 -7.51
CA TYR G 12 -33.26 -41.47 -6.72
C TYR G 12 -34.41 -41.35 -5.75
N LYS G 13 -35.60 -41.79 -6.16
CA LYS G 13 -36.79 -41.55 -5.38
C LYS G 13 -36.82 -42.31 -4.06
N LEU G 14 -35.93 -43.30 -3.94
CA LEU G 14 -35.82 -44.03 -2.68
C LEU G 14 -35.26 -43.15 -1.58
N THR G 15 -34.43 -42.18 -1.97
CA THR G 15 -33.80 -41.30 -0.98
C THR G 15 -34.38 -39.88 -1.00
N TYR G 16 -34.76 -39.41 -2.19
CA TYR G 16 -34.97 -37.98 -2.40
C TYR G 16 -36.42 -37.56 -2.64
N TYR G 17 -37.32 -38.52 -2.78
CA TYR G 17 -38.73 -38.21 -2.88
C TYR G 17 -39.38 -38.41 -1.52
N THR G 18 -39.82 -37.31 -0.92
CA THR G 18 -40.25 -37.30 0.46
C THR G 18 -41.61 -36.61 0.60
N PRO G 19 -42.68 -37.23 0.07
CA PRO G 19 -43.97 -36.55 -0.04
C PRO G 19 -44.58 -36.19 1.31
N ASP G 20 -44.03 -36.76 2.37
CA ASP G 20 -44.52 -36.48 3.70
C ASP G 20 -43.70 -35.43 4.44
N TYR G 21 -42.77 -34.80 3.73
CA TYR G 21 -41.93 -33.78 4.32
C TYR G 21 -42.67 -32.45 4.41
N THR G 22 -42.58 -31.82 5.57
CA THR G 22 -43.10 -30.47 5.77
C THR G 22 -41.94 -29.49 5.89
N PRO G 23 -41.82 -28.55 4.95
CA PRO G 23 -40.70 -27.61 4.88
C PRO G 23 -40.58 -26.78 6.14
N LYS G 24 -39.34 -26.59 6.58
CA LYS G 24 -39.05 -25.67 7.67
C LYS G 24 -38.95 -24.24 7.14
N ASP G 25 -39.02 -23.28 8.04
CA ASP G 25 -38.97 -21.88 7.65
C ASP G 25 -37.57 -21.44 7.28
N THR G 26 -36.60 -22.29 7.59
CA THR G 26 -35.21 -22.04 7.19
C THR G 26 -34.85 -22.74 5.90
N ASP G 27 -35.75 -23.58 5.39
CA ASP G 27 -35.53 -24.26 4.12
C ASP G 27 -35.64 -23.27 2.96
N LEU G 28 -34.80 -23.46 1.95
CA LEU G 28 -34.92 -22.78 0.66
C LEU G 28 -35.82 -23.68 -0.17
N LEU G 29 -36.90 -23.13 -0.71
CA LEU G 29 -37.84 -23.92 -1.51
C LEU G 29 -37.70 -23.54 -2.97
N ALA G 30 -37.83 -24.51 -3.87
CA ALA G 30 -37.78 -24.23 -5.30
C ALA G 30 -38.95 -24.89 -6.00
N ALA G 31 -39.54 -24.20 -6.96
CA ALA G 31 -40.61 -24.75 -7.77
C ALA G 31 -40.11 -24.93 -9.20
N PHE G 32 -40.04 -26.17 -9.65
CA PHE G 32 -39.61 -26.48 -11.00
C PHE G 32 -40.79 -26.95 -11.82
N ARG G 33 -40.81 -26.61 -13.10
CA ARG G 33 -41.77 -27.14 -14.04
C ARG G 33 -40.97 -28.07 -14.97
N PHE G 34 -41.36 -29.34 -15.07
CA PHE G 34 -40.59 -30.30 -15.85
C PHE G 34 -41.43 -31.25 -16.68
N SER G 35 -40.83 -31.76 -17.76
CA SER G 35 -41.40 -32.86 -18.52
C SER G 35 -40.38 -33.99 -18.52
N PRO G 36 -40.74 -35.15 -17.96
CA PRO G 36 -39.85 -36.31 -18.00
C PRO G 36 -39.82 -36.96 -19.38
N GLN G 37 -38.70 -37.61 -19.70
CA GLN G 37 -38.62 -38.44 -20.90
C GLN G 37 -39.63 -39.56 -20.78
N PRO G 38 -40.18 -40.02 -21.91
CA PRO G 38 -41.04 -41.22 -21.91
C PRO G 38 -40.40 -42.38 -21.15
N GLY G 39 -41.15 -42.91 -20.18
CA GLY G 39 -40.66 -44.04 -19.42
C GLY G 39 -40.06 -43.66 -18.09
N VAL G 40 -39.84 -42.37 -17.87
CA VAL G 40 -39.35 -41.88 -16.59
C VAL G 40 -40.53 -41.35 -15.79
N PRO G 41 -40.86 -42.02 -14.69
CA PRO G 41 -41.96 -41.55 -13.84
C PRO G 41 -41.67 -40.18 -13.19
N ALA G 42 -42.73 -39.42 -12.98
CA ALA G 42 -42.61 -38.05 -12.48
C ALA G 42 -41.92 -37.96 -11.13
N ASP G 43 -42.20 -38.91 -10.24
CA ASP G 43 -41.60 -38.88 -8.92
C ASP G 43 -40.11 -39.21 -8.93
N GLU G 44 -39.70 -40.04 -9.88
CA GLU G 44 -38.28 -40.35 -10.04
C GLU G 44 -37.57 -39.15 -10.66
N ALA G 45 -38.22 -38.50 -11.63
CA ALA G 45 -37.67 -37.30 -12.24
C ALA G 45 -37.54 -36.17 -11.23
N GLY G 46 -38.57 -35.98 -10.41
CA GLY G 46 -38.52 -34.98 -9.36
C GLY G 46 -37.45 -35.27 -8.33
N ALA G 47 -37.30 -36.55 -7.99
CA ALA G 47 -36.26 -36.98 -7.06
C ALA G 47 -34.86 -36.79 -7.63
N ALA G 48 -34.70 -37.02 -8.94
CA ALA G 48 -33.42 -36.84 -9.60
C ALA G 48 -32.98 -35.37 -9.57
N ILE G 49 -33.96 -34.48 -9.75
CA ILE G 49 -33.72 -33.04 -9.68
C ILE G 49 -33.28 -32.65 -8.27
N ALA G 50 -33.99 -33.13 -7.26
CA ALA G 50 -33.63 -32.89 -5.87
C ALA G 50 -32.24 -33.45 -5.53
N ALA G 51 -31.95 -34.64 -6.03
CA ALA G 51 -30.69 -35.32 -5.72
C ALA G 51 -29.50 -34.57 -6.29
N GLU G 52 -29.55 -34.30 -7.58
CA GLU G 52 -28.39 -33.78 -8.29
C GLU G 52 -28.22 -32.27 -8.16
N SER G 53 -29.11 -31.63 -7.39
CA SER G 53 -28.95 -30.24 -7.04
C SER G 53 -28.62 -30.06 -5.55
N SER G 54 -28.38 -31.17 -4.86
CA SER G 54 -28.03 -31.10 -3.44
C SER G 54 -26.85 -32.00 -3.07
N THR G 55 -27.08 -33.30 -2.93
CA THR G 55 -26.09 -34.19 -2.34
C THR G 55 -25.77 -35.43 -3.16
N GLY G 56 -26.60 -35.72 -4.16
CA GLY G 56 -26.58 -37.03 -4.80
C GLY G 56 -25.87 -37.14 -6.14
N THR G 57 -25.51 -38.37 -6.48
CA THR G 57 -25.06 -38.68 -7.83
C THR G 57 -25.69 -40.00 -8.29
N TRP G 58 -25.20 -40.54 -9.40
CA TRP G 58 -25.90 -41.58 -10.16
C TRP G 58 -25.80 -42.99 -9.57
N THR G 59 -24.84 -43.18 -8.67
CA THR G 59 -24.63 -44.47 -8.04
C THR G 59 -24.35 -44.24 -6.55
N THR G 60 -24.54 -45.29 -5.75
CA THR G 60 -24.35 -45.22 -4.31
C THR G 60 -22.87 -45.16 -3.93
N VAL G 61 -22.53 -44.18 -3.09
CA VAL G 61 -21.16 -43.98 -2.63
C VAL G 61 -21.12 -44.17 -1.12
N TRP G 62 -20.02 -44.73 -0.62
CA TRP G 62 -19.90 -45.08 0.79
C TRP G 62 -19.76 -43.87 1.70
N THR G 63 -19.29 -42.76 1.13
CA THR G 63 -18.98 -41.56 1.89
C THR G 63 -20.21 -40.91 2.51
N ASP G 64 -21.40 -41.20 1.96
CA ASP G 64 -22.66 -40.76 2.55
C ASP G 64 -22.73 -41.10 4.04
N LEU G 65 -22.16 -42.24 4.38
CA LEU G 65 -22.32 -42.81 5.72
C LEU G 65 -21.35 -42.16 6.72
N LEU G 66 -20.47 -41.30 6.24
CA LEU G 66 -19.60 -40.51 7.11
C LEU G 66 -20.33 -39.29 7.69
N THR G 67 -21.46 -38.94 7.09
CA THR G 67 -22.20 -37.77 7.49
C THR G 67 -23.68 -38.13 7.65
N ASP G 68 -24.50 -37.11 7.89
CA ASP G 68 -25.92 -37.31 8.18
C ASP G 68 -26.72 -36.87 6.97
N MET G 69 -26.96 -37.78 6.05
CA MET G 69 -27.60 -37.45 4.78
C MET G 69 -28.98 -36.85 4.93
N ASP G 70 -29.70 -37.30 5.96
CA ASP G 70 -31.03 -36.78 6.22
C ASP G 70 -31.02 -35.29 6.49
N ARG G 71 -29.94 -34.81 7.12
CA ARG G 71 -29.80 -33.40 7.43
C ARG G 71 -29.50 -32.55 6.19
N TYR G 72 -28.87 -33.15 5.19
CA TYR G 72 -28.32 -32.37 4.10
C TYR G 72 -29.03 -32.50 2.76
N LYS G 73 -29.76 -33.59 2.56
CA LYS G 73 -30.31 -33.88 1.24
C LYS G 73 -31.45 -32.96 0.82
N GLY G 74 -31.52 -32.64 -0.47
CA GLY G 74 -32.68 -31.97 -1.02
C GLY G 74 -33.84 -32.91 -1.00
N LYS G 75 -35.04 -32.38 -0.82
CA LYS G 75 -36.21 -33.21 -0.60
C LYS G 75 -37.35 -32.79 -1.51
N CYS G 76 -37.62 -33.59 -2.53
CA CYS G 76 -38.78 -33.35 -3.37
C CYS G 76 -40.03 -33.76 -2.59
N TYR G 77 -40.76 -32.78 -2.08
CA TYR G 77 -41.81 -33.06 -1.13
C TYR G 77 -43.20 -32.95 -1.75
N HIS G 78 -43.28 -32.47 -2.98
CA HIS G 78 -44.56 -32.37 -3.66
C HIS G 78 -44.40 -32.33 -5.16
N ILE G 79 -45.25 -33.09 -5.85
CA ILE G 79 -45.32 -33.05 -7.31
C ILE G 79 -46.79 -32.88 -7.69
N GLU G 80 -47.07 -32.04 -8.66
CA GLU G 80 -48.42 -31.89 -9.17
C GLU G 80 -48.40 -31.70 -10.66
N PRO G 81 -49.31 -32.36 -11.38
CA PRO G 81 -49.43 -32.14 -12.82
C PRO G 81 -49.87 -30.73 -13.16
N VAL G 82 -49.32 -30.18 -14.24
CA VAL G 82 -49.73 -28.88 -14.73
C VAL G 82 -51.07 -29.06 -15.43
N ALA G 83 -52.08 -28.39 -14.89
CA ALA G 83 -53.45 -28.54 -15.37
C ALA G 83 -53.57 -28.22 -16.85
N GLY G 84 -54.07 -29.18 -17.60
CA GLY G 84 -54.38 -28.95 -19.00
C GLY G 84 -53.23 -29.24 -19.95
N GLU G 85 -52.11 -29.72 -19.41
CA GLU G 85 -50.93 -29.94 -20.23
C GLU G 85 -50.39 -31.34 -20.05
N GLU G 86 -50.15 -32.01 -21.16
CA GLU G 86 -49.67 -33.40 -21.13
C GLU G 86 -48.20 -33.47 -20.72
N ASN G 87 -47.90 -34.38 -19.80
CA ASN G 87 -46.52 -34.69 -19.42
C ASN G 87 -45.75 -33.48 -18.90
N SER G 88 -46.42 -32.65 -18.10
CA SER G 88 -45.78 -31.49 -17.51
C SER G 88 -46.18 -31.45 -16.03
N TYR G 89 -45.21 -31.27 -15.15
CA TYR G 89 -45.45 -31.30 -13.71
C TYR G 89 -44.71 -30.15 -13.02
N PHE G 90 -45.20 -29.78 -11.85
CA PHE G 90 -44.46 -28.95 -10.91
C PHE G 90 -43.87 -29.85 -9.83
N ALA G 91 -42.58 -29.71 -9.58
CA ALA G 91 -41.93 -30.33 -8.43
C ALA G 91 -41.54 -29.24 -7.45
N PHE G 92 -41.89 -29.44 -6.19
CA PHE G 92 -41.48 -28.52 -5.13
C PHE G 92 -40.43 -29.22 -4.29
N ILE G 93 -39.28 -28.57 -4.14
CA ILE G 93 -38.12 -29.18 -3.52
C ILE G 93 -37.62 -28.28 -2.39
N ALA G 94 -37.36 -28.89 -1.23
CA ALA G 94 -36.82 -28.16 -0.07
C ALA G 94 -35.33 -28.44 0.10
N TYR G 95 -34.55 -27.38 0.30
CA TYR G 95 -33.12 -27.48 0.51
C TYR G 95 -32.79 -26.91 1.87
N PRO G 96 -32.05 -27.66 2.70
CA PRO G 96 -31.63 -27.15 4.01
C PRO G 96 -30.79 -25.88 3.90
N LEU G 97 -30.95 -25.01 4.90
CA LEU G 97 -30.19 -23.76 4.99
C LEU G 97 -28.68 -23.99 4.92
N ASP G 98 -28.24 -25.15 5.41
CA ASP G 98 -26.82 -25.46 5.53
C ASP G 98 -26.11 -25.61 4.20
N LEU G 99 -26.87 -25.81 3.13
CA LEU G 99 -26.29 -26.11 1.83
C LEU G 99 -25.67 -24.89 1.13
N PHE G 100 -25.95 -23.70 1.65
CA PHE G 100 -25.68 -22.47 0.91
C PHE G 100 -24.63 -21.59 1.56
N GLU G 101 -23.75 -21.02 0.74
CA GLU G 101 -22.82 -20.02 1.25
C GLU G 101 -23.57 -18.72 1.51
N GLU G 102 -23.36 -18.19 2.70
CA GLU G 102 -23.98 -16.94 3.11
C GLU G 102 -23.60 -15.81 2.16
N GLY G 103 -24.61 -15.05 1.73
CA GLY G 103 -24.34 -13.86 0.94
C GLY G 103 -23.92 -14.14 -0.49
N SER G 104 -24.13 -15.37 -0.97
CA SER G 104 -23.70 -15.75 -2.30
C SER G 104 -24.85 -16.24 -3.19
N VAL G 105 -25.29 -15.36 -4.08
CA VAL G 105 -26.26 -15.72 -5.11
C VAL G 105 -25.62 -16.72 -6.09
N THR G 106 -24.33 -16.54 -6.36
CA THR G 106 -23.56 -17.43 -7.21
C THR G 106 -23.65 -18.88 -6.74
N ASN G 107 -23.48 -19.10 -5.43
CA ASN G 107 -23.53 -20.45 -4.88
C ASN G 107 -24.94 -21.03 -4.93
N ILE G 108 -25.93 -20.22 -4.59
CA ILE G 108 -27.33 -20.66 -4.60
C ILE G 108 -27.71 -21.16 -5.99
N LEU G 109 -27.40 -20.38 -7.02
CA LEU G 109 -27.70 -20.76 -8.39
C LEU G 109 -26.92 -21.99 -8.83
N THR G 110 -25.67 -22.11 -8.39
CA THR G 110 -24.84 -23.26 -8.74
C THR G 110 -25.46 -24.58 -8.30
N SER G 111 -26.09 -24.60 -7.13
CA SER G 111 -26.81 -25.78 -6.68
C SER G 111 -28.13 -25.97 -7.44
N ILE G 112 -28.98 -24.96 -7.39
CA ILE G 112 -30.35 -25.10 -7.88
C ILE G 112 -30.44 -25.29 -9.38
N VAL G 113 -29.58 -24.60 -10.14
CA VAL G 113 -29.63 -24.68 -11.59
C VAL G 113 -28.30 -25.11 -12.24
N GLY G 114 -27.40 -25.66 -11.43
CA GLY G 114 -26.07 -26.00 -11.92
C GLY G 114 -26.01 -27.10 -12.98
N ASN G 115 -26.55 -28.28 -12.66
CA ASN G 115 -26.42 -29.44 -13.54
C ASN G 115 -27.73 -30.05 -14.01
N VAL G 116 -28.83 -29.82 -13.29
CA VAL G 116 -30.04 -30.60 -13.49
C VAL G 116 -30.80 -30.33 -14.79
N PHE G 117 -30.55 -29.18 -15.42
CA PHE G 117 -31.25 -28.80 -16.64
C PHE G 117 -30.80 -29.62 -17.86
N GLY G 118 -29.64 -30.28 -17.74
CA GLY G 118 -29.11 -31.04 -18.85
C GLY G 118 -29.26 -32.54 -18.71
N PHE G 119 -29.95 -32.96 -17.65
CA PHE G 119 -30.17 -34.36 -17.37
C PHE G 119 -30.92 -35.04 -18.51
N LYS G 120 -30.35 -36.13 -19.01
CA LYS G 120 -30.96 -36.88 -20.12
C LYS G 120 -32.40 -37.31 -19.87
N ALA G 121 -32.68 -37.70 -18.63
CA ALA G 121 -33.99 -38.27 -18.27
C ALA G 121 -35.10 -37.23 -18.26
N ILE G 122 -34.73 -35.95 -18.39
CA ILE G 122 -35.66 -34.83 -18.36
C ILE G 122 -35.64 -34.15 -19.73
N ARG G 123 -36.81 -33.89 -20.30
CA ARG G 123 -36.89 -33.22 -21.60
C ARG G 123 -36.66 -31.73 -21.48
N SER G 124 -37.30 -31.14 -20.49
CA SER G 124 -37.23 -29.69 -20.30
C SER G 124 -37.44 -29.39 -18.83
N LEU G 125 -36.84 -28.30 -18.36
CA LEU G 125 -36.90 -27.93 -16.96
C LEU G 125 -36.88 -26.41 -16.90
N ARG G 126 -37.78 -25.86 -16.09
CA ARG G 126 -37.83 -24.42 -15.89
C ARG G 126 -38.05 -24.09 -14.43
N LEU G 127 -37.13 -23.31 -13.85
CA LEU G 127 -37.26 -22.86 -12.47
C LEU G 127 -38.22 -21.68 -12.41
N GLU G 128 -39.31 -21.84 -11.67
CA GLU G 128 -40.39 -20.87 -11.65
C GLU G 128 -40.24 -19.87 -10.50
N ASP G 129 -39.81 -20.36 -9.34
CA ASP G 129 -39.75 -19.54 -8.14
C ASP G 129 -38.82 -20.18 -7.10
N ILE G 130 -38.25 -19.36 -6.24
CA ILE G 130 -37.47 -19.82 -5.09
C ILE G 130 -37.99 -19.06 -3.88
N ARG G 131 -38.33 -19.76 -2.80
CA ARG G 131 -38.52 -19.05 -1.55
C ARG G 131 -37.22 -18.94 -0.80
N PHE G 132 -36.71 -17.72 -0.69
CA PHE G 132 -35.51 -17.47 0.11
C PHE G 132 -35.92 -17.30 1.55
N PRO G 133 -35.41 -18.18 2.43
CA PRO G 133 -35.71 -18.06 3.86
C PRO G 133 -35.13 -16.77 4.43
N VAL G 134 -35.82 -16.21 5.42
CA VAL G 134 -35.44 -14.95 6.03
C VAL G 134 -34.02 -15.02 6.63
N ALA G 135 -33.65 -16.19 7.15
CA ALA G 135 -32.33 -16.37 7.75
C ALA G 135 -31.23 -16.28 6.71
N LEU G 136 -31.55 -16.64 5.46
CA LEU G 136 -30.60 -16.49 4.37
C LEU G 136 -30.63 -15.07 3.80
N VAL G 137 -31.81 -14.49 3.71
CA VAL G 137 -31.97 -13.13 3.20
C VAL G 137 -31.10 -12.16 4.02
N LYS G 138 -31.00 -12.42 5.32
CA LYS G 138 -30.25 -11.54 6.20
C LYS G 138 -28.73 -11.63 6.06
N THR G 139 -28.24 -12.60 5.29
CA THR G 139 -26.80 -12.72 5.04
C THR G 139 -26.36 -11.86 3.87
N PHE G 140 -27.33 -11.24 3.19
CA PHE G 140 -27.07 -10.39 2.03
C PHE G 140 -27.21 -8.91 2.39
N GLN G 141 -26.46 -8.07 1.68
CA GLN G 141 -26.60 -6.61 1.83
C GLN G 141 -27.88 -6.13 1.17
N GLY G 142 -28.14 -6.62 -0.03
CA GLY G 142 -29.28 -6.15 -0.79
C GLY G 142 -28.97 -4.83 -1.47
N PRO G 143 -30.00 -4.06 -1.88
CA PRO G 143 -29.80 -2.76 -2.53
C PRO G 143 -28.85 -1.86 -1.74
N PRO G 144 -27.89 -1.22 -2.42
CA PRO G 144 -27.02 -0.23 -1.75
C PRO G 144 -27.84 0.85 -1.02
N HIS G 145 -28.97 1.25 -1.59
CA HIS G 145 -29.81 2.29 -1.00
C HIS G 145 -31.28 1.90 -0.97
N GLY G 146 -31.84 1.58 -2.12
CA GLY G 146 -33.24 1.20 -2.19
C GLY G 146 -34.14 2.42 -2.40
N ILE G 147 -35.42 2.16 -2.62
CA ILE G 147 -36.36 3.19 -3.08
C ILE G 147 -36.42 4.47 -2.23
N GLN G 148 -36.69 4.35 -0.93
CA GLN G 148 -36.92 5.53 -0.12
C GLN G 148 -35.65 6.38 0.08
N VAL G 149 -34.51 5.72 0.25
CA VAL G 149 -33.26 6.44 0.40
C VAL G 149 -32.89 7.13 -0.91
N GLU G 150 -33.18 6.50 -2.04
CA GLU G 150 -32.92 7.11 -3.34
C GLU G 150 -33.76 8.38 -3.56
N ARG G 151 -35.06 8.34 -3.25
CA ARG G 151 -35.90 9.53 -3.41
C ARG G 151 -35.37 10.66 -2.53
N ASP G 152 -34.93 10.31 -1.33
CA ASP G 152 -34.39 11.29 -0.38
C ASP G 152 -33.07 11.90 -0.84
N LEU G 153 -32.22 11.10 -1.47
CA LEU G 153 -30.95 11.60 -2.00
C LEU G 153 -31.17 12.53 -3.19
N LEU G 154 -32.17 12.23 -4.00
CA LEU G 154 -32.36 12.95 -5.25
C LEU G 154 -33.41 14.06 -5.15
N ASN G 155 -34.10 14.14 -4.02
CA ASN G 155 -35.17 15.13 -3.82
C ASN G 155 -36.26 14.95 -4.86
N LYS G 156 -36.58 13.70 -5.16
CA LYS G 156 -37.54 13.35 -6.19
C LYS G 156 -38.73 12.67 -5.51
N TYR G 157 -39.86 13.38 -5.40
CA TYR G 157 -41.04 12.84 -4.72
C TYR G 157 -42.29 13.11 -5.55
N GLY G 158 -43.25 12.19 -5.46
CA GLY G 158 -44.59 12.49 -5.91
C GLY G 158 -44.98 12.00 -7.28
N ARG G 159 -44.04 11.37 -7.99
CA ARG G 159 -44.35 10.81 -9.30
C ARG G 159 -43.25 9.88 -9.79
N PRO G 160 -43.53 9.07 -10.84
CA PRO G 160 -42.45 8.31 -11.48
C PRO G 160 -41.30 9.20 -11.95
N MET G 161 -40.09 8.65 -11.95
CA MET G 161 -38.95 9.35 -12.52
C MET G 161 -38.84 9.01 -13.99
N LEU G 162 -38.18 9.88 -14.75
CA LEU G 162 -38.11 9.74 -16.20
C LEU G 162 -36.68 9.61 -16.65
N GLY G 163 -36.43 8.64 -17.53
CA GLY G 163 -35.11 8.44 -18.09
C GLY G 163 -35.14 8.35 -19.60
N CYS G 164 -33.99 8.00 -20.17
CA CYS G 164 -33.82 8.01 -21.61
C CYS G 164 -32.48 7.41 -21.98
N THR G 165 -32.51 6.39 -22.83
CA THR G 165 -31.28 5.84 -23.38
C THR G 165 -30.87 6.65 -24.62
N ILE G 166 -29.61 7.06 -24.65
CA ILE G 166 -29.06 7.77 -25.80
C ILE G 166 -28.95 6.82 -27.00
N LYS G 167 -29.28 7.34 -28.18
CA LYS G 167 -29.19 6.59 -29.43
C LYS G 167 -28.44 7.44 -30.46
N PRO G 168 -27.85 6.80 -31.50
CA PRO G 168 -27.74 5.36 -31.74
C PRO G 168 -27.01 4.60 -30.62
N LYS G 169 -27.29 3.31 -30.52
CA LYS G 169 -26.73 2.48 -29.46
C LYS G 169 -25.21 2.67 -29.39
N LEU G 170 -24.58 2.57 -30.56
CA LEU G 170 -23.13 2.68 -30.68
C LEU G 170 -22.83 3.60 -31.86
N GLY G 171 -21.69 4.28 -31.84
CA GLY G 171 -21.30 5.08 -32.98
C GLY G 171 -21.02 6.54 -32.68
N LEU G 172 -21.59 7.07 -31.60
CA LEU G 172 -21.39 8.46 -31.21
C LEU G 172 -20.09 8.66 -30.45
N SER G 173 -19.41 9.77 -30.73
CA SER G 173 -18.23 10.15 -30.00
C SER G 173 -18.62 10.61 -28.59
N ALA G 174 -17.64 10.76 -27.72
CA ALA G 174 -17.89 11.18 -26.34
C ALA G 174 -18.56 12.56 -26.27
N LYS G 175 -18.07 13.49 -27.06
CA LYS G 175 -18.59 14.85 -27.10
C LYS G 175 -20.03 14.88 -27.61
N ASN G 176 -20.32 14.13 -28.66
CA ASN G 176 -21.68 14.06 -29.19
C ASN G 176 -22.60 13.34 -28.24
N TYR G 177 -22.04 12.43 -27.45
CA TYR G 177 -22.81 11.74 -26.42
C TYR G 177 -23.25 12.73 -25.34
N GLY G 178 -22.32 13.52 -24.82
CA GLY G 178 -22.65 14.51 -23.82
C GLY G 178 -23.61 15.57 -24.35
N ARG G 179 -23.48 15.91 -25.63
CA ARG G 179 -24.39 16.85 -26.28
C ARG G 179 -25.83 16.34 -26.20
N ALA G 180 -26.04 15.09 -26.62
CA ALA G 180 -27.36 14.49 -26.59
C ALA G 180 -27.90 14.43 -25.17
N VAL G 181 -27.01 14.14 -24.23
CA VAL G 181 -27.37 14.06 -22.81
C VAL G 181 -27.82 15.42 -22.27
N TYR G 182 -27.04 16.47 -22.54
CA TYR G 182 -27.37 17.81 -22.07
C TYR G 182 -28.75 18.21 -22.57
N GLU G 183 -29.00 18.02 -23.86
CA GLU G 183 -30.26 18.43 -24.46
C GLU G 183 -31.45 17.65 -23.91
N CYS G 184 -31.25 16.36 -23.63
CA CYS G 184 -32.31 15.56 -23.00
C CYS G 184 -32.62 16.04 -21.59
N LEU G 185 -31.57 16.19 -20.77
CA LEU G 185 -31.76 16.53 -19.37
C LEU G 185 -32.33 17.95 -19.19
N ARG G 186 -31.89 18.90 -20.01
CA ARG G 186 -32.36 20.28 -19.91
C ARG G 186 -33.86 20.37 -20.21
N GLY G 187 -34.38 19.37 -20.91
CA GLY G 187 -35.76 19.38 -21.34
C GLY G 187 -36.75 18.81 -20.33
N GLY G 188 -36.26 18.24 -19.23
CA GLY G 188 -37.17 17.78 -18.20
C GLY G 188 -37.06 16.33 -17.74
N LEU G 189 -36.19 15.55 -18.37
CA LEU G 189 -35.94 14.18 -17.92
C LEU G 189 -35.05 14.19 -16.68
N ASP G 190 -35.29 13.25 -15.78
CA ASP G 190 -34.48 13.14 -14.57
C ASP G 190 -33.14 12.49 -14.88
N PHE G 191 -33.16 11.49 -15.76
CA PHE G 191 -31.99 10.69 -16.05
C PHE G 191 -31.81 10.52 -17.54
N THR G 192 -30.57 10.37 -17.96
CA THR G 192 -30.26 9.68 -19.20
C THR G 192 -29.38 8.47 -18.87
N LYS G 193 -29.07 7.63 -19.86
CA LYS G 193 -28.25 6.46 -19.61
C LYS G 193 -27.45 6.02 -20.82
N ASP G 194 -26.29 5.42 -20.55
CA ASP G 194 -25.56 4.64 -21.55
C ASP G 194 -26.42 3.49 -22.02
N ASP G 195 -26.29 3.14 -23.29
CA ASP G 195 -26.85 1.88 -23.73
C ASP G 195 -26.08 0.74 -23.04
N GLU G 196 -26.74 -0.39 -22.86
CA GLU G 196 -26.14 -1.52 -22.14
C GLU G 196 -24.82 -1.96 -22.77
N ASN G 197 -24.69 -1.82 -24.09
CA ASN G 197 -23.48 -2.23 -24.78
C ASN G 197 -22.47 -1.11 -24.99
N ILE G 198 -22.76 0.07 -24.44
CA ILE G 198 -21.79 1.14 -24.39
C ILE G 198 -20.88 0.91 -23.18
N ASN G 199 -19.66 0.45 -23.44
CA ASN G 199 -18.70 0.20 -22.37
C ASN G 199 -17.46 1.05 -22.64
N SER G 200 -16.53 0.54 -23.44
CA SER G 200 -15.41 1.34 -23.92
C SER G 200 -14.99 0.76 -25.26
N GLN G 201 -15.03 1.57 -26.31
CA GLN G 201 -14.89 1.07 -27.66
C GLN G 201 -14.09 2.09 -28.46
N PRO G 202 -13.60 1.70 -29.65
CA PRO G 202 -12.76 2.59 -30.46
C PRO G 202 -13.36 3.97 -30.75
N PHE G 203 -14.68 4.02 -30.98
CA PHE G 203 -15.36 5.26 -31.34
C PHE G 203 -15.62 6.15 -30.12
N GLN G 204 -15.54 5.56 -28.93
CA GLN G 204 -15.83 6.25 -27.69
C GLN G 204 -15.28 5.47 -26.50
N ARG G 205 -14.14 5.94 -26.00
CA ARG G 205 -13.47 5.38 -24.82
C ARG G 205 -14.23 5.85 -23.58
N TRP G 206 -14.25 5.04 -22.53
CA TRP G 206 -15.16 5.28 -21.40
C TRP G 206 -14.84 6.54 -20.62
N ARG G 207 -13.55 6.81 -20.44
CA ARG G 207 -13.14 7.90 -19.56
C ARG G 207 -13.50 9.26 -20.19
N ASP G 208 -13.45 9.32 -21.52
CA ASP G 208 -13.87 10.51 -22.26
C ASP G 208 -15.38 10.74 -22.09
N ARG G 209 -16.18 9.69 -22.24
CA ARG G 209 -17.62 9.80 -22.04
C ARG G 209 -17.95 10.29 -20.64
N PHE G 210 -17.30 9.71 -19.63
CA PHE G 210 -17.57 10.09 -18.24
C PHE G 210 -17.33 11.59 -18.06
N LEU G 211 -16.25 12.08 -18.68
CA LEU G 211 -15.84 13.47 -18.59
C LEU G 211 -16.88 14.40 -19.22
N PHE G 212 -17.26 14.12 -20.46
CA PHE G 212 -18.19 14.96 -21.20
C PHE G 212 -19.60 14.88 -20.64
N VAL G 213 -20.00 13.69 -20.20
CA VAL G 213 -21.32 13.52 -19.58
C VAL G 213 -21.44 14.28 -18.26
N ALA G 214 -20.37 14.32 -17.47
CA ALA G 214 -20.41 15.07 -16.21
C ALA G 214 -20.64 16.55 -16.47
N ASP G 215 -20.05 17.07 -17.52
CA ASP G 215 -20.22 18.47 -17.91
C ASP G 215 -21.68 18.75 -18.30
N ALA G 216 -22.28 17.82 -19.04
CA ALA G 216 -23.66 17.92 -19.48
C ALA G 216 -24.63 17.91 -18.29
N ILE G 217 -24.31 17.11 -17.28
CA ILE G 217 -25.15 17.02 -16.10
C ILE G 217 -25.12 18.33 -15.32
N HIS G 218 -23.93 18.91 -15.19
CA HIS G 218 -23.79 20.15 -14.44
C HIS G 218 -24.52 21.31 -15.10
N LYS G 219 -24.41 21.40 -16.43
CA LYS G 219 -25.03 22.48 -17.18
C LYS G 219 -26.55 22.40 -17.13
N SER G 220 -27.09 21.20 -17.30
CA SER G 220 -28.53 20.99 -17.32
C SER G 220 -29.14 21.14 -15.93
N GLN G 221 -28.40 20.72 -14.91
CA GLN G 221 -28.89 20.86 -13.54
C GLN G 221 -28.92 22.33 -13.15
N ALA G 222 -27.92 23.08 -13.60
CA ALA G 222 -27.82 24.49 -13.29
C ALA G 222 -28.98 25.24 -13.95
N GLU G 223 -29.36 24.82 -15.16
CA GLU G 223 -30.40 25.51 -15.91
C GLU G 223 -31.81 25.23 -15.40
N THR G 224 -32.02 24.02 -14.90
CA THR G 224 -33.37 23.55 -14.58
C THR G 224 -33.69 23.65 -13.10
N GLY G 225 -32.67 23.64 -12.25
CA GLY G 225 -32.90 23.66 -10.82
C GLY G 225 -33.46 22.35 -10.27
N GLU G 226 -33.25 21.27 -11.00
CA GLU G 226 -33.63 19.93 -10.56
C GLU G 226 -32.39 19.01 -10.64
N ILE G 227 -32.31 18.06 -9.70
CA ILE G 227 -31.22 17.07 -9.69
C ILE G 227 -31.29 16.23 -10.97
N LYS G 228 -30.16 16.11 -11.65
CA LYS G 228 -30.04 15.33 -12.88
C LYS G 228 -29.05 14.17 -12.66
N GLY G 229 -29.23 13.09 -13.40
CA GLY G 229 -28.31 11.99 -13.34
C GLY G 229 -28.17 11.32 -14.69
N HIS G 230 -27.08 10.58 -14.87
CA HIS G 230 -26.88 9.77 -16.07
C HIS G 230 -26.21 8.46 -15.63
N TYR G 231 -26.84 7.33 -15.94
CA TYR G 231 -26.30 6.05 -15.52
C TYR G 231 -25.06 5.74 -16.34
N LEU G 232 -23.89 6.00 -15.77
CA LEU G 232 -22.65 5.68 -16.45
C LEU G 232 -22.33 4.19 -16.31
N ASN G 233 -22.22 3.54 -17.46
CA ASN G 233 -22.02 2.10 -17.55
C ASN G 233 -20.59 1.70 -17.16
N VAL G 234 -20.44 0.98 -16.05
CA VAL G 234 -19.13 0.53 -15.59
C VAL G 234 -18.89 -0.93 -15.95
N THR G 235 -19.83 -1.56 -16.63
CA THR G 235 -19.67 -2.93 -17.12
C THR G 235 -18.36 -3.08 -17.91
N ALA G 236 -17.53 -4.04 -17.50
CA ALA G 236 -16.13 -4.08 -17.92
C ALA G 236 -15.68 -5.53 -18.12
N PRO G 237 -14.50 -5.72 -18.75
CA PRO G 237 -13.99 -7.08 -18.97
C PRO G 237 -13.61 -7.83 -17.70
N THR G 238 -13.14 -7.09 -16.69
CA THR G 238 -12.57 -7.67 -15.48
C THR G 238 -13.08 -6.89 -14.27
N CYS G 239 -12.95 -7.47 -13.08
CA CYS G 239 -13.28 -6.78 -11.84
C CYS G 239 -12.49 -5.49 -11.68
N GLU G 240 -11.22 -5.54 -12.07
CA GLU G 240 -10.32 -4.41 -11.89
C GLU G 240 -10.77 -3.22 -12.71
N GLU G 241 -11.12 -3.46 -13.97
CA GLU G 241 -11.59 -2.42 -14.86
C GLU G 241 -12.93 -1.87 -14.40
N MET G 242 -13.83 -2.76 -13.99
CA MET G 242 -15.11 -2.36 -13.45
C MET G 242 -14.92 -1.35 -12.32
N MET G 243 -14.01 -1.67 -11.40
CA MET G 243 -13.79 -0.82 -10.23
C MET G 243 -13.13 0.49 -10.61
N LYS G 244 -12.23 0.43 -11.60
CA LYS G 244 -11.54 1.62 -12.06
C LYS G 244 -12.55 2.62 -12.61
N ARG G 245 -13.56 2.11 -13.30
CA ARG G 245 -14.58 2.95 -13.92
C ARG G 245 -15.56 3.48 -12.88
N ALA G 246 -15.95 2.64 -11.93
CA ALA G 246 -16.80 3.07 -10.82
C ALA G 246 -16.13 4.18 -10.03
N GLU G 247 -14.82 4.05 -9.85
CA GLU G 247 -14.04 4.99 -9.07
C GLU G 247 -14.02 6.39 -9.68
N PHE G 248 -13.87 6.45 -11.00
CA PHE G 248 -13.82 7.74 -11.68
C PHE G 248 -15.18 8.43 -11.63
N ALA G 249 -16.25 7.66 -11.74
CA ALA G 249 -17.60 8.21 -11.61
C ALA G 249 -17.76 8.87 -10.25
N LYS G 250 -17.24 8.23 -9.21
CA LYS G 250 -17.29 8.80 -7.88
C LYS G 250 -16.46 10.07 -7.81
N GLU G 251 -15.28 10.03 -8.43
CA GLU G 251 -14.38 11.16 -8.46
C GLU G 251 -15.05 12.37 -9.10
N LEU G 252 -15.88 12.12 -10.12
CA LEU G 252 -16.59 13.17 -10.82
C LEU G 252 -17.82 13.63 -10.05
N GLY G 253 -18.12 12.95 -8.95
CA GLY G 253 -19.28 13.30 -8.15
C GLY G 253 -20.57 12.88 -8.81
N MET G 254 -20.52 11.81 -9.59
CA MET G 254 -21.70 11.30 -10.29
C MET G 254 -22.60 10.53 -9.35
N PRO G 255 -23.90 10.79 -9.39
CA PRO G 255 -24.79 10.19 -8.40
C PRO G 255 -25.17 8.74 -8.67
N ILE G 256 -24.98 8.27 -9.90
CA ILE G 256 -25.52 6.99 -10.32
C ILE G 256 -24.72 6.37 -11.47
N ILE G 257 -24.52 5.06 -11.38
CA ILE G 257 -23.87 4.28 -12.43
C ILE G 257 -24.76 3.10 -12.77
N MET G 258 -24.43 2.38 -13.84
CA MET G 258 -25.19 1.19 -14.21
C MET G 258 -24.28 -0.02 -14.44
N HIS G 259 -24.89 -1.20 -14.39
CA HIS G 259 -24.14 -2.44 -14.51
C HIS G 259 -25.04 -3.49 -15.14
N ASP G 260 -24.51 -4.23 -16.11
CA ASP G 260 -25.23 -5.33 -16.71
C ASP G 260 -24.98 -6.60 -15.89
N PHE G 261 -25.87 -6.91 -14.95
CA PHE G 261 -25.55 -7.91 -13.94
C PHE G 261 -25.39 -9.34 -14.47
N LEU G 262 -26.08 -9.66 -15.56
CA LEU G 262 -26.03 -11.01 -16.12
C LEU G 262 -24.86 -11.25 -17.06
N THR G 263 -24.53 -10.28 -17.88
CA THR G 263 -23.42 -10.47 -18.82
C THR G 263 -22.07 -10.27 -18.13
N ALA G 264 -22.06 -9.47 -17.07
CA ALA G 264 -20.88 -9.34 -16.22
C ALA G 264 -20.85 -10.47 -15.20
N GLY G 265 -22.00 -10.73 -14.57
CA GLY G 265 -22.11 -11.84 -13.64
C GLY G 265 -22.35 -11.39 -12.22
N PHE G 266 -22.88 -12.31 -11.42
CA PHE G 266 -23.29 -12.03 -10.05
C PHE G 266 -22.13 -11.75 -9.10
N THR G 267 -20.98 -12.37 -9.37
CA THR G 267 -19.80 -12.17 -8.54
C THR G 267 -19.27 -10.74 -8.67
N ALA G 268 -19.19 -10.25 -9.90
CA ALA G 268 -18.80 -8.86 -10.14
C ALA G 268 -19.89 -7.90 -9.65
N ASN G 269 -21.15 -8.25 -9.88
CA ASN G 269 -22.25 -7.41 -9.44
C ASN G 269 -22.27 -7.25 -7.92
N THR G 270 -22.08 -8.33 -7.18
CA THR G 270 -22.09 -8.27 -5.73
C THR G 270 -20.94 -7.42 -5.21
N THR G 271 -19.79 -7.50 -5.85
CA THR G 271 -18.67 -6.61 -5.55
C THR G 271 -19.08 -5.14 -5.74
N LEU G 272 -19.74 -4.84 -6.86
CA LEU G 272 -20.12 -3.48 -7.21
C LEU G 272 -21.18 -2.92 -6.26
N ALA G 273 -22.16 -3.75 -5.91
CA ALA G 273 -23.22 -3.37 -4.99
C ALA G 273 -22.66 -3.01 -3.61
N LYS G 274 -21.64 -3.73 -3.15
CA LYS G 274 -21.02 -3.40 -1.87
C LYS G 274 -20.27 -2.08 -1.94
N TRP G 275 -19.53 -1.89 -3.02
CA TRP G 275 -18.79 -0.66 -3.26
C TRP G 275 -19.74 0.54 -3.31
N CYS G 276 -20.87 0.38 -4.00
CA CYS G 276 -21.86 1.44 -4.10
C CYS G 276 -22.40 1.86 -2.74
N ARG G 277 -22.62 0.89 -1.86
CA ARG G 277 -23.04 1.20 -0.51
C ARG G 277 -21.97 1.98 0.24
N ASP G 278 -20.72 1.59 0.08
CA ASP G 278 -19.65 2.23 0.83
C ASP G 278 -19.30 3.59 0.29
N ASN G 279 -19.73 3.88 -0.94
CA ASN G 279 -19.32 5.10 -1.62
C ASN G 279 -20.49 5.98 -2.01
N GLY G 280 -21.70 5.56 -1.64
CA GLY G 280 -22.86 6.41 -1.78
C GLY G 280 -23.25 6.68 -3.22
N VAL G 281 -22.99 5.74 -4.11
CA VAL G 281 -23.37 5.85 -5.51
C VAL G 281 -24.54 4.92 -5.78
N LEU G 282 -25.56 5.43 -6.47
CA LEU G 282 -26.74 4.63 -6.78
C LEU G 282 -26.40 3.67 -7.91
N LEU G 283 -27.07 2.52 -7.94
CA LEU G 283 -26.74 1.47 -8.89
C LEU G 283 -27.95 1.06 -9.71
N HIS G 284 -27.93 1.41 -10.99
CA HIS G 284 -28.97 1.00 -11.92
C HIS G 284 -28.57 -0.33 -12.56
N ILE G 285 -29.47 -1.30 -12.55
CA ILE G 285 -29.15 -2.61 -13.11
C ILE G 285 -29.88 -2.89 -14.42
N HIS G 286 -29.12 -3.14 -15.47
CA HIS G 286 -29.65 -3.57 -16.75
C HIS G 286 -29.67 -5.11 -16.83
N ARG G 287 -30.78 -5.67 -17.31
CA ARG G 287 -30.98 -7.13 -17.37
C ARG G 287 -30.58 -7.77 -18.70
N ALA G 288 -29.64 -7.16 -19.41
CA ALA G 288 -29.16 -7.71 -20.69
C ALA G 288 -28.88 -9.21 -20.58
N MET G 289 -29.46 -9.96 -21.52
CA MET G 289 -29.31 -11.42 -21.67
C MET G 289 -30.39 -12.23 -20.98
N HIS G 290 -31.23 -11.57 -20.18
CA HIS G 290 -32.21 -12.30 -19.39
C HIS G 290 -33.17 -13.12 -20.24
N ALA G 291 -33.51 -12.62 -21.42
CA ALA G 291 -34.50 -13.28 -22.27
C ALA G 291 -33.97 -14.54 -22.93
N VAL G 292 -32.65 -14.67 -22.98
CA VAL G 292 -32.01 -15.92 -23.39
C VAL G 292 -32.45 -17.02 -22.42
N ILE G 293 -32.71 -16.61 -21.19
CA ILE G 293 -32.94 -17.52 -20.07
C ILE G 293 -34.44 -17.64 -19.76
N ASP G 294 -35.16 -16.52 -19.83
CA ASP G 294 -36.48 -16.47 -19.21
C ASP G 294 -37.71 -16.40 -20.10
N ARG G 295 -37.51 -16.43 -21.42
CA ARG G 295 -38.61 -16.16 -22.35
C ARG G 295 -39.61 -17.31 -22.50
N GLN G 296 -39.09 -18.51 -22.73
CA GLN G 296 -39.95 -19.66 -23.02
C GLN G 296 -40.38 -20.32 -21.72
N ARG G 297 -41.64 -20.73 -21.64
CA ARG G 297 -42.13 -21.28 -20.39
C ARG G 297 -41.88 -22.76 -20.15
N ASN G 298 -41.29 -23.46 -21.11
CA ASN G 298 -41.00 -24.87 -20.94
C ASN G 298 -39.61 -25.12 -20.38
N HIS G 299 -38.70 -24.18 -20.57
CA HIS G 299 -37.30 -24.36 -20.20
C HIS G 299 -36.63 -23.04 -19.88
N GLY G 300 -35.91 -23.01 -18.76
CA GLY G 300 -35.11 -21.86 -18.40
C GLY G 300 -35.37 -21.46 -16.97
N ILE G 301 -35.22 -20.19 -16.67
CA ILE G 301 -35.51 -19.64 -15.35
C ILE G 301 -36.43 -18.45 -15.55
N HIS G 302 -37.54 -18.40 -14.83
CA HIS G 302 -38.43 -17.26 -14.94
C HIS G 302 -37.76 -15.99 -14.38
N PHE G 303 -38.08 -14.85 -14.99
CA PHE G 303 -37.47 -13.58 -14.59
C PHE G 303 -37.65 -13.25 -13.12
N ARG G 304 -38.77 -13.69 -12.54
CA ARG G 304 -39.05 -13.35 -11.16
C ARG G 304 -38.05 -13.96 -10.19
N VAL G 305 -37.38 -15.04 -10.60
CA VAL G 305 -36.28 -15.60 -9.84
C VAL G 305 -35.04 -14.71 -9.99
N LEU G 306 -34.80 -14.25 -11.20
CA LEU G 306 -33.66 -13.38 -11.47
C LEU G 306 -33.81 -12.04 -10.75
N ALA G 307 -35.04 -11.54 -10.67
CA ALA G 307 -35.35 -10.31 -9.95
C ALA G 307 -35.07 -10.47 -8.46
N LYS G 308 -35.50 -11.59 -7.88
CA LYS G 308 -35.22 -11.89 -6.49
C LYS G 308 -33.71 -11.97 -6.23
N CYS G 309 -33.00 -12.67 -7.11
CA CYS G 309 -31.55 -12.80 -6.98
C CYS G 309 -30.85 -11.45 -7.06
N LEU G 310 -31.33 -10.56 -7.93
CA LEU G 310 -30.73 -9.23 -8.07
C LEU G 310 -30.97 -8.39 -6.83
N ARG G 311 -32.17 -8.45 -6.25
CA ARG G 311 -32.44 -7.71 -5.03
C ARG G 311 -31.48 -8.15 -3.91
N LEU G 312 -31.14 -9.44 -3.89
CA LEU G 312 -30.20 -9.97 -2.91
C LEU G 312 -28.77 -9.52 -3.19
N SER G 313 -28.32 -9.70 -4.44
CA SER G 313 -26.98 -9.30 -4.86
C SER G 313 -26.77 -7.79 -4.67
N GLY G 314 -27.75 -7.02 -5.12
CA GLY G 314 -27.72 -5.59 -4.89
C GLY G 314 -27.97 -4.80 -6.16
N GLY G 315 -28.98 -3.95 -6.11
CA GLY G 315 -29.23 -3.00 -7.19
C GLY G 315 -30.29 -2.04 -6.72
N ASP G 316 -30.17 -0.78 -7.09
CA ASP G 316 -31.17 0.22 -6.72
C ASP G 316 -32.33 0.29 -7.72
N HIS G 317 -32.01 0.15 -9.01
CA HIS G 317 -33.02 0.02 -10.07
C HIS G 317 -32.86 -1.37 -10.69
N LEU G 318 -33.94 -1.89 -11.27
CA LEU G 318 -33.86 -3.05 -12.15
C LEU G 318 -34.97 -2.95 -13.21
N HIS G 319 -34.60 -3.12 -14.48
CA HIS G 319 -35.58 -3.12 -15.56
C HIS G 319 -36.61 -4.23 -15.32
N SER G 320 -37.88 -3.92 -15.54
CA SER G 320 -38.99 -4.82 -15.20
C SER G 320 -39.84 -5.15 -16.43
N GLY G 321 -39.52 -4.54 -17.56
CA GLY G 321 -40.40 -4.57 -18.71
C GLY G 321 -41.48 -3.50 -18.70
N THR G 322 -42.22 -3.41 -19.80
CA THR G 322 -43.23 -2.37 -20.01
C THR G 322 -44.64 -2.95 -20.14
N VAL G 323 -44.70 -4.23 -20.50
CA VAL G 323 -45.94 -4.89 -20.96
C VAL G 323 -46.39 -4.42 -22.36
N VAL G 324 -46.41 -3.10 -22.57
CA VAL G 324 -46.98 -2.50 -23.77
C VAL G 324 -45.97 -2.14 -24.86
N GLY G 325 -44.68 -2.23 -24.55
CA GLY G 325 -43.66 -1.76 -25.48
C GLY G 325 -43.16 -2.80 -26.46
N LYS G 326 -41.94 -2.63 -26.95
CA LYS G 326 -41.42 -3.47 -28.04
C LYS G 326 -40.92 -4.86 -27.59
N LEU G 327 -40.70 -5.02 -26.29
CA LEU G 327 -40.22 -6.29 -25.73
C LEU G 327 -41.28 -6.94 -24.86
N GLU G 328 -41.21 -8.26 -24.77
CA GLU G 328 -42.25 -9.04 -24.13
C GLU G 328 -42.33 -8.91 -22.61
N GLY G 329 -43.56 -8.83 -22.12
CA GLY G 329 -43.82 -8.82 -20.69
C GLY G 329 -45.28 -9.11 -20.44
N ASP G 330 -45.54 -10.23 -19.78
CA ASP G 330 -46.88 -10.62 -19.39
C ASP G 330 -47.31 -9.76 -18.21
N LYS G 331 -48.51 -9.18 -18.29
CA LYS G 331 -48.96 -8.22 -17.30
C LYS G 331 -49.12 -8.83 -15.90
N ALA G 332 -49.80 -9.96 -15.81
CA ALA G 332 -50.06 -10.61 -14.53
C ALA G 332 -48.76 -10.99 -13.86
N SER G 333 -47.87 -11.59 -14.64
CA SER G 333 -46.53 -11.96 -14.20
C SER G 333 -45.79 -10.72 -13.69
N THR G 334 -45.84 -9.65 -14.47
CA THR G 334 -45.12 -8.41 -14.18
C THR G 334 -45.57 -7.77 -12.89
N LEU G 335 -46.88 -7.73 -12.68
CA LEU G 335 -47.41 -7.20 -11.44
C LEU G 335 -46.92 -8.01 -10.26
N GLY G 336 -46.76 -9.32 -10.48
CA GLY G 336 -46.24 -10.22 -9.47
C GLY G 336 -44.80 -9.93 -9.08
N PHE G 337 -43.89 -9.89 -10.05
CA PHE G 337 -42.49 -9.69 -9.68
C PHE G 337 -42.11 -8.24 -9.40
N VAL G 338 -42.95 -7.30 -9.80
CA VAL G 338 -42.81 -5.91 -9.35
C VAL G 338 -43.08 -5.86 -7.84
N ASP G 339 -44.07 -6.60 -7.38
CA ASP G 339 -44.30 -6.71 -5.94
C ASP G 339 -43.13 -7.38 -5.24
N LEU G 340 -42.59 -8.41 -5.88
CA LEU G 340 -41.46 -9.15 -5.30
C LEU G 340 -40.21 -8.28 -5.14
N MET G 341 -40.03 -7.33 -6.05
CA MET G 341 -38.85 -6.48 -5.98
C MET G 341 -39.03 -5.19 -5.18
N ARG G 342 -40.27 -4.88 -4.82
CA ARG G 342 -40.57 -3.63 -4.11
C ARG G 342 -40.96 -3.82 -2.65
N GLU G 343 -41.82 -4.80 -2.41
CA GLU G 343 -42.49 -4.95 -1.12
C GLU G 343 -41.68 -5.78 -0.14
N ASP G 344 -42.14 -5.81 1.10
CA ASP G 344 -41.45 -6.53 2.17
C ASP G 344 -42.02 -7.93 2.38
N HIS G 345 -43.28 -8.10 2.01
CA HIS G 345 -43.97 -9.35 2.22
C HIS G 345 -44.93 -9.55 1.08
N ILE G 346 -44.77 -10.65 0.35
CA ILE G 346 -45.59 -10.92 -0.82
C ILE G 346 -46.22 -12.31 -0.65
N GLU G 347 -47.54 -12.33 -0.54
CA GLU G 347 -48.28 -13.58 -0.41
C GLU G 347 -48.22 -14.39 -1.69
N ALA G 348 -48.16 -15.71 -1.54
CA ALA G 348 -48.29 -16.62 -2.67
C ALA G 348 -49.55 -16.31 -3.44
N ASP G 349 -49.45 -16.31 -4.76
CA ASP G 349 -50.57 -16.04 -5.63
C ASP G 349 -50.24 -16.57 -7.02
N ARG G 350 -50.74 -17.75 -7.32
CA ARG G 350 -50.40 -18.42 -8.56
C ARG G 350 -50.92 -17.69 -9.78
N SER G 351 -51.94 -16.85 -9.60
CA SER G 351 -52.54 -16.12 -10.72
C SER G 351 -51.60 -15.02 -11.21
N ARG G 352 -50.62 -14.67 -10.38
CA ARG G 352 -49.62 -13.69 -10.76
C ARG G 352 -48.24 -14.34 -10.78
N GLY G 353 -48.23 -15.68 -10.72
CA GLY G 353 -47.01 -16.44 -10.85
C GLY G 353 -46.16 -16.53 -9.59
N VAL G 354 -46.69 -16.10 -8.46
CA VAL G 354 -45.95 -16.13 -7.21
C VAL G 354 -46.27 -17.45 -6.50
N PHE G 355 -45.35 -18.40 -6.61
CA PHE G 355 -45.57 -19.75 -6.08
C PHE G 355 -45.45 -19.81 -4.57
N PHE G 356 -44.56 -18.99 -4.01
CA PHE G 356 -44.27 -19.00 -2.57
C PHE G 356 -44.49 -17.62 -2.00
N THR G 357 -44.91 -17.56 -0.74
CA THR G 357 -44.87 -16.32 0.03
C THR G 357 -43.42 -15.95 0.33
N GLN G 358 -43.07 -14.70 0.04
CA GLN G 358 -41.71 -14.23 0.21
C GLN G 358 -41.65 -13.08 1.20
N ASP G 359 -40.79 -13.21 2.19
CA ASP G 359 -40.49 -12.14 3.12
C ASP G 359 -39.09 -11.65 2.88
N TRP G 360 -38.87 -10.36 3.14
CA TRP G 360 -37.59 -9.72 2.86
C TRP G 360 -36.92 -9.14 4.09
N ALA G 361 -37.57 -9.26 5.24
CA ALA G 361 -36.99 -8.82 6.52
C ALA G 361 -36.38 -7.42 6.46
N SER G 362 -37.12 -6.50 5.82
CA SER G 362 -36.80 -5.07 5.73
C SER G 362 -35.61 -4.76 4.83
N MET G 363 -35.25 -5.70 3.96
CA MET G 363 -34.33 -5.39 2.88
C MET G 363 -35.01 -4.41 1.93
N PRO G 364 -34.33 -3.29 1.62
CA PRO G 364 -34.89 -2.24 0.76
C PRO G 364 -35.42 -2.79 -0.56
N GLY G 365 -36.42 -2.09 -1.09
CA GLY G 365 -36.94 -2.45 -2.39
C GLY G 365 -36.09 -1.89 -3.52
N VAL G 366 -36.36 -2.40 -4.72
CA VAL G 366 -35.66 -2.02 -5.94
C VAL G 366 -36.67 -1.30 -6.82
N LEU G 367 -36.27 -0.17 -7.39
CA LEU G 367 -37.13 0.56 -8.33
C LEU G 367 -37.24 -0.20 -9.64
N PRO G 368 -38.46 -0.56 -10.05
CA PRO G 368 -38.70 -1.10 -11.39
C PRO G 368 -38.53 -0.03 -12.47
N VAL G 369 -37.88 -0.41 -13.57
CA VAL G 369 -37.64 0.51 -14.68
C VAL G 369 -38.33 -0.01 -15.93
N ALA G 370 -39.31 0.74 -16.41
CA ALA G 370 -40.04 0.38 -17.62
C ALA G 370 -39.39 1.08 -18.81
N SER G 371 -38.90 0.28 -19.76
CA SER G 371 -38.09 0.79 -20.85
C SER G 371 -38.28 -0.12 -22.06
N GLY G 372 -38.32 0.51 -23.25
CA GLY G 372 -38.26 -0.24 -24.49
C GLY G 372 -39.49 -0.08 -25.37
N GLY G 373 -39.37 0.75 -26.41
CA GLY G 373 -40.43 0.88 -27.39
C GLY G 373 -41.68 1.59 -26.92
N ILE G 374 -41.53 2.42 -25.88
CA ILE G 374 -42.65 3.18 -25.35
C ILE G 374 -42.58 4.66 -25.72
N HIS G 375 -43.76 5.28 -25.86
CA HIS G 375 -43.88 6.70 -26.18
C HIS G 375 -45.04 7.30 -25.40
N VAL G 376 -45.34 8.57 -25.68
CA VAL G 376 -46.29 9.35 -24.87
C VAL G 376 -47.66 8.71 -24.71
N TRP G 377 -48.17 8.06 -25.75
CA TRP G 377 -49.47 7.42 -25.68
C TRP G 377 -49.53 6.29 -24.65
N HIS G 378 -48.37 5.76 -24.27
CA HIS G 378 -48.30 4.68 -23.29
C HIS G 378 -48.37 5.21 -21.86
N MET G 379 -48.19 6.51 -21.69
CA MET G 379 -47.97 7.08 -20.36
C MET G 379 -49.07 6.74 -19.36
N PRO G 380 -50.35 6.86 -19.74
CA PRO G 380 -51.36 6.60 -18.71
C PRO G 380 -51.38 5.14 -18.26
N ALA G 381 -51.13 4.22 -19.19
CA ALA G 381 -51.05 2.80 -18.86
C ALA G 381 -49.84 2.49 -17.97
N LEU G 382 -48.69 3.10 -18.28
CA LEU G 382 -47.49 2.90 -17.48
C LEU G 382 -47.66 3.39 -16.05
N VAL G 383 -48.25 4.57 -15.89
CA VAL G 383 -48.49 5.14 -14.56
C VAL G 383 -49.49 4.26 -13.81
N GLU G 384 -50.48 3.77 -14.54
CA GLU G 384 -51.47 2.87 -13.98
C GLU G 384 -50.83 1.57 -13.46
N ILE G 385 -50.00 0.94 -14.28
CA ILE G 385 -49.39 -0.34 -13.96
C ILE G 385 -48.36 -0.24 -12.85
N PHE G 386 -47.43 0.70 -12.97
CA PHE G 386 -46.27 0.75 -12.09
C PHE G 386 -46.42 1.68 -10.91
N GLY G 387 -47.28 2.69 -11.03
CA GLY G 387 -47.45 3.66 -9.96
C GLY G 387 -46.26 4.60 -9.86
N ASP G 388 -46.17 5.30 -8.74
CA ASP G 388 -45.17 6.35 -8.57
C ASP G 388 -43.74 5.84 -8.44
N ASP G 389 -43.58 4.68 -7.80
CA ASP G 389 -42.25 4.18 -7.53
C ASP G 389 -41.74 3.34 -8.69
N SER G 390 -41.38 4.04 -9.75
CA SER G 390 -40.88 3.42 -10.97
C SER G 390 -40.11 4.47 -11.74
N VAL G 391 -39.30 4.03 -12.69
CA VAL G 391 -38.64 4.92 -13.63
C VAL G 391 -39.15 4.52 -15.00
N LEU G 392 -39.63 5.49 -15.76
CA LEU G 392 -40.12 5.23 -17.11
C LEU G 392 -39.11 5.82 -18.08
N GLN G 393 -38.65 5.03 -19.03
CA GLN G 393 -37.56 5.46 -19.88
C GLN G 393 -37.91 5.49 -21.35
N PHE G 394 -37.54 6.59 -22.00
CA PHE G 394 -37.90 6.83 -23.40
C PHE G 394 -36.63 7.18 -24.17
N GLY G 395 -36.08 6.21 -24.90
CA GLY G 395 -34.90 6.47 -25.71
C GLY G 395 -35.27 7.04 -27.06
N GLY G 396 -35.76 6.17 -27.94
CA GLY G 396 -36.32 6.62 -29.20
C GLY G 396 -37.49 7.56 -29.00
N GLY G 397 -38.21 7.39 -27.89
CA GLY G 397 -39.36 8.22 -27.59
C GLY G 397 -39.01 9.63 -27.12
N THR G 398 -37.71 9.93 -27.00
CA THR G 398 -37.25 11.28 -26.74
C THR G 398 -36.44 11.81 -27.91
N LEU G 399 -35.43 11.04 -28.32
CA LEU G 399 -34.53 11.48 -29.39
C LEU G 399 -35.17 11.39 -30.77
N GLY G 400 -36.32 10.72 -30.84
CA GLY G 400 -37.04 10.61 -32.10
C GLY G 400 -38.13 11.66 -32.25
N HIS G 401 -38.21 12.59 -31.31
CA HIS G 401 -39.13 13.71 -31.41
C HIS G 401 -38.74 14.55 -32.62
N PRO G 402 -39.72 15.07 -33.37
CA PRO G 402 -39.42 15.81 -34.61
C PRO G 402 -38.57 17.06 -34.40
N TRP G 403 -38.59 17.60 -33.18
CA TRP G 403 -37.87 18.84 -32.90
C TRP G 403 -36.59 18.60 -32.11
N GLY G 404 -36.29 17.34 -31.78
CA GLY G 404 -35.07 17.03 -31.07
C GLY G 404 -35.27 16.65 -29.62
N ASN G 405 -34.18 16.67 -28.87
CA ASN G 405 -34.10 16.06 -27.54
C ASN G 405 -34.82 16.84 -26.46
N ALA G 406 -34.53 18.13 -26.35
CA ALA G 406 -35.10 18.95 -25.29
C ALA G 406 -36.63 19.06 -25.40
N PRO G 407 -37.16 19.29 -26.62
CA PRO G 407 -38.63 19.23 -26.73
C PRO G 407 -39.18 17.82 -26.54
N GLY G 408 -38.43 16.82 -26.98
CA GLY G 408 -38.80 15.44 -26.74
C GLY G 408 -38.92 15.12 -25.27
N ALA G 409 -37.98 15.66 -24.48
CA ALA G 409 -37.99 15.48 -23.04
C ALA G 409 -39.17 16.17 -22.39
N THR G 410 -39.43 17.41 -22.81
CA THR G 410 -40.56 18.18 -22.28
C THR G 410 -41.89 17.51 -22.60
N ALA G 411 -42.02 16.93 -23.81
CA ALA G 411 -43.22 16.19 -24.18
C ALA G 411 -43.49 15.07 -23.18
N ASN G 412 -42.47 14.29 -22.86
CA ASN G 412 -42.60 13.19 -21.92
C ASN G 412 -42.86 13.65 -20.49
N ARG G 413 -42.15 14.69 -20.07
CA ARG G 413 -42.31 15.24 -18.72
C ARG G 413 -43.71 15.84 -18.50
N VAL G 414 -44.22 16.54 -19.51
CA VAL G 414 -45.57 17.11 -19.44
C VAL G 414 -46.61 15.99 -19.43
N ALA G 415 -46.46 15.01 -20.32
CA ALA G 415 -47.38 13.89 -20.39
C ALA G 415 -47.47 13.15 -19.05
N LEU G 416 -46.31 12.97 -18.41
CA LEU G 416 -46.26 12.29 -17.12
C LEU G 416 -46.97 13.09 -16.03
N GLU G 417 -46.63 14.37 -15.90
CA GLU G 417 -47.19 15.19 -14.84
C GLU G 417 -48.70 15.38 -15.02
N ALA G 418 -49.14 15.45 -16.27
CA ALA G 418 -50.57 15.53 -16.57
C ALA G 418 -51.29 14.27 -16.09
N CYS G 419 -50.68 13.11 -16.29
CA CYS G 419 -51.25 11.84 -15.87
C CYS G 419 -51.29 11.69 -14.35
N VAL G 420 -50.21 12.11 -13.68
CA VAL G 420 -50.14 12.03 -12.23
C VAL G 420 -51.17 12.95 -11.59
N GLN G 421 -51.27 14.18 -12.11
CA GLN G 421 -52.27 15.12 -11.63
C GLN G 421 -53.68 14.57 -11.78
N ALA G 422 -53.98 14.04 -12.96
CA ALA G 422 -55.29 13.49 -13.26
C ALA G 422 -55.63 12.31 -12.35
N ARG G 423 -54.68 11.39 -12.21
CA ARG G 423 -54.86 10.26 -11.33
C ARG G 423 -55.20 10.72 -9.92
N ASN G 424 -54.41 11.67 -9.41
CA ASN G 424 -54.58 12.17 -8.05
C ASN G 424 -55.94 12.85 -7.88
N GLU G 425 -56.47 13.37 -8.98
CA GLU G 425 -57.77 14.04 -8.94
C GLU G 425 -58.92 13.05 -9.03
N GLY G 426 -58.62 11.80 -9.34
CA GLY G 426 -59.63 10.77 -9.32
C GLY G 426 -60.06 10.33 -10.71
N ARG G 427 -59.38 10.85 -11.72
CA ARG G 427 -59.68 10.46 -13.09
C ARG G 427 -59.15 9.07 -13.37
N ASP G 428 -59.92 8.31 -14.15
CA ASP G 428 -59.52 6.96 -14.51
C ASP G 428 -58.56 6.98 -15.69
N LEU G 429 -57.32 6.63 -15.42
CA LEU G 429 -56.25 6.68 -16.43
C LEU G 429 -56.51 5.75 -17.61
N TYR G 430 -57.15 4.63 -17.35
CA TYR G 430 -57.45 3.67 -18.40
C TYR G 430 -58.49 4.23 -19.37
N ARG G 431 -59.59 4.71 -18.82
CA ARG G 431 -60.71 5.20 -19.63
C ARG G 431 -60.42 6.59 -20.20
N GLU G 432 -59.72 7.41 -19.44
CA GLU G 432 -59.56 8.82 -19.80
C GLU G 432 -58.16 9.22 -20.27
N GLY G 433 -57.27 8.25 -20.36
CA GLY G 433 -55.87 8.54 -20.68
C GLY G 433 -55.66 9.33 -21.95
N GLY G 434 -56.32 8.91 -23.02
CA GLY G 434 -56.21 9.62 -24.29
C GLY G 434 -56.65 11.06 -24.16
N ASP G 435 -57.72 11.29 -23.41
CA ASP G 435 -58.26 12.62 -23.23
C ASP G 435 -57.32 13.49 -22.41
N ILE G 436 -56.81 12.94 -21.32
CA ILE G 436 -55.86 13.66 -20.49
C ILE G 436 -54.68 14.12 -21.34
N LEU G 437 -54.25 13.27 -22.26
CA LEU G 437 -53.12 13.57 -23.14
C LEU G 437 -53.47 14.64 -24.17
N ARG G 438 -54.64 14.52 -24.78
CA ARG G 438 -55.15 15.54 -25.71
C ARG G 438 -55.25 16.91 -25.05
N GLU G 439 -55.80 16.93 -23.84
CA GLU G 439 -55.90 18.16 -23.05
C GLU G 439 -54.53 18.83 -22.95
N ALA G 440 -53.54 18.08 -22.46
CA ALA G 440 -52.22 18.64 -22.23
C ALA G 440 -51.59 19.04 -23.56
N GLY G 441 -51.93 18.31 -24.62
CA GLY G 441 -51.43 18.63 -25.94
C GLY G 441 -51.91 19.98 -26.43
N LYS G 442 -53.04 20.44 -25.89
CA LYS G 442 -53.61 21.72 -26.28
C LYS G 442 -52.69 22.89 -25.93
N TRP G 443 -52.02 22.80 -24.78
CA TRP G 443 -51.14 23.88 -24.36
C TRP G 443 -49.65 23.53 -24.43
N SER G 444 -49.33 22.28 -24.74
CA SER G 444 -47.96 21.91 -24.99
C SER G 444 -47.74 21.50 -26.44
N PRO G 445 -47.18 22.41 -27.26
CA PRO G 445 -46.89 22.13 -28.67
C PRO G 445 -45.97 20.92 -28.84
N GLU G 446 -44.97 20.79 -27.97
CA GLU G 446 -44.03 19.69 -28.11
C GLU G 446 -44.65 18.35 -27.75
N LEU G 447 -45.60 18.33 -26.82
CA LEU G 447 -46.38 17.11 -26.58
C LEU G 447 -47.30 16.81 -27.76
N ALA G 448 -47.92 17.85 -28.32
CA ALA G 448 -48.78 17.68 -29.49
C ALA G 448 -48.02 17.08 -30.66
N ALA G 449 -46.80 17.54 -30.88
CA ALA G 449 -45.97 17.02 -31.96
C ALA G 449 -45.68 15.52 -31.77
N ALA G 450 -45.46 15.11 -30.52
CA ALA G 450 -45.15 13.73 -30.19
C ALA G 450 -46.38 12.83 -30.35
N LEU G 451 -47.51 13.31 -29.85
CA LEU G 451 -48.77 12.59 -29.96
C LEU G 451 -49.10 12.30 -31.41
N ASP G 452 -48.91 13.31 -32.27
CA ASP G 452 -49.11 13.15 -33.69
C ASP G 452 -48.21 12.10 -34.29
N LEU G 453 -46.92 12.15 -33.94
CA LEU G 453 -45.93 11.30 -34.57
C LEU G 453 -46.20 9.81 -34.31
N TRP G 454 -46.53 9.48 -33.07
CA TRP G 454 -46.59 8.08 -32.65
C TRP G 454 -48.00 7.57 -32.38
N LYS G 455 -48.99 8.29 -32.89
CA LYS G 455 -50.40 7.94 -32.71
C LYS G 455 -50.72 6.49 -33.09
N GLU G 456 -50.11 6.03 -34.18
CA GLU G 456 -50.45 4.73 -34.72
C GLU G 456 -49.66 3.55 -34.15
N ILE G 457 -48.61 3.84 -33.38
CA ILE G 457 -47.60 2.83 -33.04
C ILE G 457 -47.98 1.99 -31.81
N LYS G 458 -48.22 0.71 -32.05
CA LYS G 458 -48.54 -0.26 -31.01
C LYS G 458 -47.68 -1.50 -31.20
N PHE G 459 -47.50 -2.27 -30.12
CA PHE G 459 -46.78 -3.54 -30.18
C PHE G 459 -47.64 -4.60 -29.53
N GLU G 460 -48.36 -5.34 -30.37
CA GLU G 460 -49.33 -6.31 -29.88
C GLU G 460 -49.09 -7.65 -30.57
N PHE G 461 -48.45 -8.55 -29.82
CA PHE G 461 -48.12 -9.87 -30.31
C PHE G 461 -48.44 -10.89 -29.22
N GLU G 462 -48.47 -12.15 -29.60
CA GLU G 462 -48.71 -13.25 -28.66
C GLU G 462 -47.55 -13.40 -27.68
N THR G 463 -47.90 -13.47 -26.40
CA THR G 463 -46.94 -13.66 -25.33
C THR G 463 -46.52 -15.12 -25.30
N MET G 464 -45.21 -15.36 -25.38
CA MET G 464 -44.65 -16.71 -25.28
C MET G 464 -44.62 -17.18 -23.84
N ASP G 465 -44.28 -16.25 -22.95
CA ASP G 465 -44.10 -16.55 -21.54
C ASP G 465 -45.43 -16.44 -20.79
N LYS G 466 -46.36 -17.33 -21.12
CA LYS G 466 -47.64 -17.38 -20.44
C LYS G 466 -47.50 -18.15 -19.13
N LEU G 467 -48.31 -17.79 -18.15
CA LEU G 467 -48.31 -18.42 -16.84
C LEU G 467 -48.61 -19.92 -16.86
N SER H 1 -40.31 21.66 -38.49
CA SER H 1 -40.93 22.94 -38.07
C SER H 1 -40.11 23.49 -36.91
N MET H 2 -40.57 23.22 -35.69
CA MET H 2 -39.72 23.16 -34.51
C MET H 2 -39.31 24.47 -33.86
N LYS H 3 -39.51 24.50 -32.55
CA LYS H 3 -39.08 25.59 -31.70
C LYS H 3 -37.91 25.09 -30.88
N THR H 4 -36.96 25.98 -30.62
CA THR H 4 -35.95 25.78 -29.61
C THR H 4 -36.57 25.93 -28.24
N LEU H 5 -36.45 24.90 -27.41
CA LEU H 5 -37.00 24.93 -26.06
C LEU H 5 -36.32 26.01 -25.22
N PRO H 6 -37.13 26.87 -24.58
CA PRO H 6 -36.60 27.91 -23.70
C PRO H 6 -36.01 27.35 -22.42
N LYS H 7 -35.17 28.17 -21.80
CA LYS H 7 -34.61 27.85 -20.50
C LYS H 7 -35.45 28.50 -19.42
N GLU H 8 -35.94 27.69 -18.50
CA GLU H 8 -36.75 28.15 -17.39
C GLU H 8 -36.46 27.22 -16.24
N ARG H 9 -36.21 27.78 -15.06
CA ARG H 9 -36.02 26.96 -13.87
C ARG H 9 -37.32 26.28 -13.50
N ARG H 10 -37.20 25.03 -13.05
CA ARG H 10 -38.36 24.26 -12.62
C ARG H 10 -38.21 23.87 -11.16
N PHE H 11 -39.25 23.25 -10.62
CA PHE H 11 -39.39 23.06 -9.18
C PHE H 11 -40.01 21.71 -8.87
N GLU H 12 -39.56 20.70 -9.61
CA GLU H 12 -39.99 19.33 -9.46
C GLU H 12 -41.48 19.14 -9.75
N THR H 13 -42.13 18.24 -9.02
CA THR H 13 -43.42 17.71 -9.45
C THR H 13 -44.51 18.77 -9.65
N PHE H 14 -45.11 18.73 -10.84
CA PHE H 14 -46.18 19.62 -11.29
C PHE H 14 -45.67 20.96 -11.86
N SER H 15 -44.36 21.17 -11.85
CA SER H 15 -43.81 22.45 -12.29
C SER H 15 -43.74 22.56 -13.81
N TYR H 16 -44.13 21.50 -14.50
CA TYR H 16 -44.25 21.55 -15.96
C TYR H 16 -45.70 21.71 -16.41
N LEU H 17 -46.62 21.74 -15.45
CA LEU H 17 -48.01 22.03 -15.76
C LEU H 17 -48.24 23.54 -15.60
N PRO H 18 -49.31 24.06 -16.21
CA PRO H 18 -49.85 25.37 -15.83
C PRO H 18 -49.95 25.51 -14.32
N PRO H 19 -49.65 26.69 -13.78
CA PRO H 19 -49.78 26.95 -12.35
C PRO H 19 -51.12 26.48 -11.82
N LEU H 20 -51.07 25.77 -10.69
CA LEU H 20 -52.26 25.12 -10.16
C LEU H 20 -53.20 26.17 -9.57
N SER H 21 -54.47 26.09 -9.95
CA SER H 21 -55.48 26.91 -9.30
C SER H 21 -55.64 26.42 -7.86
N ASP H 22 -56.19 27.28 -7.01
CA ASP H 22 -56.34 26.94 -5.61
C ASP H 22 -57.29 25.77 -5.43
N ARG H 23 -58.10 25.52 -6.46
CA ARG H 23 -58.95 24.34 -6.47
C ARG H 23 -58.19 23.08 -6.91
N GLN H 24 -57.18 23.25 -7.76
CA GLN H 24 -56.31 22.15 -8.15
C GLN H 24 -55.38 21.78 -6.99
N ILE H 25 -54.96 22.78 -6.23
CA ILE H 25 -54.19 22.58 -5.00
C ILE H 25 -55.00 21.80 -3.97
N ALA H 26 -56.26 22.20 -3.77
CA ALA H 26 -57.13 21.53 -2.82
C ALA H 26 -57.38 20.08 -3.20
N ALA H 27 -57.46 19.81 -4.51
CA ALA H 27 -57.68 18.46 -5.00
C ALA H 27 -56.50 17.53 -4.66
N GLN H 28 -55.30 18.08 -4.73
CA GLN H 28 -54.08 17.35 -4.39
C GLN H 28 -54.02 17.09 -2.90
N ILE H 29 -54.45 18.07 -2.11
CA ILE H 29 -54.50 17.90 -0.67
C ILE H 29 -55.59 16.90 -0.26
N GLU H 30 -56.67 16.86 -1.02
CA GLU H 30 -57.69 15.84 -0.80
C GLU H 30 -57.14 14.44 -1.05
N TYR H 31 -56.35 14.29 -2.10
CA TYR H 31 -55.72 13.02 -2.43
C TYR H 31 -54.84 12.55 -1.27
N MET H 32 -54.00 13.45 -0.76
CA MET H 32 -53.20 13.20 0.43
C MET H 32 -54.05 12.63 1.55
N ILE H 33 -55.05 13.40 1.99
CA ILE H 33 -55.88 13.04 3.13
C ILE H 33 -56.48 11.67 2.91
N GLU H 34 -57.02 11.44 1.72
CA GLU H 34 -57.67 10.18 1.39
C GLU H 34 -56.68 9.03 1.45
N GLN H 35 -55.45 9.32 1.05
CA GLN H 35 -54.40 8.31 0.98
C GLN H 35 -53.83 8.04 2.36
N GLY H 36 -54.12 8.92 3.32
CA GLY H 36 -53.62 8.74 4.67
C GLY H 36 -52.28 9.40 4.94
N PHE H 37 -51.81 10.22 4.01
CA PHE H 37 -50.54 10.92 4.18
C PHE H 37 -50.71 12.11 5.10
N HIS H 38 -49.65 12.47 5.81
CA HIS H 38 -49.69 13.63 6.69
C HIS H 38 -49.13 14.85 5.99
N PRO H 39 -49.90 15.94 5.96
CA PRO H 39 -49.45 17.16 5.28
C PRO H 39 -48.35 17.86 6.07
N LEU H 40 -47.39 18.41 5.35
CA LEU H 40 -46.31 19.17 5.95
C LEU H 40 -46.07 20.36 5.06
N ILE H 41 -45.95 21.53 5.68
CA ILE H 41 -45.65 22.76 4.95
C ILE H 41 -44.23 23.19 5.31
N GLU H 42 -43.42 23.43 4.28
CA GLU H 42 -42.06 23.87 4.47
C GLU H 42 -41.80 25.09 3.63
N PHE H 43 -40.82 25.89 4.02
CA PHE H 43 -40.45 27.06 3.25
C PHE H 43 -38.93 27.22 3.17
N ASN H 44 -38.47 27.85 2.11
CA ASN H 44 -37.06 28.08 1.90
C ASN H 44 -36.90 29.39 1.14
N GLU H 45 -35.85 30.13 1.46
CA GLU H 45 -35.54 31.35 0.75
C GLU H 45 -34.94 31.06 -0.62
N HIS H 46 -34.51 29.82 -0.85
CA HIS H 46 -33.93 29.45 -2.14
C HIS H 46 -34.47 28.10 -2.59
N SER H 47 -34.37 27.83 -3.89
CA SER H 47 -34.73 26.52 -4.42
C SER H 47 -33.51 25.87 -5.07
N ASN H 48 -32.57 25.45 -4.23
CA ASN H 48 -31.38 24.75 -4.68
C ASN H 48 -31.57 23.25 -4.55
N PRO H 49 -31.51 22.53 -5.67
CA PRO H 49 -31.83 21.10 -5.74
C PRO H 49 -30.89 20.22 -4.90
N GLU H 50 -29.67 20.72 -4.66
CA GLU H 50 -28.64 19.97 -3.95
C GLU H 50 -28.89 19.93 -2.45
N GLU H 51 -29.76 20.81 -1.97
CA GLU H 51 -30.05 20.89 -0.55
C GLU H 51 -31.19 19.97 -0.14
N PHE H 52 -30.97 19.29 0.98
CA PHE H 52 -31.93 18.33 1.49
C PHE H 52 -33.05 18.99 2.27
N TYR H 53 -32.69 20.03 3.04
CA TYR H 53 -33.62 20.56 4.04
C TYR H 53 -34.16 21.95 3.78
N TRP H 54 -35.48 22.05 3.87
CA TRP H 54 -36.21 23.32 3.98
C TRP H 54 -36.61 23.48 5.45
N THR H 55 -37.11 24.66 5.81
CA THR H 55 -37.55 24.89 7.18
C THR H 55 -39.00 24.51 7.33
N MET H 56 -39.28 23.82 8.42
CA MET H 56 -40.62 23.34 8.73
C MET H 56 -41.49 24.48 9.25
N TRP H 57 -42.68 24.61 8.68
CA TRP H 57 -43.71 25.49 9.21
C TRP H 57 -44.46 24.76 10.32
N LYS H 58 -44.34 25.28 11.53
CA LYS H 58 -44.91 24.67 12.72
C LYS H 58 -44.53 23.19 12.84
N LEU H 59 -45.51 22.30 12.87
CA LEU H 59 -45.28 20.85 12.87
C LEU H 59 -46.19 20.25 11.80
N PRO H 60 -45.93 18.99 11.38
CA PRO H 60 -46.81 18.33 10.42
C PRO H 60 -48.24 18.22 10.94
N LEU H 61 -49.22 18.32 10.04
CA LEU H 61 -50.62 18.25 10.43
C LEU H 61 -51.01 16.79 10.49
N PHE H 62 -50.64 16.16 11.60
CA PHE H 62 -50.66 14.70 11.72
C PHE H 62 -52.03 14.03 11.62
N ALA H 63 -53.06 14.70 12.10
CA ALA H 63 -54.41 14.16 11.94
C ALA H 63 -55.26 15.15 11.13
N CYS H 64 -54.70 15.62 10.02
CA CYS H 64 -55.42 16.57 9.19
C CYS H 64 -56.58 15.87 8.50
N ALA H 65 -57.78 16.37 8.74
CA ALA H 65 -58.99 15.81 8.14
C ALA H 65 -59.51 16.72 7.05
N ALA H 66 -59.19 18.01 7.17
CA ALA H 66 -59.71 19.01 6.23
C ALA H 66 -58.59 19.55 5.35
N PRO H 67 -58.79 19.53 4.02
CA PRO H 67 -57.99 20.31 3.07
C PRO H 67 -57.90 21.78 3.44
N GLN H 68 -58.98 22.32 4.00
CA GLN H 68 -59.04 23.73 4.37
C GLN H 68 -58.03 24.04 5.46
N GLN H 69 -57.90 23.13 6.42
CA GLN H 69 -56.93 23.24 7.50
C GLN H 69 -55.51 23.41 6.94
N VAL H 70 -55.20 22.63 5.90
CA VAL H 70 -53.90 22.74 5.24
C VAL H 70 -53.79 24.08 4.52
N LEU H 71 -54.83 24.44 3.77
CA LEU H 71 -54.84 25.68 3.01
C LEU H 71 -54.72 26.92 3.91
N ASP H 72 -55.30 26.84 5.10
CA ASP H 72 -55.22 27.94 6.05
C ASP H 72 -53.80 28.13 6.54
N GLU H 73 -53.08 27.04 6.75
CA GLU H 73 -51.69 27.13 7.17
C GLU H 73 -50.81 27.64 6.06
N VAL H 74 -51.10 27.22 4.83
CA VAL H 74 -50.39 27.74 3.67
C VAL H 74 -50.57 29.26 3.57
N ARG H 75 -51.77 29.76 3.85
CA ARG H 75 -52.03 31.21 3.85
C ARG H 75 -51.23 31.89 4.95
N GLU H 76 -51.28 31.32 6.15
CA GLU H 76 -50.53 31.84 7.28
C GLU H 76 -49.03 31.92 6.99
N CYS H 77 -48.51 30.85 6.40
CA CYS H 77 -47.09 30.79 6.08
C CYS H 77 -46.70 31.87 5.09
N ARG H 78 -47.58 32.11 4.12
CA ARG H 78 -47.32 33.12 3.09
C ARG H 78 -47.27 34.54 3.63
N SER H 79 -48.14 34.86 4.58
CA SER H 79 -48.19 36.21 5.11
C SER H 79 -46.92 36.50 5.91
N GLU H 80 -46.38 35.43 6.48
CA GLU H 80 -45.17 35.52 7.27
C GLU H 80 -43.91 35.40 6.40
N TYR H 81 -43.98 34.62 5.32
CA TYR H 81 -42.81 34.30 4.51
C TYR H 81 -43.05 34.44 3.00
N GLY H 82 -43.58 35.59 2.59
CA GLY H 82 -43.93 35.78 1.19
C GLY H 82 -42.73 35.90 0.28
N ASP H 83 -41.57 36.15 0.87
CA ASP H 83 -40.31 36.20 0.15
C ASP H 83 -39.65 34.83 0.00
N CYS H 84 -40.35 33.78 0.38
CA CYS H 84 -39.81 32.43 0.35
C CYS H 84 -40.61 31.55 -0.60
N TYR H 85 -40.00 30.47 -1.07
CA TYR H 85 -40.73 29.38 -1.70
C TYR H 85 -41.45 28.62 -0.60
N ILE H 86 -42.67 28.18 -0.89
CA ILE H 86 -43.43 27.40 0.07
C ILE H 86 -43.92 26.16 -0.65
N ARG H 87 -43.74 25.01 -0.01
CA ARG H 87 -44.05 23.73 -0.64
C ARG H 87 -44.92 22.90 0.30
N VAL H 88 -45.91 22.22 -0.28
CA VAL H 88 -46.75 21.30 0.47
C VAL H 88 -46.25 19.88 0.21
N ALA H 89 -46.06 19.13 1.27
CA ALA H 89 -45.59 17.76 1.17
C ALA H 89 -46.54 16.84 1.92
N GLY H 90 -46.66 15.61 1.44
CA GLY H 90 -47.38 14.59 2.18
C GLY H 90 -46.38 13.54 2.62
N PHE H 91 -46.55 13.02 3.83
CA PHE H 91 -45.61 12.05 4.37
C PHE H 91 -46.30 10.74 4.70
N ASP H 92 -45.78 9.66 4.13
CA ASP H 92 -46.19 8.31 4.47
C ASP H 92 -45.30 7.80 5.60
N ASN H 93 -45.87 7.58 6.77
CA ASN H 93 -45.09 7.19 7.95
C ASN H 93 -44.84 5.67 8.02
N ILE H 94 -45.55 4.91 7.20
CA ILE H 94 -45.39 3.47 7.19
C ILE H 94 -44.21 3.07 6.31
N LYS H 95 -44.15 3.64 5.12
CA LYS H 95 -42.98 3.52 4.26
C LYS H 95 -41.91 4.53 4.67
N GLU H 96 -42.28 5.45 5.55
CA GLU H 96 -41.43 6.56 5.94
C GLU H 96 -40.78 7.26 4.77
N CYS H 97 -41.60 7.74 3.84
CA CYS H 97 -41.12 8.53 2.74
C CYS H 97 -42.13 9.62 2.38
N GLN H 98 -41.62 10.69 1.78
CA GLN H 98 -42.43 11.80 1.32
C GLN H 98 -43.10 11.38 0.02
N THR H 99 -44.42 11.50 -0.05
CA THR H 99 -45.20 10.93 -1.13
C THR H 99 -45.68 11.96 -2.12
N SER H 100 -45.95 13.15 -1.60
CA SER H 100 -46.36 14.29 -2.41
C SER H 100 -45.45 15.44 -2.08
N SER H 101 -45.30 16.34 -3.04
CA SER H 101 -44.42 17.48 -2.87
C SER H 101 -44.61 18.39 -4.08
N PHE H 102 -45.13 19.59 -3.84
CA PHE H 102 -45.24 20.58 -4.90
C PHE H 102 -45.22 22.00 -4.33
N ILE H 103 -44.62 22.90 -5.08
CA ILE H 103 -44.48 24.30 -4.70
C ILE H 103 -45.84 24.98 -4.82
N VAL H 104 -46.30 25.61 -3.74
CA VAL H 104 -47.55 26.36 -3.76
C VAL H 104 -47.33 27.87 -3.75
N HIS H 105 -46.10 28.31 -3.48
CA HIS H 105 -45.80 29.72 -3.52
C HIS H 105 -44.35 29.96 -3.92
N ARG H 106 -44.15 30.88 -4.84
CA ARG H 106 -42.82 31.37 -5.20
C ARG H 106 -42.69 32.82 -4.78
N PRO H 107 -41.49 33.25 -4.39
CA PRO H 107 -41.30 34.57 -3.81
C PRO H 107 -41.54 35.68 -4.82
N GLY H 108 -41.76 36.89 -4.31
CA GLY H 108 -41.91 38.06 -5.17
C GLY H 108 -40.77 38.24 -6.15
N ARG H 109 -41.04 37.84 -7.40
CA ARG H 109 -40.06 37.77 -8.49
C ARG H 109 -38.68 37.23 -8.14
N SER I 1 26.85 44.92 -20.04
CA SER I 1 25.62 44.55 -19.29
C SER I 1 24.82 43.68 -20.22
N ALA I 2 23.52 43.56 -19.96
CA ALA I 2 22.63 43.01 -20.97
C ALA I 2 22.75 44.00 -22.13
N ALA I 3 23.22 43.50 -23.26
CA ALA I 3 23.90 44.34 -24.22
C ALA I 3 22.99 44.97 -25.25
N GLY I 4 21.72 45.15 -24.89
CA GLY I 4 20.74 45.61 -25.84
C GLY I 4 20.18 44.46 -26.65
N TYR I 5 18.86 44.47 -26.82
CA TYR I 5 18.22 43.48 -27.66
C TYR I 5 18.11 44.03 -29.07
N LYS I 6 18.83 43.40 -30.00
CA LYS I 6 18.62 43.63 -31.42
C LYS I 6 18.03 42.37 -32.04
N ALA I 7 16.76 42.44 -32.42
CA ALA I 7 16.09 41.31 -33.03
C ALA I 7 16.73 41.01 -34.39
N GLY I 8 16.61 39.76 -34.82
CA GLY I 8 17.05 39.41 -36.15
C GLY I 8 18.03 38.25 -36.14
N VAL I 9 18.28 37.71 -37.33
CA VAL I 9 19.16 36.58 -37.50
C VAL I 9 20.62 37.00 -37.55
N LYS I 10 21.41 36.39 -36.67
CA LYS I 10 22.86 36.49 -36.69
C LYS I 10 23.46 35.13 -37.01
N ASP I 11 24.71 35.15 -37.44
CA ASP I 11 25.53 33.94 -37.56
C ASP I 11 25.73 33.32 -36.19
N TYR I 12 25.64 32.00 -36.14
CA TYR I 12 25.89 31.28 -34.89
C TYR I 12 27.30 31.51 -34.40
N LYS I 13 28.25 31.63 -35.34
CA LYS I 13 29.65 31.67 -34.96
C LYS I 13 30.04 32.94 -34.21
N LEU I 14 29.16 33.93 -34.26
CA LEU I 14 29.41 35.16 -33.51
C LEU I 14 29.30 34.92 -32.00
N THR I 15 28.47 33.95 -31.62
CA THR I 15 28.26 33.65 -30.21
C THR I 15 28.92 32.34 -29.78
N TYR I 16 28.94 31.35 -30.68
CA TYR I 16 29.19 29.97 -30.28
C TYR I 16 30.49 29.36 -30.76
N TYR I 17 31.23 30.09 -31.60
CA TYR I 17 32.56 29.67 -32.01
C TYR I 17 33.58 30.40 -31.16
N THR I 18 34.28 29.66 -30.31
CA THR I 18 35.14 30.24 -29.30
C THR I 18 36.52 29.57 -29.31
N PRO I 19 37.31 29.81 -30.37
CA PRO I 19 38.54 29.05 -30.59
C PRO I 19 39.58 29.30 -29.49
N ASP I 20 39.35 30.31 -28.68
CA ASP I 20 40.28 30.64 -27.61
C ASP I 20 39.82 30.08 -26.26
N TYR I 21 38.76 29.28 -26.28
CA TYR I 21 38.24 28.70 -25.04
C TYR I 21 39.08 27.50 -24.62
N THR I 22 39.42 27.46 -23.33
CA THR I 22 40.08 26.31 -22.75
C THR I 22 39.11 25.59 -21.81
N PRO I 23 38.77 24.33 -22.15
CA PRO I 23 37.76 23.56 -21.43
C PRO I 23 38.11 23.38 -19.96
N LYS I 24 37.11 23.51 -19.11
CA LYS I 24 37.26 23.20 -17.69
C LYS I 24 37.11 21.71 -17.47
N ASP I 25 37.54 21.24 -16.31
CA ASP I 25 37.48 19.82 -15.99
C ASP I 25 36.07 19.38 -15.64
N THR I 26 35.18 20.36 -15.45
CA THR I 26 33.78 20.06 -15.22
C THR I 26 32.96 20.13 -16.51
N ASP I 27 33.58 20.59 -17.60
CA ASP I 27 32.91 20.63 -18.89
C ASP I 27 32.72 19.22 -19.45
N LEU I 28 31.58 18.99 -20.10
CA LEU I 28 31.34 17.80 -20.90
C LEU I 28 31.85 18.18 -22.30
N LEU I 29 32.73 17.36 -22.85
CA LEU I 29 33.29 17.63 -24.17
C LEU I 29 32.73 16.64 -25.18
N ALA I 30 32.48 17.11 -26.40
CA ALA I 30 31.99 16.21 -27.45
C ALA I 30 32.83 16.40 -28.71
N ALA I 31 33.12 15.29 -29.39
CA ALA I 31 33.83 15.34 -30.67
C ALA I 31 32.88 14.89 -31.77
N PHE I 32 32.58 15.81 -32.68
CA PHE I 32 31.69 15.51 -33.81
C PHE I 32 32.51 15.48 -35.08
N ARG I 33 32.15 14.59 -36.00
CA ARG I 33 32.71 14.56 -37.34
C ARG I 33 31.59 15.05 -38.27
N PHE I 34 31.82 16.10 -39.03
CA PHE I 34 30.75 16.66 -39.87
C PHE I 34 31.21 17.07 -41.27
N SER I 35 30.24 17.09 -42.19
CA SER I 35 30.45 17.69 -43.50
C SER I 35 29.40 18.77 -43.69
N PRO I 36 29.83 20.03 -43.86
CA PRO I 36 28.89 21.12 -44.12
C PRO I 36 28.36 21.07 -45.56
N GLN I 37 27.15 21.60 -45.75
CA GLN I 37 26.62 21.79 -47.09
C GLN I 37 27.52 22.78 -47.82
N PRO I 38 27.64 22.64 -49.15
CA PRO I 38 28.35 23.64 -49.96
C PRO I 38 27.90 25.06 -49.64
N GLY I 39 28.87 25.90 -49.31
CA GLY I 39 28.57 27.29 -49.02
C GLY I 39 28.47 27.60 -47.54
N VAL I 40 28.43 26.56 -46.72
CA VAL I 40 28.42 26.75 -45.28
C VAL I 40 29.83 26.53 -44.76
N PRO I 41 30.46 27.60 -44.24
CA PRO I 41 31.80 27.48 -43.67
C PRO I 41 31.84 26.57 -42.44
N ALA I 42 32.97 25.90 -42.25
CA ALA I 42 33.13 24.91 -41.20
C ALA I 42 32.92 25.50 -39.81
N ASP I 43 33.39 26.72 -39.57
CA ASP I 43 33.26 27.33 -38.26
C ASP I 43 31.83 27.75 -37.94
N GLU I 44 31.06 28.09 -38.98
CA GLU I 44 29.65 28.39 -38.78
C GLU I 44 28.87 27.11 -38.53
N ALA I 45 29.22 26.05 -39.26
CA ALA I 45 28.60 24.74 -39.06
C ALA I 45 28.90 24.18 -37.67
N GLY I 46 30.15 24.32 -37.23
CA GLY I 46 30.53 23.91 -35.89
C GLY I 46 29.82 24.71 -34.81
N ALA I 47 29.68 26.01 -35.05
CA ALA I 47 28.98 26.89 -34.13
C ALA I 47 27.47 26.58 -34.08
N ALA I 48 26.89 26.20 -35.21
CA ALA I 48 25.48 25.85 -35.28
C ALA I 48 25.21 24.59 -34.45
N ILE I 49 26.14 23.64 -34.53
CA ILE I 49 26.05 22.40 -33.74
C ILE I 49 26.11 22.72 -32.25
N ALA I 50 27.07 23.55 -31.86
CA ALA I 50 27.20 23.98 -30.47
C ALA I 50 25.97 24.74 -29.98
N ALA I 51 25.42 25.61 -30.84
CA ALA I 51 24.28 26.45 -30.48
C ALA I 51 23.04 25.62 -30.23
N GLU I 52 22.68 24.79 -31.20
CA GLU I 52 21.41 24.11 -31.19
C GLU I 52 21.42 22.82 -30.35
N SER I 53 22.55 22.54 -29.71
CA SER I 53 22.61 21.47 -28.74
C SER I 53 22.81 22.00 -27.32
N SER I 54 22.71 23.32 -27.15
CA SER I 54 22.84 23.91 -25.84
C SER I 54 21.78 24.97 -25.54
N THR I 55 21.94 26.18 -26.09
CA THR I 55 21.13 27.32 -25.66
C THR I 55 20.46 28.07 -26.81
N GLY I 56 20.90 27.81 -28.04
CA GLY I 56 20.57 28.70 -29.14
C GLY I 56 19.46 28.26 -30.08
N THR I 57 18.90 29.22 -30.81
CA THR I 57 18.02 28.93 -31.93
C THR I 57 18.36 29.85 -33.10
N TRP I 58 17.49 29.87 -34.11
CA TRP I 58 17.83 30.40 -35.44
C TRP I 58 17.81 31.93 -35.54
N THR I 59 17.18 32.57 -34.57
CA THR I 59 17.09 34.02 -34.54
C THR I 59 17.32 34.51 -33.11
N THR I 60 17.67 35.79 -32.99
CA THR I 60 17.96 36.39 -31.69
C THR I 60 16.69 36.61 -30.86
N VAL I 61 16.72 36.15 -29.61
CA VAL I 61 15.60 36.28 -28.70
C VAL I 61 16.03 37.14 -27.51
N TRP I 62 15.11 37.94 -26.99
CA TRP I 62 15.43 38.90 -25.93
C TRP I 62 15.68 38.23 -24.59
N THR I 63 15.15 37.03 -24.42
CA THR I 63 15.20 36.32 -23.15
C THR I 63 16.61 35.92 -22.73
N ASP I 64 17.52 35.85 -23.70
CA ASP I 64 18.95 35.62 -23.42
C ASP I 64 19.46 36.58 -22.36
N LEU I 65 18.94 37.80 -22.40
CA LEU I 65 19.47 38.88 -21.58
C LEU I 65 18.94 38.84 -20.15
N LEU I 66 18.02 37.92 -19.89
CA LEU I 66 17.54 37.68 -18.52
C LEU I 66 18.52 36.80 -17.73
N THR I 67 19.42 36.13 -18.44
CA THR I 67 20.34 35.21 -17.82
C THR I 67 21.76 35.48 -18.32
N ASP I 68 22.70 34.62 -17.94
CA ASP I 68 24.10 34.83 -18.24
C ASP I 68 24.51 33.82 -19.30
N MET I 69 24.36 34.21 -20.57
CA MET I 69 24.57 33.28 -21.68
C MET I 69 25.99 32.72 -21.74
N ASP I 70 26.96 33.52 -21.31
CA ASP I 70 28.34 33.07 -21.29
C ASP I 70 28.53 31.86 -20.39
N ARG I 71 27.76 31.80 -19.31
CA ARG I 71 27.84 30.69 -18.36
C ARG I 71 27.23 29.41 -18.93
N TYR I 72 26.26 29.54 -19.82
CA TYR I 72 25.45 28.40 -20.21
C TYR I 72 25.68 27.87 -21.60
N LYS I 73 26.21 28.70 -22.50
CA LYS I 73 26.28 28.31 -23.92
C LYS I 73 27.31 27.21 -24.21
N GLY I 74 26.97 26.35 -25.16
CA GLY I 74 27.93 25.41 -25.70
C GLY I 74 28.97 26.17 -26.49
N LYS I 75 30.21 25.68 -26.49
CA LYS I 75 31.32 26.43 -27.05
C LYS I 75 32.13 25.56 -27.98
N CYS I 76 31.99 25.80 -29.28
CA CYS I 76 32.83 25.11 -30.25
C CYS I 76 34.22 25.73 -30.19
N TYR I 77 35.16 25.04 -29.56
CA TYR I 77 36.44 25.63 -29.23
C TYR I 77 37.56 25.15 -30.15
N HIS I 78 37.26 24.16 -30.98
CA HIS I 78 38.26 23.66 -31.92
C HIS I 78 37.63 22.96 -33.10
N ILE I 79 38.15 23.27 -34.29
CA ILE I 79 37.76 22.57 -35.50
C ILE I 79 39.03 22.14 -36.23
N GLU I 80 39.05 20.93 -36.75
CA GLU I 80 40.18 20.46 -37.54
C GLU I 80 39.69 19.62 -38.70
N PRO I 81 40.27 19.83 -39.88
CA PRO I 81 39.93 18.98 -41.03
C PRO I 81 40.35 17.53 -40.82
N VAL I 82 39.52 16.61 -41.29
CA VAL I 82 39.85 15.19 -41.27
C VAL I 82 40.88 14.94 -42.35
N ALA I 83 42.07 14.50 -41.93
CA ALA I 83 43.19 14.32 -42.84
C ALA I 83 42.84 13.35 -43.97
N GLY I 84 43.00 13.83 -45.19
CA GLY I 84 42.86 12.98 -46.35
C GLY I 84 41.44 12.90 -46.89
N GLU I 85 40.52 13.65 -46.31
CA GLU I 85 39.13 13.57 -46.70
C GLU I 85 38.56 14.95 -46.99
N GLU I 86 37.92 15.07 -48.16
CA GLU I 86 37.37 16.35 -48.60
C GLU I 86 36.12 16.71 -47.81
N ASN I 87 36.05 17.96 -47.36
CA ASN I 87 34.85 18.51 -46.74
C ASN I 87 34.39 17.72 -45.51
N SER I 88 35.34 17.29 -44.69
CA SER I 88 35.02 16.58 -43.46
C SER I 88 35.88 17.18 -42.36
N TYR I 89 35.26 17.48 -41.21
CA TYR I 89 35.95 18.14 -40.10
C TYR I 89 35.58 17.48 -38.78
N PHE I 90 36.44 17.64 -37.79
CA PHE I 90 36.11 17.37 -36.40
C PHE I 90 35.83 18.71 -35.71
N ALA I 91 34.70 18.80 -35.03
CA ALA I 91 34.42 19.92 -34.13
C ALA I 91 34.45 19.41 -32.70
N PHE I 92 35.17 20.13 -31.85
CA PHE I 92 35.20 19.81 -30.43
C PHE I 92 34.42 20.89 -29.70
N ILE I 93 33.44 20.47 -28.92
CA ILE I 93 32.50 21.39 -28.29
C ILE I 93 32.46 21.13 -26.79
N ALA I 94 32.54 22.21 -26.01
CA ALA I 94 32.46 22.12 -24.55
C ALA I 94 31.09 22.56 -24.04
N TYR I 95 30.51 21.76 -23.15
CA TYR I 95 29.21 22.07 -22.56
C TYR I 95 29.39 22.20 -21.06
N PRO I 96 28.90 23.29 -20.47
CA PRO I 96 28.96 23.46 -19.01
C PRO I 96 28.24 22.34 -18.27
N LEU I 97 28.77 22.01 -17.10
CA LEU I 97 28.19 20.99 -16.21
C LEU I 97 26.72 21.28 -15.89
N ASP I 98 26.38 22.56 -15.85
CA ASP I 98 25.05 23.01 -15.43
C ASP I 98 23.94 22.60 -16.39
N LEU I 99 24.30 22.24 -17.61
CA LEU I 99 23.30 21.96 -18.64
C LEU I 99 22.60 20.62 -18.47
N PHE I 100 23.12 19.77 -17.59
CA PHE I 100 22.72 18.36 -17.59
C PHE I 100 22.02 17.95 -16.30
N GLU I 101 20.97 17.14 -16.44
CA GLU I 101 20.33 16.56 -15.27
C GLU I 101 21.23 15.45 -14.72
N GLU I 102 21.46 15.53 -13.41
CA GLU I 102 22.27 14.56 -12.72
C GLU I 102 21.70 13.16 -12.89
N GLY I 103 22.57 12.20 -13.23
CA GLY I 103 22.16 10.82 -13.26
C GLY I 103 21.29 10.45 -14.45
N SER I 104 21.23 11.32 -15.45
CA SER I 104 20.36 11.09 -16.61
C SER I 104 21.12 11.04 -17.93
N VAL I 105 21.32 9.82 -18.42
CA VAL I 105 21.87 9.61 -19.76
C VAL I 105 20.87 10.10 -20.82
N THR I 106 19.59 9.92 -20.54
CA THR I 106 18.51 10.40 -21.40
C THR I 106 18.64 11.89 -21.69
N ASN I 107 18.87 12.69 -20.65
CA ASN I 107 19.00 14.13 -20.81
C ASN I 107 20.26 14.52 -21.56
N ILE I 108 21.37 13.88 -21.23
CA ILE I 108 22.64 14.15 -21.90
C ILE I 108 22.52 13.94 -23.40
N LEU I 109 21.96 12.82 -23.80
CA LEU I 109 21.77 12.51 -25.22
C LEU I 109 20.79 13.47 -25.88
N THR I 110 19.74 13.88 -25.17
CA THR I 110 18.76 14.80 -25.71
C THR I 110 19.38 16.13 -26.14
N SER I 111 20.35 16.62 -25.36
CA SER I 111 21.08 17.81 -25.75
C SER I 111 22.06 17.54 -26.90
N ILE I 112 22.97 16.60 -26.68
CA ILE I 112 24.09 16.39 -27.59
C ILE I 112 23.66 15.89 -28.96
N VAL I 113 22.67 15.01 -29.01
CA VAL I 113 22.24 14.42 -30.27
C VAL I 113 20.74 14.61 -30.56
N GLY I 114 20.10 15.53 -29.85
CA GLY I 114 18.68 15.72 -29.98
C GLY I 114 18.18 16.23 -31.34
N ASN I 115 18.70 17.38 -31.77
CA ASN I 115 18.20 18.03 -32.99
C ASN I 115 19.24 18.26 -34.08
N VAL I 116 20.53 18.29 -33.72
CA VAL I 116 21.55 18.80 -34.64
C VAL I 116 21.86 17.93 -35.84
N PHE I 117 21.53 16.64 -35.76
CA PHE I 117 21.81 15.70 -36.85
C PHE I 117 20.93 15.92 -38.08
N GLY I 118 19.83 16.66 -37.90
CA GLY I 118 18.90 16.87 -38.99
C GLY I 118 18.97 18.25 -39.60
N PHE I 119 19.92 19.04 -39.13
CA PHE I 119 20.12 20.41 -39.59
C PHE I 119 20.40 20.45 -41.09
N LYS I 120 19.61 21.23 -41.82
CA LYS I 120 19.77 21.36 -43.26
C LYS I 120 21.18 21.75 -43.71
N ALA I 121 21.81 22.62 -42.94
CA ALA I 121 23.11 23.18 -43.33
C ALA I 121 24.25 22.18 -43.21
N ILE I 122 23.96 21.02 -42.63
CA ILE I 122 24.94 19.96 -42.40
C ILE I 122 24.53 18.74 -43.23
N ARG I 123 25.47 18.16 -43.97
CA ARG I 123 25.18 16.98 -44.78
C ARG I 123 25.12 15.72 -43.94
N SER I 124 26.09 15.58 -43.05
CA SER I 124 26.20 14.39 -42.23
C SER I 124 26.90 14.76 -40.93
N LEU I 125 26.57 14.04 -39.87
CA LEU I 125 27.11 14.34 -38.55
C LEU I 125 27.24 13.02 -37.81
N ARG I 126 28.39 12.82 -37.17
CA ARG I 126 28.62 11.62 -36.39
C ARG I 126 29.32 11.97 -35.08
N LEU I 127 28.70 11.61 -33.96
CA LEU I 127 29.30 11.82 -32.66
C LEU I 127 30.31 10.71 -32.39
N GLU I 128 31.57 11.10 -32.19
CA GLU I 128 32.68 10.16 -32.07
C GLU I 128 32.99 9.80 -30.63
N ASP I 129 32.92 10.79 -29.74
CA ASP I 129 33.32 10.60 -28.35
C ASP I 129 32.72 11.72 -27.49
N ILE I 130 32.54 11.41 -26.20
CA ILE I 130 32.13 12.39 -25.20
C ILE I 130 33.07 12.22 -24.01
N ARG I 131 33.68 13.30 -23.54
CA ARG I 131 34.32 13.22 -22.25
C ARG I 131 33.33 13.56 -21.15
N PHE I 132 32.99 12.56 -20.34
CA PHE I 132 32.14 12.78 -19.18
C PHE I 132 33.01 13.26 -18.03
N PRO I 133 32.74 14.47 -17.53
CA PRO I 133 33.49 14.98 -16.38
C PRO I 133 33.24 14.13 -15.14
N VAL I 134 34.25 14.03 -14.30
CA VAL I 134 34.18 13.21 -13.10
C VAL I 134 33.03 13.64 -12.17
N ALA I 135 32.76 14.94 -12.13
CA ALA I 135 31.69 15.49 -11.29
C ALA I 135 30.32 15.02 -11.77
N LEU I 136 30.20 14.75 -13.06
CA LEU I 136 28.97 14.21 -13.61
C LEU I 136 28.91 12.68 -13.46
N VAL I 137 30.06 12.04 -13.65
CA VAL I 137 30.14 10.58 -13.51
C VAL I 137 29.68 10.15 -12.12
N LYS I 138 29.97 10.97 -11.12
CA LYS I 138 29.61 10.65 -9.75
C LYS I 138 28.13 10.78 -9.41
N THR I 139 27.34 11.34 -10.33
CA THR I 139 25.90 11.45 -10.12
C THR I 139 25.17 10.19 -10.59
N PHE I 140 25.92 9.26 -11.19
CA PHE I 140 25.37 8.00 -11.68
C PHE I 140 25.73 6.83 -10.76
N GLN I 141 24.86 5.82 -10.73
CA GLN I 141 25.16 4.58 -10.01
C GLN I 141 26.20 3.75 -10.75
N GLY I 142 26.02 3.63 -12.07
CA GLY I 142 26.88 2.79 -12.85
C GLY I 142 26.47 1.33 -12.73
N PRO I 143 27.37 0.39 -13.05
CA PRO I 143 27.08 -1.05 -12.95
C PRO I 143 26.51 -1.43 -11.58
N PRO I 144 25.44 -2.22 -11.55
CA PRO I 144 24.92 -2.74 -10.28
C PRO I 144 26.00 -3.43 -9.44
N HIS I 145 26.93 -4.13 -10.10
CA HIS I 145 28.00 -4.88 -9.42
C HIS I 145 29.36 -4.62 -10.04
N GLY I 146 29.49 -4.89 -11.33
CA GLY I 146 30.76 -4.70 -12.00
C GLY I 146 31.63 -5.94 -11.93
N ILE I 147 32.75 -5.91 -12.63
CA ILE I 147 33.57 -7.11 -12.86
C ILE I 147 34.01 -7.87 -11.60
N GLN I 148 34.66 -7.19 -10.65
CA GLN I 148 35.23 -7.91 -9.53
C GLN I 148 34.17 -8.48 -8.58
N VAL I 149 33.10 -7.72 -8.35
CA VAL I 149 32.03 -8.20 -7.50
C VAL I 149 31.32 -9.38 -8.16
N GLU I 150 31.17 -9.33 -9.49
CA GLU I 150 30.56 -10.45 -10.20
C GLU I 150 31.38 -11.75 -10.09
N ARG I 151 32.70 -11.67 -10.27
CA ARG I 151 33.55 -12.85 -10.15
C ARG I 151 33.41 -13.44 -8.74
N ASP I 152 33.35 -12.54 -7.75
CA ASP I 152 33.22 -12.95 -6.34
C ASP I 152 31.89 -13.61 -6.03
N LEU I 153 30.82 -13.11 -6.63
CA LEU I 153 29.49 -13.69 -6.44
C LEU I 153 29.39 -15.07 -7.09
N LEU I 154 30.05 -15.24 -8.22
CA LEU I 154 29.88 -16.46 -9.01
C LEU I 154 30.99 -17.49 -8.77
N ASN I 155 32.02 -17.11 -8.01
CA ASN I 155 33.16 -17.97 -7.75
C ASN I 155 33.84 -18.37 -9.05
N LYS I 156 33.95 -17.42 -9.95
CA LYS I 156 34.50 -17.64 -11.29
C LYS I 156 35.78 -16.82 -11.41
N TYR I 157 36.94 -17.49 -11.37
CA TYR I 157 38.23 -16.80 -11.41
C TYR I 157 39.16 -17.50 -12.39
N GLY I 158 40.02 -16.72 -13.04
CA GLY I 158 41.17 -17.29 -13.71
C GLY I 158 41.06 -17.49 -15.20
N ARG I 159 39.89 -17.19 -15.78
CA ARG I 159 39.72 -17.30 -17.22
C ARG I 159 38.44 -16.60 -17.68
N PRO I 160 38.29 -16.38 -19.01
CA PRO I 160 37.02 -15.90 -19.54
C PRO I 160 35.85 -16.81 -19.15
N MET I 161 34.67 -16.23 -19.01
CA MET I 161 33.47 -17.03 -18.80
C MET I 161 32.86 -17.37 -20.16
N LEU I 162 32.06 -18.43 -20.19
CA LEU I 162 31.51 -18.95 -21.44
C LEU I 162 30.01 -18.93 -21.40
N GLY I 163 29.42 -18.45 -22.50
CA GLY I 163 27.98 -18.42 -22.61
C GLY I 163 27.51 -19.01 -23.93
N CYS I 164 26.22 -18.86 -24.19
CA CYS I 164 25.59 -19.52 -25.33
C CYS I 164 24.15 -19.03 -25.47
N THR I 165 23.83 -18.51 -26.65
CA THR I 165 22.44 -18.17 -26.97
C THR I 165 21.73 -19.41 -27.49
N ILE I 166 20.56 -19.71 -26.93
CA ILE I 166 19.73 -20.79 -27.39
C ILE I 166 19.17 -20.49 -28.78
N LYS I 167 19.12 -21.51 -29.64
CA LYS I 167 18.59 -21.39 -31.00
C LYS I 167 17.61 -22.55 -31.24
N PRO I 168 16.67 -22.40 -32.18
CA PRO I 168 16.37 -21.22 -33.00
C PRO I 168 15.98 -19.99 -32.17
N LYS I 169 16.18 -18.81 -32.76
CA LYS I 169 15.92 -17.55 -32.06
C LYS I 169 14.53 -17.56 -31.43
N LEU I 170 13.55 -17.95 -32.24
CA LEU I 170 12.15 -18.00 -31.83
C LEU I 170 11.57 -19.33 -32.30
N GLY I 171 10.55 -19.83 -31.61
CA GLY I 171 9.88 -21.03 -32.07
C GLY I 171 9.82 -22.18 -31.08
N LEU I 172 10.76 -22.20 -30.12
CA LEU I 172 10.80 -23.25 -29.11
C LEU I 172 9.84 -22.99 -27.97
N SER I 173 9.20 -24.05 -27.50
CA SER I 173 8.35 -23.96 -26.33
C SER I 173 9.22 -23.78 -25.08
N ALA I 174 8.57 -23.44 -23.96
CA ALA I 174 9.29 -23.22 -22.71
C ALA I 174 10.07 -24.47 -22.25
N LYS I 175 9.41 -25.62 -22.34
CA LYS I 175 10.01 -26.89 -21.92
C LYS I 175 11.19 -27.25 -22.80
N ASN I 176 11.06 -27.06 -24.11
CA ASN I 176 12.17 -27.36 -25.02
C ASN I 176 13.29 -26.35 -24.85
N TYR I 177 12.94 -25.15 -24.41
CA TYR I 177 13.95 -24.14 -24.11
C TYR I 177 14.80 -24.56 -22.91
N GLY I 178 14.14 -24.97 -21.84
CA GLY I 178 14.86 -25.42 -20.66
C GLY I 178 15.68 -26.68 -20.93
N ARG I 179 15.17 -27.55 -21.81
CA ARG I 179 15.90 -28.74 -22.22
C ARG I 179 17.24 -28.37 -22.85
N ALA I 180 17.21 -27.46 -23.83
CA ALA I 180 18.42 -27.02 -24.49
C ALA I 180 19.37 -26.36 -23.51
N VAL I 181 18.81 -25.61 -22.56
CA VAL I 181 19.60 -24.93 -21.54
C VAL I 181 20.31 -25.94 -20.62
N TYR I 182 19.57 -26.92 -20.13
CA TYR I 182 20.15 -27.94 -19.25
C TYR I 182 21.32 -28.63 -19.93
N GLU I 183 21.12 -29.06 -21.17
CA GLU I 183 22.15 -29.79 -21.89
C GLU I 183 23.38 -28.94 -22.17
N CYS I 184 23.19 -27.66 -22.45
CA CYS I 184 24.32 -26.74 -22.63
C CYS I 184 25.10 -26.56 -21.32
N LEU I 185 24.40 -26.24 -20.24
CA LEU I 185 25.04 -25.94 -18.98
C LEU I 185 25.76 -27.15 -18.38
N ARG I 186 25.15 -28.34 -18.50
CA ARG I 186 25.75 -29.57 -17.95
C ARG I 186 27.07 -29.89 -18.64
N GLY I 187 27.25 -29.35 -19.84
CA GLY I 187 28.42 -29.65 -20.64
C GLY I 187 29.62 -28.78 -20.37
N GLY I 188 29.48 -27.73 -19.55
CA GLY I 188 30.63 -26.94 -19.19
C GLY I 188 30.56 -25.44 -19.42
N LEU I 189 29.47 -24.96 -20.02
CA LEU I 189 29.27 -23.51 -20.18
C LEU I 189 28.83 -22.91 -18.85
N ASP I 190 29.27 -21.67 -18.59
CA ASP I 190 28.89 -20.98 -17.37
C ASP I 190 27.47 -20.42 -17.49
N PHE I 191 27.14 -19.93 -18.68
CA PHE I 191 25.86 -19.25 -18.90
C PHE I 191 25.21 -19.76 -20.17
N THR I 192 23.88 -19.72 -20.18
CA THR I 192 23.14 -19.65 -21.42
C THR I 192 22.31 -18.35 -21.41
N LYS I 193 21.63 -18.02 -22.51
CA LYS I 193 20.85 -16.81 -22.56
C LYS I 193 19.67 -16.88 -23.51
N ASP I 194 18.62 -16.14 -23.18
CA ASP I 194 17.54 -15.85 -24.12
C ASP I 194 18.11 -15.10 -25.31
N ASP I 195 17.56 -15.34 -26.47
CA ASP I 195 17.83 -14.46 -27.60
C ASP I 195 17.24 -13.08 -27.28
N GLU I 196 17.83 -12.03 -27.85
CA GLU I 196 17.41 -10.67 -27.56
C GLU I 196 15.93 -10.44 -27.86
N ASN I 197 15.39 -11.16 -28.84
CA ASN I 197 13.99 -11.01 -29.21
C ASN I 197 13.06 -12.02 -28.57
N ILE I 198 13.61 -12.85 -27.68
CA ILE I 198 12.79 -13.71 -26.84
C ILE I 198 12.30 -12.87 -25.65
N ASN I 199 11.03 -12.50 -25.66
CA ASN I 199 10.45 -11.73 -24.57
C ASN I 199 9.26 -12.50 -24.02
N SER I 200 8.09 -12.34 -24.61
CA SER I 200 6.94 -13.17 -24.30
C SER I 200 6.07 -13.22 -25.54
N GLN I 201 5.84 -14.42 -26.05
CA GLN I 201 5.23 -14.58 -27.37
C GLN I 201 4.30 -15.78 -27.32
N PRO I 202 3.42 -15.93 -28.32
CA PRO I 202 2.43 -17.02 -28.33
C PRO I 202 3.01 -18.43 -28.16
N PHE I 203 4.19 -18.67 -28.75
CA PHE I 203 4.82 -19.99 -28.70
C PHE I 203 5.53 -20.25 -27.38
N GLN I 204 5.79 -19.18 -26.62
CA GLN I 204 6.52 -19.27 -25.37
C GLN I 204 6.32 -18.00 -24.55
N ARG I 205 5.44 -18.10 -23.56
CA ARG I 205 5.15 -17.03 -22.61
C ARG I 205 6.31 -16.95 -21.62
N TRP I 206 6.59 -15.76 -21.10
CA TRP I 206 7.84 -15.53 -20.35
C TRP I 206 7.88 -16.28 -19.03
N ARG I 207 6.76 -16.35 -18.34
CA ARG I 207 6.74 -16.89 -16.99
C ARG I 207 6.98 -18.41 -17.03
N ASP I 208 6.50 -19.06 -18.09
CA ASP I 208 6.77 -20.48 -18.31
C ASP I 208 8.26 -20.73 -18.56
N ARG I 209 8.88 -19.91 -19.41
CA ARG I 209 10.31 -20.03 -19.65
C ARG I 209 11.11 -19.87 -18.38
N PHE I 210 10.78 -18.86 -17.58
CA PHE I 210 11.51 -18.60 -16.34
C PHE I 210 11.46 -19.82 -15.44
N LEU I 211 10.29 -20.45 -15.38
CA LEU I 211 10.04 -21.63 -14.56
C LEU I 211 10.90 -22.81 -15.01
N PHE I 212 10.83 -23.15 -16.29
CA PHE I 212 11.53 -24.30 -16.83
C PHE I 212 13.04 -24.09 -16.86
N VAL I 213 13.47 -22.87 -17.15
CA VAL I 213 14.89 -22.54 -17.13
C VAL I 213 15.49 -22.64 -15.73
N ALA I 214 14.75 -22.23 -14.71
CA ALA I 214 15.24 -22.33 -13.33
C ALA I 214 15.50 -23.79 -12.95
N ASP I 215 14.64 -24.68 -13.41
CA ASP I 215 14.78 -26.10 -13.17
C ASP I 215 16.06 -26.64 -13.84
N ALA I 216 16.32 -26.19 -15.07
CA ALA I 216 17.49 -26.59 -15.82
C ALA I 216 18.78 -26.13 -15.16
N ILE I 217 18.75 -24.93 -14.58
CA ILE I 217 19.91 -24.39 -13.90
C ILE I 217 20.24 -25.20 -12.66
N HIS I 218 19.21 -25.57 -11.90
CA HIS I 218 19.41 -26.33 -10.68
C HIS I 218 19.98 -27.71 -10.95
N LYS I 219 19.46 -28.38 -11.98
CA LYS I 219 19.89 -29.73 -12.31
C LYS I 219 21.34 -29.75 -12.80
N SER I 220 21.68 -28.79 -13.66
CA SER I 220 23.02 -28.74 -14.23
C SER I 220 24.05 -28.29 -13.20
N GLN I 221 23.66 -27.39 -12.30
CA GLN I 221 24.58 -26.95 -11.25
C GLN I 221 24.85 -28.08 -10.28
N ALA I 222 23.81 -28.88 -10.01
CA ALA I 222 23.94 -29.99 -9.08
C ALA I 222 24.87 -31.05 -9.66
N GLU I 223 24.81 -31.24 -10.98
CA GLU I 223 25.60 -32.27 -11.64
C GLU I 223 27.07 -31.90 -11.80
N THR I 224 27.34 -30.62 -11.99
CA THR I 224 28.67 -30.17 -12.37
C THR I 224 29.47 -29.60 -11.20
N GLY I 225 28.78 -29.14 -10.15
CA GLY I 225 29.45 -28.54 -9.03
C GLY I 225 30.06 -27.17 -9.34
N GLU I 226 29.54 -26.52 -10.37
CA GLU I 226 29.93 -25.15 -10.72
C GLU I 226 28.67 -24.27 -10.79
N ILE I 227 28.80 -23.00 -10.41
CA ILE I 227 27.71 -22.03 -10.50
C ILE I 227 27.30 -21.86 -11.97
N LYS I 228 26.00 -21.98 -12.22
CA LYS I 228 25.42 -21.81 -13.55
C LYS I 228 24.47 -20.61 -13.57
N GLY I 229 24.31 -20.00 -14.73
CA GLY I 229 23.37 -18.91 -14.87
C GLY I 229 22.75 -18.91 -16.26
N HIS I 230 21.61 -18.25 -16.38
CA HIS I 230 20.97 -18.06 -17.68
C HIS I 230 20.38 -16.64 -17.69
N TYR I 231 20.77 -15.82 -18.65
CA TYR I 231 20.30 -14.44 -18.70
C TYR I 231 18.84 -14.45 -19.12
N LEU I 232 17.95 -14.33 -18.16
CA LEU I 232 16.53 -14.25 -18.46
C LEU I 232 16.16 -12.85 -18.92
N ASN I 233 15.62 -12.77 -20.13
CA ASN I 233 15.29 -11.51 -20.77
C ASN I 233 14.04 -10.88 -20.17
N VAL I 234 14.20 -9.73 -19.52
CA VAL I 234 13.08 -9.01 -18.92
C VAL I 234 12.61 -7.84 -19.79
N THR I 235 13.23 -7.67 -20.94
CA THR I 235 12.82 -6.66 -21.91
C THR I 235 11.31 -6.79 -22.21
N ALA I 236 10.59 -5.68 -22.03
CA ALA I 236 9.13 -5.72 -21.95
C ALA I 236 8.51 -4.48 -22.63
N PRO I 237 7.19 -4.49 -22.86
CA PRO I 237 6.53 -3.35 -23.49
C PRO I 237 6.51 -2.08 -22.63
N THR I 238 6.46 -2.25 -21.32
CA THR I 238 6.27 -1.14 -20.38
C THR I 238 7.20 -1.34 -19.19
N CYS I 239 7.42 -0.28 -18.41
CA CYS I 239 8.19 -0.36 -17.18
C CYS I 239 7.58 -1.38 -16.21
N GLU I 240 6.26 -1.41 -16.14
CA GLU I 240 5.56 -2.26 -15.19
C GLU I 240 5.81 -3.73 -15.49
N GLU I 241 5.72 -4.11 -16.76
CA GLU I 241 5.97 -5.47 -17.20
C GLU I 241 7.41 -5.86 -16.99
N MET I 242 8.32 -4.95 -17.34
CA MET I 242 9.74 -5.17 -17.12
C MET I 242 10.00 -5.54 -15.66
N MET I 243 9.42 -4.78 -14.76
CA MET I 243 9.66 -4.99 -13.33
C MET I 243 9.01 -6.28 -12.84
N LYS I 244 7.85 -6.60 -13.40
CA LYS I 244 7.14 -7.81 -13.03
C LYS I 244 8.00 -9.03 -13.37
N ARG I 245 8.68 -8.96 -14.51
CA ARG I 245 9.52 -10.06 -14.97
C ARG I 245 10.82 -10.15 -14.18
N ALA I 246 11.42 -9.00 -13.89
CA ALA I 246 12.61 -8.95 -13.05
C ALA I 246 12.33 -9.53 -11.67
N GLU I 247 11.14 -9.23 -11.17
CA GLU I 247 10.73 -9.66 -9.84
C GLU I 247 10.62 -11.18 -9.72
N PHE I 248 10.07 -11.82 -10.74
CA PHE I 248 9.90 -13.26 -10.71
C PHE I 248 11.25 -13.96 -10.79
N ALA I 249 12.18 -13.41 -11.58
CA ALA I 249 13.53 -13.94 -11.66
C ALA I 249 14.18 -13.93 -10.29
N LYS I 250 13.96 -12.86 -9.54
CA LYS I 250 14.49 -12.78 -8.20
C LYS I 250 13.82 -13.80 -7.29
N GLU I 251 12.51 -13.96 -7.45
CA GLU I 251 11.74 -14.91 -6.67
C GLU I 251 12.26 -16.33 -6.89
N LEU I 252 12.71 -16.62 -8.11
CA LEU I 252 13.22 -17.93 -8.46
C LEU I 252 14.68 -18.09 -8.01
N GLY I 253 15.25 -17.02 -7.49
CA GLY I 253 16.64 -17.06 -7.04
C GLY I 253 17.61 -17.07 -8.20
N MET I 254 17.22 -16.47 -9.31
CA MET I 254 18.06 -16.42 -10.50
C MET I 254 19.16 -15.38 -10.36
N PRO I 255 20.39 -15.74 -10.70
CA PRO I 255 21.51 -14.83 -10.42
C PRO I 255 21.65 -13.69 -11.42
N ILE I 256 21.04 -13.80 -12.59
CA ILE I 256 21.32 -12.90 -13.69
C ILE I 256 20.15 -12.79 -14.66
N ILE I 257 19.88 -11.58 -15.12
CA ILE I 257 18.86 -11.30 -16.14
C ILE I 257 19.50 -10.47 -17.24
N MET I 258 18.78 -10.28 -18.34
CA MET I 258 19.28 -9.45 -19.42
C MET I 258 18.26 -8.41 -19.88
N HIS I 259 18.75 -7.38 -20.55
CA HIS I 259 17.91 -6.27 -20.97
C HIS I 259 18.48 -5.69 -22.24
N ASP I 260 17.60 -5.43 -23.21
CA ASP I 260 18.00 -4.77 -24.45
C ASP I 260 17.92 -3.25 -24.25
N PHE I 261 19.04 -2.61 -23.89
CA PHE I 261 18.99 -1.25 -23.40
C PHE I 261 18.55 -0.20 -24.42
N LEU I 262 18.82 -0.47 -25.70
CA LEU I 262 18.50 0.50 -26.75
C LEU I 262 17.06 0.38 -27.27
N THR I 263 16.55 -0.84 -27.42
CA THR I 263 15.20 -0.99 -27.92
C THR I 263 14.16 -0.76 -26.82
N ALA I 264 14.56 -0.99 -25.58
CA ALA I 264 13.73 -0.64 -24.43
C ALA I 264 13.95 0.83 -24.07
N GLY I 265 15.21 1.25 -24.04
CA GLY I 265 15.52 2.64 -23.79
C GLY I 265 16.25 2.87 -22.49
N PHE I 266 16.93 4.01 -22.39
CA PHE I 266 17.78 4.33 -21.26
C PHE I 266 17.00 4.60 -19.98
N THR I 267 15.79 5.11 -20.11
CA THR I 267 14.96 5.41 -18.93
C THR I 267 14.53 4.11 -18.24
N ALA I 268 14.10 3.13 -19.02
CA ALA I 268 13.77 1.82 -18.48
C ALA I 268 15.03 1.11 -17.99
N ASN I 269 16.11 1.21 -18.75
CA ASN I 269 17.37 0.58 -18.34
C ASN I 269 17.89 1.10 -17.02
N THR I 270 17.86 2.42 -16.83
CA THR I 270 18.35 3.01 -15.59
C THR I 270 17.49 2.58 -14.40
N THR I 271 16.18 2.45 -14.61
CA THR I 271 15.31 1.88 -13.60
C THR I 271 15.74 0.45 -13.23
N LEU I 272 16.04 -0.36 -14.24
CA LEU I 272 16.39 -1.76 -14.04
C LEU I 272 17.74 -1.91 -13.35
N ALA I 273 18.71 -1.09 -13.75
CA ALA I 273 20.03 -1.10 -13.14
C ALA I 273 19.98 -0.77 -11.66
N LYS I 274 19.10 0.16 -11.27
CA LYS I 274 18.98 0.50 -9.85
C LYS I 274 18.34 -0.65 -9.07
N TRP I 275 17.30 -1.25 -9.66
CA TRP I 275 16.63 -2.39 -9.05
C TRP I 275 17.61 -3.55 -8.87
N CYS I 276 18.44 -3.81 -9.87
CA CYS I 276 19.42 -4.88 -9.81
C CYS I 276 20.40 -4.69 -8.66
N ARG I 277 20.81 -3.45 -8.43
CA ARG I 277 21.67 -3.16 -7.31
C ARG I 277 20.98 -3.42 -5.99
N ASP I 278 19.70 -3.05 -5.89
CA ASP I 278 18.99 -3.20 -4.63
C ASP I 278 18.60 -4.63 -4.36
N ASN I 279 18.63 -5.47 -5.40
CA ASN I 279 18.12 -6.83 -5.29
C ASN I 279 19.17 -7.89 -5.60
N GLY I 280 20.40 -7.43 -5.85
CA GLY I 280 21.52 -8.34 -5.98
C GLY I 280 21.43 -9.27 -7.17
N VAL I 281 20.83 -8.79 -8.26
CA VAL I 281 20.74 -9.56 -9.50
C VAL I 281 21.69 -8.94 -10.52
N LEU I 282 22.47 -9.78 -11.19
CA LEU I 282 23.42 -9.31 -12.20
C LEU I 282 22.65 -8.92 -13.46
N LEU I 283 23.19 -7.96 -14.22
CA LEU I 283 22.49 -7.43 -15.37
C LEU I 283 23.34 -7.53 -16.63
N HIS I 284 22.93 -8.42 -17.53
CA HIS I 284 23.59 -8.55 -18.81
C HIS I 284 22.89 -7.63 -19.82
N ILE I 285 23.66 -6.82 -20.54
CA ILE I 285 23.08 -5.87 -21.49
C ILE I 285 23.33 -6.28 -22.95
N HIS I 286 22.23 -6.45 -23.68
CA HIS I 286 22.29 -6.70 -25.12
C HIS I 286 22.16 -5.36 -25.88
N ARG I 287 23.01 -5.17 -26.89
CA ARG I 287 23.05 -3.91 -27.65
C ARG I 287 22.20 -3.89 -28.92
N ALA I 288 21.13 -4.69 -28.95
CA ALA I 288 20.22 -4.73 -30.11
C ALA I 288 19.88 -3.33 -30.59
N MET I 289 20.06 -3.12 -31.89
CA MET I 289 19.76 -1.89 -32.62
C MET I 289 20.94 -0.94 -32.76
N HIS I 290 22.03 -1.23 -32.07
CA HIS I 290 23.16 -0.30 -32.05
C HIS I 290 23.73 -0.02 -33.45
N ALA I 291 23.70 -1.03 -34.32
CA ALA I 291 24.32 -0.90 -35.63
C ALA I 291 23.50 -0.02 -36.58
N VAL I 292 22.22 0.17 -36.25
CA VAL I 292 21.38 1.14 -36.95
C VAL I 292 22.02 2.52 -36.77
N ILE I 293 22.71 2.69 -35.65
CA ILE I 293 23.21 3.98 -35.20
C ILE I 293 24.70 4.12 -35.48
N ASP I 294 25.46 3.03 -35.27
CA ASP I 294 26.90 3.17 -35.15
C ASP I 294 27.78 2.61 -36.26
N ARG I 295 27.17 2.06 -37.31
CA ARG I 295 27.93 1.32 -38.32
C ARG I 295 28.73 2.19 -39.27
N GLN I 296 28.08 3.20 -39.85
CA GLN I 296 28.70 4.02 -40.88
C GLN I 296 29.47 5.16 -40.23
N ARG I 297 30.65 5.46 -40.75
CA ARG I 297 31.47 6.48 -40.12
C ARG I 297 31.19 7.92 -40.51
N ASN I 298 30.27 8.15 -41.43
CA ASN I 298 29.94 9.51 -41.82
C ASN I 298 28.78 10.10 -41.01
N HIS I 299 27.95 9.24 -40.46
CA HIS I 299 26.74 9.68 -39.78
C HIS I 299 26.30 8.71 -38.70
N GLY I 300 25.98 9.23 -37.52
CA GLY I 300 25.44 8.43 -36.44
C GLY I 300 26.18 8.70 -35.16
N ILE I 301 26.24 7.70 -34.29
CA ILE I 301 26.99 7.79 -33.04
C ILE I 301 27.88 6.56 -32.97
N HIS I 302 29.17 6.76 -32.71
CA HIS I 302 30.06 5.62 -32.58
C HIS I 302 29.72 4.80 -31.32
N PHE I 303 29.91 3.48 -31.42
CA PHE I 303 29.56 2.59 -30.32
C PHE I 303 30.24 2.94 -29.02
N ARG I 304 31.44 3.50 -29.08
CA ARG I 304 32.17 3.79 -27.87
C ARG I 304 31.50 4.85 -27.01
N VAL I 305 30.65 5.67 -27.64
CA VAL I 305 29.81 6.61 -26.88
C VAL I 305 28.66 5.85 -26.21
N LEU I 306 28.08 4.90 -26.94
CA LEU I 306 27.00 4.09 -26.40
C LEU I 306 27.47 3.21 -25.25
N ALA I 307 28.70 2.71 -25.36
CA ALA I 307 29.32 1.91 -24.30
C ALA I 307 29.52 2.74 -23.05
N LYS I 308 30.02 3.97 -23.21
CA LYS I 308 30.19 4.88 -22.09
C LYS I 308 28.84 5.19 -21.42
N CYS I 309 27.84 5.47 -22.24
CA CYS I 309 26.50 5.75 -21.73
C CYS I 309 25.92 4.58 -20.95
N LEU I 310 26.16 3.36 -21.44
CA LEU I 310 25.65 2.16 -20.77
C LEU I 310 26.35 1.94 -19.43
N ARG I 311 27.66 2.17 -19.37
CA ARG I 311 28.37 2.03 -18.09
C ARG I 311 27.80 3.00 -17.06
N LEU I 312 27.37 4.18 -17.51
CA LEU I 312 26.77 5.17 -16.63
C LEU I 312 25.35 4.75 -16.19
N SER I 313 24.52 4.40 -17.17
CA SER I 313 23.14 3.94 -16.91
C SER I 313 23.13 2.71 -16.01
N GLY I 314 23.97 1.74 -16.35
CA GLY I 314 24.13 0.57 -15.51
C GLY I 314 24.02 -0.73 -16.30
N GLY I 315 25.06 -1.54 -16.21
CA GLY I 315 25.02 -2.88 -16.75
C GLY I 315 26.25 -3.61 -16.27
N ASP I 316 26.12 -4.90 -15.98
CA ASP I 316 27.27 -5.69 -15.55
C ASP I 316 28.04 -6.30 -16.72
N HIS I 317 27.31 -6.72 -17.77
CA HIS I 317 27.92 -7.16 -19.03
C HIS I 317 27.46 -6.18 -20.12
N LEU I 318 28.24 -6.08 -21.18
CA LEU I 318 27.80 -5.42 -22.41
C LEU I 318 28.50 -6.07 -23.60
N HIS I 319 27.73 -6.47 -24.62
CA HIS I 319 28.31 -7.01 -25.84
C HIS I 319 29.27 -6.01 -26.48
N SER I 320 30.42 -6.49 -26.93
CA SER I 320 31.50 -5.62 -27.41
C SER I 320 31.89 -5.93 -28.85
N GLY I 321 31.26 -6.96 -29.41
CA GLY I 321 31.73 -7.51 -30.68
C GLY I 321 32.81 -8.55 -30.54
N THR I 322 33.17 -9.19 -31.65
CA THR I 322 34.15 -10.29 -31.69
C THR I 322 35.39 -9.92 -32.50
N VAL I 323 35.23 -8.95 -33.40
CA VAL I 323 36.19 -8.68 -34.48
C VAL I 323 36.22 -9.75 -35.58
N VAL I 324 36.27 -11.02 -35.18
CA VAL I 324 36.46 -12.14 -36.09
C VAL I 324 35.19 -12.87 -36.51
N GLY I 325 34.06 -12.55 -35.88
CA GLY I 325 32.84 -13.30 -36.10
C GLY I 325 31.97 -12.77 -37.23
N LYS I 326 30.66 -13.06 -37.18
CA LYS I 326 29.76 -12.76 -38.29
C LYS I 326 29.33 -11.28 -38.37
N LEU I 327 29.53 -10.53 -37.29
CA LEU I 327 29.15 -9.12 -37.24
C LEU I 327 30.37 -8.23 -37.14
N GLU I 328 30.23 -7.01 -37.63
CA GLU I 328 31.36 -6.11 -37.79
C GLU I 328 31.93 -5.55 -36.49
N GLY I 329 33.26 -5.49 -36.45
CA GLY I 329 33.96 -4.89 -35.34
C GLY I 329 35.40 -4.62 -35.73
N ASP I 330 35.77 -3.35 -35.76
CA ASP I 330 37.13 -2.94 -36.04
C ASP I 330 37.99 -3.21 -34.81
N LYS I 331 39.12 -3.85 -35.01
CA LYS I 331 39.96 -4.29 -33.89
C LYS I 331 40.51 -3.14 -33.05
N ALA I 332 41.09 -2.14 -33.71
CA ALA I 332 41.71 -1.01 -33.01
C ALA I 332 40.65 -0.27 -32.20
N SER I 333 39.51 -0.02 -32.84
CA SER I 333 38.36 0.62 -32.20
C SER I 333 37.92 -0.20 -30.98
N THR I 334 37.81 -1.51 -31.18
CA THR I 334 37.32 -2.43 -30.14
C THR I 334 38.22 -2.45 -28.92
N LEU I 335 39.52 -2.49 -29.15
CA LEU I 335 40.46 -2.46 -28.06
C LEU I 335 40.31 -1.16 -27.27
N GLY I 336 39.99 -0.09 -28.00
CA GLY I 336 39.75 1.21 -27.39
C GLY I 336 38.54 1.24 -26.47
N PHE I 337 37.37 0.83 -26.96
CA PHE I 337 36.19 0.93 -26.11
C PHE I 337 36.04 -0.21 -25.10
N VAL I 338 36.78 -1.29 -25.30
CA VAL I 338 36.90 -2.31 -24.25
C VAL I 338 37.64 -1.71 -23.06
N ASP I 339 38.67 -0.91 -23.32
CA ASP I 339 39.34 -0.20 -22.24
C ASP I 339 38.42 0.81 -21.58
N LEU I 340 37.61 1.49 -22.40
CA LEU I 340 36.67 2.49 -21.88
C LEU I 340 35.62 1.89 -20.97
N MET I 341 35.23 0.64 -21.23
CA MET I 341 34.21 0.01 -20.40
C MET I 341 34.74 -0.79 -19.23
N ARG I 342 36.05 -1.01 -19.20
CA ARG I 342 36.66 -1.82 -18.13
C ARG I 342 37.48 -1.02 -17.13
N GLU I 343 38.29 -0.11 -17.65
CA GLU I 343 39.33 0.54 -16.86
C GLU I 343 38.81 1.79 -16.15
N ASP I 344 39.65 2.33 -15.27
CA ASP I 344 39.28 3.50 -14.48
C ASP I 344 39.77 4.81 -15.11
N HIS I 345 40.83 4.69 -15.91
CA HIS I 345 41.45 5.85 -16.51
C HIS I 345 41.98 5.44 -17.87
N ILE I 346 41.50 6.11 -18.92
CA ILE I 346 41.88 5.76 -20.28
C ILE I 346 42.40 7.02 -20.96
N GLU I 347 43.69 7.00 -21.31
CA GLU I 347 44.33 8.10 -21.99
C GLU I 347 43.79 8.26 -23.40
N ALA I 348 43.69 9.51 -23.85
CA ALA I 348 43.36 9.81 -25.24
C ALA I 348 44.33 9.08 -26.15
N ASP I 349 43.81 8.50 -27.22
CA ASP I 349 44.61 7.78 -28.19
C ASP I 349 43.81 7.64 -29.48
N ARG I 350 44.09 8.53 -30.42
CA ARG I 350 43.31 8.59 -31.64
C ARG I 350 43.48 7.35 -32.51
N SER I 351 44.55 6.61 -32.30
CA SER I 351 44.82 5.41 -33.11
C SER I 351 43.85 4.28 -32.72
N ARG I 352 43.24 4.43 -31.56
CA ARG I 352 42.25 3.46 -31.11
C ARG I 352 40.88 4.14 -30.98
N GLY I 353 40.79 5.35 -31.52
CA GLY I 353 39.53 6.06 -31.57
C GLY I 353 39.13 6.77 -30.29
N VAL I 354 40.04 6.85 -29.32
CA VAL I 354 39.74 7.50 -28.05
C VAL I 354 40.15 8.98 -28.16
N PHE I 355 39.17 9.85 -28.37
CA PHE I 355 39.45 11.26 -28.61
C PHE I 355 39.82 12.01 -27.33
N PHE I 356 39.23 11.59 -26.21
CA PHE I 356 39.41 12.27 -24.94
C PHE I 356 39.92 11.28 -23.91
N THR I 357 40.73 11.76 -22.97
CA THR I 357 41.04 11.01 -21.76
C THR I 357 39.80 10.92 -20.87
N GLN I 358 39.47 9.71 -20.44
CA GLN I 358 38.28 9.47 -19.64
C GLN I 358 38.64 8.88 -18.29
N ASP I 359 38.14 9.53 -17.25
CA ASP I 359 38.24 9.01 -15.89
C ASP I 359 36.87 8.57 -15.42
N TRP I 360 36.86 7.56 -14.55
CA TRP I 360 35.62 6.97 -14.09
C TRP I 360 35.42 7.04 -12.58
N ALA I 361 36.40 7.62 -11.89
CA ALA I 361 36.30 7.84 -10.44
C ALA I 361 35.82 6.61 -9.67
N SER I 362 36.39 5.46 -10.03
CA SER I 362 36.15 4.17 -9.36
C SER I 362 34.78 3.57 -9.59
N MET I 363 34.08 4.06 -10.61
CA MET I 363 32.89 3.36 -11.08
C MET I 363 33.31 2.01 -11.65
N PRO I 364 32.66 0.92 -11.19
CA PRO I 364 32.99 -0.44 -11.62
C PRO I 364 33.02 -0.59 -13.13
N GLY I 365 33.84 -1.51 -13.58
CA GLY I 365 33.89 -1.82 -15.00
C GLY I 365 32.77 -2.76 -15.41
N VAL I 366 32.59 -2.86 -16.73
CA VAL I 366 31.58 -3.69 -17.35
C VAL I 366 32.30 -4.81 -18.10
N LEU I 367 31.83 -6.05 -17.93
CA LEU I 367 32.39 -7.18 -18.67
C LEU I 367 32.01 -7.09 -20.14
N PRO I 368 33.01 -7.06 -21.03
CA PRO I 368 32.75 -7.19 -22.47
C PRO I 368 32.32 -8.61 -22.84
N VAL I 369 31.34 -8.72 -23.71
CA VAL I 369 30.82 -10.01 -24.14
C VAL I 369 31.02 -10.17 -25.64
N ALA I 370 31.86 -11.13 -26.02
CA ALA I 370 32.13 -11.41 -27.42
C ALA I 370 31.19 -12.51 -27.90
N SER I 371 30.36 -12.18 -28.89
CA SER I 371 29.28 -13.07 -29.31
C SER I 371 28.99 -12.83 -30.79
N GLY I 372 28.70 -13.90 -31.51
CA GLY I 372 28.19 -13.79 -32.86
C GLY I 372 29.07 -14.43 -33.92
N GLY I 373 28.69 -15.62 -34.37
CA GLY I 373 29.38 -16.26 -35.49
C GLY I 373 30.77 -16.78 -35.16
N ILE I 374 31.03 -17.04 -33.88
CA ILE I 374 32.32 -17.57 -33.47
C ILE I 374 32.26 -19.05 -33.09
N HIS I 375 33.37 -19.75 -33.31
CA HIS I 375 33.49 -21.16 -32.98
C HIS I 375 34.89 -21.44 -32.44
N VAL I 376 35.19 -22.72 -32.19
CA VAL I 376 36.40 -23.13 -31.47
C VAL I 376 37.70 -22.59 -32.07
N TRP I 377 37.78 -22.52 -33.39
CA TRP I 377 38.99 -22.02 -34.04
C TRP I 377 39.28 -20.56 -33.71
N HIS I 378 38.27 -19.83 -33.25
CA HIS I 378 38.43 -18.42 -32.90
C HIS I 378 39.01 -18.25 -31.50
N MET I 379 38.98 -19.32 -30.71
CA MET I 379 39.26 -19.21 -29.28
C MET I 379 40.59 -18.56 -28.95
N PRO I 380 41.69 -18.94 -29.63
CA PRO I 380 42.95 -18.31 -29.21
C PRO I 380 43.00 -16.81 -29.49
N ALA I 381 42.40 -16.38 -30.60
CA ALA I 381 42.30 -14.97 -30.93
C ALA I 381 41.43 -14.21 -29.94
N LEU I 382 40.29 -14.79 -29.56
CA LEU I 382 39.40 -14.17 -28.60
C LEU I 382 40.06 -13.98 -27.23
N VAL I 383 40.76 -15.01 -26.76
CA VAL I 383 41.47 -14.92 -25.48
C VAL I 383 42.58 -13.88 -25.57
N GLU I 384 43.24 -13.85 -26.71
CA GLU I 384 44.28 -12.88 -26.97
C GLU I 384 43.74 -11.44 -26.91
N ILE I 385 42.64 -11.19 -27.61
CA ILE I 385 42.08 -9.85 -27.72
C ILE I 385 41.46 -9.36 -26.42
N PHE I 386 40.63 -10.19 -25.80
CA PHE I 386 39.82 -9.74 -24.67
C PHE I 386 40.42 -10.05 -23.31
N GLY I 387 41.28 -11.06 -23.25
CA GLY I 387 41.85 -11.46 -21.98
C GLY I 387 40.84 -12.16 -21.08
N ASP I 388 41.17 -12.28 -19.80
CA ASP I 388 40.37 -13.06 -18.87
C ASP I 388 39.02 -12.44 -18.52
N ASP I 389 38.99 -11.11 -18.47
CA ASP I 389 37.77 -10.43 -18.03
C ASP I 389 36.86 -10.17 -19.21
N SER I 390 36.22 -11.24 -19.67
CA SER I 390 35.32 -11.20 -20.80
C SER I 390 34.41 -12.42 -20.71
N VAL I 391 33.31 -12.39 -21.44
CA VAL I 391 32.45 -13.55 -21.62
C VAL I 391 32.46 -13.86 -23.11
N LEU I 392 32.75 -15.10 -23.46
CA LEU I 392 32.75 -15.51 -24.86
C LEU I 392 31.54 -16.39 -25.08
N GLN I 393 30.73 -16.07 -26.08
CA GLN I 393 29.46 -16.75 -26.24
C GLN I 393 29.33 -17.46 -27.57
N PHE I 394 28.85 -18.70 -27.50
CA PHE I 394 28.75 -19.57 -28.67
C PHE I 394 27.35 -20.14 -28.74
N GLY I 395 26.52 -19.56 -29.60
CA GLY I 395 25.16 -20.06 -29.78
C GLY I 395 25.12 -21.19 -30.78
N GLY I 396 25.23 -20.86 -32.06
CA GLY I 396 25.39 -21.87 -33.09
C GLY I 396 26.64 -22.72 -32.88
N GLY I 397 27.66 -22.11 -32.27
CA GLY I 397 28.91 -22.81 -32.01
C GLY I 397 28.84 -23.83 -30.87
N THR I 398 27.67 -23.93 -30.23
CA THR I 398 27.43 -24.99 -29.25
C THR I 398 26.33 -25.92 -29.73
N LEU I 399 25.18 -25.35 -30.09
CA LEU I 399 24.02 -26.14 -30.49
C LEU I 399 24.18 -26.73 -31.89
N GLY I 400 25.18 -26.25 -32.63
CA GLY I 400 25.45 -26.77 -33.95
C GLY I 400 26.52 -27.86 -33.96
N HIS I 401 26.97 -28.28 -32.78
CA HIS I 401 27.90 -29.40 -32.67
C HIS I 401 27.20 -30.65 -33.17
N PRO I 402 27.93 -31.53 -33.89
CA PRO I 402 27.31 -32.72 -34.48
C PRO I 402 26.67 -33.67 -33.47
N TRP I 403 27.12 -33.61 -32.22
CA TRP I 403 26.63 -34.53 -31.20
C TRP I 403 25.66 -33.86 -30.23
N GLY I 404 25.39 -32.57 -30.43
CA GLY I 404 24.44 -31.88 -29.58
C GLY I 404 25.08 -30.91 -28.61
N ASN I 405 24.28 -30.51 -27.61
CA ASN I 405 24.58 -29.36 -26.76
C ASN I 405 25.68 -29.63 -25.75
N ALA I 406 25.54 -30.70 -24.98
CA ALA I 406 26.49 -31.00 -23.91
C ALA I 406 27.90 -31.26 -24.45
N PRO I 407 28.03 -32.06 -25.52
CA PRO I 407 29.36 -32.17 -26.14
C PRO I 407 29.84 -30.88 -26.78
N GLY I 408 28.91 -30.12 -27.35
CA GLY I 408 29.22 -28.82 -27.90
C GLY I 408 29.79 -27.88 -26.84
N ALA I 409 29.20 -27.92 -25.65
CA ALA I 409 29.65 -27.12 -24.52
C ALA I 409 31.04 -27.54 -24.05
N THR I 410 31.25 -28.84 -23.93
CA THR I 410 32.54 -29.40 -23.52
C THR I 410 33.65 -29.03 -24.52
N ALA I 411 33.33 -29.09 -25.81
CA ALA I 411 34.28 -28.68 -26.85
C ALA I 411 34.77 -27.24 -26.60
N ASN I 412 33.84 -26.34 -26.36
CA ASN I 412 34.19 -24.94 -26.10
C ASN I 412 34.92 -24.73 -24.79
N ARG I 413 34.47 -25.41 -23.74
CA ARG I 413 35.10 -25.31 -22.43
C ARG I 413 36.54 -25.85 -22.43
N VAL I 414 36.76 -26.97 -23.12
CA VAL I 414 38.10 -27.55 -23.24
C VAL I 414 39.00 -26.62 -24.08
N ALA I 415 38.48 -26.14 -25.21
CA ALA I 415 39.24 -25.25 -26.06
C ALA I 415 39.68 -24.00 -25.30
N LEU I 416 38.80 -23.46 -24.48
CA LEU I 416 39.11 -22.27 -23.69
C LEU I 416 40.20 -22.55 -22.66
N GLU I 417 40.02 -23.60 -21.86
CA GLU I 417 40.96 -23.91 -20.80
C GLU I 417 42.34 -24.27 -21.34
N ALA I 418 42.35 -24.92 -22.50
CA ALA I 418 43.61 -25.25 -23.17
C ALA I 418 44.34 -23.97 -23.57
N CYS I 419 43.61 -22.97 -24.06
CA CYS I 419 44.20 -21.70 -24.46
C CYS I 419 44.69 -20.88 -23.27
N VAL I 420 43.93 -20.88 -22.18
CA VAL I 420 44.32 -20.14 -20.98
C VAL I 420 45.58 -20.77 -20.37
N GLN I 421 45.60 -22.09 -20.29
CA GLN I 421 46.77 -22.80 -19.78
C GLN I 421 48.01 -22.48 -20.62
N ALA I 422 47.88 -22.57 -21.93
CA ALA I 422 48.98 -22.31 -22.86
C ALA I 422 49.48 -20.88 -22.74
N ARG I 423 48.56 -19.93 -22.72
CA ARG I 423 48.92 -18.53 -22.55
C ARG I 423 49.74 -18.34 -21.28
N ASN I 424 49.24 -18.89 -20.18
CA ASN I 424 49.88 -18.75 -18.87
C ASN I 424 51.26 -19.38 -18.87
N GLU I 425 51.46 -20.38 -19.71
CA GLU I 425 52.74 -21.05 -19.80
C GLU I 425 53.72 -20.30 -20.69
N GLY I 426 53.23 -19.30 -21.41
CA GLY I 426 54.12 -18.45 -22.18
C GLY I 426 54.03 -18.71 -23.68
N ARG I 427 53.12 -19.58 -24.07
CA ARG I 427 52.92 -19.88 -25.48
C ARG I 427 52.23 -18.72 -26.17
N ASP I 428 52.62 -18.45 -27.41
CA ASP I 428 52.03 -17.38 -28.19
C ASP I 428 50.75 -17.86 -28.85
N LEU I 429 49.63 -17.33 -28.39
CA LEU I 429 48.31 -17.74 -28.85
C LEU I 429 48.10 -17.47 -30.34
N TYR I 430 48.70 -16.39 -30.84
CA TYR I 430 48.56 -16.03 -32.23
C TYR I 430 49.28 -17.05 -33.13
N ARG I 431 50.54 -17.32 -32.82
CA ARG I 431 51.36 -18.20 -33.63
C ARG I 431 51.02 -19.67 -33.38
N GLU I 432 50.66 -20.01 -32.16
CA GLU I 432 50.52 -21.42 -31.77
C GLU I 432 49.08 -21.88 -31.54
N GLY I 433 48.12 -20.98 -31.76
CA GLY I 433 46.74 -21.28 -31.43
C GLY I 433 46.18 -22.53 -32.08
N GLY I 434 46.43 -22.68 -33.37
CA GLY I 434 45.97 -23.88 -34.08
C GLY I 434 46.54 -25.14 -33.46
N ASP I 435 47.81 -25.09 -33.08
CA ASP I 435 48.49 -26.24 -32.51
C ASP I 435 47.93 -26.57 -31.14
N ILE I 436 47.76 -25.55 -30.31
CA ILE I 436 47.19 -25.74 -28.99
C ILE I 436 45.85 -26.44 -29.11
N LEU I 437 45.07 -26.07 -30.12
CA LEU I 437 43.75 -26.65 -30.34
C LEU I 437 43.83 -28.09 -30.84
N ARG I 438 44.73 -28.35 -31.79
CA ARG I 438 44.98 -29.71 -32.26
C ARG I 438 45.41 -30.63 -31.13
N GLU I 439 46.33 -30.16 -30.29
CA GLU I 439 46.76 -30.90 -29.12
C GLU I 439 45.56 -31.35 -28.30
N ALA I 440 44.73 -30.39 -27.90
CA ALA I 440 43.60 -30.67 -27.04
C ALA I 440 42.61 -31.59 -27.75
N GLY I 441 42.52 -31.43 -29.07
CA GLY I 441 41.65 -32.28 -29.87
C GLY I 441 42.05 -33.74 -29.84
N LYS I 442 43.32 -33.99 -29.54
CA LYS I 442 43.85 -35.35 -29.47
C LYS I 442 43.18 -36.16 -28.36
N TRP I 443 42.92 -35.51 -27.23
CA TRP I 443 42.31 -36.21 -26.11
C TRP I 443 40.85 -35.82 -25.84
N SER I 444 40.35 -34.83 -26.57
CA SER I 444 38.94 -34.50 -26.50
C SER I 444 38.24 -34.77 -27.81
N PRO I 445 37.53 -35.90 -27.90
CA PRO I 445 36.77 -36.26 -29.11
C PRO I 445 35.75 -35.19 -29.51
N GLU I 446 35.09 -34.61 -28.52
CA GLU I 446 34.06 -33.61 -28.82
C GLU I 446 34.65 -32.30 -29.33
N LEU I 447 35.85 -31.95 -28.86
CA LEU I 447 36.56 -30.82 -29.46
C LEU I 447 37.03 -31.15 -30.87
N ALA I 448 37.51 -32.37 -31.07
CA ALA I 448 37.94 -32.82 -32.40
C ALA I 448 36.79 -32.74 -33.40
N ALA I 449 35.61 -33.17 -32.98
CA ALA I 449 34.44 -33.11 -33.85
C ALA I 449 34.10 -31.66 -34.27
N ALA I 450 34.26 -30.73 -33.34
CA ALA I 450 33.96 -29.32 -33.59
C ALA I 450 35.00 -28.70 -34.51
N LEU I 451 36.27 -28.99 -34.24
CA LEU I 451 37.37 -28.48 -35.07
C LEU I 451 37.18 -28.91 -36.52
N ASP I 452 36.81 -30.17 -36.72
CA ASP I 452 36.52 -30.69 -38.04
C ASP I 452 35.40 -29.95 -38.72
N LEU I 453 34.30 -29.73 -37.99
CA LEU I 453 33.09 -29.18 -38.58
C LEU I 453 33.31 -27.77 -39.12
N TRP I 454 34.00 -26.94 -38.34
CA TRP I 454 34.08 -25.51 -38.63
C TRP I 454 35.45 -25.04 -39.09
N LYS I 455 36.29 -25.99 -39.51
CA LYS I 455 37.64 -25.71 -39.97
C LYS I 455 37.70 -24.62 -41.04
N GLU I 456 36.74 -24.64 -41.95
CA GLU I 456 36.78 -23.75 -43.11
C GLU I 456 36.12 -22.39 -42.91
N ILE I 457 35.42 -22.22 -41.79
CA ILE I 457 34.49 -21.09 -41.64
C ILE I 457 35.17 -19.82 -41.10
N LYS I 458 35.21 -18.81 -41.96
CA LYS I 458 35.78 -17.50 -41.63
C LYS I 458 34.80 -16.41 -42.06
N PHE I 459 34.92 -15.24 -41.45
CA PHE I 459 34.13 -14.07 -41.83
C PHE I 459 35.06 -12.90 -42.06
N GLU I 460 35.41 -12.68 -43.32
CA GLU I 460 36.40 -11.67 -43.65
C GLU I 460 35.84 -10.77 -44.75
N PHE I 461 35.42 -9.58 -44.31
CA PHE I 461 34.84 -8.59 -45.21
C PHE I 461 35.42 -7.23 -44.86
N GLU I 462 35.21 -6.26 -45.76
CA GLU I 462 35.65 -4.90 -45.54
C GLU I 462 34.86 -4.23 -44.42
N THR I 463 35.60 -3.62 -43.50
CA THR I 463 35.02 -2.90 -42.38
C THR I 463 34.52 -1.55 -42.86
N MET I 464 33.25 -1.27 -42.62
CA MET I 464 32.64 0.02 -42.97
C MET I 464 33.04 1.09 -41.95
N ASP I 465 33.08 0.69 -40.69
CA ASP I 465 33.34 1.59 -39.59
C ASP I 465 34.84 1.73 -39.35
N LYS I 466 35.54 2.30 -40.31
CA LYS I 466 36.96 2.56 -40.18
C LYS I 466 37.19 3.84 -39.41
N LEU I 467 38.30 3.89 -38.68
CA LEU I 467 38.67 5.04 -37.87
C LEU I 467 38.84 6.35 -38.66
N SER J 1 27.36 -39.73 -35.39
CA SER J 1 28.19 -40.73 -34.67
C SER J 1 27.83 -40.63 -33.19
N MET J 2 28.63 -39.89 -32.44
CA MET J 2 28.22 -39.24 -31.20
C MET J 2 28.14 -40.08 -29.94
N LYS J 3 28.75 -39.54 -28.91
CA LYS J 3 28.70 -40.10 -27.57
C LYS J 3 27.83 -39.19 -26.73
N THR J 4 27.09 -39.79 -25.81
CA THR J 4 26.44 -39.08 -24.73
C THR J 4 27.48 -38.66 -23.72
N LEU J 5 27.55 -37.35 -23.45
CA LEU J 5 28.51 -36.81 -22.49
C LEU J 5 28.23 -37.36 -21.10
N PRO J 6 29.27 -37.89 -20.43
CA PRO J 6 29.13 -38.38 -19.06
C PRO J 6 28.94 -37.27 -18.04
N LYS J 7 28.41 -37.65 -16.89
CA LYS J 7 28.28 -36.74 -15.77
C LYS J 7 29.47 -36.90 -14.85
N GLU J 8 30.16 -35.80 -14.61
CA GLU J 8 31.32 -35.78 -13.74
C GLU J 8 31.35 -34.41 -13.10
N ARG J 9 31.54 -34.36 -11.78
CA ARG J 9 31.68 -33.08 -11.10
C ARG J 9 32.98 -32.41 -11.51
N ARG J 10 32.91 -31.09 -11.67
CA ARG J 10 34.07 -30.30 -12.02
C ARG J 10 34.37 -29.29 -10.93
N PHE J 11 35.48 -28.57 -11.10
CA PHE J 11 36.06 -27.77 -10.03
C PHE J 11 36.64 -26.48 -10.58
N GLU J 12 35.88 -25.87 -11.49
CA GLU J 12 36.23 -24.61 -12.13
C GLU J 12 37.52 -24.69 -12.94
N THR J 13 38.30 -23.62 -12.94
CA THR J 13 39.34 -23.44 -13.95
C THR J 13 40.38 -24.56 -13.99
N PHE J 14 40.57 -25.10 -15.20
CA PHE J 14 41.50 -26.18 -15.52
C PHE J 14 40.95 -27.58 -15.24
N SER J 15 39.73 -27.67 -14.71
CA SER J 15 39.18 -28.96 -14.32
C SER J 15 38.63 -29.74 -15.52
N TYR J 16 38.68 -29.14 -16.70
CA TYR J 16 38.33 -29.85 -17.93
C TYR J 16 39.57 -30.29 -18.69
N LEU J 17 40.74 -29.97 -18.17
CA LEU J 17 41.98 -30.47 -18.75
C LEU J 17 42.38 -31.75 -18.03
N PRO J 18 43.23 -32.58 -18.65
CA PRO J 18 43.96 -33.62 -17.92
C PRO J 18 44.56 -33.07 -16.63
N PRO J 19 44.53 -33.86 -15.56
CA PRO J 19 45.13 -33.46 -14.28
C PRO J 19 46.55 -32.91 -14.49
N LEU J 20 46.79 -31.77 -13.85
CA LEU J 20 48.03 -31.04 -14.08
C LEU J 20 49.20 -31.78 -13.43
N SER J 21 50.27 -31.99 -14.18
CA SER J 21 51.51 -32.50 -13.61
C SER J 21 52.08 -31.45 -12.67
N ASP J 22 52.95 -31.86 -11.76
CA ASP J 22 53.51 -30.94 -10.79
C ASP J 22 54.37 -29.88 -11.47
N ARG J 23 54.77 -30.18 -12.70
CA ARG J 23 55.48 -29.21 -13.52
C ARG J 23 54.52 -28.23 -14.20
N GLN J 24 53.31 -28.68 -14.51
CA GLN J 24 52.28 -27.81 -15.03
C GLN J 24 51.74 -26.88 -13.95
N ILE J 25 51.68 -27.40 -12.72
CA ILE J 25 51.32 -26.62 -11.54
C ILE J 25 52.36 -25.53 -11.29
N ALA J 26 53.64 -25.90 -11.36
CA ALA J 26 54.72 -24.93 -11.14
C ALA J 26 54.72 -23.83 -12.19
N ALA J 27 54.34 -24.18 -13.42
CA ALA J 27 54.28 -23.21 -14.51
C ALA J 27 53.22 -22.14 -14.26
N GLN J 28 52.09 -22.57 -13.68
CA GLN J 28 51.00 -21.67 -13.34
C GLN J 28 51.40 -20.77 -12.19
N ILE J 29 52.14 -21.32 -11.23
CA ILE J 29 52.64 -20.53 -10.13
C ILE J 29 53.71 -19.55 -10.58
N GLU J 30 54.49 -19.94 -11.58
CA GLU J 30 55.44 -19.01 -12.19
C GLU J 30 54.73 -17.83 -12.84
N TYR J 31 53.63 -18.11 -13.53
CA TYR J 31 52.84 -17.07 -14.17
C TYR J 31 52.34 -16.07 -13.12
N MET J 32 51.79 -16.57 -12.03
CA MET J 32 51.39 -15.75 -10.89
C MET J 32 52.51 -14.80 -10.49
N ILE J 33 53.65 -15.38 -10.11
CA ILE J 33 54.78 -14.62 -9.57
C ILE J 33 55.16 -13.53 -10.57
N GLU J 34 55.27 -13.90 -11.84
CA GLU J 34 55.67 -12.98 -12.89
C GLU J 34 54.66 -11.85 -13.03
N GLN J 35 53.40 -12.19 -12.85
CA GLN J 35 52.31 -11.24 -13.01
C GLN J 35 52.19 -10.34 -11.80
N GLY J 36 52.85 -10.72 -10.71
CA GLY J 36 52.80 -9.91 -9.49
C GLY J 36 51.67 -10.27 -8.54
N PHE J 37 50.99 -11.38 -8.80
CA PHE J 37 49.91 -11.83 -7.93
C PHE J 37 50.47 -12.50 -6.69
N HIS J 38 49.72 -12.42 -5.59
CA HIS J 38 50.13 -13.05 -4.34
C HIS J 38 49.47 -14.40 -4.21
N PRO J 39 50.27 -15.46 -3.99
CA PRO J 39 49.73 -16.81 -3.87
C PRO J 39 49.01 -17.00 -2.54
N LEU J 40 47.91 -17.74 -2.58
CA LEU J 40 47.15 -18.06 -1.39
C LEU J 40 46.73 -19.51 -1.52
N ILE J 41 46.91 -20.26 -0.45
CA ILE J 41 46.49 -21.65 -0.41
C ILE J 41 45.31 -21.77 0.54
N GLU J 42 44.24 -22.37 0.06
CA GLU J 42 43.03 -22.58 0.85
C GLU J 42 42.63 -24.03 0.78
N PHE J 43 41.88 -24.48 1.79
CA PHE J 43 41.38 -25.84 1.79
C PHE J 43 39.94 -25.90 2.28
N ASN J 44 39.21 -26.91 1.84
CA ASN J 44 37.83 -27.09 2.21
C ASN J 44 37.55 -28.58 2.22
N GLU J 45 36.71 -29.02 3.16
CA GLU J 45 36.29 -30.40 3.21
C GLU J 45 35.27 -30.71 2.13
N HIS J 46 34.68 -29.68 1.52
CA HIS J 46 33.69 -29.88 0.46
C HIS J 46 33.94 -28.92 -0.69
N SER J 47 33.41 -29.25 -1.86
CA SER J 47 33.47 -28.36 -3.00
C SER J 47 32.06 -27.97 -3.45
N ASN J 48 31.42 -27.15 -2.63
CA ASN J 48 30.08 -26.63 -2.93
C ASN J 48 30.18 -25.26 -3.55
N PRO J 49 29.72 -25.12 -4.80
CA PRO J 49 29.87 -23.90 -5.59
C PRO J 49 29.18 -22.67 -4.99
N GLU J 50 28.16 -22.90 -4.17
CA GLU J 50 27.36 -21.84 -3.58
C GLU J 50 28.07 -21.16 -2.42
N GLU J 51 29.12 -21.79 -1.91
CA GLU J 51 29.86 -21.25 -0.79
C GLU J 51 30.99 -20.33 -1.23
N PHE J 52 31.09 -19.21 -0.53
CA PHE J 52 32.08 -18.19 -0.85
C PHE J 52 33.43 -18.53 -0.25
N TYR J 53 33.44 -19.07 0.96
CA TYR J 53 34.68 -19.17 1.74
C TYR J 53 35.22 -20.57 1.98
N TRP J 54 36.50 -20.72 1.66
CA TRP J 54 37.33 -21.85 2.09
C TRP J 54 38.18 -21.37 3.26
N THR J 55 38.87 -22.30 3.93
CA THR J 55 39.74 -21.93 5.03
C THR J 55 41.13 -21.63 4.51
N MET J 56 41.69 -20.55 5.03
CA MET J 56 43.01 -20.08 4.63
C MET J 56 44.09 -20.93 5.30
N TRP J 57 45.05 -21.40 4.49
CA TRP J 57 46.26 -22.03 5.00
C TRP J 57 47.27 -20.94 5.35
N LYS J 58 47.58 -20.85 6.63
CA LYS J 58 48.46 -19.81 7.17
C LYS J 58 48.01 -18.41 6.74
N LEU J 59 48.87 -17.68 6.03
CA LEU J 59 48.55 -16.37 5.46
C LEU J 59 49.02 -16.39 4.01
N PRO J 60 48.53 -15.44 3.18
CA PRO J 60 49.00 -15.35 1.80
C PRO J 60 50.51 -15.13 1.73
N LEU J 61 51.14 -15.69 0.70
CA LEU J 61 52.58 -15.57 0.54
C LEU J 61 52.86 -14.26 -0.18
N PHE J 62 52.82 -13.17 0.57
CA PHE J 62 52.75 -11.83 0.01
C PHE J 62 53.96 -11.38 -0.81
N ALA J 63 55.15 -11.85 -0.45
CA ALA J 63 56.32 -11.54 -1.25
C ALA J 63 56.93 -12.84 -1.76
N CYS J 64 56.09 -13.72 -2.30
CA CYS J 64 56.59 -15.00 -2.80
C CYS J 64 57.39 -14.77 -4.06
N ALA J 65 58.65 -15.21 -4.02
CA ALA J 65 59.54 -15.07 -5.17
C ALA J 65 59.75 -16.41 -5.83
N ALA J 66 59.60 -17.49 -5.06
CA ALA J 66 59.86 -18.83 -5.55
C ALA J 66 58.57 -19.61 -5.69
N PRO J 67 58.33 -20.21 -6.87
CA PRO J 67 57.33 -21.27 -7.05
C PRO J 67 57.48 -22.41 -6.06
N GLN J 68 58.72 -22.72 -5.70
CA GLN J 68 59.01 -23.81 -4.78
C GLN J 68 58.43 -23.52 -3.40
N GLN J 69 58.55 -22.27 -2.97
CA GLN J 69 57.99 -21.81 -1.71
C GLN J 69 56.49 -22.11 -1.64
N VAL J 70 55.79 -21.84 -2.75
CA VAL J 70 54.37 -22.15 -2.84
C VAL J 70 54.14 -23.66 -2.80
N LEU J 71 54.91 -24.38 -3.61
CA LEU J 71 54.77 -25.84 -3.68
C LEU J 71 55.04 -26.53 -2.35
N ASP J 72 55.98 -25.97 -1.58
CA ASP J 72 56.30 -26.51 -0.26
C ASP J 72 55.13 -26.35 0.70
N GLU J 73 54.42 -25.23 0.61
CA GLU J 73 53.26 -25.01 1.45
C GLU J 73 52.11 -25.90 1.04
N VAL J 74 51.96 -26.10 -0.27
CA VAL J 74 50.95 -27.03 -0.77
C VAL J 74 51.20 -28.44 -0.24
N ARG J 75 52.47 -28.85 -0.16
CA ARG J 75 52.83 -30.16 0.39
C ARG J 75 52.49 -30.21 1.88
N GLU J 76 52.87 -29.17 2.61
CA GLU J 76 52.58 -29.07 4.03
C GLU J 76 51.08 -29.15 4.30
N CYS J 77 50.31 -28.44 3.50
CA CYS J 77 48.86 -28.40 3.67
C CYS J 77 48.26 -29.79 3.45
N ARG J 78 48.79 -30.51 2.47
CA ARG J 78 48.30 -31.84 2.15
C ARG J 78 48.54 -32.86 3.25
N SER J 79 49.69 -32.78 3.90
CA SER J 79 50.02 -33.76 4.94
C SER J 79 49.10 -33.55 6.13
N GLU J 80 48.68 -32.30 6.31
CA GLU J 80 47.81 -31.93 7.40
C GLU J 80 46.33 -32.12 7.03
N TYR J 81 46.00 -31.92 5.76
CA TYR J 81 44.59 -31.91 5.32
C TYR J 81 44.35 -32.72 4.05
N GLY J 82 44.80 -33.98 4.04
CA GLY J 82 44.70 -34.80 2.85
C GLY J 82 43.28 -35.22 2.52
N ASP J 83 42.41 -35.08 3.51
CA ASP J 83 40.98 -35.36 3.34
C ASP J 83 40.19 -34.16 2.82
N CYS J 84 40.91 -33.09 2.44
CA CYS J 84 40.28 -31.87 1.98
C CYS J 84 40.66 -31.58 0.53
N TYR J 85 39.84 -30.79 -0.15
CA TYR J 85 40.25 -30.15 -1.39
C TYR J 85 41.21 -29.04 -1.05
N ILE J 86 42.22 -28.87 -1.88
CA ILE J 86 43.20 -27.80 -1.68
C ILE J 86 43.33 -27.06 -2.99
N ARG J 87 43.27 -25.72 -2.92
CA ARG J 87 43.25 -24.90 -4.12
C ARG J 87 44.31 -23.81 -3.98
N VAL J 88 45.01 -23.54 -5.09
CA VAL J 88 45.96 -22.45 -5.14
C VAL J 88 45.30 -21.27 -5.84
N ALA J 89 45.40 -20.09 -5.22
CA ALA J 89 44.82 -18.89 -5.77
C ALA J 89 45.88 -17.81 -5.87
N GLY J 90 45.74 -16.95 -6.86
CA GLY J 90 46.57 -15.76 -6.92
C GLY J 90 45.69 -14.55 -6.71
N PHE J 91 46.19 -13.56 -5.98
CA PHE J 91 45.41 -12.38 -5.67
C PHE J 91 46.06 -11.11 -6.21
N ASP J 92 45.30 -10.37 -7.00
CA ASP J 92 45.69 -9.04 -7.46
C ASP J 92 45.17 -8.02 -6.45
N ASN J 93 46.07 -7.34 -5.75
CA ASN J 93 45.67 -6.40 -4.70
C ASN J 93 45.34 -5.00 -5.23
N ILE J 94 45.69 -4.75 -6.49
CA ILE J 94 45.42 -3.45 -7.08
C ILE J 94 44.00 -3.39 -7.63
N LYS J 95 43.60 -4.43 -8.35
CA LYS J 95 42.21 -4.61 -8.73
C LYS J 95 41.41 -5.25 -7.60
N GLU J 96 42.12 -5.70 -6.57
CA GLU J 96 41.53 -6.45 -5.46
C GLU J 96 40.59 -7.56 -5.93
N CYS J 97 41.12 -8.45 -6.75
CA CYS J 97 40.37 -9.63 -7.16
C CYS J 97 41.29 -10.83 -7.30
N GLN J 98 40.70 -12.01 -7.15
CA GLN J 98 41.41 -13.28 -7.30
C GLN J 98 41.58 -13.53 -8.79
N THR J 99 42.82 -13.78 -9.22
CA THR J 99 43.16 -13.80 -10.63
C THR J 99 43.37 -15.21 -11.15
N SER J 100 43.90 -16.06 -10.27
CA SER J 100 44.11 -17.46 -10.57
C SER J 100 43.45 -18.27 -9.48
N SER J 101 43.07 -19.49 -9.83
CA SER J 101 42.40 -20.37 -8.90
C SER J 101 42.25 -21.73 -9.55
N PHE J 102 42.91 -22.73 -8.99
CA PHE J 102 42.76 -24.10 -9.46
C PHE J 102 43.04 -25.10 -8.34
N ILE J 103 42.29 -26.20 -8.38
CA ILE J 103 42.41 -27.26 -7.37
C ILE J 103 43.71 -28.02 -7.62
N VAL J 104 44.53 -28.15 -6.58
CA VAL J 104 45.76 -28.91 -6.66
C VAL J 104 45.68 -30.24 -5.91
N HIS J 105 44.65 -30.40 -5.09
CA HIS J 105 44.46 -31.67 -4.40
C HIS J 105 42.99 -31.94 -4.15
N ARG J 106 42.57 -33.16 -4.45
CA ARG J 106 41.24 -33.64 -4.10
C ARG J 106 41.37 -34.74 -3.06
N PRO J 107 40.39 -34.85 -2.15
CA PRO J 107 40.51 -35.76 -1.01
C PRO J 107 40.50 -37.22 -1.44
N GLY J 108 40.96 -38.08 -0.53
CA GLY J 108 40.93 -39.52 -0.78
C GLY J 108 39.55 -40.03 -1.16
N ARG J 109 39.38 -40.27 -2.45
CA ARG J 109 38.10 -40.61 -3.09
C ARG J 109 36.85 -39.86 -2.60
N SER K 1 9.38 -35.26 -42.58
CA SER K 1 9.31 -35.23 -41.09
C SER K 1 10.41 -34.28 -40.65
N ALA K 2 10.83 -34.41 -39.39
CA ALA K 2 12.07 -33.76 -38.99
C ALA K 2 13.12 -34.44 -39.87
N ALA K 3 13.79 -33.63 -40.69
CA ALA K 3 14.37 -34.13 -41.90
C ALA K 3 15.79 -34.63 -41.76
N GLY K 4 16.16 -35.05 -40.56
CA GLY K 4 17.53 -35.41 -40.28
C GLY K 4 18.34 -34.19 -39.91
N TYR K 5 19.16 -34.34 -38.89
CA TYR K 5 20.08 -33.28 -38.50
C TYR K 5 21.40 -33.50 -39.21
N LYS K 6 21.75 -32.57 -40.11
CA LYS K 6 23.09 -32.52 -40.65
C LYS K 6 23.75 -31.24 -40.15
N ALA K 7 24.73 -31.38 -39.28
CA ALA K 7 25.44 -30.24 -38.75
C ALA K 7 26.23 -29.55 -39.86
N GLY K 8 26.50 -28.27 -39.67
CA GLY K 8 27.35 -27.57 -40.60
C GLY K 8 26.71 -26.32 -41.17
N VAL K 9 27.52 -25.50 -41.82
CA VAL K 9 27.06 -24.25 -42.39
C VAL K 9 26.42 -24.46 -43.76
N LYS K 10 25.20 -23.97 -43.87
CA LYS K 10 24.48 -23.87 -45.13
C LYS K 10 24.27 -22.40 -45.48
N ASP K 11 24.00 -22.15 -46.76
CA ASP K 11 23.53 -20.85 -47.24
C ASP K 11 22.18 -20.54 -46.62
N TYR K 12 22.01 -19.29 -46.21
CA TYR K 12 20.72 -18.84 -45.66
C TYR K 12 19.62 -18.99 -46.69
N LYS K 13 19.94 -18.77 -47.97
CA LYS K 13 18.91 -18.71 -48.99
C LYS K 13 18.26 -20.05 -49.25
N LEU K 14 18.87 -21.12 -48.77
CA LEU K 14 18.26 -22.44 -48.89
C LEU K 14 17.01 -22.56 -48.04
N THR K 15 16.98 -21.82 -46.93
CA THR K 15 15.85 -21.89 -46.01
C THR K 15 14.97 -20.63 -46.07
N TYR K 16 15.60 -19.48 -46.29
CA TYR K 16 14.96 -18.20 -46.00
C TYR K 16 14.62 -17.33 -47.20
N TYR K 17 15.06 -17.74 -48.39
CA TYR K 17 14.67 -17.07 -49.61
C TYR K 17 13.52 -17.82 -50.25
N THR K 18 12.35 -17.21 -50.27
CA THR K 18 11.12 -17.89 -50.65
C THR K 18 10.35 -17.06 -51.68
N PRO K 19 10.88 -16.95 -52.90
CA PRO K 19 10.34 -16.00 -53.89
C PRO K 19 8.91 -16.35 -54.31
N ASP K 20 8.47 -17.55 -53.97
CA ASP K 20 7.13 -17.98 -54.31
C ASP K 20 6.14 -17.81 -53.16
N TYR K 21 6.58 -17.18 -52.09
CA TYR K 21 5.73 -16.96 -50.93
C TYR K 21 4.78 -15.80 -51.16
N THR K 22 3.50 -16.01 -50.85
CA THR K 22 2.52 -14.95 -50.86
C THR K 22 2.13 -14.58 -49.43
N PRO K 23 2.42 -13.34 -49.02
CA PRO K 23 2.21 -12.90 -47.64
C PRO K 23 0.77 -13.01 -47.20
N LYS K 24 0.56 -13.45 -45.96
CA LYS K 24 -0.75 -13.46 -45.36
C LYS K 24 -1.07 -12.09 -44.78
N ASP K 25 -2.33 -11.85 -44.50
CA ASP K 25 -2.77 -10.57 -43.97
C ASP K 25 -2.39 -10.40 -42.51
N THR K 26 -1.98 -11.50 -41.88
CA THR K 26 -1.50 -11.46 -40.52
C THR K 26 0.02 -11.34 -40.44
N ASP K 27 0.69 -11.45 -41.58
CA ASP K 27 2.14 -11.29 -41.63
C ASP K 27 2.53 -9.83 -41.41
N LEU K 28 3.62 -9.61 -40.71
CA LEU K 28 4.28 -8.31 -40.61
C LEU K 28 5.26 -8.29 -41.78
N LEU K 29 5.17 -7.25 -42.61
CA LEU K 29 6.05 -7.14 -43.78
C LEU K 29 7.06 -6.04 -43.55
N ALA K 30 8.29 -6.23 -44.02
CA ALA K 30 9.31 -5.20 -43.90
C ALA K 30 9.99 -4.97 -45.25
N ALA K 31 10.27 -3.72 -45.58
CA ALA K 31 11.00 -3.38 -46.78
C ALA K 31 12.36 -2.83 -46.40
N PHE K 32 13.42 -3.54 -46.77
CA PHE K 32 14.77 -3.11 -46.50
C PHE K 32 15.44 -2.69 -47.79
N ARG K 33 16.29 -1.67 -47.71
CA ARG K 33 17.14 -1.26 -48.81
C ARG K 33 18.57 -1.67 -48.40
N PHE K 34 19.24 -2.48 -49.22
CA PHE K 34 20.57 -2.97 -48.83
C PHE K 34 21.58 -2.98 -49.96
N SER K 35 22.86 -2.91 -49.60
CA SER K 35 23.95 -3.16 -50.53
C SER K 35 24.78 -4.30 -49.96
N PRO K 36 24.87 -5.42 -50.69
CA PRO K 36 25.72 -6.54 -50.27
C PRO K 36 27.20 -6.25 -50.49
N GLN K 37 28.05 -6.86 -49.67
CA GLN K 37 29.48 -6.82 -49.90
C GLN K 37 29.78 -7.48 -51.24
N PRO K 38 30.83 -7.03 -51.93
CA PRO K 38 31.30 -7.72 -53.15
C PRO K 38 31.43 -9.22 -52.95
N GLY K 39 30.77 -9.99 -53.81
CA GLY K 39 30.87 -11.43 -53.73
C GLY K 39 29.70 -12.07 -53.02
N VAL K 40 28.87 -11.26 -52.36
CA VAL K 40 27.68 -11.78 -51.71
C VAL K 40 26.49 -11.50 -52.61
N PRO K 41 25.87 -12.56 -53.14
CA PRO K 41 24.69 -12.39 -53.99
C PRO K 41 23.50 -11.80 -53.23
N ALA K 42 22.68 -11.04 -53.96
CA ALA K 42 21.57 -10.31 -53.36
C ALA K 42 20.57 -11.22 -52.65
N ASP K 43 20.30 -12.39 -53.23
CA ASP K 43 19.32 -13.29 -52.63
C ASP K 43 19.83 -13.96 -51.35
N GLU K 44 21.15 -14.15 -51.27
CA GLU K 44 21.75 -14.68 -50.06
C GLU K 44 21.75 -13.59 -48.97
N ALA K 45 22.05 -12.36 -49.38
CA ALA K 45 22.03 -11.23 -48.45
C ALA K 45 20.62 -10.97 -47.93
N GLY K 46 19.63 -11.03 -48.82
CA GLY K 46 18.25 -10.89 -48.40
C GLY K 46 17.79 -12.00 -47.48
N ALA K 47 18.24 -13.22 -47.77
CA ALA K 47 17.93 -14.38 -46.94
C ALA K 47 18.61 -14.29 -45.57
N ALA K 48 19.82 -13.74 -45.52
CA ALA K 48 20.54 -13.57 -44.26
C ALA K 48 19.81 -12.58 -43.35
N ILE K 49 19.27 -11.52 -43.96
CA ILE K 49 18.49 -10.52 -43.24
C ILE K 49 17.23 -11.16 -42.65
N ALA K 50 16.52 -11.92 -43.48
CA ALA K 50 15.34 -12.64 -43.02
C ALA K 50 15.65 -13.64 -41.92
N ALA K 51 16.76 -14.36 -42.06
CA ALA K 51 17.15 -15.40 -41.11
C ALA K 51 17.47 -14.82 -39.75
N GLU K 52 18.37 -13.85 -39.72
CA GLU K 52 18.91 -13.35 -38.47
C GLU K 52 18.02 -12.31 -37.79
N SER K 53 16.87 -12.04 -38.38
CA SER K 53 15.86 -11.21 -37.73
C SER K 53 14.63 -12.02 -37.34
N SER K 54 14.71 -13.34 -37.49
CA SER K 54 13.60 -14.20 -37.11
C SER K 54 14.02 -15.44 -36.31
N THR K 55 14.57 -16.45 -36.98
CA THR K 55 14.77 -17.75 -36.35
C THR K 55 16.19 -18.30 -36.48
N GLY K 56 16.98 -17.73 -37.39
CA GLY K 56 18.20 -18.37 -37.83
C GLY K 56 19.50 -17.87 -37.23
N THR K 57 20.53 -18.71 -37.32
CA THR K 57 21.89 -18.29 -37.03
C THR K 57 22.84 -18.86 -38.09
N TRP K 58 24.15 -18.76 -37.84
CA TRP K 58 25.17 -18.93 -38.87
C TRP K 58 25.47 -20.38 -39.25
N THR K 59 25.05 -21.32 -38.40
CA THR K 59 25.27 -22.73 -38.64
C THR K 59 23.99 -23.50 -38.27
N THR K 60 23.87 -24.71 -38.80
CA THR K 60 22.70 -25.54 -38.59
C THR K 60 22.68 -26.12 -37.16
N VAL K 61 21.53 -25.96 -36.48
CA VAL K 61 21.34 -26.44 -35.12
C VAL K 61 20.23 -27.48 -35.13
N TRP K 62 20.36 -28.49 -34.27
CA TRP K 62 19.42 -29.62 -34.26
C TRP K 62 18.06 -29.25 -33.70
N THR K 63 18.03 -28.20 -32.88
CA THR K 63 16.84 -27.79 -32.16
C THR K 63 15.71 -27.33 -33.09
N ASP K 64 16.06 -26.91 -34.30
CA ASP K 64 15.07 -26.56 -35.32
C ASP K 64 14.03 -27.66 -35.47
N LEU K 65 14.48 -28.91 -35.34
CA LEU K 65 13.66 -30.07 -35.65
C LEU K 65 12.71 -30.42 -34.51
N LEU K 66 12.83 -29.71 -33.39
CA LEU K 66 11.88 -29.85 -32.28
C LEU K 66 10.60 -29.05 -32.53
N THR K 67 10.65 -28.12 -33.49
CA THR K 67 9.53 -27.26 -33.77
C THR K 67 9.28 -27.22 -35.27
N ASP K 68 8.36 -26.36 -35.69
CA ASP K 68 7.93 -26.29 -37.07
C ASP K 68 8.50 -25.02 -37.69
N MET K 69 9.70 -25.13 -38.25
CA MET K 69 10.41 -23.96 -38.76
C MET K 69 9.67 -23.22 -39.86
N ASP K 70 8.92 -23.96 -40.66
CA ASP K 70 8.14 -23.35 -41.73
C ASP K 70 7.11 -22.37 -41.18
N ARG K 71 6.58 -22.65 -40.00
CA ARG K 71 5.60 -21.79 -39.37
C ARG K 71 6.22 -20.50 -38.83
N TYR K 72 7.49 -20.55 -38.45
CA TYR K 72 8.07 -19.47 -37.68
C TYR K 72 9.07 -18.61 -38.42
N LYS K 73 9.68 -19.13 -39.49
CA LYS K 73 10.80 -18.43 -40.13
C LYS K 73 10.38 -17.17 -40.89
N GLY K 74 11.25 -16.16 -40.86
CA GLY K 74 11.09 -15.01 -41.72
C GLY K 74 11.33 -15.42 -43.15
N LYS K 75 10.65 -14.78 -44.08
CA LYS K 75 10.66 -15.23 -45.46
C LYS K 75 10.93 -14.08 -46.40
N CYS K 76 12.12 -14.03 -46.95
CA CYS K 76 12.43 -13.04 -47.98
C CYS K 76 11.75 -13.47 -49.26
N TYR K 77 10.66 -12.81 -49.61
CA TYR K 77 9.80 -13.29 -50.67
C TYR K 77 9.95 -12.47 -51.94
N HIS K 78 10.68 -11.36 -51.87
CA HIS K 78 10.90 -10.53 -53.05
C HIS K 78 12.14 -9.68 -52.92
N ILE K 79 12.92 -9.63 -53.99
CA ILE K 79 14.06 -8.74 -54.08
C ILE K 79 13.97 -7.99 -55.40
N GLU K 80 14.25 -6.70 -55.38
CA GLU K 80 14.29 -5.91 -56.61
C GLU K 80 15.42 -4.90 -56.55
N PRO K 81 16.16 -4.76 -57.65
CA PRO K 81 17.19 -3.72 -57.72
C PRO K 81 16.61 -2.32 -57.64
N VAL K 82 17.31 -1.43 -56.95
CA VAL K 82 16.93 -0.03 -56.89
C VAL K 82 17.30 0.60 -58.22
N ALA K 83 16.29 1.08 -58.94
CA ALA K 83 16.46 1.61 -60.27
C ALA K 83 17.47 2.75 -60.29
N GLY K 84 18.50 2.60 -61.12
CA GLY K 84 19.44 3.67 -61.35
C GLY K 84 20.61 3.67 -60.39
N GLU K 85 20.67 2.69 -59.50
CA GLU K 85 21.72 2.67 -58.48
C GLU K 85 22.44 1.34 -58.46
N GLU K 86 23.76 1.41 -58.49
CA GLU K 86 24.58 0.20 -58.53
C GLU K 86 24.59 -0.50 -57.16
N ASN K 87 24.41 -1.82 -57.18
CA ASN K 87 24.56 -2.65 -55.99
C ASN K 87 23.65 -2.23 -54.83
N SER K 88 22.42 -1.87 -55.15
CA SER K 88 21.44 -1.50 -54.14
C SER K 88 20.14 -2.22 -54.48
N TYR K 89 19.52 -2.85 -53.49
CA TYR K 89 18.31 -3.65 -53.69
C TYR K 89 17.30 -3.37 -52.60
N PHE K 90 16.03 -3.63 -52.91
CA PHE K 90 14.98 -3.74 -51.91
C PHE K 90 14.71 -5.21 -51.65
N ALA K 91 14.72 -5.61 -50.38
CA ALA K 91 14.25 -6.92 -49.97
C ALA K 91 12.95 -6.76 -49.21
N PHE K 92 11.95 -7.55 -49.58
CA PHE K 92 10.69 -7.57 -48.87
C PHE K 92 10.60 -8.88 -48.10
N ILE K 93 10.38 -8.78 -46.80
CA ILE K 93 10.45 -9.94 -45.91
C ILE K 93 9.16 -10.04 -45.10
N ALA K 94 8.59 -11.25 -45.05
CA ALA K 94 7.38 -11.50 -44.28
C ALA K 94 7.70 -12.21 -42.98
N TYR K 95 7.13 -11.73 -41.87
CA TYR K 95 7.32 -12.33 -40.56
C TYR K 95 5.98 -12.78 -40.03
N PRO K 96 5.88 -14.03 -39.57
CA PRO K 96 4.62 -14.51 -38.98
C PRO K 96 4.20 -13.70 -37.76
N LEU K 97 2.90 -13.57 -37.58
CA LEU K 97 2.31 -12.87 -36.44
C LEU K 97 2.82 -13.41 -35.10
N ASP K 98 3.13 -14.71 -35.08
CA ASP K 98 3.50 -15.41 -33.86
C ASP K 98 4.83 -14.95 -33.27
N LEU K 99 5.64 -14.27 -34.07
CA LEU K 99 6.99 -13.90 -33.64
C LEU K 99 7.02 -12.74 -32.66
N PHE K 100 5.90 -12.05 -32.50
CA PHE K 100 5.91 -10.74 -31.83
C PHE K 100 5.13 -10.73 -30.53
N GLU K 101 5.68 -10.06 -29.52
CA GLU K 101 4.92 -9.84 -28.30
C GLU K 101 3.85 -8.79 -28.55
N GLU K 102 2.64 -9.13 -28.15
CA GLU K 102 1.50 -8.24 -28.28
C GLU K 102 1.75 -6.92 -27.56
N GLY K 103 1.48 -5.82 -28.23
CA GLY K 103 1.53 -4.52 -27.59
C GLY K 103 2.94 -4.01 -27.32
N SER K 104 3.93 -4.62 -27.95
CA SER K 104 5.33 -4.27 -27.71
C SER K 104 6.06 -3.81 -28.96
N VAL K 105 6.22 -2.50 -29.10
CA VAL K 105 7.05 -1.92 -30.14
C VAL K 105 8.52 -2.29 -29.91
N THR K 106 8.92 -2.34 -28.63
CA THR K 106 10.26 -2.74 -28.24
C THR K 106 10.64 -4.11 -28.82
N ASN K 107 9.74 -5.08 -28.71
CA ASN K 107 9.99 -6.43 -29.22
C ASN K 107 10.04 -6.46 -30.75
N ILE K 108 9.11 -5.77 -31.38
CA ILE K 108 9.07 -5.71 -32.84
C ILE K 108 10.38 -5.18 -33.41
N LEU K 109 10.86 -4.07 -32.86
CA LEU K 109 12.12 -3.48 -33.30
C LEU K 109 13.31 -4.39 -33.01
N THR K 110 13.29 -5.08 -31.87
CA THR K 110 14.38 -5.99 -31.49
C THR K 110 14.59 -7.09 -32.53
N SER K 111 13.52 -7.60 -33.11
CA SER K 111 13.63 -8.57 -34.18
C SER K 111 14.07 -7.91 -35.48
N ILE K 112 13.29 -6.94 -35.94
CA ILE K 112 13.47 -6.39 -37.29
C ILE K 112 14.79 -5.65 -37.46
N VAL K 113 15.21 -4.92 -36.43
CA VAL K 113 16.44 -4.11 -36.53
C VAL K 113 17.47 -4.43 -35.44
N GLY K 114 17.30 -5.56 -34.77
CA GLY K 114 18.17 -5.91 -33.65
C GLY K 114 19.64 -6.15 -33.99
N ASN K 115 19.90 -7.09 -34.90
CA ASN K 115 21.27 -7.52 -35.21
C ASN K 115 21.70 -7.35 -36.65
N VAL K 116 20.75 -7.29 -37.58
CA VAL K 116 21.07 -7.44 -39.01
C VAL K 116 21.82 -6.27 -39.65
N PHE K 117 21.76 -5.10 -39.02
CA PHE K 117 22.42 -3.91 -39.57
C PHE K 117 23.94 -3.95 -39.45
N GLY K 118 24.45 -4.85 -38.60
CA GLY K 118 25.88 -4.93 -38.38
C GLY K 118 26.54 -6.11 -39.04
N PHE K 119 25.76 -6.86 -39.81
CA PHE K 119 26.23 -8.04 -40.50
C PHE K 119 27.36 -7.70 -41.46
N LYS K 120 28.49 -8.40 -41.32
CA LYS K 120 29.66 -8.18 -42.16
C LYS K 120 29.37 -8.26 -43.66
N ALA K 121 28.52 -9.19 -44.04
CA ALA K 121 28.26 -9.48 -45.45
C ALA K 121 27.44 -8.39 -46.13
N ILE K 122 26.94 -7.44 -45.34
CA ILE K 122 26.12 -6.33 -45.84
C ILE K 122 26.87 -5.02 -45.60
N ARG K 123 26.93 -4.17 -46.61
CA ARG K 123 27.62 -2.89 -46.48
C ARG K 123 26.77 -1.87 -45.74
N SER K 124 25.50 -1.82 -46.11
CA SER K 124 24.58 -0.84 -45.56
C SER K 124 23.18 -1.40 -45.61
N LEU K 125 22.34 -1.00 -44.67
CA LEU K 125 20.99 -1.51 -44.56
C LEU K 125 20.12 -0.38 -44.03
N ARG K 126 18.97 -0.18 -44.66
CA ARG K 126 18.03 0.82 -44.21
C ARG K 126 16.60 0.29 -44.27
N LEU K 127 15.92 0.29 -43.13
CA LEU K 127 14.53 -0.13 -43.07
C LEU K 127 13.63 1.01 -43.55
N GLU K 128 12.88 0.76 -44.62
CA GLU K 128 12.10 1.79 -45.29
C GLU K 128 10.67 1.84 -44.79
N ASP K 129 10.08 0.67 -44.53
CA ASP K 129 8.66 0.59 -44.17
C ASP K 129 8.37 -0.75 -43.50
N ILE K 130 7.34 -0.78 -42.67
CA ILE K 130 6.83 -2.01 -42.08
C ILE K 130 5.32 -1.99 -42.28
N ARG K 131 4.75 -3.05 -42.82
CA ARG K 131 3.30 -3.19 -42.73
C ARG K 131 2.91 -3.89 -41.45
N PHE K 132 2.27 -3.16 -40.55
CA PHE K 132 1.75 -3.75 -39.33
C PHE K 132 0.39 -4.36 -39.63
N PRO K 133 0.26 -5.68 -39.44
CA PRO K 133 -1.03 -6.33 -39.65
C PRO K 133 -2.07 -5.83 -38.67
N VAL K 134 -3.31 -5.79 -39.10
CA VAL K 134 -4.42 -5.28 -38.28
C VAL K 134 -4.57 -6.06 -36.96
N ALA K 135 -4.28 -7.36 -37.01
CA ALA K 135 -4.37 -8.22 -35.83
C ALA K 135 -3.35 -7.84 -34.78
N LEU K 136 -2.21 -7.31 -35.24
CA LEU K 136 -1.19 -6.82 -34.31
C LEU K 136 -1.49 -5.39 -33.85
N VAL K 137 -2.00 -4.57 -34.76
CA VAL K 137 -2.34 -3.19 -34.44
C VAL K 137 -3.35 -3.15 -33.28
N LYS K 138 -4.24 -4.13 -33.26
CA LYS K 138 -5.28 -4.18 -32.23
C LYS K 138 -4.79 -4.57 -30.84
N THR K 139 -3.54 -5.02 -30.73
CA THR K 139 -2.96 -5.35 -29.43
C THR K 139 -2.36 -4.13 -28.74
N PHE K 140 -2.36 -3.00 -29.45
CA PHE K 140 -1.82 -1.75 -28.93
C PHE K 140 -2.94 -0.78 -28.53
N GLN K 141 -2.66 0.07 -27.55
CA GLN K 141 -3.58 1.15 -27.18
C GLN K 141 -3.59 2.26 -28.22
N GLY K 142 -2.39 2.65 -28.66
CA GLY K 142 -2.28 3.76 -29.58
C GLY K 142 -2.37 5.08 -28.83
N PRO K 143 -2.67 6.18 -29.54
CA PRO K 143 -2.80 7.50 -28.90
C PRO K 143 -3.73 7.48 -27.70
N PRO K 144 -3.31 8.11 -26.59
CA PRO K 144 -4.19 8.24 -25.43
C PRO K 144 -5.55 8.86 -25.80
N HIS K 145 -5.55 9.81 -26.73
CA HIS K 145 -6.77 10.51 -27.15
C HIS K 145 -6.90 10.58 -28.66
N GLY K 146 -5.90 11.16 -29.33
CA GLY K 146 -5.95 11.29 -30.76
C GLY K 146 -6.63 12.59 -31.18
N ILE K 147 -6.59 12.88 -32.48
CA ILE K 147 -6.97 14.18 -33.01
C ILE K 147 -8.36 14.69 -32.62
N GLN K 148 -9.41 13.91 -32.87
CA GLN K 148 -10.76 14.42 -32.67
C GLN K 148 -11.10 14.60 -31.19
N VAL K 149 -10.64 13.68 -30.34
CA VAL K 149 -10.88 13.82 -28.91
C VAL K 149 -10.12 15.01 -28.35
N GLU K 150 -8.91 15.24 -28.87
CA GLU K 150 -8.13 16.40 -28.43
C GLU K 150 -8.82 17.74 -28.78
N ARG K 151 -9.32 17.88 -30.01
CA ARG K 151 -10.02 19.11 -30.39
C ARG K 151 -11.23 19.32 -29.48
N ASP K 152 -11.92 18.24 -29.16
CA ASP K 152 -13.10 18.30 -28.31
C ASP K 152 -12.78 18.68 -26.86
N LEU K 153 -11.66 18.19 -26.35
CA LEU K 153 -11.21 18.53 -25.00
C LEU K 153 -10.80 20.00 -24.91
N LEU K 154 -10.19 20.51 -25.97
CA LEU K 154 -9.60 21.84 -25.92
C LEU K 154 -10.50 22.93 -26.51
N ASN K 155 -11.61 22.52 -27.11
CA ASN K 155 -12.53 23.45 -27.76
C ASN K 155 -11.83 24.22 -28.86
N LYS K 156 -10.99 23.51 -29.61
CA LYS K 156 -10.16 24.11 -30.66
C LYS K 156 -10.60 23.52 -32.00
N TYR K 157 -11.32 24.30 -32.79
CA TYR K 157 -11.84 23.82 -34.08
C TYR K 157 -11.57 24.84 -35.18
N GLY K 158 -11.36 24.35 -36.39
CA GLY K 158 -11.45 25.21 -37.55
C GLY K 158 -10.14 25.73 -38.12
N ARG K 159 -9.03 25.41 -37.47
CA ARG K 159 -7.73 25.82 -37.98
C ARG K 159 -6.58 25.08 -37.27
N PRO K 160 -5.36 25.16 -37.82
CA PRO K 160 -4.19 24.64 -37.10
C PRO K 160 -4.05 25.28 -35.72
N MET K 161 -3.49 24.54 -34.78
CA MET K 161 -3.16 25.10 -33.48
C MET K 161 -1.75 25.65 -33.51
N LEU K 162 -1.45 26.58 -32.61
CA LEU K 162 -0.18 27.29 -32.62
C LEU K 162 0.56 27.07 -31.33
N GLY K 163 1.85 26.77 -31.45
CA GLY K 163 2.69 26.58 -30.30
C GLY K 163 3.97 27.38 -30.38
N CYS K 164 4.87 27.14 -29.44
CA CYS K 164 6.07 27.94 -29.30
C CYS K 164 6.98 27.32 -28.25
N THR K 165 8.22 27.04 -28.65
CA THR K 165 9.24 26.60 -27.70
C THR K 165 9.89 27.82 -27.05
N ILE K 166 9.97 27.82 -25.73
CA ILE K 166 10.64 28.87 -24.99
C ILE K 166 12.15 28.81 -25.23
N LYS K 167 12.77 29.99 -25.39
CA LYS K 167 14.21 30.11 -25.59
C LYS K 167 14.75 31.16 -24.61
N PRO K 168 16.06 31.12 -24.29
CA PRO K 168 17.07 30.12 -24.69
C PRO K 168 16.72 28.69 -24.25
N LYS K 169 17.28 27.71 -24.96
CA LYS K 169 16.98 26.31 -24.70
C LYS K 169 17.15 25.99 -23.22
N LEU K 170 18.28 26.42 -22.68
CA LEU K 170 18.63 26.19 -21.28
C LEU K 170 19.16 27.49 -20.71
N GLY K 171 19.02 27.69 -19.40
CA GLY K 171 19.60 28.86 -18.77
C GLY K 171 18.64 29.74 -17.99
N LEU K 172 17.35 29.66 -18.32
CA LEU K 172 16.32 30.45 -17.66
C LEU K 172 15.87 29.80 -16.36
N SER K 173 15.66 30.64 -15.35
CA SER K 173 15.10 30.18 -14.08
C SER K 173 13.64 29.83 -14.27
N ALA K 174 13.05 29.16 -13.28
CA ALA K 174 11.65 28.77 -13.34
C ALA K 174 10.70 29.96 -13.50
N LYS K 175 10.96 31.00 -12.72
CA LYS K 175 10.13 32.21 -12.73
C LYS K 175 10.23 32.92 -14.08
N ASN K 176 11.43 33.02 -14.64
CA ASN K 176 11.61 33.66 -15.94
C ASN K 176 11.02 32.80 -17.04
N TYR K 177 10.98 31.49 -16.82
CA TYR K 177 10.34 30.58 -17.75
C TYR K 177 8.84 30.84 -17.82
N GLY K 178 8.20 30.89 -16.65
CA GLY K 178 6.78 31.16 -16.60
C GLY K 178 6.42 32.54 -17.15
N ARG K 179 7.32 33.50 -16.93
CA ARG K 179 7.16 34.85 -17.47
C ARG K 179 7.05 34.80 -18.99
N ALA K 180 8.01 34.16 -19.63
CA ALA K 180 8.03 34.04 -21.08
C ALA K 180 6.79 33.30 -21.57
N VAL K 181 6.36 32.30 -20.83
CA VAL K 181 5.18 31.51 -21.16
C VAL K 181 3.91 32.37 -21.11
N TYR K 182 3.73 33.11 -20.02
CA TYR K 182 2.56 33.96 -19.86
C TYR K 182 2.45 34.94 -21.02
N GLU K 183 3.56 35.60 -21.34
CA GLU K 183 3.55 36.61 -22.39
C GLU K 183 3.27 36.02 -23.77
N CYS K 184 3.77 34.82 -24.03
CA CYS K 184 3.47 34.12 -25.28
C CYS K 184 1.99 33.76 -25.38
N LEU K 185 1.48 33.12 -24.33
CA LEU K 185 0.10 32.62 -24.36
C LEU K 185 -0.93 33.75 -24.41
N ARG K 186 -0.68 34.84 -23.67
CA ARG K 186 -1.61 35.97 -23.63
C ARG K 186 -1.74 36.62 -25.02
N GLY K 187 -0.73 36.39 -25.86
CA GLY K 187 -0.69 37.02 -27.17
C GLY K 187 -1.42 36.27 -28.26
N GLY K 188 -1.89 35.06 -27.99
CA GLY K 188 -2.69 34.37 -28.98
C GLY K 188 -2.25 32.97 -29.37
N LEU K 189 -1.14 32.49 -28.84
CA LEU K 189 -0.71 31.12 -29.07
C LEU K 189 -1.53 30.15 -28.21
N ASP K 190 -1.81 28.97 -28.75
CA ASP K 190 -2.57 27.97 -28.00
C ASP K 190 -1.68 27.28 -26.97
N PHE K 191 -0.43 27.03 -27.35
CA PHE K 191 0.50 26.26 -26.54
C PHE K 191 1.84 26.96 -26.47
N THR K 192 2.53 26.74 -25.36
CA THR K 192 3.98 26.85 -25.33
C THR K 192 4.55 25.48 -24.92
N LYS K 193 5.88 25.34 -24.93
CA LYS K 193 6.48 24.07 -24.57
C LYS K 193 7.87 24.21 -24.00
N ASP K 194 8.23 23.28 -23.12
CA ASP K 194 9.61 23.06 -22.71
C ASP K 194 10.43 22.69 -23.93
N ASP K 195 11.69 23.12 -23.96
CA ASP K 195 12.60 22.56 -24.92
C ASP K 195 12.82 21.07 -24.59
N GLU K 196 13.14 20.27 -25.60
CA GLU K 196 13.29 18.83 -25.41
C GLU K 196 14.33 18.49 -24.34
N ASN K 197 15.35 19.34 -24.19
CA ASN K 197 16.40 19.08 -23.20
C ASN K 197 16.19 19.79 -21.87
N ILE K 198 15.04 20.46 -21.73
CA ILE K 198 14.63 20.99 -20.45
C ILE K 198 13.97 19.86 -19.65
N ASN K 199 14.68 19.34 -18.67
CA ASN K 199 14.15 18.25 -17.83
C ASN K 199 14.18 18.72 -16.38
N SER K 200 15.31 18.54 -15.71
CA SER K 200 15.51 19.12 -14.39
C SER K 200 17.00 19.34 -14.22
N GLN K 201 17.41 20.59 -13.99
CA GLN K 201 18.82 20.96 -14.06
C GLN K 201 19.09 21.97 -12.97
N PRO K 202 20.37 22.24 -12.66
CA PRO K 202 20.73 23.16 -11.58
C PRO K 202 20.10 24.55 -11.67
N PHE K 203 19.98 25.08 -12.89
CA PHE K 203 19.45 26.43 -13.11
C PHE K 203 17.93 26.47 -13.04
N GLN K 204 17.29 25.30 -13.13
CA GLN K 204 15.84 25.19 -13.15
C GLN K 204 15.41 23.75 -12.88
N ARG K 205 15.00 23.51 -11.64
CA ARG K 205 14.49 22.23 -11.18
C ARG K 205 13.05 22.07 -11.71
N TRP K 206 12.63 20.85 -11.99
CA TRP K 206 11.39 20.62 -12.74
C TRP K 206 10.14 21.05 -11.99
N ARG K 207 10.12 20.80 -10.68
CA ARG K 207 8.91 21.02 -9.91
C ARG K 207 8.62 22.52 -9.78
N ASP K 208 9.68 23.33 -9.73
CA ASP K 208 9.55 24.78 -9.74
C ASP K 208 8.96 25.27 -11.06
N ARG K 209 9.48 24.77 -12.18
CA ARG K 209 8.95 25.13 -13.49
C ARG K 209 7.47 24.78 -13.61
N PHE K 210 7.10 23.58 -13.18
CA PHE K 210 5.70 23.14 -13.28
C PHE K 210 4.80 24.12 -12.52
N LEU K 211 5.27 24.55 -11.36
CA LEU K 211 4.54 25.47 -10.49
C LEU K 211 4.32 26.84 -11.16
N PHE K 212 5.41 27.43 -11.62
CA PHE K 212 5.36 28.76 -12.22
C PHE K 212 4.65 28.76 -13.56
N VAL K 213 4.84 27.71 -14.34
CA VAL K 213 4.15 27.57 -15.62
C VAL K 213 2.63 27.43 -15.44
N ALA K 214 2.19 26.71 -14.42
CA ALA K 214 0.76 26.55 -14.17
C ALA K 214 0.11 27.91 -13.88
N ASP K 215 0.82 28.76 -13.15
CA ASP K 215 0.35 30.10 -12.84
C ASP K 215 0.21 30.94 -14.13
N ALA K 216 1.18 30.82 -15.01
CA ALA K 216 1.18 31.53 -16.29
C ALA K 216 0.02 31.10 -17.17
N ILE K 217 -0.31 29.82 -17.15
CA ILE K 217 -1.41 29.29 -17.95
C ILE K 217 -2.74 29.83 -17.44
N HIS K 218 -2.90 29.88 -16.13
CA HIS K 218 -4.15 30.36 -15.54
C HIS K 218 -4.39 31.83 -15.84
N LYS K 219 -3.34 32.64 -15.73
CA LYS K 219 -3.44 34.07 -15.95
C LYS K 219 -3.77 34.40 -17.41
N SER K 220 -3.08 33.72 -18.33
CA SER K 220 -3.28 33.97 -19.75
C SER K 220 -4.62 33.44 -20.24
N GLN K 221 -5.07 32.32 -19.68
CA GLN K 221 -6.37 31.77 -20.07
C GLN K 221 -7.48 32.68 -19.58
N ALA K 222 -7.29 33.24 -18.39
CA ALA K 222 -8.30 34.12 -17.80
C ALA K 222 -8.40 35.40 -18.63
N GLU K 223 -7.27 35.87 -19.16
CA GLU K 223 -7.26 37.13 -19.90
C GLU K 223 -7.83 37.00 -21.31
N THR K 224 -7.63 35.84 -21.93
CA THR K 224 -7.93 35.67 -23.34
C THR K 224 -9.25 34.96 -23.60
N GLY K 225 -9.72 34.19 -22.62
CA GLY K 225 -10.95 33.43 -22.80
C GLY K 225 -10.81 32.28 -23.77
N GLU K 226 -9.58 31.81 -23.97
CA GLU K 226 -9.30 30.61 -24.78
C GLU K 226 -8.48 29.62 -23.94
N ILE K 227 -8.72 28.33 -24.17
CA ILE K 227 -7.96 27.27 -23.51
C ILE K 227 -6.47 27.38 -23.88
N LYS K 228 -5.62 27.38 -22.87
CA LYS K 228 -4.17 27.45 -23.05
C LYS K 228 -3.52 26.17 -22.53
N GLY K 229 -2.36 25.81 -23.08
CA GLY K 229 -1.62 24.68 -22.59
C GLY K 229 -0.13 24.91 -22.72
N HIS K 230 0.65 24.16 -21.96
CA HIS K 230 2.11 24.18 -22.08
C HIS K 230 2.60 22.75 -21.89
N TYR K 231 3.32 22.22 -22.88
CA TYR K 231 3.78 20.83 -22.81
C TYR K 231 4.88 20.75 -21.77
N LEU K 232 4.54 20.29 -20.58
CA LEU K 232 5.53 20.11 -19.53
C LEU K 232 6.29 18.79 -19.76
N ASN K 233 7.59 18.92 -19.89
CA ASN K 233 8.49 17.82 -20.21
C ASN K 233 8.69 16.90 -19.00
N VAL K 234 8.21 15.67 -19.09
CA VAL K 234 8.37 14.69 -18.01
C VAL K 234 9.49 13.70 -18.28
N THR K 235 10.18 13.88 -19.41
CA THR K 235 11.35 13.08 -19.74
C THR K 235 12.35 13.06 -18.57
N ALA K 236 12.72 11.86 -18.12
CA ALA K 236 13.39 11.68 -16.84
C ALA K 236 14.43 10.57 -16.91
N PRO K 237 15.30 10.46 -15.90
CA PRO K 237 16.32 9.40 -15.90
C PRO K 237 15.77 7.98 -15.76
N THR K 238 14.66 7.84 -15.05
CA THR K 238 14.10 6.54 -14.71
C THR K 238 12.58 6.57 -14.88
N CYS K 239 11.96 5.41 -14.94
CA CYS K 239 10.51 5.31 -15.00
C CYS K 239 9.85 5.99 -13.80
N GLU K 240 10.46 5.83 -12.64
CA GLU K 240 9.90 6.35 -11.40
C GLU K 240 9.83 7.86 -11.41
N GLU K 241 10.92 8.50 -11.85
CA GLU K 241 10.98 9.95 -11.95
C GLU K 241 10.01 10.46 -13.01
N MET K 242 9.97 9.78 -14.14
CA MET K 242 9.03 10.13 -15.20
C MET K 242 7.61 10.19 -14.65
N MET K 243 7.23 9.18 -13.89
CA MET K 243 5.88 9.09 -13.37
C MET K 243 5.62 10.13 -12.30
N LYS K 244 6.64 10.42 -11.50
CA LYS K 244 6.53 11.41 -10.45
C LYS K 244 6.22 12.77 -11.06
N ARG K 245 6.85 13.06 -12.19
CA ARG K 245 6.67 14.33 -12.87
C ARG K 245 5.33 14.41 -13.58
N ALA K 246 4.92 13.31 -14.23
CA ALA K 246 3.61 13.24 -14.85
C ALA K 246 2.50 13.44 -13.82
N GLU K 247 2.72 12.88 -12.64
CA GLU K 247 1.74 12.95 -11.57
C GLU K 247 1.49 14.37 -11.07
N PHE K 248 2.56 15.14 -10.94
CA PHE K 248 2.43 16.51 -10.46
C PHE K 248 1.73 17.38 -11.49
N ALA K 249 2.00 17.15 -12.76
CA ALA K 249 1.31 17.86 -13.84
C ALA K 249 -0.19 17.62 -13.73
N LYS K 250 -0.57 16.39 -13.44
CA LYS K 250 -1.98 16.06 -13.28
C LYS K 250 -2.54 16.77 -12.05
N GLU K 251 -1.76 16.78 -10.97
CA GLU K 251 -2.15 17.41 -9.73
C GLU K 251 -2.42 18.91 -9.96
N LEU K 252 -1.65 19.52 -10.83
CA LEU K 252 -1.79 20.93 -11.15
C LEU K 252 -2.93 21.18 -12.13
N GLY K 253 -3.53 20.10 -12.63
CA GLY K 253 -4.61 20.22 -13.57
C GLY K 253 -4.13 20.63 -14.95
N MET K 254 -2.90 20.25 -15.29
CA MET K 254 -2.31 20.59 -16.58
C MET K 254 -2.86 19.69 -17.67
N PRO K 255 -3.24 20.28 -18.81
CA PRO K 255 -3.92 19.49 -19.83
C PRO K 255 -2.99 18.63 -20.69
N ILE K 256 -1.70 18.93 -20.69
CA ILE K 256 -0.79 18.34 -21.66
C ILE K 256 0.65 18.31 -21.15
N ILE K 257 1.32 17.20 -21.41
CA ILE K 257 2.75 17.03 -21.09
C ILE K 257 3.47 16.56 -22.34
N MET K 258 4.80 16.54 -22.29
CA MET K 258 5.58 16.05 -23.43
C MET K 258 6.61 15.01 -23.01
N HIS K 259 7.09 14.24 -23.99
CA HIS K 259 8.01 13.15 -23.71
C HIS K 259 8.88 12.96 -24.93
N ASP K 260 10.18 12.81 -24.71
CA ASP K 260 11.12 12.50 -25.79
C ASP K 260 11.19 10.98 -25.97
N PHE K 261 10.40 10.44 -26.89
CA PHE K 261 10.18 9.00 -26.92
C PHE K 261 11.42 8.18 -27.28
N LEU K 262 12.33 8.75 -28.06
CA LEU K 262 13.52 8.02 -28.50
C LEU K 262 14.67 8.06 -27.50
N THR K 263 14.90 9.20 -26.85
CA THR K 263 15.99 9.29 -25.90
C THR K 263 15.62 8.68 -24.56
N ALA K 264 14.32 8.66 -24.26
CA ALA K 264 13.82 7.95 -23.09
C ALA K 264 13.59 6.49 -23.43
N GLY K 265 12.98 6.24 -24.58
CA GLY K 265 12.79 4.88 -25.05
C GLY K 265 11.34 4.46 -25.11
N PHE K 266 11.08 3.44 -25.91
CA PHE K 266 9.72 2.98 -26.16
C PHE K 266 9.05 2.33 -24.96
N THR K 267 9.85 1.70 -24.10
CA THR K 267 9.31 1.05 -22.92
C THR K 267 8.76 2.06 -21.93
N ALA K 268 9.52 3.14 -21.70
CA ALA K 268 9.06 4.23 -20.86
C ALA K 268 7.90 4.98 -21.54
N ASN K 269 8.02 5.20 -22.84
CA ASN K 269 6.95 5.87 -23.57
C ASN K 269 5.62 5.14 -23.51
N THR K 270 5.66 3.82 -23.70
CA THR K 270 4.43 3.02 -23.66
C THR K 270 3.79 3.06 -22.27
N THR K 271 4.61 3.06 -21.23
CA THR K 271 4.13 3.27 -19.88
C THR K 271 3.41 4.61 -19.75
N LEU K 272 4.01 5.66 -20.28
CA LEU K 272 3.47 7.02 -20.17
C LEU K 272 2.18 7.19 -20.97
N ALA K 273 2.13 6.62 -22.16
CA ALA K 273 0.95 6.67 -22.99
C ALA K 273 -0.25 5.99 -22.34
N LYS K 274 -0.01 4.90 -21.61
CA LYS K 274 -1.11 4.22 -20.90
C LYS K 274 -1.59 5.08 -19.74
N TRP K 275 -0.65 5.65 -19.00
CA TRP K 275 -0.97 6.53 -17.88
C TRP K 275 -1.78 7.74 -18.35
N CYS K 276 -1.38 8.32 -19.47
CA CYS K 276 -2.08 9.48 -20.04
C CYS K 276 -3.53 9.15 -20.37
N ARG K 277 -3.76 7.96 -20.90
CA ARG K 277 -5.12 7.53 -21.16
C ARG K 277 -5.93 7.40 -19.88
N ASP K 278 -5.31 6.85 -18.84
CA ASP K 278 -6.04 6.62 -17.61
C ASP K 278 -6.25 7.89 -16.82
N ASN K 279 -5.50 8.93 -17.14
CA ASN K 279 -5.52 10.15 -16.35
C ASN K 279 -5.92 11.38 -17.15
N GLY K 280 -6.27 11.16 -18.42
CA GLY K 280 -6.85 12.21 -19.23
C GLY K 280 -5.91 13.36 -19.51
N VAL K 281 -4.63 13.08 -19.61
CA VAL K 281 -3.63 14.08 -19.95
C VAL K 281 -3.16 13.85 -21.39
N LEU K 282 -3.09 14.92 -22.17
CA LEU K 282 -2.66 14.81 -23.56
C LEU K 282 -1.15 14.63 -23.60
N LEU K 283 -0.65 13.95 -24.62
CA LEU K 283 0.76 13.61 -24.70
C LEU K 283 1.38 14.10 -25.99
N HIS K 284 2.24 15.10 -25.87
CA HIS K 284 2.99 15.61 -27.00
C HIS K 284 4.32 14.86 -27.10
N ILE K 285 4.65 14.35 -28.28
CA ILE K 285 5.88 13.58 -28.45
C ILE K 285 6.94 14.32 -29.26
N HIS K 286 8.09 14.52 -28.65
CA HIS K 286 9.26 15.09 -29.31
C HIS K 286 10.14 13.96 -29.87
N ARG K 287 10.60 14.12 -31.11
CA ARG K 287 11.39 13.08 -31.80
C ARG K 287 12.91 13.23 -31.67
N ALA K 288 13.37 13.88 -30.60
CA ALA K 288 14.80 14.06 -30.36
C ALA K 288 15.58 12.76 -30.62
N MET K 289 16.63 12.89 -31.45
CA MET K 289 17.56 11.82 -31.81
C MET K 289 17.20 11.09 -33.09
N HIS K 290 16.02 11.36 -33.63
CA HIS K 290 15.56 10.61 -34.79
C HIS K 290 16.49 10.75 -36.00
N ALA K 291 17.10 11.90 -36.16
CA ALA K 291 17.93 12.16 -37.34
C ALA K 291 19.27 11.43 -37.29
N VAL K 292 19.66 10.99 -36.09
CA VAL K 292 20.81 10.10 -35.93
C VAL K 292 20.52 8.82 -36.71
N ILE K 293 19.23 8.49 -36.79
CA ILE K 293 18.77 7.21 -37.31
C ILE K 293 18.26 7.34 -38.73
N ASP K 294 17.56 8.44 -39.04
CA ASP K 294 16.73 8.46 -40.24
C ASP K 294 17.16 9.39 -41.38
N ARG K 295 18.30 10.06 -41.23
CA ARG K 295 18.67 11.11 -42.19
C ARG K 295 19.19 10.59 -43.52
N GLN K 296 20.15 9.66 -43.46
CA GLN K 296 20.81 9.17 -44.67
C GLN K 296 20.02 8.04 -45.27
N ARG K 297 19.90 8.03 -46.60
CA ARG K 297 19.07 7.00 -47.23
C ARG K 297 19.74 5.66 -47.51
N ASN K 298 21.01 5.53 -47.21
CA ASN K 298 21.70 4.26 -47.43
C ASN K 298 21.68 3.36 -46.20
N HIS K 299 21.52 3.95 -45.02
CA HIS K 299 21.61 3.21 -43.77
C HIS K 299 20.79 3.85 -42.67
N GLY K 300 20.01 3.03 -41.96
CA GLY K 300 19.27 3.49 -40.81
C GLY K 300 17.83 3.03 -40.90
N ILE K 301 16.94 3.80 -40.30
CA ILE K 301 15.50 3.54 -40.36
C ILE K 301 14.83 4.82 -40.82
N HIS K 302 13.97 4.74 -41.82
CA HIS K 302 13.27 5.93 -42.26
C HIS K 302 12.26 6.39 -41.20
N PHE K 303 12.08 7.71 -41.10
CA PHE K 303 11.21 8.28 -40.08
C PHE K 303 9.79 7.74 -40.12
N ARG K 304 9.31 7.37 -41.30
CA ARG K 304 7.95 6.90 -41.42
C ARG K 304 7.70 5.60 -40.67
N VAL K 305 8.77 4.83 -40.44
CA VAL K 305 8.68 3.66 -39.58
C VAL K 305 8.58 4.08 -38.11
N LEU K 306 9.38 5.07 -37.75
CA LEU K 306 9.37 5.59 -36.39
C LEU K 306 8.02 6.25 -36.05
N ALA K 307 7.43 6.92 -37.03
CA ALA K 307 6.11 7.53 -36.87
C ALA K 307 5.05 6.46 -36.64
N LYS K 308 5.09 5.39 -37.42
CA LYS K 308 4.18 4.27 -37.24
C LYS K 308 4.33 3.64 -35.86
N CYS K 309 5.58 3.43 -35.44
CA CYS K 309 5.86 2.86 -34.13
C CYS K 309 5.34 3.74 -33.00
N LEU K 310 5.47 5.06 -33.15
CA LEU K 310 5.00 6.01 -32.14
C LEU K 310 3.49 6.01 -32.05
N ARG K 311 2.79 5.94 -33.18
CA ARG K 311 1.33 5.88 -33.15
C ARG K 311 0.87 4.62 -32.39
N LEU K 312 1.62 3.54 -32.51
CA LEU K 312 1.31 2.30 -31.80
C LEU K 312 1.61 2.41 -30.31
N SER K 313 2.81 2.88 -29.98
CA SER K 313 3.22 3.07 -28.58
C SER K 313 2.31 4.05 -27.86
N GLY K 314 2.04 5.19 -28.52
CA GLY K 314 1.09 6.14 -27.99
C GLY K 314 1.65 7.54 -27.97
N GLY K 315 0.94 8.45 -28.63
CA GLY K 315 1.25 9.86 -28.56
C GLY K 315 0.12 10.62 -29.20
N ASP K 316 -0.24 11.78 -28.65
CA ASP K 316 -1.29 12.60 -29.25
C ASP K 316 -0.76 13.55 -30.32
N HIS K 317 0.44 14.10 -30.10
CA HIS K 317 1.15 14.89 -31.11
C HIS K 317 2.43 14.13 -31.45
N LEU K 318 2.96 14.38 -32.66
CA LEU K 318 4.32 13.97 -33.01
C LEU K 318 4.89 14.96 -34.02
N HIS K 319 6.09 15.46 -33.76
CA HIS K 319 6.76 16.36 -34.71
C HIS K 319 6.95 15.65 -36.05
N SER K 320 6.68 16.37 -37.14
CA SER K 320 6.66 15.79 -38.48
C SER K 320 7.66 16.47 -39.42
N GLY K 321 8.31 17.51 -38.92
CA GLY K 321 9.08 18.39 -39.78
C GLY K 321 8.26 19.50 -40.41
N THR K 322 8.95 20.42 -41.10
CA THR K 322 8.34 21.62 -41.69
C THR K 322 8.45 21.62 -43.22
N VAL K 323 9.42 20.86 -43.73
CA VAL K 323 9.88 20.97 -45.11
C VAL K 323 10.67 22.26 -45.41
N VAL K 324 10.13 23.40 -44.97
CA VAL K 324 10.66 24.70 -45.32
C VAL K 324 11.58 25.35 -44.27
N GLY K 325 11.65 24.74 -43.08
CA GLY K 325 12.37 25.36 -41.97
C GLY K 325 13.84 25.00 -41.89
N LYS K 326 14.41 25.08 -40.68
CA LYS K 326 15.86 24.91 -40.52
C LYS K 326 16.35 23.46 -40.52
N LEU K 327 15.42 22.52 -40.35
CA LEU K 327 15.76 21.10 -40.33
C LEU K 327 15.17 20.38 -41.53
N GLU K 328 15.82 19.29 -41.93
CA GLU K 328 15.49 18.61 -43.16
C GLU K 328 14.17 17.85 -43.16
N GLY K 329 13.47 17.95 -44.28
CA GLY K 329 12.25 17.22 -44.49
C GLY K 329 11.88 17.23 -45.96
N ASP K 330 11.89 16.06 -46.58
CA ASP K 330 11.49 15.91 -47.97
C ASP K 330 9.97 16.00 -48.05
N LYS K 331 9.48 16.82 -48.97
CA LYS K 331 8.05 17.11 -49.05
C LYS K 331 7.20 15.87 -49.38
N ALA K 332 7.60 15.13 -50.42
CA ALA K 332 6.84 13.96 -50.86
C ALA K 332 6.78 12.93 -49.75
N SER K 333 7.93 12.68 -49.15
CA SER K 333 8.06 11.77 -48.01
C SER K 333 7.14 12.22 -46.87
N THR K 334 7.19 13.52 -46.56
CA THR K 334 6.44 14.10 -45.45
C THR K 334 4.95 13.97 -45.63
N LEU K 335 4.47 14.23 -46.84
CA LEU K 335 3.06 14.08 -47.13
C LEU K 335 2.65 12.63 -46.93
N GLY K 336 3.57 11.71 -47.25
CA GLY K 336 3.34 10.30 -47.04
C GLY K 336 3.17 9.89 -45.59
N PHE K 337 4.13 10.23 -44.73
CA PHE K 337 4.02 9.80 -43.35
C PHE K 337 3.09 10.64 -42.48
N VAL K 338 2.74 11.83 -42.96
CA VAL K 338 1.66 12.59 -42.33
C VAL K 338 0.34 11.83 -42.54
N ASP K 339 0.15 11.26 -43.72
CA ASP K 339 -1.01 10.41 -43.95
C ASP K 339 -0.97 9.17 -43.08
N LEU K 340 0.22 8.59 -42.92
CA LEU K 340 0.40 7.39 -42.11
C LEU K 340 0.07 7.63 -40.65
N MET K 341 0.33 8.84 -40.15
CA MET K 341 0.06 9.12 -38.76
C MET K 341 -1.31 9.70 -38.47
N ARG K 342 -2.04 10.07 -39.51
CA ARG K 342 -3.36 10.68 -39.34
C ARG K 342 -4.53 9.80 -39.75
N GLU K 343 -4.38 9.15 -40.90
CA GLU K 343 -5.49 8.48 -41.55
C GLU K 343 -5.68 7.05 -41.06
N ASP K 344 -6.77 6.43 -41.48
CA ASP K 344 -7.10 5.07 -41.06
C ASP K 344 -6.65 4.02 -42.08
N HIS K 345 -6.52 4.45 -43.32
CA HIS K 345 -6.17 3.55 -44.41
C HIS K 345 -5.33 4.33 -45.40
N ILE K 346 -4.12 3.86 -45.65
CA ILE K 346 -3.19 4.56 -46.53
C ILE K 346 -2.72 3.57 -47.59
N GLU K 347 -3.08 3.84 -48.84
CA GLU K 347 -2.68 3.02 -49.97
C GLU K 347 -1.18 3.11 -50.21
N ALA K 348 -0.58 1.99 -50.61
CA ALA K 348 0.80 1.98 -51.06
C ALA K 348 0.99 3.03 -52.16
N ASP K 349 2.10 3.76 -52.08
CA ASP K 349 2.42 4.78 -53.05
C ASP K 349 3.90 5.09 -52.95
N ARG K 350 4.67 4.49 -53.85
CA ARG K 350 6.12 4.60 -53.77
C ARG K 350 6.61 6.02 -54.03
N SER K 351 5.79 6.83 -54.69
CA SER K 351 6.18 8.20 -55.02
C SER K 351 6.19 9.08 -53.77
N ARG K 352 5.53 8.60 -52.71
CA ARG K 352 5.53 9.30 -51.45
C ARG K 352 6.21 8.44 -50.38
N GLY K 353 6.87 7.38 -50.83
CA GLY K 353 7.65 6.53 -49.95
C GLY K 353 6.86 5.50 -49.16
N VAL K 354 5.59 5.32 -49.49
CA VAL K 354 4.74 4.36 -48.79
C VAL K 354 4.81 3.03 -49.53
N PHE K 355 5.61 2.11 -49.00
CA PHE K 355 5.84 0.83 -49.66
C PHE K 355 4.68 -0.13 -49.55
N PHE K 356 3.98 -0.07 -48.42
CA PHE K 356 2.87 -0.99 -48.13
C PHE K 356 1.61 -0.20 -47.84
N THR K 357 0.47 -0.77 -48.19
CA THR K 357 -0.82 -0.28 -47.71
C THR K 357 -0.95 -0.56 -46.22
N GLN K 358 -1.32 0.47 -45.46
CA GLN K 358 -1.42 0.36 -44.02
C GLN K 358 -2.83 0.66 -43.55
N ASP K 359 -3.37 -0.26 -42.77
CA ASP K 359 -4.65 -0.06 -42.10
C ASP K 359 -4.42 0.08 -40.62
N TRP K 360 -5.28 0.86 -39.96
CA TRP K 360 -5.11 1.17 -38.55
C TRP K 360 -6.28 0.72 -37.69
N ALA K 361 -7.30 0.13 -38.31
CA ALA K 361 -8.45 -0.43 -37.60
C ALA K 361 -9.03 0.52 -36.54
N SER K 362 -9.16 1.79 -36.93
CA SER K 362 -9.79 2.85 -36.14
C SER K 362 -8.97 3.29 -34.93
N MET K 363 -7.68 2.97 -34.94
CA MET K 363 -6.77 3.59 -33.98
C MET K 363 -6.66 5.08 -34.30
N PRO K 364 -6.87 5.94 -33.28
CA PRO K 364 -6.85 7.39 -33.45
C PRO K 364 -5.61 7.88 -34.16
N GLY K 365 -5.75 8.99 -34.87
CA GLY K 365 -4.62 9.62 -35.50
C GLY K 365 -3.81 10.46 -34.54
N VAL K 366 -2.62 10.84 -34.98
CA VAL K 366 -1.68 11.65 -34.22
C VAL K 366 -1.57 12.99 -34.93
N LEU K 367 -1.63 14.08 -34.17
CA LEU K 367 -1.44 15.42 -34.74
C LEU K 367 0.02 15.62 -35.13
N PRO K 368 0.28 15.92 -36.41
CA PRO K 368 1.61 16.35 -36.85
C PRO K 368 1.95 17.74 -36.34
N VAL K 369 3.19 17.91 -35.88
CA VAL K 369 3.64 19.19 -35.35
C VAL K 369 4.80 19.72 -36.19
N ALA K 370 4.57 20.83 -36.88
CA ALA K 370 5.60 21.46 -37.70
C ALA K 370 6.33 22.50 -36.87
N SER K 371 7.63 22.31 -36.70
CA SER K 371 8.43 23.12 -35.79
C SER K 371 9.86 23.17 -36.29
N GLY K 372 10.48 24.35 -36.14
CA GLY K 372 11.91 24.49 -36.38
C GLY K 372 12.27 25.45 -37.49
N GLY K 373 12.70 26.65 -37.10
CA GLY K 373 13.21 27.62 -38.07
C GLY K 373 12.16 28.23 -38.98
N ILE K 374 10.91 28.22 -38.53
CA ILE K 374 9.83 28.81 -39.32
C ILE K 374 9.34 30.14 -38.74
N HIS K 375 8.88 31.01 -39.64
CA HIS K 375 8.35 32.32 -39.26
C HIS K 375 7.13 32.65 -40.13
N VAL K 376 6.61 33.87 -39.98
CA VAL K 376 5.33 34.25 -40.58
C VAL K 376 5.24 34.04 -42.09
N TRP K 377 6.33 34.29 -42.80
CA TRP K 377 6.33 34.11 -44.24
C TRP K 377 6.09 32.66 -44.68
N HIS K 378 6.33 31.72 -43.76
CA HIS K 378 6.12 30.31 -44.05
C HIS K 378 4.66 29.90 -43.91
N MET K 379 3.86 30.75 -43.28
CA MET K 379 2.51 30.36 -42.86
C MET K 379 1.64 29.81 -43.99
N PRO K 380 1.61 30.49 -45.16
CA PRO K 380 0.70 29.95 -46.18
C PRO K 380 1.11 28.58 -46.69
N ALA K 381 2.42 28.34 -46.80
CA ALA K 381 2.94 27.04 -47.21
C ALA K 381 2.63 25.96 -46.17
N LEU K 382 2.81 26.29 -44.89
CA LEU K 382 2.52 25.35 -43.81
C LEU K 382 1.06 24.95 -43.78
N VAL K 383 0.16 25.92 -43.91
CA VAL K 383 -1.27 25.65 -43.92
C VAL K 383 -1.63 24.81 -45.15
N GLU K 384 -0.99 25.12 -46.26
CA GLU K 384 -1.17 24.38 -47.48
C GLU K 384 -0.76 22.91 -47.33
N ILE K 385 0.43 22.68 -46.78
CA ILE K 385 1.00 21.34 -46.66
C ILE K 385 0.25 20.49 -45.63
N PHE K 386 0.04 21.04 -44.43
CA PHE K 386 -0.44 20.24 -43.32
C PHE K 386 -1.95 20.31 -43.10
N GLY K 387 -2.57 21.39 -43.57
CA GLY K 387 -4.00 21.56 -43.37
C GLY K 387 -4.34 21.89 -41.93
N ASP K 388 -5.61 21.76 -41.58
CA ASP K 388 -6.10 22.20 -40.27
C ASP K 388 -5.62 21.34 -39.11
N ASP K 389 -5.48 20.04 -39.36
CA ASP K 389 -5.14 19.12 -38.27
C ASP K 389 -3.63 19.02 -38.12
N SER K 390 -3.07 20.07 -37.55
CA SER K 390 -1.64 20.17 -37.32
C SER K 390 -1.42 21.21 -36.23
N VAL K 391 -0.22 21.20 -35.65
CA VAL K 391 0.21 22.25 -34.73
C VAL K 391 1.43 22.87 -35.39
N LEU K 392 1.42 24.19 -35.51
CA LEU K 392 2.55 24.91 -36.08
C LEU K 392 3.24 25.66 -34.96
N GLN K 393 4.55 25.46 -34.81
CA GLN K 393 5.24 25.99 -33.64
C GLN K 393 6.34 26.97 -34.00
N PHE K 394 6.37 28.09 -33.29
CA PHE K 394 7.29 29.17 -33.55
C PHE K 394 8.00 29.55 -32.26
N GLY K 395 9.23 29.08 -32.10
CA GLY K 395 10.00 29.42 -30.91
C GLY K 395 10.73 30.74 -31.09
N GLY K 396 11.81 30.72 -31.86
CA GLY K 396 12.47 31.95 -32.26
C GLY K 396 11.54 32.88 -33.03
N GLY K 397 10.58 32.30 -33.75
CA GLY K 397 9.64 33.08 -34.52
C GLY K 397 8.58 33.79 -33.69
N THR K 398 8.59 33.60 -32.37
CA THR K 398 7.75 34.35 -31.46
C THR K 398 8.60 35.22 -30.55
N LEU K 399 9.56 34.60 -29.87
CA LEU K 399 10.40 35.30 -28.89
C LEU K 399 11.43 36.21 -29.55
N GLY K 400 11.60 36.05 -30.86
CA GLY K 400 12.53 36.89 -31.60
C GLY K 400 11.85 38.09 -32.26
N HIS K 401 10.56 38.27 -32.00
CA HIS K 401 9.84 39.45 -32.47
C HIS K 401 10.47 40.68 -31.83
N PRO K 402 10.58 41.79 -32.60
CA PRO K 402 11.26 42.98 -32.07
C PRO K 402 10.60 43.59 -30.84
N TRP K 403 9.30 43.30 -30.64
CA TRP K 403 8.57 43.90 -29.54
C TRP K 403 8.32 42.91 -28.40
N GLY K 404 8.80 41.67 -28.56
CA GLY K 404 8.65 40.69 -27.50
C GLY K 404 7.63 39.61 -27.80
N ASN K 405 7.24 38.89 -26.74
CA ASN K 405 6.51 37.63 -26.87
C ASN K 405 5.04 37.80 -27.26
N ALA K 406 4.33 38.64 -26.53
CA ALA K 406 2.90 38.82 -26.76
C ALA K 406 2.60 39.38 -28.16
N PRO K 407 3.35 40.41 -28.59
CA PRO K 407 3.17 40.83 -29.99
C PRO K 407 3.66 39.79 -31.01
N GLY K 408 4.72 39.06 -30.65
CA GLY K 408 5.19 37.97 -31.47
C GLY K 408 4.12 36.90 -31.67
N ALA K 409 3.40 36.60 -30.60
CA ALA K 409 2.32 35.63 -30.63
C ALA K 409 1.16 36.11 -31.49
N THR K 410 0.78 37.37 -31.31
CA THR K 410 -0.30 37.97 -32.10
C THR K 410 0.04 38.00 -33.59
N ALA K 411 1.29 38.30 -33.92
CA ALA K 411 1.74 38.27 -35.31
C ALA K 411 1.47 36.90 -35.95
N ASN K 412 1.85 35.84 -35.24
CA ASN K 412 1.64 34.48 -35.74
C ASN K 412 0.18 34.07 -35.80
N ARG K 413 -0.57 34.44 -34.75
CA ARG K 413 -2.00 34.12 -34.69
C ARG K 413 -2.80 34.84 -35.79
N VAL K 414 -2.47 36.11 -36.05
CA VAL K 414 -3.12 36.87 -37.12
C VAL K 414 -2.75 36.28 -38.48
N ALA K 415 -1.46 36.01 -38.69
CA ALA K 415 -1.00 35.44 -39.94
C ALA K 415 -1.70 34.12 -40.25
N LEU K 416 -1.90 33.30 -39.23
CA LEU K 416 -2.57 32.01 -39.39
C LEU K 416 -4.03 32.18 -39.77
N GLU K 417 -4.75 32.99 -38.99
CA GLU K 417 -6.18 33.18 -39.21
C GLU K 417 -6.46 33.83 -40.57
N ALA K 418 -5.58 34.73 -40.98
CA ALA K 418 -5.68 35.35 -42.29
C ALA K 418 -5.56 34.31 -43.41
N CYS K 419 -4.63 33.36 -43.23
CA CYS K 419 -4.42 32.31 -44.22
C CYS K 419 -5.59 31.32 -44.26
N VAL K 420 -6.12 30.95 -43.09
CA VAL K 420 -7.24 30.03 -43.02
C VAL K 420 -8.48 30.66 -43.66
N GLN K 421 -8.74 31.93 -43.35
CA GLN K 421 -9.86 32.65 -43.94
C GLN K 421 -9.73 32.69 -45.46
N ALA K 422 -8.55 33.05 -45.95
CA ALA K 422 -8.30 33.16 -47.37
C ALA K 422 -8.47 31.82 -48.08
N ARG K 423 -7.89 30.78 -47.51
CA ARG K 423 -8.04 29.44 -48.06
C ARG K 423 -9.51 29.07 -48.18
N ASN K 424 -10.26 29.29 -47.12
CA ASN K 424 -11.68 28.93 -47.08
C ASN K 424 -12.48 29.72 -48.11
N GLU K 425 -11.98 30.91 -48.44
CA GLU K 425 -12.64 31.75 -49.42
C GLU K 425 -12.29 31.36 -50.85
N GLY K 426 -11.30 30.49 -51.01
CA GLY K 426 -10.98 29.97 -52.32
C GLY K 426 -9.70 30.55 -52.89
N ARG K 427 -9.01 31.36 -52.10
CA ARG K 427 -7.75 31.93 -52.54
C ARG K 427 -6.66 30.88 -52.53
N ASP K 428 -5.77 30.96 -53.52
CA ASP K 428 -4.67 30.03 -53.63
C ASP K 428 -3.52 30.47 -52.74
N LEU K 429 -3.27 29.69 -51.69
CA LEU K 429 -2.25 30.02 -50.70
C LEU K 429 -0.85 30.08 -51.28
N TYR K 430 -0.59 29.24 -52.27
CA TYR K 430 0.72 29.20 -52.90
C TYR K 430 0.98 30.47 -53.70
N ARG K 431 0.03 30.82 -54.56
CA ARG K 431 0.20 31.96 -55.44
C ARG K 431 -0.03 33.28 -54.71
N GLU K 432 -0.93 33.29 -53.74
CA GLU K 432 -1.38 34.53 -53.11
C GLU K 432 -0.91 34.73 -51.68
N GLY K 433 -0.11 33.80 -51.17
CA GLY K 433 0.28 33.82 -49.77
C GLY K 433 0.94 35.11 -49.32
N GLY K 434 1.90 35.59 -50.11
CA GLY K 434 2.58 36.83 -49.78
C GLY K 434 1.60 37.98 -49.68
N ASP K 435 0.64 38.02 -50.60
CA ASP K 435 -0.35 39.09 -50.64
C ASP K 435 -1.28 39.02 -49.45
N ILE K 436 -1.76 37.83 -49.13
CA ILE K 436 -2.62 37.63 -47.98
C ILE K 436 -1.92 38.16 -46.73
N LEU K 437 -0.62 37.93 -46.64
CA LEU K 437 0.16 38.36 -45.48
C LEU K 437 0.36 39.88 -45.46
N ARG K 438 0.67 40.46 -46.62
CA ARG K 438 0.77 41.92 -46.75
C ARG K 438 -0.53 42.60 -46.37
N GLU K 439 -1.65 42.08 -46.86
CA GLU K 439 -2.97 42.59 -46.50
C GLU K 439 -3.11 42.67 -44.98
N ALA K 440 -2.90 41.55 -44.31
CA ALA K 440 -3.10 41.48 -42.87
C ALA K 440 -2.10 42.39 -42.16
N GLY K 441 -0.92 42.52 -42.75
CA GLY K 441 0.09 43.41 -42.19
C GLY K 441 -0.33 44.86 -42.19
N LYS K 442 -1.27 45.21 -43.07
CA LYS K 442 -1.77 46.56 -43.18
C LYS K 442 -2.48 47.01 -41.90
N TRP K 443 -3.22 46.09 -41.29
CA TRP K 443 -3.96 46.43 -40.08
C TRP K 443 -3.39 45.80 -38.81
N SER K 444 -2.39 44.94 -38.95
CA SER K 444 -1.70 44.42 -37.78
C SER K 444 -0.25 44.89 -37.75
N PRO K 445 0.04 45.91 -36.93
CA PRO K 445 1.40 46.43 -36.77
C PRO K 445 2.40 45.36 -36.33
N GLU K 446 1.98 44.48 -35.43
CA GLU K 446 2.88 43.46 -34.94
C GLU K 446 3.19 42.38 -35.97
N LEU K 447 2.23 42.09 -36.86
CA LEU K 447 2.51 41.23 -38.00
C LEU K 447 3.45 41.93 -38.99
N ALA K 448 3.21 43.22 -39.22
CA ALA K 448 4.06 44.01 -40.11
C ALA K 448 5.51 44.02 -39.62
N ALA K 449 5.70 44.17 -38.32
CA ALA K 449 7.04 44.16 -37.75
C ALA K 449 7.75 42.82 -37.99
N ALA K 450 7.00 41.73 -37.90
CA ALA K 450 7.56 40.39 -38.08
C ALA K 450 7.90 40.13 -39.55
N LEU K 451 6.97 40.52 -40.44
CA LEU K 451 7.20 40.36 -41.87
C LEU K 451 8.46 41.09 -42.31
N ASP K 452 8.66 42.30 -41.79
CA ASP K 452 9.85 43.06 -42.06
C ASP K 452 11.11 42.34 -41.59
N LEU K 453 11.07 41.84 -40.36
CA LEU K 453 12.26 41.28 -39.73
C LEU K 453 12.79 40.06 -40.50
N TRP K 454 11.89 39.18 -40.91
CA TRP K 454 12.29 37.88 -41.44
C TRP K 454 12.04 37.71 -42.94
N LYS K 455 11.85 38.83 -43.63
CA LYS K 455 11.59 38.84 -45.07
C LYS K 455 12.61 38.03 -45.87
N GLU K 456 13.88 38.15 -45.49
CA GLU K 456 14.95 37.55 -46.26
C GLU K 456 15.29 36.11 -45.91
N ILE K 457 14.72 35.59 -44.82
CA ILE K 457 15.21 34.35 -44.23
C ILE K 457 14.59 33.09 -44.84
N LYS K 458 15.41 32.31 -45.52
CA LYS K 458 15.03 31.06 -46.14
C LYS K 458 16.03 29.97 -45.76
N PHE K 459 15.60 28.72 -45.84
CA PHE K 459 16.48 27.57 -45.61
C PHE K 459 16.35 26.63 -46.78
N GLU K 460 17.28 26.74 -47.72
CA GLU K 460 17.20 25.98 -48.96
C GLU K 460 18.52 25.28 -49.20
N PHE K 461 18.53 23.98 -48.91
CA PHE K 461 19.72 23.15 -49.07
C PHE K 461 19.31 21.83 -49.70
N GLU K 462 20.30 21.08 -50.18
CA GLU K 462 20.07 19.76 -50.76
C GLU K 462 19.61 18.77 -49.70
N THR K 463 18.53 18.07 -50.04
CA THR K 463 17.96 17.04 -49.18
C THR K 463 18.81 15.78 -49.29
N MET K 464 19.28 15.29 -48.16
CA MET K 464 20.05 14.04 -48.10
C MET K 464 19.13 12.83 -48.21
N ASP K 465 17.99 12.94 -47.55
CA ASP K 465 17.04 11.85 -47.46
C ASP K 465 16.08 11.85 -48.65
N LYS K 466 16.63 11.62 -49.84
CA LYS K 466 15.82 11.53 -51.04
C LYS K 466 15.22 10.15 -51.15
N LEU K 467 14.03 10.08 -51.78
CA LEU K 467 13.32 8.83 -51.97
C LEU K 467 14.07 7.78 -52.78
N SER L 1 11.08 49.97 -30.94
CA SER L 1 9.91 50.88 -31.08
C SER L 1 8.84 50.39 -30.10
N MET L 2 7.90 49.62 -30.60
CA MET L 2 7.14 48.66 -29.80
C MET L 2 6.00 49.17 -28.95
N LYS L 3 4.88 48.49 -29.11
CA LYS L 3 3.70 48.71 -28.31
C LYS L 3 3.54 47.53 -27.37
N THR L 4 3.06 47.81 -26.17
CA THR L 4 2.57 46.80 -25.26
C THR L 4 1.22 46.29 -25.77
N LEU L 5 1.14 44.98 -25.99
CA LEU L 5 -0.09 44.37 -26.48
C LEU L 5 -1.22 44.54 -25.46
N PRO L 6 -2.37 45.04 -25.91
CA PRO L 6 -3.54 45.19 -25.04
C PRO L 6 -4.15 43.85 -24.65
N LYS L 7 -4.92 43.88 -23.56
CA LYS L 7 -5.69 42.73 -23.12
C LYS L 7 -7.10 42.84 -23.67
N GLU L 8 -7.51 41.81 -24.39
CA GLU L 8 -8.84 41.75 -24.97
C GLU L 8 -9.22 40.28 -25.01
N ARG L 9 -10.43 39.96 -24.55
CA ARG L 9 -10.92 38.59 -24.64
C ARG L 9 -11.14 38.21 -26.09
N ARG L 10 -10.80 36.96 -26.41
CA ARG L 10 -10.98 36.43 -27.74
C ARG L 10 -11.92 35.24 -27.71
N PHE L 11 -12.25 34.73 -28.90
CA PHE L 11 -13.36 33.80 -29.06
C PHE L 11 -13.01 32.76 -30.12
N GLU L 12 -11.77 32.29 -30.05
CA GLU L 12 -11.24 31.27 -30.94
C GLU L 12 -11.22 31.69 -32.39
N THR L 13 -11.47 30.75 -33.31
CA THR L 13 -11.12 30.95 -34.71
C THR L 13 -11.76 32.18 -35.36
N PHE L 14 -10.90 33.00 -35.97
CA PHE L 14 -11.25 34.23 -36.67
C PHE L 14 -11.40 35.45 -35.74
N SER L 15 -11.23 35.25 -34.43
CA SER L 15 -11.45 36.34 -33.49
C SER L 15 -10.26 37.29 -33.41
N TYR L 16 -9.19 36.98 -34.14
CA TYR L 16 -8.07 37.91 -34.27
C TYR L 16 -8.10 38.68 -35.59
N LEU L 17 -9.10 38.40 -36.42
CA LEU L 17 -9.30 39.18 -37.63
C LEU L 17 -10.29 40.30 -37.32
N PRO L 18 -10.30 41.35 -38.16
CA PRO L 18 -11.43 42.28 -38.19
C PRO L 18 -12.76 41.55 -38.22
N PRO L 19 -13.76 42.05 -37.51
CA PRO L 19 -15.10 41.45 -37.51
C PRO L 19 -15.57 41.16 -38.93
N LEU L 20 -16.10 39.95 -39.11
CA LEU L 20 -16.43 39.47 -40.44
C LEU L 20 -17.68 40.17 -40.94
N SER L 21 -17.61 40.68 -42.16
CA SER L 21 -18.79 41.21 -42.83
C SER L 21 -19.73 40.07 -43.11
N ASP L 22 -21.01 40.37 -43.32
CA ASP L 22 -22.00 39.33 -43.56
C ASP L 22 -21.72 38.59 -44.85
N ARG L 23 -20.92 39.21 -45.71
CA ARG L 23 -20.45 38.55 -46.91
C ARG L 23 -19.26 37.63 -46.65
N GLN L 24 -18.44 37.99 -45.67
CA GLN L 24 -17.35 37.12 -45.22
C GLN L 24 -17.89 35.92 -44.47
N ILE L 25 -18.96 36.12 -43.71
CA ILE L 25 -19.68 35.04 -43.04
C ILE L 25 -20.28 34.07 -44.05
N ALA L 26 -20.92 34.62 -45.09
CA ALA L 26 -21.53 33.78 -46.12
C ALA L 26 -20.48 32.96 -46.87
N ALA L 27 -19.30 33.52 -47.05
CA ALA L 27 -18.21 32.83 -47.74
C ALA L 27 -17.74 31.60 -46.95
N GLN L 28 -17.71 31.75 -45.63
CA GLN L 28 -17.34 30.64 -44.74
C GLN L 28 -18.41 29.57 -44.75
N ILE L 29 -19.67 29.98 -44.80
CA ILE L 29 -20.76 29.03 -44.88
C ILE L 29 -20.79 28.33 -46.22
N GLU L 30 -20.38 29.03 -47.27
CA GLU L 30 -20.22 28.40 -48.58
C GLU L 30 -19.15 27.32 -48.56
N TYR L 31 -18.05 27.59 -47.88
CA TYR L 31 -16.97 26.64 -47.74
C TYR L 31 -17.46 25.37 -47.05
N MET L 32 -18.19 25.53 -45.96
CA MET L 32 -18.85 24.43 -45.27
C MET L 32 -19.63 23.56 -46.24
N ILE L 33 -20.62 24.18 -46.91
CA ILE L 33 -21.54 23.48 -47.78
C ILE L 33 -20.74 22.70 -48.83
N GLU L 34 -19.77 23.38 -49.44
CA GLU L 34 -18.96 22.77 -50.48
C GLU L 34 -18.17 21.58 -49.96
N GLN L 35 -17.73 21.71 -48.72
CA GLN L 35 -16.92 20.69 -48.08
C GLN L 35 -17.77 19.51 -47.61
N GLY L 36 -19.08 19.72 -47.56
CA GLY L 36 -19.98 18.66 -47.13
C GLY L 36 -20.27 18.65 -45.64
N PHE L 37 -19.84 19.68 -44.93
CA PHE L 37 -20.09 19.78 -43.50
C PHE L 37 -21.53 20.22 -43.23
N HIS L 38 -22.07 19.78 -42.10
CA HIS L 38 -23.41 20.17 -41.70
C HIS L 38 -23.38 21.36 -40.78
N PRO L 39 -24.11 22.43 -41.12
CA PRO L 39 -24.12 23.63 -40.29
C PRO L 39 -24.90 23.42 -39.01
N LEU L 40 -24.41 23.99 -37.93
CA LEU L 40 -25.07 23.93 -36.64
C LEU L 40 -24.94 25.30 -36.00
N ILE L 41 -26.04 25.81 -35.48
CA ILE L 41 -26.05 27.08 -34.79
C ILE L 41 -26.27 26.82 -33.31
N GLU L 42 -25.39 27.38 -32.48
CA GLU L 42 -25.48 27.23 -31.04
C GLU L 42 -25.40 28.60 -30.39
N PHE L 43 -25.95 28.70 -29.19
CA PHE L 43 -25.86 29.95 -28.44
C PHE L 43 -25.56 29.70 -26.97
N ASN L 44 -24.94 30.68 -26.34
CA ASN L 44 -24.58 30.59 -24.94
C ASN L 44 -24.64 31.99 -24.36
N GLU L 45 -25.07 32.08 -23.10
CA GLU L 45 -25.08 33.35 -22.40
C GLU L 45 -23.68 33.77 -21.98
N HIS L 46 -22.74 32.83 -21.99
CA HIS L 46 -21.36 33.13 -21.61
C HIS L 46 -20.37 32.51 -22.58
N SER L 47 -19.15 33.01 -22.60
CA SER L 47 -18.09 32.43 -23.41
C SER L 47 -16.95 31.96 -22.51
N ASN L 48 -17.21 30.90 -21.75
CA ASN L 48 -16.21 30.30 -20.88
C ASN L 48 -15.55 29.12 -21.58
N PRO L 49 -14.23 29.21 -21.81
CA PRO L 49 -13.48 28.23 -22.59
C PRO L 49 -13.48 26.82 -22.01
N GLU L 50 -13.68 26.73 -20.69
CA GLU L 50 -13.64 25.47 -19.96
C GLU L 50 -14.89 24.63 -20.18
N GLU L 51 -15.95 25.27 -20.69
CA GLU L 51 -17.21 24.58 -20.92
C GLU L 51 -17.29 23.94 -22.29
N PHE L 52 -17.79 22.71 -22.30
CA PHE L 52 -17.88 21.94 -23.53
C PHE L 52 -19.12 22.31 -24.32
N TYR L 53 -20.23 22.55 -23.62
CA TYR L 53 -21.53 22.64 -24.29
C TYR L 53 -22.20 24.01 -24.31
N TRP L 54 -22.60 24.39 -25.52
CA TRP L 54 -23.53 25.50 -25.76
C TRP L 54 -24.91 24.88 -26.05
N THR L 55 -25.94 25.71 -26.10
CA THR L 55 -27.27 25.22 -26.41
C THR L 55 -27.51 25.23 -27.91
N MET L 56 -28.09 24.15 -28.38
CA MET L 56 -28.36 23.96 -29.80
C MET L 56 -29.59 24.78 -30.21
N TRP L 57 -29.44 25.53 -31.30
CA TRP L 57 -30.57 26.19 -31.94
C TRP L 57 -31.24 25.19 -32.88
N LYS L 58 -32.49 24.85 -32.56
CA LYS L 58 -33.25 23.84 -33.30
C LYS L 58 -32.48 22.53 -33.44
N LEU L 59 -32.21 22.10 -34.68
CA LEU L 59 -31.39 20.94 -34.96
C LEU L 59 -30.39 21.33 -36.04
N PRO L 60 -29.32 20.54 -36.24
CA PRO L 60 -28.37 20.83 -37.32
C PRO L 60 -29.04 20.83 -38.69
N LEU L 61 -28.57 21.70 -39.57
CA LEU L 61 -29.15 21.81 -40.91
C LEU L 61 -28.51 20.74 -41.79
N PHE L 62 -28.99 19.51 -41.64
CA PHE L 62 -28.29 18.33 -42.15
C PHE L 62 -28.15 18.26 -43.68
N ALA L 63 -29.12 18.78 -44.40
CA ALA L 63 -28.99 18.82 -45.86
C ALA L 63 -29.05 20.28 -46.32
N CYS L 64 -28.28 21.14 -45.67
CA CYS L 64 -28.28 22.53 -46.03
C CYS L 64 -27.58 22.72 -47.36
N ALA L 65 -28.31 23.30 -48.31
CA ALA L 65 -27.76 23.54 -49.64
C ALA L 65 -27.49 25.02 -49.84
N ALA L 66 -28.21 25.86 -49.10
CA ALA L 66 -28.10 27.29 -49.24
C ALA L 66 -27.43 27.92 -48.03
N PRO L 67 -26.38 28.73 -48.24
CA PRO L 67 -25.85 29.66 -47.24
C PRO L 67 -26.93 30.56 -46.64
N GLN L 68 -27.90 30.94 -47.46
CA GLN L 68 -28.97 31.82 -47.02
C GLN L 68 -29.82 31.15 -45.94
N GLN L 69 -30.08 29.86 -46.12
CA GLN L 69 -30.81 29.05 -45.15
C GLN L 69 -30.14 29.13 -43.78
N VAL L 70 -28.81 29.04 -43.76
CA VAL L 70 -28.05 29.15 -42.53
C VAL L 70 -28.16 30.58 -41.97
N LEU L 71 -27.96 31.56 -42.84
CA LEU L 71 -28.02 32.96 -42.42
C LEU L 71 -29.39 33.36 -41.87
N ASP L 72 -30.44 32.77 -42.42
CA ASP L 72 -31.79 33.03 -41.95
C ASP L 72 -32.00 32.52 -40.54
N GLU L 73 -31.42 31.35 -40.23
CA GLU L 73 -31.51 30.79 -38.90
C GLU L 73 -30.68 31.59 -37.91
N VAL L 74 -29.53 32.07 -38.36
CA VAL L 74 -28.72 32.94 -37.52
C VAL L 74 -29.48 34.22 -37.17
N ARG L 75 -30.25 34.76 -38.12
CA ARG L 75 -31.07 35.95 -37.86
C ARG L 75 -32.16 35.61 -36.86
N GLU L 76 -32.85 34.50 -37.08
CA GLU L 76 -33.90 34.04 -36.17
C GLU L 76 -33.37 33.87 -34.75
N CYS L 77 -32.20 33.24 -34.63
CA CYS L 77 -31.61 32.98 -33.34
C CYS L 77 -31.30 34.29 -32.62
N ARG L 78 -30.82 35.27 -33.36
CA ARG L 78 -30.48 36.56 -32.79
C ARG L 78 -31.67 37.34 -32.25
N SER L 79 -32.81 37.27 -32.93
CA SER L 79 -33.98 38.01 -32.50
C SER L 79 -34.50 37.42 -31.20
N GLU L 80 -34.27 36.12 -31.05
CA GLU L 80 -34.71 35.41 -29.87
C GLU L 80 -33.67 35.47 -28.74
N TYR L 81 -32.39 35.52 -29.10
CA TYR L 81 -31.30 35.43 -28.13
C TYR L 81 -30.20 36.47 -28.33
N GLY L 82 -30.60 37.73 -28.43
CA GLY L 82 -29.63 38.79 -28.72
C GLY L 82 -28.70 39.08 -27.57
N ASP L 83 -29.07 38.61 -26.40
CA ASP L 83 -28.24 38.73 -25.21
C ASP L 83 -27.23 37.59 -25.05
N CYS L 84 -27.13 36.74 -26.07
CA CYS L 84 -26.25 35.57 -26.04
C CYS L 84 -25.18 35.68 -27.12
N TYR L 85 -24.08 34.96 -26.92
CA TYR L 85 -23.14 34.69 -28.00
C TYR L 85 -23.79 33.66 -28.91
N ILE L 86 -23.57 33.81 -30.21
CA ILE L 86 -24.09 32.87 -31.18
C ILE L 86 -22.95 32.47 -32.10
N ARG L 87 -22.80 31.16 -32.31
CA ARG L 87 -21.68 30.64 -33.05
C ARG L 87 -22.17 29.69 -34.13
N VAL L 88 -21.56 29.78 -35.31
CA VAL L 88 -21.86 28.86 -36.40
C VAL L 88 -20.77 27.79 -36.43
N ALA L 89 -21.19 26.54 -36.49
CA ALA L 89 -20.26 25.41 -36.54
C ALA L 89 -20.58 24.54 -37.73
N GLY L 90 -19.55 23.91 -38.29
CA GLY L 90 -19.76 22.89 -39.29
C GLY L 90 -19.33 21.55 -38.71
N PHE L 91 -20.09 20.50 -39.03
CA PHE L 91 -19.80 19.19 -38.48
C PHE L 91 -19.51 18.18 -39.58
N ASP L 92 -18.35 17.54 -39.47
CA ASP L 92 -17.99 16.42 -40.33
C ASP L 92 -18.44 15.13 -39.64
N ASN L 93 -19.40 14.44 -40.24
CA ASN L 93 -19.97 13.24 -39.61
C ASN L 93 -19.17 11.97 -39.90
N ILE L 94 -18.25 12.05 -40.85
CA ILE L 94 -17.43 10.91 -41.20
C ILE L 94 -16.24 10.78 -40.26
N LYS L 95 -15.56 11.90 -40.02
CA LYS L 95 -14.55 11.98 -38.98
C LYS L 95 -15.19 12.23 -37.62
N GLU L 96 -16.49 12.54 -37.63
CA GLU L 96 -17.23 12.92 -36.44
C GLU L 96 -16.50 13.96 -35.60
N CYS L 97 -16.19 15.08 -36.23
CA CYS L 97 -15.61 16.22 -35.53
C CYS L 97 -16.12 17.53 -36.10
N GLN L 98 -16.10 18.55 -35.26
CA GLN L 98 -16.50 19.90 -35.64
C GLN L 98 -15.36 20.51 -36.44
N THR L 99 -15.65 21.00 -37.63
CA THR L 99 -14.62 21.41 -38.58
C THR L 99 -14.48 22.91 -38.69
N SER L 100 -15.60 23.59 -38.53
CA SER L 100 -15.65 25.04 -38.53
C SER L 100 -16.34 25.50 -37.27
N SER L 101 -16.01 26.69 -36.83
CA SER L 101 -16.58 27.24 -35.61
C SER L 101 -16.11 28.67 -35.50
N PHE L 102 -17.06 29.61 -35.56
CA PHE L 102 -16.77 31.01 -35.34
C PHE L 102 -18.00 31.76 -34.82
N ILE L 103 -17.72 32.73 -33.95
CA ILE L 103 -18.77 33.54 -33.33
C ILE L 103 -19.33 34.51 -34.37
N VAL L 104 -20.65 34.49 -34.56
CA VAL L 104 -21.31 35.41 -35.47
C VAL L 104 -22.07 36.51 -34.74
N HIS L 105 -22.27 36.35 -33.44
CA HIS L 105 -22.94 37.38 -32.66
C HIS L 105 -22.43 37.40 -31.23
N ARG L 106 -22.13 38.59 -30.73
CA ARG L 106 -21.80 38.80 -29.34
C ARG L 106 -22.91 39.64 -28.70
N PRO L 107 -23.20 39.41 -27.41
CA PRO L 107 -24.35 40.05 -26.77
C PRO L 107 -24.17 41.55 -26.62
N GLY L 108 -25.29 42.24 -26.39
CA GLY L 108 -25.25 43.67 -26.16
C GLY L 108 -24.30 44.08 -25.04
N ARG L 109 -23.13 44.57 -25.45
CA ARG L 109 -21.99 44.88 -24.58
C ARG L 109 -21.68 43.88 -23.46
N SER M 1 -2.02 38.82 40.36
CA SER M 1 -2.70 38.42 39.08
C SER M 1 -1.65 38.52 38.01
N ALA M 2 -2.08 38.63 36.77
CA ALA M 2 -1.15 39.03 35.72
C ALA M 2 -0.71 40.43 36.16
N ALA M 3 0.58 40.58 36.40
CA ALA M 3 1.06 41.59 37.30
C ALA M 3 1.36 42.92 36.66
N GLY M 4 0.71 43.20 35.54
CA GLY M 4 1.02 44.38 34.76
C GLY M 4 2.17 44.10 33.81
N TYR M 5 2.03 44.58 32.59
CA TYR M 5 3.10 44.48 31.62
C TYR M 5 3.94 45.74 31.69
N LYS M 6 5.19 45.59 32.12
CA LYS M 6 6.17 46.66 31.98
C LYS M 6 7.22 46.20 30.98
N ALA M 7 7.23 46.83 29.81
CA ALA M 7 8.19 46.50 28.78
C ALA M 7 9.59 46.87 29.24
N GLY M 8 10.59 46.20 28.69
CA GLY M 8 11.97 46.57 28.96
C GLY M 8 12.79 45.41 29.47
N VAL M 9 14.10 45.62 29.50
CA VAL M 9 15.05 44.61 29.93
C VAL M 9 15.17 44.57 31.45
N LYS M 10 14.94 43.37 31.98
CA LYS M 10 15.21 43.07 33.38
C LYS M 10 16.34 42.04 33.46
N ASP M 11 16.96 41.96 34.65
CA ASP M 11 17.87 40.88 34.99
C ASP M 11 17.13 39.56 34.99
N TYR M 12 17.78 38.53 34.44
CA TYR M 12 17.21 37.19 34.45
C TYR M 12 16.99 36.70 35.86
N LYS M 13 17.89 37.07 36.78
CA LYS M 13 17.86 36.51 38.12
C LYS M 13 16.65 36.94 38.93
N LEU M 14 15.96 37.98 38.46
CA LEU M 14 14.74 38.41 39.12
C LEU M 14 13.63 37.38 38.96
N THR M 15 13.67 36.64 37.86
CA THR M 15 12.62 35.66 37.58
C THR M 15 13.13 34.21 37.75
N TYR M 16 14.39 33.98 37.41
CA TYR M 16 14.87 32.63 37.17
C TYR M 16 15.86 32.08 38.19
N TYR M 17 16.31 32.92 39.11
CA TYR M 17 17.16 32.46 40.19
C TYR M 17 16.29 32.26 41.43
N THR M 18 16.15 31.01 41.84
CA THR M 18 15.19 30.63 42.87
C THR M 18 15.86 29.75 43.92
N PRO M 19 16.77 30.33 44.73
CA PRO M 19 17.61 29.53 45.62
C PRO M 19 16.82 28.80 46.70
N ASP M 20 15.56 29.18 46.86
CA ASP M 20 14.71 28.55 47.85
C ASP M 20 13.81 27.47 47.26
N TYR M 21 14.02 27.15 45.98
CA TYR M 21 13.22 26.13 45.32
C TYR M 21 13.70 24.74 45.69
N THR M 22 12.74 23.88 46.03
CA THR M 22 13.03 22.47 46.25
C THR M 22 12.45 21.64 45.11
N PRO M 23 13.33 20.96 44.36
CA PRO M 23 12.93 20.23 43.15
C PRO M 23 11.91 19.15 43.44
N LYS M 24 10.93 19.01 42.57
CA LYS M 24 9.97 17.93 42.62
C LYS M 24 10.56 16.69 41.97
N ASP M 25 9.96 15.54 42.25
CA ASP M 25 10.45 14.28 41.69
C ASP M 25 10.11 14.13 40.23
N THR M 26 9.23 15.00 39.74
CA THR M 26 8.90 15.03 38.32
C THR M 26 9.74 16.05 37.55
N ASP M 27 10.51 16.87 38.27
CA ASP M 27 11.40 17.83 37.62
C ASP M 27 12.57 17.12 36.95
N LEU M 28 12.98 17.64 35.80
CA LEU M 28 14.21 17.25 35.14
C LEU M 28 15.26 18.21 35.72
N LEU M 29 16.34 17.65 36.25
CA LEU M 29 17.40 18.48 36.85
C LEU M 29 18.63 18.45 35.96
N ALA M 30 19.33 19.58 35.87
CA ALA M 30 20.56 19.64 35.08
C ALA M 30 21.67 20.28 35.91
N ALA M 31 22.87 19.75 35.79
CA ALA M 31 24.03 20.33 36.45
C ALA M 31 24.98 20.88 35.38
N PHE M 32 25.16 22.20 35.39
CA PHE M 32 26.05 22.86 34.45
C PHE M 32 27.29 23.35 35.19
N ARG M 33 28.42 23.30 34.51
CA ARG M 33 29.65 23.90 35.00
C ARG M 33 29.91 25.12 34.09
N PHE M 34 30.03 26.31 34.67
CA PHE M 34 30.17 27.51 33.85
C PHE M 34 31.19 28.51 34.39
N SER M 35 31.73 29.33 33.48
CA SER M 35 32.52 30.48 33.86
C SER M 35 31.87 31.70 33.24
N PRO M 36 31.41 32.65 34.08
CA PRO M 36 30.85 33.90 33.57
C PRO M 36 31.92 34.84 33.03
N GLN M 37 31.54 35.69 32.07
CA GLN M 37 32.41 36.77 31.62
C GLN M 37 32.66 37.70 32.79
N PRO M 38 33.86 38.32 32.83
CA PRO M 38 34.13 39.36 33.83
C PRO M 38 33.01 40.39 33.91
N GLY M 39 32.50 40.59 35.12
CA GLY M 39 31.45 41.58 35.33
C GLY M 39 30.06 40.99 35.37
N VAL M 40 29.93 39.72 34.98
CA VAL M 40 28.66 39.03 35.05
C VAL M 40 28.65 38.17 36.32
N PRO M 41 27.79 38.52 37.28
CA PRO M 41 27.68 37.74 38.52
C PRO M 41 27.17 36.32 38.26
N ALA M 42 27.63 35.38 39.09
CA ALA M 42 27.32 33.96 38.92
C ALA M 42 25.83 33.67 38.94
N ASP M 43 25.09 34.35 39.82
CA ASP M 43 23.66 34.09 39.93
C ASP M 43 22.87 34.62 38.73
N GLU M 44 23.37 35.69 38.11
CA GLU M 44 22.75 36.20 36.91
C GLU M 44 23.06 35.27 35.73
N ALA M 45 24.29 34.79 35.68
CA ALA M 45 24.70 33.84 34.65
C ALA M 45 23.93 32.52 34.76
N GLY M 46 23.77 32.04 35.99
CA GLY M 46 22.98 30.84 36.22
C GLY M 46 21.52 31.02 35.86
N ALA M 47 20.99 32.19 36.17
CA ALA M 47 19.62 32.54 35.84
C ALA M 47 19.42 32.67 34.32
N ALA M 48 20.41 33.20 33.63
CA ALA M 48 20.35 33.35 32.18
C ALA M 48 20.30 31.97 31.50
N ILE M 49 21.07 31.03 32.03
CA ILE M 49 21.08 29.66 31.54
C ILE M 49 19.70 29.02 31.74
N ALA M 50 19.14 29.17 32.94
CA ALA M 50 17.81 28.66 33.23
C ALA M 50 16.73 29.31 32.34
N ALA M 51 16.85 30.61 32.12
CA ALA M 51 15.87 31.36 31.35
C ALA M 51 15.84 30.92 29.90
N GLU M 52 17.00 30.94 29.26
CA GLU M 52 17.09 30.75 27.83
C GLU M 52 17.09 29.29 27.41
N SER M 53 16.96 28.38 28.38
CA SER M 53 16.76 26.98 28.09
C SER M 53 15.36 26.52 28.48
N SER M 54 14.50 27.46 28.85
CA SER M 54 13.13 27.11 29.21
C SER M 54 12.09 28.05 28.58
N THR M 55 11.92 29.24 29.14
CA THR M 55 10.79 30.10 28.78
C THR M 55 11.18 31.53 28.39
N GLY M 56 12.41 31.93 28.69
CA GLY M 56 12.76 33.33 28.67
C GLY M 56 13.54 33.83 27.46
N THR M 57 13.49 35.16 27.26
CA THR M 57 14.36 35.82 26.31
C THR M 57 14.91 37.11 26.93
N TRP M 58 15.53 37.94 26.11
CA TRP M 58 16.40 39.03 26.57
C TRP M 58 15.65 40.27 27.08
N THR M 59 14.38 40.37 26.74
CA THR M 59 13.56 41.50 27.15
C THR M 59 12.18 40.98 27.57
N THR M 60 11.47 41.79 28.34
CA THR M 60 10.15 41.42 28.85
C THR M 60 9.09 41.46 27.75
N VAL M 61 8.32 40.38 27.65
CA VAL M 61 7.26 40.26 26.64
C VAL M 61 5.93 40.11 27.37
N TRP M 62 4.87 40.67 26.79
CA TRP M 62 3.56 40.71 27.44
C TRP M 62 2.87 39.36 27.48
N THR M 63 3.28 38.48 26.57
CA THR M 63 2.63 37.18 26.38
C THR M 63 2.80 36.25 27.59
N ASP M 64 3.83 36.51 28.40
CA ASP M 64 4.03 35.79 29.65
C ASP M 64 2.75 35.76 30.48
N LEU M 65 2.02 36.87 30.43
CA LEU M 65 0.89 37.08 31.32
C LEU M 65 -0.37 36.37 30.83
N LEU M 66 -0.29 35.76 29.65
CA LEU M 66 -1.36 34.91 29.14
C LEU M 66 -1.33 33.51 29.76
N THR M 67 -0.21 33.16 30.36
CA THR M 67 -0.02 31.84 30.93
C THR M 67 0.55 31.95 32.33
N ASP M 68 0.90 30.82 32.92
CA ASP M 68 1.34 30.76 34.31
C ASP M 68 2.84 30.49 34.32
N MET M 69 3.64 31.56 34.30
CA MET M 69 5.07 31.44 34.16
C MET M 69 5.73 30.65 35.29
N ASP M 70 5.16 30.76 36.48
CA ASP M 70 5.68 30.03 37.62
C ASP M 70 5.64 28.53 37.39
N ARG M 71 4.62 28.06 36.68
CA ARG M 71 4.47 26.64 36.37
C ARG M 71 5.48 26.15 35.35
N TYR M 72 5.94 27.03 34.46
CA TYR M 72 6.68 26.60 33.31
C TYR M 72 8.16 26.94 33.31
N LYS M 73 8.57 27.94 34.08
CA LYS M 73 9.93 28.45 33.98
C LYS M 73 10.99 27.50 34.56
N GLY M 74 12.16 27.48 33.93
CA GLY M 74 13.31 26.80 34.50
C GLY M 74 13.77 27.56 35.73
N LYS M 75 14.30 26.85 36.70
CA LYS M 75 14.59 27.44 38.00
C LYS M 75 15.99 27.09 38.44
N CYS M 76 16.90 28.06 38.37
CA CYS M 76 18.23 27.87 38.91
C CYS M 76 18.14 27.93 40.43
N TYR M 77 18.21 26.78 41.07
CA TYR M 77 17.89 26.70 42.49
C TYR M 77 19.14 26.55 43.35
N HIS M 78 20.29 26.35 42.71
CA HIS M 78 21.54 26.23 43.46
C HIS M 78 22.74 26.56 42.62
N ILE M 79 23.67 27.34 43.18
CA ILE M 79 24.95 27.62 42.55
C ILE M 79 26.03 27.35 43.58
N GLU M 80 27.12 26.73 43.16
CA GLU M 80 28.26 26.51 44.05
C GLU M 80 29.55 26.67 43.28
N PRO M 81 30.53 27.35 43.86
CA PRO M 81 31.85 27.45 43.23
C PRO M 81 32.55 26.11 43.13
N VAL M 82 33.25 25.90 42.02
CA VAL M 82 34.05 24.70 41.85
C VAL M 82 35.30 24.86 42.70
N ALA M 83 35.44 23.95 43.67
CA ALA M 83 36.53 24.03 44.64
C ALA M 83 37.88 24.04 43.96
N GLY M 84 38.66 25.08 44.26
CA GLY M 84 40.03 25.13 43.80
C GLY M 84 40.22 25.77 42.44
N GLU M 85 39.14 26.26 41.85
CA GLU M 85 39.21 26.81 40.51
C GLU M 85 38.58 28.19 40.44
N GLU M 86 39.32 29.12 39.87
CA GLU M 86 38.88 30.51 39.79
C GLU M 86 37.77 30.68 38.76
N ASN M 87 36.72 31.40 39.13
CA ASN M 87 35.65 31.79 38.21
C ASN M 87 34.98 30.60 37.52
N SER M 88 34.75 29.53 38.28
CA SER M 88 34.06 28.36 37.76
C SER M 88 33.02 27.94 38.79
N TYR M 89 31.80 27.69 38.33
CA TYR M 89 30.69 27.36 39.23
C TYR M 89 29.88 26.19 38.68
N PHE M 90 29.18 25.50 39.57
CA PHE M 90 28.10 24.59 39.19
C PHE M 90 26.77 25.29 39.40
N ALA M 91 25.92 25.27 38.37
CA ALA M 91 24.53 25.69 38.51
C ALA M 91 23.64 24.46 38.41
N PHE M 92 22.72 24.33 39.34
CA PHE M 92 21.74 23.26 39.29
C PHE M 92 20.40 23.88 38.94
N ILE M 93 19.77 23.37 37.89
CA ILE M 93 18.56 23.97 37.34
C ILE M 93 17.47 22.92 37.24
N ALA M 94 16.27 23.27 37.70
CA ALA M 94 15.12 22.37 37.62
C ALA M 94 14.17 22.79 36.50
N TYR M 95 13.74 21.82 35.70
CA TYR M 95 12.82 22.06 34.60
C TYR M 95 11.57 21.25 34.84
N PRO M 96 10.39 21.88 34.76
CA PRO M 96 9.13 21.16 34.90
C PRO M 96 8.97 20.05 33.86
N LEU M 97 8.31 18.98 34.26
CA LEU M 97 8.00 17.84 33.38
C LEU M 97 7.27 18.28 32.11
N ASP M 98 6.47 19.33 32.23
CA ASP M 98 5.60 19.80 31.16
C ASP M 98 6.36 20.34 29.95
N LEU M 99 7.64 20.67 30.13
CA LEU M 99 8.41 21.33 29.09
C LEU M 99 8.85 20.39 27.97
N PHE M 100 8.70 19.09 28.18
CA PHE M 100 9.36 18.10 27.31
C PHE M 100 8.39 17.24 26.53
N GLU M 101 8.71 16.99 25.27
CA GLU M 101 7.94 16.04 24.50
C GLU M 101 8.27 14.63 24.96
N GLU M 102 7.22 13.87 25.23
CA GLU M 102 7.35 12.49 25.67
C GLU M 102 8.12 11.67 24.64
N GLY M 103 9.09 10.90 25.11
CA GLY M 103 9.78 9.97 24.26
C GLY M 103 10.75 10.61 23.29
N SER M 104 11.09 11.87 23.51
CA SER M 104 11.96 12.61 22.60
C SER M 104 13.25 13.12 23.27
N VAL M 105 14.34 12.42 23.02
CA VAL M 105 15.66 12.88 23.44
C VAL M 105 16.04 14.14 22.66
N THR M 106 15.64 14.19 21.40
CA THR M 106 15.86 15.35 20.54
C THR M 106 15.31 16.63 21.16
N ASN M 107 14.08 16.58 21.68
CA ASN M 107 13.45 17.74 22.29
C ASN M 107 14.14 18.13 23.61
N ILE M 108 14.46 17.14 24.43
CA ILE M 108 15.13 17.39 25.70
C ILE M 108 16.43 18.13 25.49
N LEU M 109 17.25 17.66 24.56
CA LEU M 109 18.53 18.29 24.25
C LEU M 109 18.35 19.69 23.66
N THR M 110 17.32 19.86 22.83
CA THR M 110 17.04 21.15 22.21
C THR M 110 16.81 22.26 23.25
N SER M 111 16.14 21.92 24.34
CA SER M 111 15.96 22.87 25.44
C SER M 111 17.26 23.05 26.23
N ILE M 112 17.78 21.95 26.76
CA ILE M 112 18.87 22.02 27.74
C ILE M 112 20.16 22.54 27.13
N VAL M 113 20.46 22.16 25.89
CA VAL M 113 21.72 22.55 25.26
C VAL M 113 21.54 23.28 23.92
N GLY M 114 20.32 23.75 23.66
CA GLY M 114 20.02 24.37 22.37
C GLY M 114 20.74 25.66 22.07
N ASN M 115 20.59 26.66 22.95
CA ASN M 115 21.13 28.00 22.68
C ASN M 115 22.12 28.53 23.72
N VAL M 116 22.08 27.99 24.94
CA VAL M 116 22.78 28.64 26.06
C VAL M 116 24.30 28.58 26.02
N PHE M 117 24.86 27.63 25.26
CA PHE M 117 26.30 27.47 25.19
C PHE M 117 27.00 28.58 24.41
N GLY M 118 26.23 29.35 23.64
CA GLY M 118 26.80 30.40 22.82
C GLY M 118 26.57 31.80 23.36
N PHE M 119 25.96 31.86 24.53
CA PHE M 119 25.65 33.13 25.18
C PHE M 119 26.91 33.95 25.43
N LYS M 120 26.91 35.18 24.96
CA LYS M 120 28.05 36.08 25.11
C LYS M 120 28.51 36.25 26.56
N ALA M 121 27.56 36.31 27.47
CA ALA M 121 27.84 36.61 28.88
C ALA M 121 28.54 35.45 29.60
N ILE M 122 28.62 34.30 28.94
CA ILE M 122 29.22 33.09 29.50
C ILE M 122 30.46 32.75 28.67
N ARG M 123 31.58 32.48 29.34
CA ARG M 123 32.81 32.12 28.65
C ARG M 123 32.79 30.69 28.17
N SER M 124 32.34 29.79 29.04
CA SER M 124 32.34 28.37 28.76
C SER M 124 31.22 27.72 29.56
N LEU M 125 30.68 26.64 29.02
CA LEU M 125 29.56 25.96 29.65
C LEU M 125 29.70 24.48 29.33
N ARG M 126 29.53 23.64 30.35
CA ARG M 126 29.58 22.20 30.15
C ARG M 126 28.48 21.52 30.97
N LEU M 127 27.64 20.77 30.27
CA LEU M 127 26.58 20.01 30.94
C LEU M 127 27.17 18.72 31.51
N GLU M 128 27.08 18.57 32.83
CA GLU M 128 27.73 17.48 33.54
C GLU M 128 26.81 16.28 33.74
N ASP M 129 25.53 16.55 34.03
CA ASP M 129 24.59 15.49 34.36
C ASP M 129 23.15 16.00 34.21
N ILE M 130 22.24 15.08 33.95
CA ILE M 130 20.80 15.37 33.93
C ILE M 130 20.13 14.29 34.77
N ARG M 131 19.30 14.68 35.72
CA ARG M 131 18.43 13.69 36.31
C ARG M 131 17.13 13.58 35.54
N PHE M 132 16.94 12.45 34.88
CA PHE M 132 15.69 12.18 34.19
C PHE M 132 14.69 11.64 35.18
N PRO M 133 13.57 12.35 35.36
CA PRO M 133 12.52 11.88 36.26
C PRO M 133 11.91 10.57 35.76
N VAL M 134 11.49 9.73 36.68
CA VAL M 134 10.93 8.43 36.36
C VAL M 134 9.69 8.53 35.45
N ALA M 135 8.92 9.60 35.64
CA ALA M 135 7.70 9.81 34.84
C ALA M 135 8.05 10.09 33.39
N LEU M 136 9.22 10.68 33.16
CA LEU M 136 9.69 10.91 31.80
C LEU M 136 10.37 9.67 31.23
N VAL M 137 11.13 8.97 32.06
CA VAL M 137 11.82 7.76 31.65
C VAL M 137 10.82 6.75 31.08
N LYS M 138 9.63 6.71 31.67
CA LYS M 138 8.60 5.77 31.25
C LYS M 138 7.95 6.07 29.91
N THR M 139 8.22 7.26 29.35
CA THR M 139 7.68 7.61 28.04
C THR M 139 8.58 7.11 26.91
N PHE M 140 9.73 6.54 27.28
CA PHE M 140 10.69 6.00 26.32
C PHE M 140 10.64 4.48 26.26
N GLN M 141 10.98 3.92 25.10
CA GLN M 141 11.12 2.47 24.95
C GLN M 141 12.40 1.98 25.63
N GLY M 142 13.49 2.70 25.39
CA GLY M 142 14.77 2.27 25.91
C GLY M 142 15.37 1.18 25.02
N PRO M 143 16.33 0.40 25.52
CA PRO M 143 16.95 -0.68 24.75
C PRO M 143 15.91 -1.60 24.12
N PRO M 144 16.10 -1.95 22.84
CA PRO M 144 15.22 -2.94 22.19
C PRO M 144 15.15 -4.25 22.99
N HIS M 145 16.26 -4.66 23.60
CA HIS M 145 16.33 -5.91 24.35
C HIS M 145 16.99 -5.73 25.71
N GLY M 146 18.22 -5.22 25.71
CA GLY M 146 18.94 -5.04 26.96
C GLY M 146 19.73 -6.27 27.34
N ILE M 147 20.53 -6.15 28.39
CA ILE M 147 21.54 -7.16 28.75
C ILE M 147 21.01 -8.59 28.91
N GLN M 148 20.03 -8.79 29.78
CA GLN M 148 19.61 -10.16 30.09
C GLN M 148 18.91 -10.84 28.92
N VAL M 149 18.09 -10.10 28.17
CA VAL M 149 17.43 -10.68 27.02
C VAL M 149 18.44 -11.00 25.92
N GLU M 150 19.47 -10.17 25.78
CA GLU M 150 20.53 -10.44 24.82
C GLU M 150 21.31 -11.72 25.13
N ARG M 151 21.69 -11.92 26.39
CA ARG M 151 22.41 -13.14 26.77
C ARG M 151 21.55 -14.36 26.47
N ASP M 152 20.25 -14.23 26.74
CA ASP M 152 19.30 -15.33 26.52
C ASP M 152 19.11 -15.64 25.04
N LEU M 153 19.09 -14.62 24.19
CA LEU M 153 18.97 -14.81 22.75
C LEU M 153 20.21 -15.47 22.17
N LEU M 154 21.38 -15.13 22.70
CA LEU M 154 22.64 -15.57 22.11
C LEU M 154 23.23 -16.80 22.79
N ASN M 155 22.63 -17.23 23.90
CA ASN M 155 23.13 -18.35 24.67
C ASN M 155 24.54 -18.09 25.16
N LYS M 156 24.80 -16.86 25.57
CA LYS M 156 26.11 -16.42 25.99
C LYS M 156 26.06 -16.06 27.48
N TYR M 157 26.63 -16.92 28.32
CA TYR M 157 26.58 -16.72 29.78
C TYR M 157 27.95 -16.94 30.39
N GLY M 158 28.24 -16.20 31.45
CA GLY M 158 29.34 -16.57 32.32
C GLY M 158 30.64 -15.83 32.11
N ARG M 159 30.70 -14.94 31.12
CA ARG M 159 31.89 -14.14 30.89
C ARG M 159 31.63 -12.98 29.92
N PRO M 160 32.55 -12.02 29.85
CA PRO M 160 32.46 -10.99 28.80
C PRO M 160 32.38 -11.59 27.40
N MET M 161 31.70 -10.91 26.50
CA MET M 161 31.70 -11.31 25.10
C MET M 161 32.85 -10.63 24.38
N LEU M 162 33.27 -11.21 23.27
CA LEU M 162 34.45 -10.73 22.55
C LEU M 162 34.10 -10.32 21.14
N GLY M 163 34.60 -9.17 20.74
CA GLY M 163 34.37 -8.67 19.39
C GLY M 163 35.66 -8.23 18.73
N CYS M 164 35.51 -7.63 17.56
CA CYS M 164 36.66 -7.30 16.73
C CYS M 164 36.21 -6.45 15.54
N THR M 165 36.82 -5.28 15.40
CA THR M 165 36.60 -4.46 14.22
C THR M 165 37.54 -4.92 13.10
N ILE M 166 36.98 -5.15 11.91
CA ILE M 166 37.77 -5.49 10.74
C ILE M 166 38.63 -4.30 10.30
N LYS M 167 39.86 -4.57 9.89
CA LYS M 167 40.78 -3.54 9.40
C LYS M 167 41.39 -4.04 8.09
N PRO M 168 41.88 -3.12 7.24
CA PRO M 168 41.84 -1.65 7.35
C PRO M 168 40.44 -1.08 7.43
N LYS M 169 40.32 0.11 8.01
CA LYS M 169 39.02 0.75 8.22
C LYS M 169 38.22 0.75 6.92
N LEU M 170 38.87 1.19 5.85
CA LEU M 170 38.25 1.30 4.53
C LEU M 170 39.23 0.71 3.52
N GLY M 171 38.72 0.20 2.40
CA GLY M 171 39.59 -0.27 1.34
C GLY M 171 39.40 -1.71 0.91
N LEU M 172 38.82 -2.53 1.80
CA LEU M 172 38.58 -3.94 1.49
C LEU M 172 37.29 -4.13 0.70
N SER M 173 37.35 -5.05 -0.25
CA SER M 173 36.16 -5.44 -1.00
C SER M 173 35.23 -6.24 -0.11
N ALA M 174 34.01 -6.46 -0.57
CA ALA M 174 33.02 -7.22 0.21
C ALA M 174 33.47 -8.65 0.50
N LYS M 175 34.02 -9.30 -0.51
CA LYS M 175 34.50 -10.68 -0.38
C LYS M 175 35.67 -10.78 0.60
N ASN M 176 36.61 -9.84 0.51
CA ASN M 176 37.74 -9.84 1.43
C ASN M 176 37.30 -9.48 2.83
N TYR M 177 36.23 -8.70 2.94
CA TYR M 177 35.65 -8.38 4.23
C TYR M 177 35.09 -9.63 4.90
N GLY M 178 34.28 -10.39 4.17
CA GLY M 178 33.72 -11.62 4.70
C GLY M 178 34.79 -12.64 5.03
N ARG M 179 35.86 -12.66 4.24
CA ARG M 179 37.01 -13.54 4.49
C ARG M 179 37.60 -13.26 5.86
N ALA M 180 37.91 -11.98 6.13
CA ALA M 180 38.48 -11.58 7.41
C ALA M 180 37.52 -11.91 8.55
N VAL M 181 36.23 -11.73 8.30
CA VAL M 181 35.20 -12.02 9.30
C VAL M 181 35.15 -13.51 9.63
N TYR M 182 35.11 -14.36 8.61
CA TYR M 182 35.06 -15.80 8.80
C TYR M 182 36.24 -16.26 9.66
N GLU M 183 37.44 -15.81 9.30
CA GLU M 183 38.64 -16.25 9.99
C GLU M 183 38.67 -15.77 11.44
N CYS M 184 38.17 -14.56 11.70
CA CYS M 184 38.07 -14.07 13.07
C CYS M 184 37.08 -14.89 13.90
N LEU M 185 35.88 -15.09 13.37
CA LEU M 185 34.82 -15.76 14.10
C LEU M 185 35.14 -17.23 14.36
N ARG M 186 35.74 -17.91 13.38
CA ARG M 186 36.08 -19.34 13.52
C ARG M 186 37.11 -19.54 14.64
N GLY M 187 37.83 -18.48 14.97
CA GLY M 187 38.90 -18.58 15.94
C GLY M 187 38.47 -18.38 17.39
N GLY M 188 37.21 -18.02 17.62
CA GLY M 188 36.73 -17.93 18.99
C GLY M 188 36.11 -16.62 19.44
N LEU M 189 36.09 -15.60 18.58
CA LEU M 189 35.40 -14.36 18.88
C LEU M 189 33.90 -14.53 18.71
N ASP M 190 33.12 -13.86 19.56
CA ASP M 190 31.67 -13.92 19.46
C ASP M 190 31.16 -13.05 18.32
N PHE M 191 31.79 -11.89 18.15
CA PHE M 191 31.34 -10.89 17.19
C PHE M 191 32.50 -10.37 16.37
N THR M 192 32.20 -9.97 15.15
CA THR M 192 33.02 -8.98 14.45
C THR M 192 32.13 -7.77 14.13
N LYS M 193 32.71 -6.70 13.58
CA LYS M 193 31.92 -5.52 13.27
C LYS M 193 32.49 -4.71 12.12
N ASP M 194 31.60 -4.05 11.40
CA ASP M 194 31.97 -2.99 10.47
C ASP M 194 32.66 -1.88 11.24
N ASP M 195 33.62 -1.23 10.62
CA ASP M 195 34.12 0.02 11.16
C ASP M 195 33.00 1.06 11.10
N GLU M 196 33.03 2.03 12.00
CA GLU M 196 31.97 3.03 12.08
C GLU M 196 31.77 3.78 10.76
N ASN M 197 32.85 3.94 10.00
CA ASN M 197 32.76 4.66 8.73
C ASN M 197 32.57 3.75 7.52
N ILE M 198 32.42 2.45 7.76
CA ILE M 198 32.01 1.53 6.72
C ILE M 198 30.50 1.61 6.56
N ASN M 199 30.04 2.26 5.50
CA ASN M 199 28.61 2.38 5.24
C ASN M 199 28.31 1.78 3.88
N SER M 200 28.46 2.58 2.82
CA SER M 200 28.41 2.07 1.46
C SER M 200 29.26 2.99 0.60
N GLN M 201 30.27 2.43 -0.05
CA GLN M 201 31.30 3.24 -0.69
C GLN M 201 31.70 2.54 -1.98
N PRO M 202 32.41 3.24 -2.87
CA PRO M 202 32.79 2.69 -4.18
C PRO M 202 33.53 1.34 -4.11
N PHE M 203 34.39 1.17 -3.12
CA PHE M 203 35.21 -0.04 -2.98
C PHE M 203 34.42 -1.21 -2.38
N GLN M 204 33.29 -0.89 -1.76
CA GLN M 204 32.48 -1.89 -1.08
C GLN M 204 31.07 -1.33 -0.80
N ARG M 205 30.13 -1.74 -1.64
CA ARG M 205 28.72 -1.38 -1.53
C ARG M 205 28.10 -2.21 -0.40
N TRP M 206 27.11 -1.67 0.30
CA TRP M 206 26.64 -2.28 1.55
C TRP M 206 25.99 -3.63 1.36
N ARG M 207 25.21 -3.77 0.29
CA ARG M 207 24.40 -4.96 0.12
C ARG M 207 25.31 -6.17 -0.19
N ASP M 208 26.41 -5.93 -0.89
CA ASP M 208 27.41 -6.96 -1.13
C ASP M 208 28.06 -7.42 0.18
N ARG M 209 28.46 -6.47 1.03
CA ARG M 209 29.04 -6.81 2.32
C ARG M 209 28.07 -7.65 3.15
N PHE M 210 26.80 -7.24 3.21
CA PHE M 210 25.81 -7.95 4.01
C PHE M 210 25.73 -9.40 3.55
N LEU M 211 25.77 -9.60 2.23
CA LEU M 211 25.68 -10.92 1.61
C LEU M 211 26.86 -11.80 1.99
N PHE M 212 28.07 -11.29 1.78
CA PHE M 212 29.29 -12.06 2.04
C PHE M 212 29.52 -12.29 3.52
N VAL M 213 29.19 -11.30 4.35
CA VAL M 213 29.31 -11.44 5.79
C VAL M 213 28.34 -12.50 6.36
N ALA M 214 27.13 -12.57 5.81
CA ALA M 214 26.17 -13.58 6.27
C ALA M 214 26.70 -14.98 6.01
N ASP M 215 27.37 -15.17 4.88
CA ASP M 215 27.97 -16.45 4.53
C ASP M 215 29.08 -16.82 5.53
N ALA M 216 29.89 -15.83 5.89
CA ALA M 216 30.98 -16.02 6.85
C ALA M 216 30.46 -16.40 8.23
N ILE M 217 29.33 -15.82 8.63
CA ILE M 217 28.75 -16.10 9.92
C ILE M 217 28.23 -17.54 9.97
N HIS M 218 27.60 -17.98 8.89
CA HIS M 218 27.05 -19.33 8.84
C HIS M 218 28.14 -20.39 8.89
N LYS M 219 29.22 -20.17 8.14
CA LYS M 219 30.32 -21.12 8.08
C LYS M 219 31.04 -21.25 9.42
N SER M 220 31.30 -20.12 10.05
CA SER M 220 32.02 -20.10 11.32
C SER M 220 31.16 -20.64 12.46
N GLN M 221 29.86 -20.37 12.43
CA GLN M 221 28.96 -20.88 13.45
C GLN M 221 28.84 -22.39 13.33
N ALA M 222 28.81 -22.88 12.09
CA ALA M 222 28.69 -24.29 11.84
C ALA M 222 29.93 -25.02 12.33
N GLU M 223 31.10 -24.39 12.19
CA GLU M 223 32.36 -25.02 12.56
C GLU M 223 32.61 -25.05 14.07
N THR M 224 32.14 -24.03 14.76
CA THR M 224 32.48 -23.82 16.16
C THR M 224 31.40 -24.30 17.13
N GLY M 225 30.16 -24.35 16.65
CA GLY M 225 29.06 -24.72 17.52
C GLY M 225 28.70 -23.66 18.55
N GLU M 226 29.07 -22.41 18.27
CA GLU M 226 28.71 -21.27 19.11
C GLU M 226 28.02 -20.21 18.23
N ILE M 227 27.07 -19.49 18.81
CA ILE M 227 26.38 -18.39 18.11
C ILE M 227 27.39 -17.30 17.76
N LYS M 228 27.38 -16.88 16.49
CA LYS M 228 28.26 -15.84 15.99
C LYS M 228 27.42 -14.65 15.51
N GLY M 229 28.01 -13.45 15.56
CA GLY M 229 27.33 -12.27 15.04
C GLY M 229 28.32 -11.31 14.44
N HIS M 230 27.83 -10.42 13.60
CA HIS M 230 28.64 -9.34 13.04
C HIS M 230 27.77 -8.09 12.97
N TYR M 231 28.19 -7.01 13.62
CA TYR M 231 27.39 -5.79 13.65
C TYR M 231 27.43 -5.15 12.28
N LEU M 232 26.39 -5.38 11.49
CA LEU M 232 26.29 -4.76 10.17
C LEU M 232 25.82 -3.31 10.31
N ASN M 233 26.65 -2.40 9.81
CA ASN M 233 26.43 -0.97 9.93
C ASN M 233 25.33 -0.49 8.98
N VAL M 234 24.22 -0.03 9.55
CA VAL M 234 23.10 0.48 8.75
C VAL M 234 23.08 2.00 8.70
N THR M 235 24.07 2.64 9.33
CA THR M 235 24.22 4.09 9.27
C THR M 235 24.20 4.58 7.81
N ALA M 236 23.32 5.52 7.51
CA ALA M 236 22.95 5.85 6.13
C ALA M 236 22.70 7.35 5.97
N PRO M 237 22.62 7.84 4.72
CA PRO M 237 22.37 9.26 4.49
C PRO M 237 20.98 9.75 4.93
N THR M 238 19.99 8.87 4.84
CA THR M 238 18.60 9.22 5.07
C THR M 238 17.93 8.13 5.90
N CYS M 239 16.77 8.44 6.48
CA CYS M 239 15.98 7.45 7.19
C CYS M 239 15.61 6.28 6.30
N GLU M 240 15.27 6.58 5.05
CA GLU M 240 14.82 5.56 4.11
C GLU M 240 15.90 4.53 3.83
N GLU M 241 17.12 5.01 3.59
CA GLU M 241 18.27 4.14 3.34
C GLU M 241 18.61 3.34 4.57
N MET M 242 18.61 3.99 5.73
CA MET M 242 18.85 3.30 6.99
C MET M 242 17.92 2.10 7.14
N MET M 243 16.64 2.32 6.87
CA MET M 243 15.64 1.27 7.04
C MET M 243 15.80 0.18 6.00
N LYS M 244 16.18 0.56 4.79
CA LYS M 244 16.38 -0.39 3.70
C LYS M 244 17.49 -1.36 4.09
N ARG M 245 18.54 -0.84 4.73
CA ARG M 245 19.67 -1.65 5.12
C ARG M 245 19.36 -2.53 6.32
N ALA M 246 18.63 -1.97 7.29
CA ALA M 246 18.18 -2.75 8.45
C ALA M 246 17.31 -3.92 8.01
N GLU M 247 16.48 -3.65 7.00
CA GLU M 247 15.54 -4.64 6.50
C GLU M 247 16.23 -5.84 5.87
N PHE M 248 17.29 -5.59 5.11
CA PHE M 248 18.01 -6.67 4.45
C PHE M 248 18.74 -7.52 5.48
N ALA M 249 19.29 -6.90 6.52
CA ALA M 249 19.94 -7.62 7.61
C ALA M 249 18.94 -8.60 8.23
N LYS M 250 17.71 -8.15 8.42
CA LYS M 250 16.67 -9.00 8.97
C LYS M 250 16.36 -10.13 8.01
N GLU M 251 16.29 -9.81 6.72
CA GLU M 251 15.99 -10.78 5.68
C GLU M 251 17.05 -11.89 5.67
N LEU M 252 18.30 -11.52 5.96
CA LEU M 252 19.40 -12.47 6.00
C LEU M 252 19.43 -13.25 7.30
N GLY M 253 18.55 -12.89 8.23
CA GLY M 253 18.51 -13.55 9.52
C GLY M 253 19.66 -13.16 10.41
N MET M 254 20.17 -11.94 10.22
CA MET M 254 21.29 -11.45 11.01
C MET M 254 20.85 -11.02 12.40
N PRO M 255 21.59 -11.45 13.43
CA PRO M 255 21.11 -11.21 14.80
C PRO M 255 21.34 -9.79 15.31
N ILE M 256 22.23 -9.04 14.68
CA ILE M 256 22.70 -7.77 15.23
C ILE M 256 23.18 -6.82 14.15
N ILE M 257 22.84 -5.55 14.31
CA ILE M 257 23.30 -4.47 13.43
C ILE M 257 23.88 -3.36 14.30
N MET M 258 24.54 -2.39 13.67
CA MET M 258 25.07 -1.25 14.41
C MET M 258 24.67 0.08 13.80
N HIS M 259 24.77 1.14 14.61
CA HIS M 259 24.33 2.46 14.20
C HIS M 259 25.18 3.48 14.91
N ASP M 260 25.65 4.48 14.15
CA ASP M 260 26.38 5.60 14.74
C ASP M 260 25.39 6.67 15.19
N PHE M 261 25.00 6.64 16.46
CA PHE M 261 23.85 7.43 16.90
C PHE M 261 24.03 8.93 16.83
N LEU M 262 25.26 9.40 16.98
CA LEU M 262 25.54 10.85 16.99
C LEU M 262 25.72 11.44 15.59
N THR M 263 26.37 10.73 14.69
CA THR M 263 26.58 11.28 13.36
C THR M 263 25.34 11.10 12.49
N ALA M 264 24.53 10.09 12.80
CA ALA M 264 23.23 9.93 12.17
C ALA M 264 22.19 10.78 12.88
N GLY M 265 22.21 10.75 14.21
CA GLY M 265 21.32 11.59 14.99
C GLY M 265 20.30 10.81 15.78
N PHE M 266 19.76 11.45 16.82
CA PHE M 266 18.84 10.81 17.75
C PHE M 266 17.49 10.48 17.14
N THR M 267 17.06 11.28 16.17
CA THR M 267 15.77 11.06 15.52
C THR M 267 15.80 9.78 14.68
N ALA M 268 16.88 9.58 13.92
CA ALA M 268 17.06 8.36 13.16
C ALA M 268 17.32 7.18 14.11
N ASN M 269 18.12 7.40 15.14
CA ASN M 269 18.39 6.35 16.11
C ASN M 269 17.14 5.84 16.81
N THR M 270 16.27 6.75 17.23
CA THR M 270 15.05 6.36 17.92
C THR M 270 14.13 5.57 17.00
N THR M 271 14.09 5.95 15.72
CA THR M 271 13.39 5.17 14.72
C THR M 271 13.94 3.73 14.64
N LEU M 272 15.26 3.61 14.61
CA LEU M 272 15.93 2.32 14.46
C LEU M 272 15.75 1.44 15.69
N ALA M 273 15.84 2.04 16.88
CA ALA M 273 15.63 1.31 18.12
C ALA M 273 14.22 0.73 18.22
N LYS M 274 13.22 1.45 17.73
CA LYS M 274 11.85 0.92 17.75
C LYS M 274 11.70 -0.23 16.77
N TRP M 275 12.28 -0.07 15.58
CA TRP M 275 12.27 -1.11 14.56
C TRP M 275 12.95 -2.39 15.08
N CYS M 276 14.08 -2.22 15.75
CA CYS M 276 14.82 -3.35 16.31
C CYS M 276 13.98 -4.13 17.31
N ARG M 277 13.22 -3.42 18.13
CA ARG M 277 12.32 -4.08 19.06
C ARG M 277 11.24 -4.87 18.34
N ASP M 278 10.69 -4.29 17.28
CA ASP M 278 9.59 -4.93 16.58
C ASP M 278 10.07 -6.09 15.72
N ASN M 279 11.37 -6.13 15.44
CA ASN M 279 11.90 -7.11 14.49
C ASN M 279 12.94 -8.03 15.10
N GLY M 280 13.17 -7.86 16.40
CA GLY M 280 13.99 -8.80 17.14
C GLY M 280 15.46 -8.79 16.72
N VAL M 281 15.96 -7.63 16.30
CA VAL M 281 17.37 -7.49 15.92
C VAL M 281 18.07 -6.67 17.01
N LEU M 282 19.23 -7.14 17.43
CA LEU M 282 19.99 -6.46 18.47
C LEU M 282 20.66 -5.22 17.87
N LEU M 283 20.87 -4.20 18.69
CA LEU M 283 21.38 -2.93 18.18
C LEU M 283 22.64 -2.51 18.93
N HIS M 284 23.76 -2.56 18.22
CA HIS M 284 25.02 -2.08 18.77
C HIS M 284 25.20 -0.61 18.42
N ILE M 285 25.52 0.21 19.41
CA ILE M 285 25.66 1.65 19.17
C ILE M 285 27.11 2.12 19.24
N HIS M 286 27.58 2.70 18.14
CA HIS M 286 28.89 3.33 18.08
C HIS M 286 28.77 4.83 18.41
N ARG M 287 29.67 5.34 19.25
CA ARG M 287 29.62 6.74 19.71
C ARG M 287 30.46 7.72 18.90
N ALA M 288 30.68 7.41 17.62
CA ALA M 288 31.45 8.29 16.73
C ALA M 288 31.01 9.75 16.89
N MET M 289 32.01 10.61 17.11
CA MET M 289 31.88 12.07 17.24
C MET M 289 31.73 12.55 18.67
N HIS M 290 31.56 11.63 19.61
CA HIS M 290 31.29 12.02 20.99
C HIS M 290 32.40 12.88 21.59
N ALA M 291 33.64 12.63 21.20
CA ALA M 291 34.77 13.32 21.80
C ALA M 291 34.90 14.76 21.31
N VAL M 292 34.26 15.07 20.19
CA VAL M 292 34.12 16.45 19.73
C VAL M 292 33.37 17.24 20.81
N ILE M 293 32.52 16.52 21.53
CA ILE M 293 31.57 17.12 22.45
C ILE M 293 32.03 16.97 23.90
N ASP M 294 32.61 15.82 24.24
CA ASP M 294 32.75 15.46 25.65
C ASP M 294 34.16 15.43 26.25
N ARG M 295 35.17 15.78 25.48
CA ARG M 295 36.55 15.59 25.91
C ARG M 295 37.04 16.60 26.94
N GLN M 296 36.81 17.88 26.67
CA GLN M 296 37.34 18.94 27.52
C GLN M 296 36.37 19.23 28.65
N ARG M 297 36.89 19.45 29.85
CA ARG M 297 35.99 19.63 30.99
C ARG M 297 35.49 21.04 31.22
N ASN M 298 35.91 22.01 30.41
CA ASN M 298 35.42 23.37 30.58
C ASN M 298 34.21 23.67 29.70
N HIS M 299 34.04 22.91 28.62
CA HIS M 299 32.98 23.19 27.66
C HIS M 299 32.54 21.92 26.94
N GLY M 300 31.22 21.75 26.85
CA GLY M 300 30.67 20.65 26.08
C GLY M 300 29.62 19.92 26.89
N ILE M 301 29.46 18.63 26.61
CA ILE M 301 28.57 17.77 27.37
C ILE M 301 29.36 16.54 27.79
N HIS M 302 29.31 16.19 29.06
CA HIS M 302 30.01 15.00 29.50
C HIS M 302 29.37 13.74 28.92
N PHE M 303 30.18 12.73 28.64
CA PHE M 303 29.71 11.49 28.03
C PHE M 303 28.59 10.81 28.80
N ARG M 304 28.60 10.96 30.12
CA ARG M 304 27.61 10.28 30.93
C ARG M 304 26.20 10.79 30.68
N VAL M 305 26.08 12.01 30.17
CA VAL M 305 24.79 12.52 29.71
C VAL M 305 24.40 11.86 28.39
N LEU M 306 25.38 11.73 27.50
CA LEU M 306 25.15 11.09 26.22
C LEU M 306 24.78 9.61 26.37
N ALA M 307 25.40 8.95 27.35
CA ALA M 307 25.11 7.56 27.68
C ALA M 307 23.67 7.42 28.18
N LYS M 308 23.26 8.31 29.07
CA LYS M 308 21.89 8.32 29.56
C LYS M 308 20.88 8.54 28.42
N CYS M 309 21.19 9.50 27.55
CA CYS M 309 20.33 9.79 26.40
C CYS M 309 20.20 8.60 25.48
N LEU M 310 21.31 7.87 25.26
CA LEU M 310 21.30 6.70 24.39
C LEU M 310 20.48 5.57 24.99
N ARG M 311 20.59 5.35 26.29
CA ARG M 311 19.77 4.32 26.93
C ARG M 311 18.29 4.62 26.75
N LEU M 312 17.92 5.90 26.76
CA LEU M 312 16.54 6.31 26.55
C LEU M 312 16.12 6.13 25.09
N SER M 313 16.92 6.64 24.16
CA SER M 313 16.64 6.52 22.73
C SER M 313 16.59 5.06 22.30
N GLY M 314 17.57 4.28 22.74
CA GLY M 314 17.54 2.85 22.50
C GLY M 314 18.85 2.35 21.93
N GLY M 315 19.45 1.38 22.63
CA GLY M 315 20.61 0.68 22.12
C GLY M 315 20.86 -0.50 23.04
N ASP M 316 21.29 -1.62 22.47
CA ASP M 316 21.61 -2.79 23.28
C ASP M 316 23.07 -2.78 23.76
N HIS M 317 23.98 -2.32 22.92
CA HIS M 317 25.38 -2.08 23.31
C HIS M 317 25.64 -0.58 23.20
N LEU M 318 26.62 -0.09 23.95
CA LEU M 318 27.18 1.24 23.73
C LEU M 318 28.65 1.24 24.14
N HIS M 319 29.52 1.74 23.27
CA HIS M 319 30.94 1.86 23.60
C HIS M 319 31.12 2.75 24.84
N SER M 320 31.99 2.32 25.75
CA SER M 320 32.15 2.97 27.05
C SER M 320 33.58 3.47 27.28
N GLY M 321 34.46 3.16 26.33
CA GLY M 321 35.89 3.35 26.54
C GLY M 321 36.56 2.17 27.22
N THR M 322 37.89 2.24 27.31
CA THR M 322 38.72 1.14 27.83
C THR M 322 39.46 1.55 29.10
N VAL M 323 39.64 2.86 29.28
CA VAL M 323 40.57 3.43 30.26
C VAL M 323 42.05 3.24 29.88
N VAL M 324 42.41 2.02 29.50
CA VAL M 324 43.80 1.63 29.28
C VAL M 324 44.27 1.66 27.83
N GLY M 325 43.33 1.84 26.89
CA GLY M 325 43.66 1.74 25.48
C GLY M 325 44.11 3.03 24.83
N LYS M 326 43.94 3.13 23.51
CA LYS M 326 44.48 4.26 22.75
C LYS M 326 43.67 5.56 22.85
N LEU M 327 42.43 5.45 23.31
CA LEU M 327 41.55 6.61 23.44
C LEU M 327 41.25 6.91 24.90
N GLU M 328 40.96 8.17 25.20
CA GLU M 328 40.85 8.64 26.56
C GLU M 328 39.61 8.16 27.30
N GLY M 329 39.83 7.83 28.57
CA GLY M 329 38.75 7.45 29.47
C GLY M 329 39.24 7.49 30.90
N ASP M 330 38.66 8.39 31.68
CA ASP M 330 38.96 8.49 33.10
C ASP M 330 38.29 7.33 33.83
N LYS M 331 39.04 6.65 34.67
CA LYS M 331 38.55 5.44 35.32
C LYS M 331 37.36 5.68 36.25
N ALA M 332 37.48 6.67 37.13
CA ALA M 332 36.44 6.97 38.11
C ALA M 332 35.15 7.36 37.40
N SER M 333 35.29 8.23 36.41
CA SER M 333 34.18 8.66 35.57
C SER M 333 33.54 7.44 34.89
N THR M 334 34.37 6.58 34.32
CA THR M 334 33.91 5.42 33.56
C THR M 334 33.13 4.45 34.42
N LEU M 335 33.62 4.19 35.62
CA LEU M 335 32.90 3.33 36.54
C LEU M 335 31.54 3.91 36.86
N GLY M 336 31.48 5.25 36.93
CA GLY M 336 30.24 5.95 37.15
C GLY M 336 29.21 5.77 36.05
N PHE M 337 29.58 6.06 34.80
CA PHE M 337 28.58 5.97 33.74
C PHE M 337 28.34 4.56 33.23
N VAL M 338 29.24 3.63 33.54
CA VAL M 338 28.97 2.22 33.32
C VAL M 338 27.82 1.78 34.24
N ASP M 339 27.83 2.27 35.48
CA ASP M 339 26.71 2.01 36.39
C ASP M 339 25.43 2.66 35.87
N LEU M 340 25.56 3.87 35.33
CA LEU M 340 24.40 4.60 34.81
C LEU M 340 23.75 3.88 33.63
N MET M 341 24.55 3.18 32.83
CA MET M 341 24.00 2.51 31.67
C MET M 341 23.59 1.06 31.92
N ARG M 342 23.96 0.52 33.07
CA ARG M 342 23.65 -0.89 33.38
C ARG M 342 22.59 -1.08 34.45
N GLU M 343 22.70 -0.30 35.51
CA GLU M 343 21.92 -0.54 36.72
C GLU M 343 20.56 0.15 36.69
N ASP M 344 19.73 -0.17 37.68
CA ASP M 344 18.39 0.38 37.75
C ASP M 344 18.29 1.61 38.65
N HIS M 345 19.24 1.69 39.59
CA HIS M 345 19.24 2.76 40.57
C HIS M 345 20.69 3.09 40.88
N ILE M 346 21.08 4.34 40.65
CA ILE M 346 22.45 4.76 40.86
C ILE M 346 22.44 5.97 41.78
N GLU M 347 23.02 5.80 42.97
CA GLU M 347 23.12 6.88 43.94
C GLU M 347 24.07 7.97 43.46
N ALA M 348 23.73 9.21 43.79
CA ALA M 348 24.64 10.33 43.56
C ALA M 348 25.98 10.04 44.21
N ASP M 349 27.05 10.36 43.49
CA ASP M 349 28.41 10.14 43.97
C ASP M 349 29.35 11.00 43.15
N ARG M 350 29.71 12.15 43.71
CA ARG M 350 30.50 13.12 42.97
C ARG M 350 31.90 12.62 42.68
N SER M 351 32.37 11.64 43.45
CA SER M 351 33.73 11.11 43.25
C SER M 351 33.82 10.28 41.98
N ARG M 352 32.66 9.89 41.47
CA ARG M 352 32.60 9.15 40.21
C ARG M 352 31.84 9.97 39.17
N GLY M 353 31.61 11.24 39.49
CA GLY M 353 31.00 12.17 38.56
C GLY M 353 29.48 12.07 38.45
N VAL M 354 28.84 11.34 39.35
CA VAL M 354 27.40 11.18 39.32
C VAL M 354 26.78 12.26 40.22
N PHE M 355 26.27 13.32 39.59
CA PHE M 355 25.76 14.46 40.34
C PHE M 355 24.41 14.20 40.97
N PHE M 356 23.58 13.40 40.29
CA PHE M 356 22.21 13.13 40.72
C PHE M 356 22.02 11.63 40.87
N THR M 357 21.17 11.24 41.80
CA THR M 357 20.66 9.87 41.86
C THR M 357 19.72 9.63 40.69
N GLN M 358 19.95 8.54 39.97
CA GLN M 358 19.17 8.22 38.78
C GLN M 358 18.46 6.89 38.94
N ASP M 359 17.15 6.92 38.71
CA ASP M 359 16.34 5.71 38.66
C ASP M 359 15.91 5.46 37.23
N TRP M 360 15.74 4.20 36.88
CA TRP M 360 15.42 3.82 35.52
C TRP M 360 14.11 3.05 35.38
N ALA M 361 13.44 2.82 36.52
CA ALA M 361 12.11 2.19 36.53
C ALA M 361 12.04 0.92 35.67
N SER M 362 13.07 0.09 35.79
CA SER M 362 13.17 -1.23 35.14
C SER M 362 13.39 -1.17 33.65
N MET M 363 13.82 -0.02 33.14
CA MET M 363 14.31 0.05 31.77
C MET M 363 15.60 -0.78 31.68
N PRO M 364 15.67 -1.70 30.70
CA PRO M 364 16.81 -2.59 30.53
C PRO M 364 18.13 -1.84 30.49
N GLY M 365 19.18 -2.52 30.92
CA GLY M 365 20.51 -1.94 30.83
C GLY M 365 21.11 -2.11 29.45
N VAL M 366 22.19 -1.39 29.22
CA VAL M 366 22.93 -1.39 27.97
C VAL M 366 24.30 -2.02 28.26
N LEU M 367 24.72 -2.93 27.38
CA LEU M 367 26.05 -3.53 27.51
C LEU M 367 27.12 -2.51 27.15
N PRO M 368 28.05 -2.23 28.08
CA PRO M 368 29.24 -1.44 27.76
C PRO M 368 30.21 -2.20 26.87
N VAL M 369 30.78 -1.50 25.89
CA VAL M 369 31.71 -2.11 24.96
C VAL M 369 33.06 -1.42 25.06
N ALA M 370 34.07 -2.16 25.51
CA ALA M 370 35.41 -1.63 25.63
C ALA M 370 36.19 -1.96 24.35
N SER M 371 36.64 -0.91 23.67
CA SER M 371 37.24 -1.04 22.35
C SER M 371 38.25 0.08 22.14
N GLY M 372 39.35 -0.26 21.47
CA GLY M 372 40.28 0.75 21.01
C GLY M 372 41.68 0.64 21.60
N GLY M 373 42.61 0.08 20.82
CA GLY M 373 44.00 0.04 21.22
C GLY M 373 44.32 -0.91 22.35
N ILE M 374 43.48 -1.93 22.53
CA ILE M 374 43.70 -2.93 23.57
C ILE M 374 44.17 -4.27 23.00
N HIS M 375 44.97 -4.98 23.78
CA HIS M 375 45.49 -6.29 23.42
C HIS M 375 45.50 -7.21 24.64
N VAL M 376 46.04 -8.40 24.49
CA VAL M 376 45.94 -9.46 25.50
C VAL M 376 46.41 -9.06 26.89
N TRP M 377 47.47 -8.27 26.97
CA TRP M 377 47.99 -7.84 28.26
C TRP M 377 47.00 -6.98 29.05
N HIS M 378 46.02 -6.41 28.36
CA HIS M 378 45.01 -5.58 29.01
C HIS M 378 43.89 -6.41 29.63
N MET M 379 43.81 -7.69 29.26
CA MET M 379 42.66 -8.51 29.58
C MET M 379 42.32 -8.56 31.06
N PRO M 380 43.32 -8.76 31.95
CA PRO M 380 42.90 -8.86 33.35
C PRO M 380 42.34 -7.56 33.92
N ALA M 381 42.88 -6.43 33.47
CA ALA M 381 42.38 -5.12 33.87
C ALA M 381 40.97 -4.87 33.33
N LEU M 382 40.73 -5.23 32.08
CA LEU M 382 39.42 -5.06 31.47
C LEU M 382 38.35 -5.89 32.18
N VAL M 383 38.66 -7.14 32.50
CA VAL M 383 37.72 -8.02 33.20
C VAL M 383 37.48 -7.47 34.61
N GLU M 384 38.54 -6.96 35.21
CA GLU M 384 38.45 -6.35 36.53
C GLU M 384 37.51 -5.13 36.52
N ILE M 385 37.71 -4.24 35.56
CA ILE M 385 36.96 -2.99 35.49
C ILE M 385 35.50 -3.20 35.11
N PHE M 386 35.26 -3.97 34.05
CA PHE M 386 33.93 -4.05 33.47
C PHE M 386 33.12 -5.24 33.95
N GLY M 387 33.79 -6.29 34.40
CA GLY M 387 33.08 -7.49 34.83
C GLY M 387 32.52 -8.26 33.65
N ASP M 388 31.61 -9.18 33.94
CA ASP M 388 31.09 -10.11 32.94
C ASP M 388 30.19 -9.47 31.90
N ASP M 389 29.42 -8.46 32.33
CA ASP M 389 28.44 -7.87 31.43
C ASP M 389 29.07 -6.73 30.64
N SER M 390 29.88 -7.11 29.66
CA SER M 390 30.59 -6.18 28.81
C SER M 390 30.97 -6.93 27.54
N VAL M 391 31.33 -6.18 26.51
CA VAL M 391 31.90 -6.73 25.30
C VAL M 391 33.28 -6.11 25.18
N LEU M 392 34.30 -6.94 25.00
CA LEU M 392 35.66 -6.45 24.84
C LEU M 392 36.06 -6.66 23.40
N GLN M 393 36.52 -5.62 22.73
CA GLN M 393 36.74 -5.70 21.30
C GLN M 393 38.19 -5.45 20.90
N PHE M 394 38.70 -6.31 20.03
CA PHE M 394 40.10 -6.27 19.62
C PHE M 394 40.16 -6.28 18.10
N GLY M 395 40.38 -5.10 17.51
CA GLY M 395 40.50 -5.02 16.05
C GLY M 395 41.91 -5.31 15.59
N GLY M 396 42.79 -4.33 15.79
CA GLY M 396 44.21 -4.56 15.58
C GLY M 396 44.76 -5.67 16.46
N GLY M 397 44.16 -5.84 17.63
CA GLY M 397 44.59 -6.87 18.56
C GLY M 397 44.19 -8.29 18.16
N THR M 398 43.48 -8.43 17.05
CA THR M 398 43.20 -9.73 16.48
C THR M 398 43.86 -9.87 15.12
N LEU M 399 43.59 -8.92 14.23
CA LEU M 399 44.09 -8.98 12.86
C LEU M 399 45.59 -8.66 12.78
N GLY M 400 46.14 -8.14 13.87
CA GLY M 400 47.57 -7.85 13.91
C GLY M 400 48.38 -8.96 14.54
N HIS M 401 47.74 -10.09 14.84
CA HIS M 401 48.46 -11.27 15.33
C HIS M 401 49.39 -11.75 14.23
N PRO M 402 50.60 -12.22 14.60
CA PRO M 402 51.58 -12.61 13.59
C PRO M 402 51.15 -13.76 12.68
N TRP M 403 50.19 -14.55 13.15
CA TRP M 403 49.74 -15.71 12.39
C TRP M 403 48.39 -15.50 11.73
N GLY M 404 47.80 -14.33 11.91
CA GLY M 404 46.54 -14.02 11.28
C GLY M 404 45.35 -14.01 12.22
N ASN M 405 44.15 -14.07 11.64
CA ASN M 405 42.91 -13.76 12.34
C ASN M 405 42.46 -14.85 13.30
N ALA M 406 42.38 -16.08 12.81
CA ALA M 406 41.87 -17.19 13.61
C ALA M 406 42.76 -17.46 14.84
N PRO M 407 44.09 -17.50 14.66
CA PRO M 407 44.93 -17.58 15.86
C PRO M 407 44.87 -16.34 16.75
N GLY M 408 44.72 -15.17 16.12
CA GLY M 408 44.53 -13.95 16.86
C GLY M 408 43.30 -13.99 17.74
N ALA M 409 42.22 -14.56 17.19
CA ALA M 409 40.97 -14.71 17.91
C ALA M 409 41.10 -15.70 19.08
N THR M 410 41.75 -16.82 18.82
CA THR M 410 41.99 -17.83 19.85
C THR M 410 42.84 -17.27 20.99
N ALA M 411 43.86 -16.48 20.65
CA ALA M 411 44.68 -15.83 21.67
C ALA M 411 43.83 -15.00 22.63
N ASN M 412 42.94 -14.19 22.07
CA ASN M 412 42.06 -13.36 22.90
C ASN M 412 41.03 -14.16 23.69
N ARG M 413 40.45 -15.17 23.04
CA ARG M 413 39.45 -16.03 23.69
C ARG M 413 40.06 -16.83 24.85
N VAL M 414 41.27 -17.35 24.65
CA VAL M 414 41.97 -18.09 25.71
C VAL M 414 42.34 -17.14 26.86
N ALA M 415 42.90 -15.99 26.51
CA ALA M 415 43.28 -15.01 27.53
C ALA M 415 42.08 -14.60 28.39
N LEU M 416 40.93 -14.42 27.76
CA LEU M 416 39.71 -14.06 28.48
C LEU M 416 39.25 -15.16 29.43
N GLU M 417 39.13 -16.38 28.90
CA GLU M 417 38.63 -17.49 29.69
C GLU M 417 39.57 -17.83 30.85
N ALA M 418 40.87 -17.67 30.62
CA ALA M 418 41.86 -17.86 31.68
C ALA M 418 41.65 -16.86 32.81
N CYS M 419 41.35 -15.61 32.45
CA CYS M 419 41.11 -14.56 33.43
C CYS M 419 39.82 -14.75 34.21
N VAL M 420 38.76 -15.18 33.51
CA VAL M 420 37.48 -15.41 34.15
C VAL M 420 37.58 -16.58 35.12
N GLN M 421 38.24 -17.66 34.69
CA GLN M 421 38.45 -18.82 35.55
C GLN M 421 39.23 -18.43 36.82
N ALA M 422 40.32 -17.69 36.62
CA ALA M 422 41.17 -17.26 37.73
C ALA M 422 40.42 -16.37 38.71
N ARG M 423 39.70 -15.40 38.18
CA ARG M 423 38.88 -14.51 39.01
C ARG M 423 37.91 -15.32 39.85
N ASN M 424 37.21 -16.25 39.21
CA ASN M 424 36.20 -17.07 39.88
C ASN M 424 36.83 -17.94 40.97
N GLU M 425 38.10 -18.27 40.79
CA GLU M 425 38.82 -19.08 41.76
C GLU M 425 39.34 -18.26 42.92
N GLY M 426 39.29 -16.94 42.80
CA GLY M 426 39.66 -16.09 43.91
C GLY M 426 40.99 -15.40 43.71
N ARG M 427 41.58 -15.59 42.54
CA ARG M 427 42.85 -14.95 42.22
C ARG M 427 42.63 -13.47 41.96
N ASP M 428 43.59 -12.65 42.41
CA ASP M 428 43.53 -11.22 42.21
C ASP M 428 44.05 -10.85 40.83
N LEU M 429 43.14 -10.41 39.97
CA LEU M 429 43.46 -10.09 38.59
C LEU M 429 44.47 -8.96 38.45
N TYR M 430 44.44 -8.02 39.37
CA TYR M 430 45.36 -6.90 39.34
C TYR M 430 46.78 -7.35 39.64
N ARG M 431 46.94 -8.09 40.74
CA ARG M 431 48.25 -8.52 41.19
C ARG M 431 48.78 -9.70 40.37
N GLU M 432 47.88 -10.57 39.93
CA GLU M 432 48.29 -11.83 39.33
C GLU M 432 48.04 -11.93 37.82
N GLY M 433 47.53 -10.85 37.23
CA GLY M 433 47.13 -10.89 35.83
C GLY M 433 48.21 -11.33 34.87
N GLY M 434 49.41 -10.77 35.02
CA GLY M 434 50.52 -11.15 34.17
C GLY M 434 50.82 -12.62 34.27
N ASP M 435 50.75 -13.15 35.49
CA ASP M 435 51.05 -14.55 35.74
C ASP M 435 50.00 -15.45 35.12
N ILE M 436 48.73 -15.11 35.32
CA ILE M 436 47.63 -15.86 34.75
C ILE M 436 47.82 -15.96 33.25
N LEU M 437 48.27 -14.87 32.63
CA LEU M 437 48.49 -14.84 31.18
C LEU M 437 49.68 -15.67 30.75
N ARG M 438 50.79 -15.57 31.49
CA ARG M 438 51.96 -16.40 31.26
C ARG M 438 51.63 -17.90 31.34
N GLU M 439 50.88 -18.27 32.38
CA GLU M 439 50.43 -19.64 32.56
C GLU M 439 49.73 -20.12 31.29
N ALA M 440 48.71 -19.39 30.85
CA ALA M 440 47.92 -19.80 29.71
C ALA M 440 48.78 -19.82 28.45
N GLY M 441 49.76 -18.91 28.40
CA GLY M 441 50.67 -18.85 27.28
C GLY M 441 51.52 -20.11 27.15
N LYS M 442 51.69 -20.82 28.26
CA LYS M 442 52.47 -22.05 28.28
C LYS M 442 51.86 -23.13 27.40
N TRP M 443 50.53 -23.21 27.39
CA TRP M 443 49.87 -24.24 26.60
C TRP M 443 49.13 -23.69 25.38
N SER M 444 49.08 -22.37 25.24
CA SER M 444 48.53 -21.77 24.03
C SER M 444 49.61 -21.03 23.25
N PRO M 445 50.13 -21.65 22.19
CA PRO M 445 51.16 -21.03 21.33
C PRO M 445 50.68 -19.69 20.74
N GLU M 446 49.41 -19.64 20.34
CA GLU M 446 48.91 -18.43 19.72
C GLU M 446 48.74 -17.29 20.71
N LEU M 447 48.43 -17.60 21.97
CA LEU M 447 48.46 -16.59 23.01
C LEU M 447 49.90 -16.14 23.31
N ALA M 448 50.82 -17.10 23.34
CA ALA M 448 52.23 -16.80 23.56
C ALA M 448 52.77 -15.85 22.50
N ALA M 449 52.39 -16.09 21.24
CA ALA M 449 52.82 -15.22 20.15
C ALA M 449 52.31 -13.79 20.33
N ALA M 450 51.08 -13.65 20.83
CA ALA M 450 50.47 -12.34 21.02
C ALA M 450 51.11 -11.61 22.20
N LEU M 451 51.32 -12.33 23.29
CA LEU M 451 51.96 -11.77 24.47
C LEU M 451 53.33 -11.21 24.13
N ASP M 452 54.09 -11.96 23.34
CA ASP M 452 55.39 -11.51 22.87
C ASP M 452 55.30 -10.24 22.05
N LEU M 453 54.35 -10.20 21.12
CA LEU M 453 54.26 -9.10 20.16
C LEU M 453 53.99 -7.77 20.85
N TRP M 454 53.07 -7.77 21.80
CA TRP M 454 52.55 -6.52 22.36
C TRP M 454 52.97 -6.27 23.81
N LYS M 455 54.00 -6.99 24.24
CA LYS M 455 54.52 -6.87 25.61
C LYS M 455 54.82 -5.42 26.02
N GLU M 456 55.37 -4.65 25.10
CA GLU M 456 55.84 -3.32 25.43
C GLU M 456 54.80 -2.21 25.28
N ILE M 457 53.64 -2.53 24.70
CA ILE M 457 52.71 -1.50 24.23
C ILE M 457 51.74 -1.02 25.31
N LYS M 458 51.90 0.25 25.69
CA LYS M 458 51.06 0.91 26.68
C LYS M 458 50.62 2.26 26.13
N PHE M 459 49.51 2.77 26.66
CA PHE M 459 49.02 4.11 26.32
C PHE M 459 48.78 4.88 27.59
N GLU M 460 49.75 5.68 27.97
CA GLU M 460 49.70 6.39 29.24
C GLU M 460 49.99 7.86 29.02
N PHE M 461 48.91 8.64 29.03
CA PHE M 461 48.99 10.08 28.83
C PHE M 461 48.08 10.77 29.85
N GLU M 462 48.26 12.08 29.97
CA GLU M 462 47.43 12.89 30.86
C GLU M 462 45.99 12.97 30.36
N THR M 463 45.08 12.70 31.28
CA THR M 463 43.65 12.77 31.02
C THR M 463 43.21 14.22 31.01
N MET M 464 42.59 14.64 29.91
CA MET M 464 42.05 16.00 29.79
C MET M 464 40.74 16.13 30.55
N ASP M 465 39.94 15.07 30.47
CA ASP M 465 38.60 15.06 31.05
C ASP M 465 38.65 14.62 32.52
N LYS M 466 39.28 15.43 33.35
CA LYS M 466 39.35 15.16 34.78
C LYS M 466 38.07 15.63 35.44
N LEU M 467 37.70 14.95 36.52
CA LEU M 467 36.48 15.27 37.28
C LEU M 467 36.47 16.67 37.88
N SER N 1 56.11 -17.49 11.19
CA SER N 1 56.25 -18.91 11.63
C SER N 1 54.90 -19.59 11.36
N MET N 2 54.06 -19.67 12.38
CA MET N 2 52.62 -19.77 12.23
C MET N 2 52.03 -21.13 11.89
N LYS N 3 51.03 -21.48 12.68
CA LYS N 3 50.23 -22.66 12.46
C LYS N 3 48.86 -22.22 11.98
N THR N 4 48.28 -23.01 11.09
CA THR N 4 46.88 -22.90 10.74
C THR N 4 46.05 -23.46 11.89
N LEU N 5 45.14 -22.63 12.41
CA LEU N 5 44.28 -23.02 13.51
C LEU N 5 43.37 -24.18 13.09
N PRO N 6 43.34 -25.25 13.89
CA PRO N 6 42.47 -26.40 13.62
C PRO N 6 40.99 -26.06 13.84
N LYS N 7 40.14 -26.88 13.24
CA LYS N 7 38.71 -26.80 13.45
C LYS N 7 38.30 -27.79 14.53
N GLU N 8 37.66 -27.26 15.57
CA GLU N 8 37.19 -28.07 16.68
C GLU N 8 35.94 -27.39 17.19
N ARG N 9 34.88 -28.17 17.40
CA ARG N 9 33.66 -27.63 17.99
C ARG N 9 33.92 -27.22 19.43
N ARG N 10 33.32 -26.10 19.82
CA ARG N 10 33.43 -25.60 21.18
C ARG N 10 32.06 -25.53 21.83
N PHE N 11 32.05 -25.19 23.11
CA PHE N 11 30.87 -25.35 23.95
C PHE N 11 30.75 -24.20 24.94
N GLU N 12 31.01 -23.00 24.43
CA GLU N 12 30.93 -21.76 25.17
C GLU N 12 31.91 -21.71 26.35
N THR N 13 31.50 -21.08 27.45
CA THR N 13 32.45 -20.65 28.47
C THR N 13 33.32 -21.77 29.06
N PHE N 14 34.63 -21.54 29.02
CA PHE N 14 35.67 -22.45 29.52
C PHE N 14 36.07 -23.53 28.51
N SER N 15 35.43 -23.57 27.35
CA SER N 15 35.69 -24.63 26.39
C SER N 15 36.96 -24.39 25.58
N TYR N 16 37.61 -23.26 25.82
CA TYR N 16 38.91 -23.00 25.23
C TYR N 16 40.05 -23.23 26.22
N LEU N 17 39.70 -23.60 27.45
CA LEU N 17 40.71 -24.00 28.41
C LEU N 17 40.89 -25.51 28.35
N PRO N 18 42.03 -26.02 28.86
CA PRO N 18 42.15 -27.44 29.20
C PRO N 18 40.93 -27.93 29.97
N PRO N 19 40.48 -29.15 29.69
CA PRO N 19 39.35 -29.74 30.42
C PRO N 19 39.53 -29.58 31.93
N LEU N 20 38.45 -29.15 32.57
CA LEU N 20 38.51 -28.80 33.98
C LEU N 20 38.62 -30.05 34.83
N SER N 21 39.58 -30.07 35.75
CA SER N 21 39.65 -31.14 36.74
C SER N 21 38.44 -31.02 37.65
N ASP N 22 38.12 -32.11 38.34
CA ASP N 22 36.95 -32.11 39.21
C ASP N 22 37.12 -31.14 40.37
N ARG N 23 38.37 -30.77 40.63
CA ARG N 23 38.67 -29.74 41.61
C ARG N 23 38.48 -28.34 41.04
N GLN N 24 38.73 -28.17 39.74
CA GLN N 24 38.46 -26.91 39.06
C GLN N 24 36.96 -26.69 38.91
N ILE N 25 36.23 -27.77 38.68
CA ILE N 25 34.77 -27.75 38.65
C ILE N 25 34.20 -27.35 40.00
N ALA N 26 34.72 -27.94 41.08
CA ALA N 26 34.27 -27.63 42.42
C ALA N 26 34.53 -26.17 42.78
N ALA N 27 35.64 -25.62 42.29
CA ALA N 27 36.00 -24.23 42.55
C ALA N 27 34.99 -23.27 41.92
N GLN N 28 34.51 -23.62 40.73
CA GLN N 28 33.51 -22.83 40.02
C GLN N 28 32.17 -22.91 40.74
N ILE N 29 31.85 -24.08 41.25
CA ILE N 29 30.62 -24.26 42.02
C ILE N 29 30.70 -23.53 43.36
N GLU N 30 31.88 -23.46 43.93
CA GLU N 30 32.09 -22.66 45.13
C GLU N 30 31.83 -21.18 44.86
N TYR N 31 32.31 -20.70 43.73
CA TYR N 31 32.10 -19.32 43.33
C TYR N 31 30.60 -19.00 43.23
N MET N 32 29.86 -19.88 42.55
CA MET N 32 28.41 -19.81 42.49
C MET N 32 27.80 -19.61 43.87
N ILE N 33 28.06 -20.59 44.75
CA ILE N 33 27.45 -20.61 46.08
C ILE N 33 27.76 -19.31 46.80
N GLU N 34 29.03 -18.89 46.75
CA GLU N 34 29.47 -17.68 47.43
C GLU N 34 28.77 -16.46 46.87
N GLN N 35 28.52 -16.48 45.57
CA GLN N 35 27.91 -15.36 44.87
C GLN N 35 26.41 -15.34 45.09
N GLY N 36 25.86 -16.44 45.60
CA GLY N 36 24.43 -16.50 45.86
C GLY N 36 23.61 -17.03 44.70
N PHE N 37 24.27 -17.55 43.67
CA PHE N 37 23.57 -18.10 42.52
C PHE N 37 23.04 -19.48 42.83
N HIS N 38 21.94 -19.86 42.17
CA HIS N 38 21.35 -21.17 42.36
C HIS N 38 21.83 -22.12 41.28
N PRO N 39 22.39 -23.27 41.67
CA PRO N 39 22.89 -24.23 40.69
C PRO N 39 21.76 -24.95 39.97
N LEU N 40 21.96 -25.19 38.69
CA LEU N 40 20.99 -25.92 37.89
C LEU N 40 21.79 -26.83 36.99
N ILE N 41 21.36 -28.09 36.92
CA ILE N 41 21.98 -29.07 36.05
C ILE N 41 21.01 -29.38 34.91
N GLU N 42 21.51 -29.28 33.68
CA GLU N 42 20.71 -29.56 32.50
C GLU N 42 21.46 -30.53 31.61
N PHE N 43 20.73 -31.26 30.78
CA PHE N 43 21.35 -32.16 29.83
C PHE N 43 20.66 -32.10 28.48
N ASN N 44 21.41 -32.42 27.44
CA ASN N 44 20.92 -32.40 26.09
C ASN N 44 21.65 -33.47 25.30
N GLU N 45 20.93 -34.12 24.38
CA GLU N 45 21.55 -35.09 23.50
C GLU N 45 22.38 -34.42 22.41
N HIS N 46 22.19 -33.13 22.22
CA HIS N 46 22.95 -32.39 21.20
C HIS N 46 23.43 -31.07 21.74
N SER N 47 24.44 -30.50 21.10
CA SER N 47 24.91 -29.17 21.45
C SER N 47 24.75 -28.23 20.25
N ASN N 48 23.50 -27.89 19.95
CA ASN N 48 23.20 -26.96 18.88
C ASN N 48 22.98 -25.57 19.44
N PRO N 49 23.82 -24.61 19.03
CA PRO N 49 23.84 -23.26 19.58
C PRO N 49 22.54 -22.47 19.38
N GLU N 50 21.78 -22.84 18.35
CA GLU N 50 20.56 -22.15 17.97
C GLU N 50 19.41 -22.49 18.90
N GLU N 51 19.55 -23.56 19.67
CA GLU N 51 18.50 -24.00 20.58
C GLU N 51 18.61 -23.34 21.94
N PHE N 52 17.46 -22.91 22.45
CA PHE N 52 17.39 -22.21 23.71
C PHE N 52 17.37 -23.19 24.89
N TYR N 53 16.67 -24.31 24.72
CA TYR N 53 16.35 -25.17 25.86
C TYR N 53 17.04 -26.54 25.88
N TRP N 54 17.65 -26.82 27.04
CA TRP N 54 18.08 -28.16 27.43
C TRP N 54 17.06 -28.71 28.42
N THR N 55 17.16 -29.99 28.75
CA THR N 55 16.25 -30.58 29.72
C THR N 55 16.81 -30.43 31.11
N MET N 56 15.93 -30.06 32.02
CA MET N 56 16.28 -29.83 33.41
C MET N 56 16.43 -31.16 34.14
N TRP N 57 17.54 -31.32 34.86
CA TRP N 57 17.73 -32.43 35.79
C TRP N 57 17.07 -32.06 37.12
N LYS N 58 16.05 -32.82 37.47
CA LYS N 58 15.24 -32.58 38.66
C LYS N 58 14.74 -31.12 38.73
N LEU N 59 15.12 -30.39 39.77
CA LEU N 59 14.80 -28.97 39.91
C LEU N 59 16.09 -28.26 40.31
N PRO N 60 16.15 -26.92 40.18
CA PRO N 60 17.34 -26.18 40.62
C PRO N 60 17.60 -26.38 42.11
N LEU N 61 18.87 -26.41 42.49
CA LEU N 61 19.25 -26.61 43.88
C LEU N 61 19.19 -25.25 44.57
N PHE N 62 17.98 -24.85 44.93
CA PHE N 62 17.70 -23.47 45.33
C PHE N 62 18.39 -22.98 46.60
N ALA N 63 18.61 -23.87 47.55
CA ALA N 63 19.35 -23.49 48.75
C ALA N 63 20.59 -24.36 48.87
N CYS N 64 21.33 -24.50 47.77
CA CYS N 64 22.51 -25.32 47.77
C CYS N 64 23.61 -24.64 48.58
N ALA N 65 24.08 -25.34 49.61
CA ALA N 65 25.13 -24.81 50.47
C ALA N 65 26.43 -25.52 50.19
N ALA N 66 26.35 -26.75 49.70
CA ALA N 66 27.53 -27.57 49.46
C ALA N 66 27.78 -27.75 47.98
N PRO N 67 29.02 -27.45 47.52
CA PRO N 67 29.52 -27.89 46.21
C PRO N 67 29.36 -29.38 45.98
N GLN N 68 29.50 -30.16 47.04
CA GLN N 68 29.39 -31.61 46.95
C GLN N 68 27.99 -32.03 46.54
N GLN N 69 26.99 -31.35 47.09
CA GLN N 69 25.60 -31.58 46.75
C GLN N 69 25.38 -31.43 45.24
N VAL N 70 25.99 -30.40 44.66
CA VAL N 70 25.92 -30.19 43.21
C VAL N 70 26.65 -31.31 42.47
N LEU N 71 27.87 -31.62 42.93
CA LEU N 71 28.68 -32.65 42.29
C LEU N 71 28.03 -34.03 42.33
N ASP N 72 27.30 -34.30 43.41
CA ASP N 72 26.59 -35.56 43.55
C ASP N 72 25.46 -35.68 42.53
N GLU N 73 24.78 -34.57 42.26
CA GLU N 73 23.73 -34.57 41.25
C GLU N 73 24.29 -34.69 39.86
N VAL N 74 25.44 -34.06 39.62
CA VAL N 74 26.12 -34.20 38.35
C VAL N 74 26.51 -35.67 38.11
N ARG N 75 26.93 -36.38 39.16
CA ARG N 75 27.27 -37.80 39.05
C ARG N 75 26.01 -38.61 38.74
N GLU N 76 24.93 -38.33 39.47
CA GLU N 76 23.66 -39.00 39.26
C GLU N 76 23.17 -38.81 37.83
N CYS N 77 23.27 -37.58 37.34
CA CYS N 77 22.80 -37.26 36.00
C CYS N 77 23.59 -38.03 34.95
N ARG N 78 24.89 -38.16 35.17
CA ARG N 78 25.76 -38.86 34.25
C ARG N 78 25.47 -40.36 34.14
N SER N 79 25.14 -40.99 35.26
CA SER N 79 24.89 -42.43 35.25
C SER N 79 23.62 -42.71 34.48
N GLU N 80 22.71 -41.74 34.53
CA GLU N 80 21.44 -41.84 33.86
C GLU N 80 21.51 -41.37 32.40
N TYR N 81 22.37 -40.38 32.13
CA TYR N 81 22.42 -39.74 30.81
C TYR N 81 23.84 -39.58 30.28
N GLY N 82 24.62 -40.66 30.27
CA GLY N 82 26.01 -40.57 29.86
C GLY N 82 26.20 -40.32 28.38
N ASP N 83 25.13 -40.54 27.63
CA ASP N 83 25.12 -40.27 26.19
C ASP N 83 24.73 -38.83 25.86
N CYS N 84 24.62 -37.99 26.88
CA CYS N 84 24.20 -36.60 26.71
C CYS N 84 25.30 -35.66 27.15
N TYR N 85 25.25 -34.42 26.64
CA TYR N 85 26.01 -33.32 27.22
C TYR N 85 25.35 -32.93 28.52
N ILE N 86 26.15 -32.60 29.51
CA ILE N 86 25.62 -32.16 30.80
C ILE N 86 26.32 -30.86 31.16
N ARG N 87 25.53 -29.87 31.56
CA ARG N 87 26.05 -28.53 31.81
C ARG N 87 25.59 -28.06 33.18
N VAL N 88 26.50 -27.41 33.90
CA VAL N 88 26.15 -26.79 35.19
C VAL N 88 25.95 -25.30 34.96
N ALA N 89 24.84 -24.79 35.47
CA ALA N 89 24.52 -23.38 35.33
C ALA N 89 24.24 -22.78 36.70
N GLY N 90 24.55 -21.51 36.86
CA GLY N 90 24.15 -20.78 38.04
C GLY N 90 23.12 -19.73 37.64
N PHE N 91 22.11 -19.54 38.47
CA PHE N 91 21.05 -18.60 38.15
C PHE N 91 20.95 -17.49 39.20
N ASP N 92 21.04 -16.26 38.72
CA ASP N 92 20.78 -15.08 39.54
C ASP N 92 19.30 -14.73 39.42
N ASN N 93 18.55 -14.87 40.52
CA ASN N 93 17.11 -14.63 40.48
C ASN N 93 16.72 -13.17 40.65
N ILE N 94 17.67 -12.34 41.05
CA ILE N 94 17.41 -10.92 41.22
C ILE N 94 17.51 -10.18 39.90
N LYS N 95 18.57 -10.45 39.16
CA LYS N 95 18.68 -9.98 37.78
C LYS N 95 17.94 -10.92 36.83
N GLU N 96 17.50 -12.06 37.36
CA GLU N 96 16.87 -13.11 36.57
C GLU N 96 17.63 -13.43 35.29
N CYS N 97 18.90 -13.79 35.46
CA CYS N 97 19.70 -14.25 34.35
C CYS N 97 20.67 -15.34 34.79
N GLN N 98 21.05 -16.18 33.83
CA GLN N 98 22.01 -17.26 34.05
C GLN N 98 23.39 -16.64 34.10
N THR N 99 24.14 -16.91 35.17
CA THR N 99 25.38 -16.21 35.45
C THR N 99 26.61 -17.05 35.16
N SER N 100 26.45 -18.35 35.37
CA SER N 100 27.50 -19.32 35.08
C SER N 100 26.91 -20.40 34.20
N SER N 101 27.77 -21.02 33.41
CA SER N 101 27.33 -22.05 32.49
C SER N 101 28.57 -22.67 31.87
N PHE N 102 28.78 -23.95 32.15
CA PHE N 102 29.88 -24.69 31.53
C PHE N 102 29.56 -26.18 31.46
N ILE N 103 30.02 -26.81 30.38
CA ILE N 103 29.81 -28.23 30.14
C ILE N 103 30.68 -29.03 31.09
N VAL N 104 30.09 -29.95 31.84
CA VAL N 104 30.83 -30.82 32.73
C VAL N 104 30.91 -32.25 32.20
N HIS N 105 30.12 -32.57 31.19
CA HIS N 105 30.18 -33.89 30.58
C HIS N 105 29.81 -33.85 29.11
N ARG N 106 30.63 -34.50 28.30
CA ARG N 106 30.31 -34.71 26.89
C ARG N 106 30.08 -36.19 26.66
N PRO N 107 29.20 -36.54 25.71
CA PRO N 107 28.78 -37.92 25.53
C PRO N 107 29.90 -38.80 25.00
N GLY N 108 29.74 -40.12 25.16
CA GLY N 108 30.70 -41.06 24.62
C GLY N 108 30.98 -40.87 23.14
N ARG N 109 32.13 -40.25 22.87
CA ARG N 109 32.55 -39.80 21.54
C ARG N 109 31.49 -39.16 20.64
N SER O 1 55.71 -4.96 -4.21
CA SER O 1 54.45 -5.78 -4.24
C SER O 1 53.82 -5.61 -2.88
N ALA O 2 52.95 -6.54 -2.51
CA ALA O 2 52.55 -6.62 -1.11
C ALA O 2 53.85 -6.91 -0.38
N ALA O 3 54.23 -6.00 0.52
CA ALA O 3 55.62 -5.84 0.86
C ALA O 3 56.07 -6.69 2.03
N GLY O 4 55.40 -7.80 2.25
CA GLY O 4 55.67 -8.62 3.41
C GLY O 4 54.89 -8.12 4.60
N TYR O 5 54.29 -9.05 5.34
CA TYR O 5 53.61 -8.70 6.57
C TYR O 5 54.60 -8.83 7.73
N LYS O 6 54.90 -7.69 8.35
CA LYS O 6 55.60 -7.69 9.63
C LYS O 6 54.65 -7.18 10.69
N ALA O 7 54.22 -8.07 11.58
CA ALA O 7 53.33 -7.70 12.65
C ALA O 7 54.03 -6.74 13.61
N GLY O 8 53.25 -5.93 14.31
CA GLY O 8 53.81 -5.09 15.34
C GLY O 8 53.46 -3.63 15.15
N VAL O 9 53.72 -2.84 16.19
CA VAL O 9 53.42 -1.43 16.19
C VAL O 9 54.50 -0.62 15.49
N LYS O 10 54.06 0.16 14.51
CA LYS O 10 54.89 1.16 13.85
C LYS O 10 54.34 2.55 14.15
N ASP O 11 55.19 3.56 13.96
CA ASP O 11 54.77 4.95 13.96
C ASP O 11 53.81 5.21 12.81
N TYR O 12 52.77 5.97 13.09
CA TYR O 12 51.81 6.36 12.05
C TYR O 12 52.50 7.13 10.95
N LYS O 13 53.48 7.96 11.31
CA LYS O 13 54.06 8.87 10.34
C LYS O 13 54.85 8.18 9.25
N LEU O 14 55.16 6.90 9.46
CA LEU O 14 55.85 6.13 8.44
C LEU O 14 54.94 5.89 7.25
N THR O 15 53.63 5.82 7.48
CA THR O 15 52.68 5.55 6.42
C THR O 15 51.86 6.78 6.04
N TYR O 16 51.55 7.63 7.02
CA TYR O 16 50.48 8.61 6.86
C TYR O 16 50.92 10.07 6.83
N TYR O 17 52.21 10.32 7.07
CA TYR O 17 52.76 11.65 6.92
C TYR O 17 53.45 11.75 5.56
N THR O 18 52.88 12.56 4.68
CA THR O 18 53.29 12.60 3.29
C THR O 18 53.51 14.04 2.83
N PRO O 19 54.56 14.69 3.35
CA PRO O 19 54.73 16.13 3.15
C PRO O 19 54.96 16.50 1.68
N ASP O 20 55.24 15.50 0.85
CA ASP O 20 55.47 15.74 -0.56
C ASP O 20 54.22 15.47 -1.41
N TYR O 21 53.10 15.21 -0.75
CA TYR O 21 51.85 14.93 -1.46
C TYR O 21 51.21 16.23 -1.95
N THR O 22 50.79 16.22 -3.21
CA THR O 22 50.02 17.32 -3.76
C THR O 22 48.57 16.87 -3.97
N PRO O 23 47.63 17.51 -3.26
CA PRO O 23 46.22 17.11 -3.28
C PRO O 23 45.61 17.16 -4.67
N LYS O 24 44.81 16.16 -4.99
CA LYS O 24 44.04 16.15 -6.21
C LYS O 24 42.76 16.96 -6.02
N ASP O 25 42.13 17.33 -7.12
CA ASP O 25 40.91 18.13 -7.06
C ASP O 25 39.72 17.30 -6.63
N THR O 26 39.88 15.99 -6.63
CA THR O 26 38.85 15.09 -6.13
C THR O 26 39.05 14.73 -4.67
N ASP O 27 40.19 15.12 -4.09
CA ASP O 27 40.45 14.88 -2.68
C ASP O 27 39.57 15.77 -1.81
N LEU O 28 39.12 15.22 -0.68
CA LEU O 28 38.47 15.98 0.37
C LEU O 28 39.63 16.43 1.29
N LEU O 29 39.73 17.72 1.55
CA LEU O 29 40.81 18.24 2.38
C LEU O 29 40.24 18.68 3.72
N ALA O 30 40.99 18.47 4.80
CA ALA O 30 40.56 18.91 6.12
C ALA O 30 41.69 19.68 6.81
N ALA O 31 41.33 20.77 7.49
CA ALA O 31 42.30 21.53 8.28
C ALA O 31 41.97 21.35 9.75
N PHE O 32 42.89 20.74 10.48
CA PHE O 32 42.73 20.53 11.92
C PHE O 32 43.69 21.43 12.66
N ARG O 33 43.26 21.93 13.81
CA ARG O 33 44.13 22.65 14.74
C ARG O 33 44.32 21.72 15.95
N PHE O 34 45.56 21.38 16.28
CA PHE O 34 45.79 20.42 17.36
C PHE O 34 46.95 20.79 18.28
N SER O 35 46.88 20.28 19.51
CA SER O 35 48.01 20.33 20.43
C SER O 35 48.34 18.90 20.82
N PRO O 36 49.56 18.44 20.50
CA PRO O 36 50.00 17.11 20.92
C PRO O 36 50.34 17.06 22.41
N GLN O 37 50.19 15.88 23.01
CA GLN O 37 50.66 15.65 24.36
C GLN O 37 52.17 15.84 24.38
N PRO O 38 52.72 16.30 25.52
CA PRO O 38 54.18 16.36 25.69
C PRO O 38 54.85 15.04 25.30
N GLY O 39 55.82 15.14 24.40
CA GLY O 39 56.56 13.96 23.99
C GLY O 39 56.07 13.37 22.68
N VAL O 40 54.92 13.83 22.20
CA VAL O 40 54.41 13.38 20.92
C VAL O 40 54.74 14.44 19.88
N PRO O 41 55.61 14.11 18.93
CA PRO O 41 55.96 15.05 17.86
C PRO O 41 54.77 15.39 16.96
N ALA O 42 54.77 16.62 16.44
CA ALA O 42 53.66 17.14 15.66
C ALA O 42 53.36 16.30 14.42
N ASP O 43 54.40 15.81 13.75
CA ASP O 43 54.19 15.04 12.54
C ASP O 43 53.62 13.65 12.82
N GLU O 44 53.94 13.09 13.98
CA GLU O 44 53.35 11.82 14.38
C GLU O 44 51.90 12.01 14.78
N ALA O 45 51.62 13.12 15.48
CA ALA O 45 50.27 13.46 15.88
C ALA O 45 49.38 13.73 14.65
N GLY O 46 49.93 14.46 13.69
CA GLY O 46 49.22 14.72 12.44
C GLY O 46 48.96 13.45 11.65
N ALA O 47 49.96 12.56 11.64
CA ALA O 47 49.83 11.27 10.96
C ALA O 47 48.81 10.38 11.65
N ALA O 48 48.75 10.43 12.98
CA ALA O 48 47.78 9.64 13.74
C ALA O 48 46.35 10.07 13.42
N ILE O 49 46.16 11.38 13.28
CA ILE O 49 44.86 11.93 12.90
C ILE O 49 44.46 11.45 11.50
N ALA O 50 45.39 11.54 10.55
CA ALA O 50 45.15 11.05 9.20
C ALA O 50 44.86 9.55 9.17
N ALA O 51 45.60 8.79 9.97
CA ALA O 51 45.48 7.33 9.99
C ALA O 51 44.12 6.90 10.50
N GLU O 52 43.76 7.38 11.69
CA GLU O 52 42.60 6.88 12.38
C GLU O 52 41.29 7.54 11.93
N SER O 53 41.37 8.41 10.93
CA SER O 53 40.18 8.94 10.28
C SER O 53 40.04 8.42 8.87
N SER O 54 40.89 7.47 8.48
CA SER O 54 40.80 6.89 7.14
C SER O 54 40.91 5.37 7.13
N THR O 55 42.12 4.82 7.28
CA THR O 55 42.34 3.40 7.02
C THR O 55 43.07 2.68 8.15
N GLY O 56 43.65 3.43 9.08
CA GLY O 56 44.63 2.86 9.99
C GLY O 56 44.15 2.54 11.40
N THR O 57 44.90 1.67 12.07
CA THR O 57 44.73 1.45 13.50
C THR O 57 46.11 1.36 14.17
N TRP O 58 46.13 0.93 15.43
CA TRP O 58 47.28 1.13 16.32
C TRP O 58 48.43 0.15 16.09
N THR O 59 48.15 -0.94 15.38
CA THR O 59 49.16 -1.94 15.09
C THR O 59 48.99 -2.40 13.64
N THR O 60 50.05 -2.99 13.10
CA THR O 60 50.07 -3.44 11.72
C THR O 60 49.22 -4.70 11.51
N VAL O 61 48.34 -4.65 10.52
CA VAL O 61 47.44 -5.77 10.20
C VAL O 61 47.77 -6.25 8.80
N TRP O 62 47.64 -7.56 8.58
CA TRP O 62 48.04 -8.17 7.30
C TRP O 62 47.09 -7.85 6.17
N THR O 63 45.86 -7.50 6.52
CA THR O 63 44.79 -7.29 5.55
C THR O 63 45.04 -6.09 4.64
N ASP O 64 45.89 -5.16 5.09
CA ASP O 64 46.32 -4.04 4.27
C ASP O 64 46.81 -4.51 2.90
N LEU O 65 47.48 -5.66 2.90
CA LEU O 65 48.17 -6.14 1.73
C LEU O 65 47.23 -6.82 0.73
N LEU O 66 45.96 -6.96 1.11
CA LEU O 66 44.92 -7.44 0.19
C LEU O 66 44.43 -6.33 -0.74
N THR O 67 44.72 -5.09 -0.38
CA THR O 67 44.24 -3.96 -1.15
C THR O 67 45.39 -2.98 -1.39
N ASP O 68 45.07 -1.83 -1.96
CA ASP O 68 46.07 -0.86 -2.37
C ASP O 68 46.02 0.32 -1.41
N MET O 69 46.78 0.24 -0.33
CA MET O 69 46.72 1.23 0.74
C MET O 69 47.06 2.64 0.28
N ASP O 70 47.95 2.75 -0.70
CA ASP O 70 48.31 4.04 -1.24
C ASP O 70 47.12 4.76 -1.85
N ARG O 71 46.21 4.00 -2.42
CA ARG O 71 45.01 4.57 -3.03
C ARG O 71 44.01 5.06 -2.00
N TYR O 72 44.00 4.46 -0.82
CA TYR O 72 42.92 4.69 0.13
C TYR O 72 43.27 5.50 1.35
N LYS O 73 44.55 5.56 1.72
CA LYS O 73 44.94 6.16 2.99
C LYS O 73 44.79 7.68 3.02
N GLY O 74 44.41 8.21 4.19
CA GLY O 74 44.45 9.64 4.42
C GLY O 74 45.90 10.08 4.48
N LYS O 75 46.16 11.30 4.04
CA LYS O 75 47.53 11.75 3.87
C LYS O 75 47.73 13.11 4.50
N CYS O 76 48.41 13.14 5.64
CA CYS O 76 48.77 14.41 6.26
C CYS O 76 49.91 15.01 5.44
N TYR O 77 49.60 16.01 4.63
CA TYR O 77 50.55 16.50 3.65
C TYR O 77 51.16 17.83 4.04
N HIS O 78 50.67 18.43 5.12
CA HIS O 78 51.23 19.69 5.59
C HIS O 78 50.93 19.94 7.05
N ILE O 79 51.94 20.38 7.78
CA ILE O 79 51.77 20.80 9.16
C ILE O 79 52.43 22.17 9.31
N GLU O 80 51.79 23.08 10.03
CA GLU O 80 52.37 24.37 10.30
C GLU O 80 52.02 24.81 11.71
N PRO O 81 52.99 25.36 12.44
CA PRO O 81 52.71 25.91 13.77
C PRO O 81 51.77 27.10 13.71
N VAL O 82 50.88 27.18 14.68
CA VAL O 82 50.01 28.34 14.82
C VAL O 82 50.83 29.50 15.36
N ALA O 83 50.92 30.55 14.56
CA ALA O 83 51.76 31.69 14.89
C ALA O 83 51.38 32.30 16.22
N GLY O 84 52.36 32.38 17.12
CA GLY O 84 52.18 33.08 18.37
C GLY O 84 51.64 32.21 19.49
N GLU O 85 51.46 30.92 19.22
CA GLU O 85 50.86 30.03 20.21
C GLU O 85 51.72 28.80 20.43
N GLU O 86 51.99 28.51 21.69
CA GLU O 86 52.85 27.38 22.04
C GLU O 86 52.12 26.04 21.84
N ASN O 87 52.80 25.09 21.21
CA ASN O 87 52.31 23.72 21.08
C ASN O 87 50.95 23.62 20.40
N SER O 88 50.75 24.43 19.35
CA SER O 88 49.52 24.39 18.58
C SER O 88 49.91 24.39 17.11
N TYR O 89 49.30 23.48 16.34
CA TYR O 89 49.64 23.33 14.92
C TYR O 89 48.38 23.19 14.08
N PHE O 90 48.50 23.51 12.80
CA PHE O 90 47.52 23.13 11.80
C PHE O 90 48.04 21.92 11.03
N ALA O 91 47.22 20.89 10.93
CA ALA O 91 47.50 19.76 10.04
C ALA O 91 46.51 19.80 8.89
N PHE O 92 47.02 19.68 7.67
CA PHE O 92 46.17 19.60 6.49
C PHE O 92 46.24 18.17 5.98
N ILE O 93 45.08 17.55 5.82
CA ILE O 93 44.99 16.13 5.50
C ILE O 93 44.11 15.94 4.28
N ALA O 94 44.60 15.13 3.33
CA ALA O 94 43.85 14.83 2.11
C ALA O 94 43.23 13.43 2.20
N TYR O 95 41.96 13.31 1.85
CA TYR O 95 41.25 12.05 1.85
C TYR O 95 40.77 11.76 0.44
N PRO O 96 41.06 10.56 -0.09
CA PRO O 96 40.56 10.19 -1.42
C PRO O 96 39.03 10.22 -1.51
N LEU O 97 38.54 10.57 -2.69
CA LEU O 97 37.11 10.60 -2.97
C LEU O 97 36.42 9.28 -2.66
N ASP O 98 37.17 8.18 -2.81
CA ASP O 98 36.63 6.84 -2.69
C ASP O 98 36.19 6.48 -1.27
N LEU O 99 36.66 7.25 -0.29
CA LEU O 99 36.40 6.93 1.10
C LEU O 99 34.98 7.23 1.57
N PHE O 100 34.23 7.98 0.75
CA PHE O 100 32.99 8.59 1.22
C PHE O 100 31.75 8.06 0.52
N GLU O 101 30.69 7.84 1.29
CA GLU O 101 29.41 7.50 0.68
C GLU O 101 28.82 8.74 0.03
N GLU O 102 28.40 8.57 -1.21
CA GLU O 102 27.80 9.64 -1.98
C GLU O 102 26.56 10.17 -1.28
N GLY O 103 26.45 11.49 -1.16
CA GLY O 103 25.24 12.10 -0.64
C GLY O 103 25.05 11.94 0.85
N SER O 104 26.10 11.57 1.57
CA SER O 104 26.01 11.32 3.00
C SER O 104 26.95 12.21 3.83
N VAL O 105 26.38 13.25 4.42
CA VAL O 105 27.10 14.07 5.38
C VAL O 105 27.43 13.25 6.64
N THR O 106 26.51 12.36 7.01
CA THR O 106 26.68 11.46 8.15
C THR O 106 27.98 10.65 8.01
N ASN O 107 28.22 10.08 6.84
CA ASN O 107 29.41 9.28 6.59
C ASN O 107 30.68 10.12 6.61
N ILE O 108 30.63 11.28 5.96
CA ILE O 108 31.78 12.18 5.92
C ILE O 108 32.23 12.55 7.32
N LEU O 109 31.30 12.95 8.17
CA LEU O 109 31.61 13.32 9.54
C LEU O 109 32.12 12.12 10.36
N THR O 110 31.55 10.95 10.11
CA THR O 110 31.97 9.74 10.82
C THR O 110 33.46 9.43 10.63
N SER O 111 33.97 9.66 9.43
CA SER O 111 35.39 9.51 9.18
C SER O 111 36.19 10.65 9.78
N ILE O 112 35.88 11.88 9.40
CA ILE O 112 36.71 13.03 9.73
C ILE O 112 36.73 13.34 11.22
N VAL O 113 35.59 13.19 11.89
CA VAL O 113 35.50 13.53 13.31
C VAL O 113 35.00 12.37 14.19
N GLY O 114 35.04 11.16 13.65
CA GLY O 114 34.51 10.01 14.37
C GLY O 114 35.24 9.62 15.65
N ASN O 115 36.54 9.36 15.55
CA ASN O 115 37.30 8.83 16.70
C ASN O 115 38.48 9.69 17.13
N VAL O 116 39.01 10.53 16.24
CA VAL O 116 40.31 11.14 16.46
C VAL O 116 40.37 12.21 17.56
N PHE O 117 39.22 12.77 17.92
CA PHE O 117 39.17 13.82 18.94
C PHE O 117 39.42 13.30 20.35
N GLY O 118 39.31 11.98 20.53
CA GLY O 118 39.48 11.40 21.85
C GLY O 118 40.82 10.69 22.05
N PHE O 119 41.67 10.78 21.03
CA PHE O 119 42.97 10.15 21.06
C PHE O 119 43.81 10.66 22.22
N LYS O 120 44.31 9.73 23.03
CA LYS O 120 45.13 10.07 24.20
C LYS O 120 46.33 10.96 23.87
N ALA O 121 46.96 10.69 22.74
CA ALA O 121 48.21 11.35 22.37
C ALA O 121 48.00 12.82 21.97
N ILE O 122 46.73 13.23 21.85
CA ILE O 122 46.36 14.59 21.44
C ILE O 122 45.63 15.24 22.61
N ARG O 123 46.01 16.47 22.95
CA ARG O 123 45.36 17.20 24.04
C ARG O 123 44.03 17.78 23.61
N SER O 124 44.02 18.38 22.43
CA SER O 124 42.85 19.06 21.93
C SER O 124 42.90 19.05 20.40
N LEU O 125 41.72 19.04 19.78
CA LEU O 125 41.63 18.95 18.34
C LEU O 125 40.40 19.74 17.92
N ARG O 126 40.55 20.57 16.90
CA ARG O 126 39.44 21.34 16.37
C ARG O 126 39.47 21.35 14.85
N LEU O 127 38.40 20.88 14.23
CA LEU O 127 38.27 20.90 12.78
C LEU O 127 37.86 22.31 12.33
N GLU O 128 38.71 22.93 11.52
CA GLU O 128 38.53 24.33 11.13
C GLU O 128 37.79 24.46 9.81
N ASP O 129 38.07 23.58 8.86
CA ASP O 129 37.53 23.69 7.52
C ASP O 129 37.65 22.36 6.79
N ILE O 130 36.76 22.13 5.83
CA ILE O 130 36.82 20.99 4.93
C ILE O 130 36.65 21.53 3.52
N ARG O 131 37.55 21.18 2.60
CA ARG O 131 37.23 21.42 1.21
C ARG O 131 36.48 20.24 0.61
N PHE O 132 35.22 20.45 0.29
CA PHE O 132 34.44 19.44 -0.38
C PHE O 132 34.71 19.52 -1.87
N PRO O 133 35.24 18.43 -2.46
CA PRO O 133 35.48 18.40 -3.89
C PRO O 133 34.18 18.50 -4.68
N VAL O 134 34.25 19.11 -5.85
CA VAL O 134 33.08 19.33 -6.68
C VAL O 134 32.39 18.01 -7.06
N ALA O 135 33.20 16.96 -7.25
CA ALA O 135 32.67 15.65 -7.62
C ALA O 135 31.84 15.05 -6.49
N LEU O 136 32.16 15.41 -5.26
CA LEU O 136 31.37 14.97 -4.12
C LEU O 136 30.15 15.88 -3.90
N VAL O 137 30.34 17.19 -4.10
CA VAL O 137 29.27 18.15 -3.94
C VAL O 137 28.09 17.78 -4.85
N LYS O 138 28.40 17.26 -6.03
CA LYS O 138 27.36 16.90 -6.99
C LYS O 138 26.55 15.66 -6.65
N THR O 139 26.97 14.92 -5.63
CA THR O 139 26.22 13.75 -5.18
C THR O 139 25.13 14.13 -4.18
N PHE O 140 25.09 15.39 -3.80
CA PHE O 140 24.11 15.92 -2.85
C PHE O 140 23.02 16.73 -3.55
N GLN O 141 21.83 16.75 -2.97
CA GLN O 141 20.74 17.60 -3.47
C GLN O 141 21.00 19.06 -3.10
N GLY O 142 21.40 19.29 -1.86
CA GLY O 142 21.58 20.65 -1.38
C GLY O 142 20.24 21.25 -0.99
N PRO O 143 20.15 22.59 -0.92
CA PRO O 143 18.91 23.27 -0.56
C PRO O 143 17.73 22.79 -1.42
N PRO O 144 16.57 22.53 -0.78
CA PRO O 144 15.37 22.20 -1.54
C PRO O 144 15.05 23.26 -2.62
N HIS O 145 15.29 24.53 -2.29
CA HIS O 145 14.99 25.65 -3.21
C HIS O 145 16.15 26.61 -3.33
N GLY O 146 16.60 27.17 -2.21
CA GLY O 146 17.69 28.12 -2.24
C GLY O 146 17.19 29.54 -2.43
N ILE O 147 18.10 30.50 -2.32
CA ILE O 147 17.74 31.91 -2.23
C ILE O 147 16.85 32.46 -3.35
N GLN O 148 17.26 32.30 -4.61
CA GLN O 148 16.53 32.93 -5.69
C GLN O 148 15.14 32.30 -5.92
N VAL O 149 15.05 30.99 -5.80
CA VAL O 149 13.77 30.32 -5.95
C VAL O 149 12.83 30.70 -4.81
N GLU O 150 13.37 30.86 -3.60
CA GLU O 150 12.57 31.29 -2.46
C GLU O 150 11.98 32.70 -2.65
N ARG O 151 12.79 33.66 -3.10
CA ARG O 151 12.30 35.02 -3.33
C ARG O 151 11.19 34.98 -4.37
N ASP O 152 11.36 34.15 -5.40
CA ASP O 152 10.38 34.01 -6.46
C ASP O 152 9.07 33.39 -6.00
N LEU O 153 9.16 32.41 -5.11
CA LEU O 153 7.97 31.77 -4.56
C LEU O 153 7.19 32.72 -3.65
N LEU O 154 7.90 33.57 -2.92
CA LEU O 154 7.27 34.40 -1.90
C LEU O 154 6.98 35.82 -2.39
N ASN O 155 7.45 36.17 -3.59
CA ASN O 155 7.28 37.50 -4.14
C ASN O 155 7.92 38.54 -3.23
N LYS O 156 9.08 38.21 -2.69
CA LYS O 156 9.79 39.05 -1.74
C LYS O 156 11.11 39.48 -2.38
N TYR O 157 11.18 40.74 -2.79
CA TYR O 157 12.37 41.27 -3.47
C TYR O 157 12.78 42.61 -2.88
N GLY O 158 14.08 42.88 -2.88
CA GLY O 158 14.54 44.23 -2.68
C GLY O 158 15.00 44.61 -1.29
N ARG O 159 14.88 43.68 -0.35
CA ARG O 159 15.36 43.95 1.00
C ARG O 159 15.42 42.65 1.83
N PRO O 160 16.10 42.70 3.00
CA PRO O 160 16.04 41.56 3.93
C PRO O 160 14.60 41.21 4.31
N MET O 161 14.36 39.94 4.59
CA MET O 161 13.07 39.53 5.12
C MET O 161 13.10 39.59 6.63
N LEU O 162 11.93 39.70 7.25
CA LEU O 162 11.83 39.91 8.69
C LEU O 162 11.06 38.77 9.33
N GLY O 163 11.60 38.27 10.44
CA GLY O 163 10.93 37.23 11.18
C GLY O 163 10.85 37.54 12.66
N CYS O 164 10.40 36.56 13.43
CA CYS O 164 10.12 36.77 14.84
C CYS O 164 9.80 35.44 15.50
N THR O 165 10.53 35.12 16.56
CA THR O 165 10.22 33.96 17.37
C THR O 165 9.17 34.34 18.42
N ILE O 166 8.11 33.55 18.51
CA ILE O 166 7.08 33.74 19.53
C ILE O 166 7.64 33.43 20.92
N LYS O 167 7.26 34.25 21.90
CA LYS O 167 7.67 34.07 23.30
C LYS O 167 6.43 34.15 24.18
N PRO O 168 6.48 33.58 25.40
CA PRO O 168 7.55 32.77 25.99
C PRO O 168 7.89 31.52 25.17
N LYS O 169 9.11 31.03 25.35
CA LYS O 169 9.60 29.87 24.58
C LYS O 169 8.60 28.73 24.66
N LEU O 170 8.17 28.44 25.88
CA LEU O 170 7.24 27.35 26.16
C LEU O 170 6.17 27.87 27.11
N GLY O 171 4.98 27.30 27.08
CA GLY O 171 3.95 27.68 28.04
C GLY O 171 2.64 28.16 27.45
N LEU O 172 2.68 28.65 26.22
CA LEU O 172 1.49 29.15 25.54
C LEU O 172 0.67 28.03 24.92
N SER O 173 -0.64 28.14 25.03
CA SER O 173 -1.54 27.20 24.37
C SER O 173 -1.51 27.45 22.86
N ALA O 174 -2.10 26.52 22.10
CA ALA O 174 -2.13 26.63 20.65
C ALA O 174 -2.85 27.89 20.17
N LYS O 175 -3.99 28.18 20.79
CA LYS O 175 -4.80 29.34 20.44
C LYS O 175 -4.07 30.64 20.74
N ASN O 176 -3.41 30.71 21.90
CA ASN O 176 -2.66 31.91 22.26
C ASN O 176 -1.43 32.05 21.38
N TYR O 177 -0.91 30.92 20.91
CA TYR O 177 0.21 30.94 19.97
C TYR O 177 -0.19 31.58 18.65
N GLY O 178 -1.31 31.12 18.09
CA GLY O 178 -1.80 31.69 16.85
C GLY O 178 -2.19 33.15 16.99
N ARG O 179 -2.69 33.53 18.17
CA ARG O 179 -3.01 34.93 18.47
C ARG O 179 -1.77 35.80 18.33
N ALA O 180 -0.69 35.41 18.99
CA ALA O 180 0.56 36.15 18.94
C ALA O 180 1.09 36.21 17.52
N VAL O 181 0.93 35.12 16.78
CA VAL O 181 1.37 35.04 15.39
C VAL O 181 0.59 36.01 14.51
N TYR O 182 -0.73 35.99 14.61
CA TYR O 182 -1.57 36.87 13.81
C TYR O 182 -1.18 38.33 14.03
N GLU O 183 -1.04 38.72 15.28
CA GLU O 183 -0.73 40.10 15.61
C GLU O 183 0.65 40.52 15.11
N CYS O 184 1.62 39.62 15.17
CA CYS O 184 2.95 39.90 14.62
C CYS O 184 2.91 40.07 13.10
N LEU O 185 2.29 39.12 12.41
CA LEU O 185 2.28 39.13 10.96
C LEU O 185 1.49 40.30 10.38
N ARG O 186 0.37 40.65 11.00
CA ARG O 186 -0.48 41.74 10.53
C ARG O 186 0.27 43.08 10.61
N GLY O 187 1.30 43.12 11.46
CA GLY O 187 2.03 44.35 11.69
C GLY O 187 3.16 44.61 10.73
N GLY O 188 3.50 43.65 9.87
CA GLY O 188 4.51 43.91 8.85
C GLY O 188 5.68 42.95 8.77
N LEU O 189 5.73 41.96 9.67
CA LEU O 189 6.76 40.93 9.58
C LEU O 189 6.40 39.92 8.50
N ASP O 190 7.41 39.40 7.81
CA ASP O 190 7.18 38.39 6.78
C ASP O 190 6.91 37.02 7.39
N PHE O 191 7.63 36.72 8.47
CA PHE O 191 7.57 35.40 9.08
C PHE O 191 7.44 35.52 10.58
N THR O 192 6.79 34.53 11.18
CA THR O 192 7.03 34.21 12.58
C THR O 192 7.55 32.76 12.65
N LYS O 193 7.92 32.30 13.84
CA LYS O 193 8.44 30.94 13.96
C LYS O 193 8.20 30.34 15.34
N ASP O 194 8.06 29.02 15.36
CA ASP O 194 8.14 28.23 16.59
C ASP O 194 9.51 28.43 17.21
N ASP O 195 9.57 28.44 18.53
CA ASP O 195 10.86 28.32 19.18
C ASP O 195 11.44 26.93 18.87
N GLU O 196 12.76 26.81 18.88
CA GLU O 196 13.41 25.56 18.52
C GLU O 196 12.95 24.39 19.40
N ASN O 197 12.59 24.68 20.65
CA ASN O 197 12.15 23.62 21.56
C ASN O 197 10.64 23.45 21.64
N ILE O 198 9.92 24.20 20.79
CA ILE O 198 8.48 23.96 20.61
C ILE O 198 8.32 22.82 19.62
N ASN O 199 7.94 21.65 20.13
CA ASN O 199 7.74 20.48 19.26
C ASN O 199 6.31 19.99 19.48
N SER O 200 6.10 19.16 20.49
CA SER O 200 4.76 18.79 20.91
C SER O 200 4.83 18.44 22.38
N GLN O 201 4.05 19.16 23.20
CA GLN O 201 4.21 19.10 24.65
C GLN O 201 2.83 19.17 25.28
N PRO O 202 2.72 18.84 26.58
CA PRO O 202 1.42 18.82 27.25
C PRO O 202 0.60 20.12 27.14
N PHE O 203 1.29 21.27 27.19
CA PHE O 203 0.63 22.58 27.15
C PHE O 203 0.22 22.98 25.74
N GLN O 204 0.78 22.31 24.74
CA GLN O 204 0.53 22.64 23.35
C GLN O 204 1.01 21.48 22.45
N ARG O 205 0.04 20.70 22.00
CA ARG O 205 0.25 19.58 21.08
C ARG O 205 0.46 20.17 19.67
N TRP O 206 1.25 19.50 18.85
CA TRP O 206 1.72 20.10 17.59
C TRP O 206 0.60 20.33 16.59
N ARG O 207 -0.33 19.39 16.51
CA ARG O 207 -1.34 19.44 15.45
C ARG O 207 -2.31 20.61 15.71
N ASP O 208 -2.57 20.90 16.99
CA ASP O 208 -3.36 22.05 17.36
C ASP O 208 -2.68 23.35 16.96
N ARG O 209 -1.38 23.48 17.25
CA ARG O 209 -0.63 24.67 16.86
C ARG O 209 -0.66 24.87 15.35
N PHE O 210 -0.45 23.79 14.59
CA PHE O 210 -0.43 23.89 13.13
C PHE O 210 -1.77 24.45 12.63
N LEU O 211 -2.85 23.98 13.25
CA LEU O 211 -4.20 24.38 12.89
C LEU O 211 -4.44 25.87 13.15
N PHE O 212 -4.15 26.31 14.37
CA PHE O 212 -4.39 27.69 14.77
C PHE O 212 -3.45 28.67 14.08
N VAL O 213 -2.20 28.26 13.88
CA VAL O 213 -1.24 29.09 13.16
C VAL O 213 -1.63 29.28 11.69
N ALA O 214 -2.17 28.24 11.05
CA ALA O 214 -2.60 28.38 9.66
C ALA O 214 -3.70 29.43 9.53
N ASP O 215 -4.61 29.47 10.50
CA ASP O 215 -5.68 30.44 10.54
C ASP O 215 -5.12 31.87 10.65
N ALA O 216 -4.12 32.03 11.51
CA ALA O 216 -3.47 33.32 11.74
C ALA O 216 -2.77 33.81 10.48
N ILE O 217 -2.17 32.90 9.73
CA ILE O 217 -1.47 33.26 8.51
C ILE O 217 -2.46 33.75 7.45
N HIS O 218 -3.59 33.07 7.34
CA HIS O 218 -4.58 33.44 6.35
C HIS O 218 -5.19 34.81 6.62
N LYS O 219 -5.49 35.08 7.89
CA LYS O 219 -6.12 36.33 8.29
C LYS O 219 -5.17 37.51 8.07
N SER O 220 -3.91 37.34 8.46
CA SER O 220 -2.92 38.41 8.35
C SER O 220 -2.52 38.65 6.89
N GLN O 221 -2.47 37.59 6.08
CA GLN O 221 -2.14 37.75 4.67
C GLN O 221 -3.27 38.47 3.96
N ALA O 222 -4.50 38.15 4.34
CA ALA O 222 -5.67 38.76 3.73
C ALA O 222 -5.71 40.26 4.05
N GLU O 223 -5.29 40.62 5.26
CA GLU O 223 -5.35 42.00 5.70
C GLU O 223 -4.26 42.89 5.11
N THR O 224 -3.09 42.30 4.87
CA THR O 224 -1.91 43.07 4.50
C THR O 224 -1.61 43.04 3.02
N GLY O 225 -2.09 42.00 2.32
CA GLY O 225 -1.80 41.87 0.91
C GLY O 225 -0.35 41.49 0.61
N GLU O 226 0.32 40.92 1.60
CA GLU O 226 1.68 40.40 1.44
C GLU O 226 1.71 38.92 1.87
N ILE O 227 2.54 38.12 1.20
CA ILE O 227 2.74 36.72 1.56
C ILE O 227 3.30 36.62 2.98
N LYS O 228 2.66 35.79 3.80
CA LYS O 228 3.09 35.57 5.18
C LYS O 228 3.49 34.10 5.36
N GLY O 229 4.38 33.84 6.31
CA GLY O 229 4.75 32.47 6.62
C GLY O 229 5.06 32.32 8.10
N HIS O 230 5.01 31.09 8.58
CA HIS O 230 5.40 30.77 9.95
C HIS O 230 6.14 29.44 9.92
N TYR O 231 7.37 29.41 10.39
CA TYR O 231 8.17 28.17 10.35
C TYR O 231 7.61 27.21 11.37
N LEU O 232 6.80 26.26 10.91
CA LEU O 232 6.27 25.24 11.79
C LEU O 232 7.31 24.16 12.05
N ASN O 233 7.64 23.98 13.32
CA ASN O 233 8.68 23.07 13.76
C ASN O 233 8.23 21.60 13.67
N VAL O 234 8.87 20.85 12.78
CA VAL O 234 8.55 19.43 12.60
C VAL O 234 9.55 18.52 13.31
N THR O 235 10.52 19.12 14.01
CA THR O 235 11.48 18.37 14.81
C THR O 235 10.76 17.42 15.77
N ALA O 236 11.10 16.13 15.70
CA ALA O 236 10.30 15.07 16.29
C ALA O 236 11.19 13.97 16.88
N PRO O 237 10.61 13.06 17.68
CA PRO O 237 11.40 11.97 18.27
C PRO O 237 11.93 10.95 17.27
N THR O 238 11.19 10.74 16.18
CA THR O 238 11.49 9.69 15.21
C THR O 238 11.29 10.24 13.80
N CYS O 239 11.84 9.54 12.81
CA CYS O 239 11.61 9.89 11.41
C CYS O 239 10.14 9.90 11.06
N GLU O 240 9.40 8.93 11.59
CA GLU O 240 7.99 8.76 11.26
C GLU O 240 7.17 9.95 11.73
N GLU O 241 7.43 10.41 12.95
CA GLU O 241 6.73 11.56 13.52
C GLU O 241 7.11 12.83 12.77
N MET O 242 8.40 12.99 12.47
CA MET O 242 8.87 14.12 11.70
C MET O 242 8.08 14.24 10.40
N MET O 243 7.93 13.12 9.70
CA MET O 243 7.26 13.11 8.41
C MET O 243 5.77 13.36 8.54
N LYS O 244 5.19 12.85 9.63
CA LYS O 244 3.77 13.02 9.88
C LYS O 244 3.46 14.51 10.05
N ARG O 245 4.37 15.21 10.72
CA ARG O 245 4.20 16.63 10.98
C ARG O 245 4.44 17.47 9.74
N ALA O 246 5.47 17.12 8.97
CA ALA O 246 5.74 17.77 7.69
C ALA O 246 4.56 17.64 6.75
N GLU O 247 3.94 16.47 6.78
CA GLU O 247 2.82 16.15 5.90
C GLU O 247 1.60 17.03 6.18
N PHE O 248 1.31 17.26 7.45
CA PHE O 248 0.15 18.05 7.80
C PHE O 248 0.36 19.52 7.43
N ALA O 249 1.59 20.01 7.58
CA ALA O 249 1.93 21.36 7.16
C ALA O 249 1.66 21.53 5.68
N LYS O 250 2.00 20.52 4.89
CA LYS O 250 1.72 20.56 3.47
C LYS O 250 0.23 20.54 3.20
N GLU O 251 -0.49 19.71 3.96
CA GLU O 251 -1.92 19.59 3.83
C GLU O 251 -2.60 20.93 4.09
N LEU O 252 -2.04 21.71 5.02
CA LEU O 252 -2.59 23.02 5.37
C LEU O 252 -2.16 24.08 4.37
N GLY O 253 -1.30 23.70 3.43
CA GLY O 253 -0.83 24.64 2.43
C GLY O 253 0.17 25.61 3.01
N MET O 254 0.92 25.19 4.01
CA MET O 254 1.91 26.03 4.66
C MET O 254 3.17 26.13 3.83
N PRO O 255 3.69 27.36 3.64
CA PRO O 255 4.81 27.51 2.72
C PRO O 255 6.18 27.10 3.26
N ILE O 256 6.29 26.99 4.58
CA ILE O 256 7.59 26.85 5.22
C ILE O 256 7.50 26.13 6.56
N ILE O 257 8.46 25.24 6.81
CA ILE O 257 8.59 24.54 8.09
C ILE O 257 10.02 24.72 8.59
N MET O 258 10.28 24.30 9.83
CA MET O 258 11.63 24.37 10.36
C MET O 258 12.07 23.05 10.99
N HIS O 259 13.39 22.89 11.13
CA HIS O 259 13.96 21.66 11.63
C HIS O 259 15.24 21.97 12.37
N ASP O 260 15.42 21.37 13.53
CA ASP O 260 16.65 21.51 14.28
C ASP O 260 17.64 20.42 13.82
N PHE O 261 18.51 20.76 12.88
CA PHE O 261 19.28 19.74 12.17
C PHE O 261 20.27 18.97 13.03
N LEU O 262 20.79 19.61 14.08
CA LEU O 262 21.80 18.98 14.93
C LEU O 262 21.21 18.12 16.04
N THR O 263 20.12 18.56 16.66
CA THR O 263 19.53 17.78 17.75
C THR O 263 18.69 16.63 17.20
N ALA O 264 18.17 16.80 15.99
CA ALA O 264 17.49 15.72 15.29
C ALA O 264 18.51 14.85 14.56
N GLY O 265 19.45 15.50 13.89
CA GLY O 265 20.53 14.77 13.23
C GLY O 265 20.49 14.88 11.72
N PHE O 266 21.63 14.62 11.10
CA PHE O 266 21.79 14.80 9.66
C PHE O 266 21.03 13.78 8.83
N THR O 267 20.84 12.58 9.37
CA THR O 267 20.11 11.53 8.67
C THR O 267 18.63 11.90 8.53
N ALA O 268 18.03 12.38 9.61
CA ALA O 268 16.66 12.86 9.58
C ALA O 268 16.57 14.14 8.74
N ASN O 269 17.53 15.04 8.88
CA ASN O 269 17.53 16.27 8.12
C ASN O 269 17.60 16.03 6.62
N THR O 270 18.46 15.12 6.18
CA THR O 270 18.59 14.82 4.77
C THR O 270 17.31 14.22 4.20
N THR O 271 16.64 13.39 5.00
CA THR O 271 15.31 12.90 4.64
C THR O 271 14.33 14.05 4.42
N LEU O 272 14.33 15.00 5.35
CA LEU O 272 13.40 16.13 5.32
C LEU O 272 13.67 17.07 4.15
N ALA O 273 14.95 17.33 3.88
CA ALA O 273 15.34 18.19 2.77
C ALA O 273 14.90 17.60 1.43
N LYS O 274 14.95 16.28 1.28
CA LYS O 274 14.51 15.66 0.04
C LYS O 274 12.99 15.76 -0.10
N TRP O 275 12.28 15.52 1.00
CA TRP O 275 10.84 15.63 1.02
C TRP O 275 10.40 17.06 0.67
N CYS O 276 11.08 18.05 1.23
CA CYS O 276 10.77 19.45 0.97
C CYS O 276 10.90 19.78 -0.51
N ARG O 277 11.92 19.24 -1.16
CA ARG O 277 12.08 19.44 -2.59
C ARG O 277 10.93 18.82 -3.37
N ASP O 278 10.52 17.62 -2.96
CA ASP O 278 9.48 16.92 -3.70
C ASP O 278 8.11 17.49 -3.45
N ASN O 279 7.97 18.28 -2.39
CA ASN O 279 6.67 18.76 -1.96
C ASN O 279 6.57 20.28 -1.93
N GLY O 280 7.63 20.94 -2.35
CA GLY O 280 7.60 22.38 -2.55
C GLY O 280 7.41 23.18 -1.28
N VAL O 281 7.93 22.66 -0.16
CA VAL O 281 7.88 23.36 1.12
C VAL O 281 9.28 23.87 1.45
N LEU O 282 9.36 25.13 1.86
CA LEU O 282 10.64 25.74 2.20
C LEU O 282 11.10 25.22 3.56
N LEU O 283 12.40 25.16 3.77
CA LEU O 283 12.94 24.54 4.97
C LEU O 283 13.86 25.50 5.71
N HIS O 284 13.42 25.97 6.86
CA HIS O 284 14.23 26.81 7.72
C HIS O 284 15.00 25.93 8.70
N ILE O 285 16.31 26.13 8.81
CA ILE O 285 17.12 25.31 9.69
C ILE O 285 17.61 26.06 10.93
N HIS O 286 17.25 25.54 12.10
CA HIS O 286 17.73 26.05 13.37
C HIS O 286 18.99 25.25 13.80
N ARG O 287 20.02 25.97 14.26
CA ARG O 287 21.31 25.36 14.62
C ARG O 287 21.44 25.00 16.11
N ALA O 288 20.32 24.74 16.78
CA ALA O 288 20.34 24.35 18.20
C ALA O 288 21.41 23.30 18.47
N MET O 289 22.24 23.58 19.47
CA MET O 289 23.32 22.72 19.98
C MET O 289 24.68 23.00 19.37
N HIS O 290 24.72 23.85 18.34
CA HIS O 290 25.97 24.07 17.62
C HIS O 290 27.08 24.61 18.52
N ALA O 291 26.72 25.43 19.50
CA ALA O 291 27.71 26.09 20.34
C ALA O 291 28.35 25.13 21.34
N VAL O 292 27.70 23.99 21.59
CA VAL O 292 28.30 22.90 22.36
C VAL O 292 29.56 22.45 21.62
N ILE O 293 29.53 22.60 20.31
CA ILE O 293 30.54 22.03 19.41
C ILE O 293 31.52 23.11 18.95
N ASP O 294 31.03 24.31 18.67
CA ASP O 294 31.82 25.26 17.89
C ASP O 294 32.34 26.51 18.58
N ARG O 295 32.10 26.64 19.88
CA ARG O 295 32.40 27.89 20.57
C ARG O 295 33.87 28.12 20.86
N GLN O 296 34.53 27.12 21.44
CA GLN O 296 35.92 27.27 21.88
C GLN O 296 36.85 26.95 20.72
N ARG O 297 37.91 27.75 20.58
CA ARG O 297 38.79 27.55 19.44
C ARG O 297 39.89 26.51 19.59
N ASN O 298 39.99 25.88 20.76
CA ASN O 298 41.00 24.84 20.95
C ASN O 298 40.48 23.45 20.65
N HIS O 299 39.16 23.27 20.72
CA HIS O 299 38.58 21.94 20.57
C HIS O 299 37.14 22.02 20.04
N GLY O 300 36.85 21.19 19.05
CA GLY O 300 35.51 21.08 18.53
C GLY O 300 35.52 21.17 17.03
N ILE O 301 34.41 21.66 16.46
CA ILE O 301 34.31 21.88 15.02
C ILE O 301 33.84 23.32 14.83
N HIS O 302 34.52 24.07 13.98
CA HIS O 302 34.08 25.42 13.72
C HIS O 302 32.75 25.44 12.96
N PHE O 303 31.92 26.45 13.24
CA PHE O 303 30.59 26.54 12.63
C PHE O 303 30.62 26.52 11.12
N ARG O 304 31.67 27.05 10.53
CA ARG O 304 31.73 27.14 9.08
C ARG O 304 31.77 25.77 8.41
N VAL O 305 32.22 24.75 9.15
CA VAL O 305 32.14 23.38 8.67
C VAL O 305 30.70 22.88 8.76
N LEU O 306 30.03 23.22 9.85
CA LEU O 306 28.64 22.83 10.06
C LEU O 306 27.72 23.49 9.03
N ALA O 307 28.02 24.74 8.68
CA ALA O 307 27.30 25.48 7.67
C ALA O 307 27.45 24.82 6.30
N LYS O 308 28.68 24.44 5.96
CA LYS O 308 28.93 23.72 4.71
C LYS O 308 28.17 22.39 4.67
N CYS O 309 28.22 21.64 5.77
CA CYS O 309 27.52 20.38 5.86
C CYS O 309 26.01 20.54 5.69
N LEU O 310 25.45 21.60 6.28
CA LEU O 310 24.02 21.87 6.18
C LEU O 310 23.62 22.23 4.75
N ARG O 311 24.43 23.02 4.06
CA ARG O 311 24.11 23.36 2.68
C ARG O 311 24.08 22.09 1.82
N LEU O 312 24.93 21.11 2.15
CA LEU O 312 24.95 19.84 1.43
C LEU O 312 23.73 18.99 1.78
N SER O 313 23.47 18.81 3.08
CA SER O 313 22.33 18.03 3.55
C SER O 313 21.01 18.63 3.05
N GLY O 314 20.87 19.95 3.19
CA GLY O 314 19.72 20.63 2.64
C GLY O 314 19.07 21.55 3.64
N GLY O 315 18.96 22.82 3.28
CA GLY O 315 18.21 23.78 4.06
C GLY O 315 18.09 25.05 3.25
N ASP O 316 16.95 25.71 3.33
CA ASP O 316 16.76 26.97 2.62
C ASP O 316 17.23 28.18 3.43
N HIS O 317 17.00 28.15 4.74
CA HIS O 317 17.56 29.15 5.66
C HIS O 317 18.53 28.42 6.61
N LEU O 318 19.48 29.15 7.16
CA LEU O 318 20.29 28.68 8.28
C LEU O 318 20.70 29.87 9.15
N HIS O 319 20.47 29.77 10.45
CA HIS O 319 20.91 30.82 11.38
C HIS O 319 22.42 31.01 11.28
N SER O 320 22.86 32.27 11.26
CA SER O 320 24.26 32.60 11.01
C SER O 320 24.88 33.40 12.16
N GLY O 321 24.05 33.73 13.14
CA GLY O 321 24.45 34.70 14.16
C GLY O 321 24.18 36.14 13.77
N THR O 322 24.39 37.05 14.71
CA THR O 322 24.10 38.48 14.55
C THR O 322 25.37 39.33 14.63
N VAL O 323 26.40 38.79 15.27
CA VAL O 323 27.58 39.55 15.71
C VAL O 323 27.28 40.50 16.89
N VAL O 324 26.21 41.27 16.79
CA VAL O 324 25.90 42.32 17.73
C VAL O 324 24.89 41.96 18.83
N GLY O 325 24.27 40.79 18.71
CA GLY O 325 23.19 40.42 19.62
C GLY O 325 23.63 39.69 20.88
N LYS O 326 22.73 38.90 21.47
CA LYS O 326 22.99 38.29 22.77
C LYS O 326 23.88 37.04 22.72
N LEU O 327 24.05 36.48 21.53
CA LEU O 327 24.87 35.27 21.36
C LEU O 327 26.11 35.58 20.53
N GLU O 328 27.17 34.79 20.76
CA GLU O 328 28.46 35.07 20.19
C GLU O 328 28.58 34.85 18.69
N GLY O 329 29.29 35.77 18.04
CA GLY O 329 29.60 35.66 16.64
C GLY O 329 30.70 36.63 16.28
N ASP O 330 31.84 36.09 15.86
CA ASP O 330 32.97 36.88 15.41
C ASP O 330 32.65 37.42 14.02
N LYS O 331 32.86 38.71 13.82
CA LYS O 331 32.46 39.36 12.58
C LYS O 331 33.22 38.83 11.35
N ALA O 332 34.54 38.77 11.45
CA ALA O 332 35.37 38.34 10.33
C ALA O 332 35.02 36.91 9.93
N SER O 333 34.90 36.06 10.94
CA SER O 333 34.49 34.67 10.76
C SER O 333 33.12 34.61 10.08
N THR O 334 32.18 35.41 10.57
CA THR O 334 30.81 35.42 10.09
C THR O 334 30.71 35.82 8.64
N LEU O 335 31.45 36.86 8.26
CA LEU O 335 31.46 37.29 6.88
C LEU O 335 32.00 36.17 5.99
N GLY O 336 32.94 35.40 6.53
CA GLY O 336 33.49 34.26 5.83
C GLY O 336 32.48 33.16 5.56
N PHE O 337 31.80 32.66 6.60
CA PHE O 337 30.90 31.55 6.37
C PHE O 337 29.54 31.95 5.81
N VAL O 338 29.20 33.24 5.88
CA VAL O 338 28.06 33.75 5.14
C VAL O 338 28.35 33.65 3.64
N ASP O 339 29.57 33.95 3.23
CA ASP O 339 29.96 33.75 1.85
C ASP O 339 29.93 32.27 1.48
N LEU O 340 30.38 31.41 2.39
CA LEU O 340 30.40 29.98 2.15
C LEU O 340 29.01 29.40 1.96
N MET O 341 28.02 29.97 2.63
CA MET O 341 26.66 29.44 2.50
C MET O 341 25.83 30.10 1.41
N ARG O 342 26.31 31.19 0.85
CA ARG O 342 25.56 31.93 -0.17
C ARG O 342 26.12 31.80 -1.59
N GLU O 343 27.43 31.92 -1.69
CA GLU O 343 28.09 32.08 -2.97
C GLU O 343 28.43 30.75 -3.63
N ASP O 344 28.87 30.82 -4.88
CA ASP O 344 29.19 29.63 -5.66
C ASP O 344 30.67 29.28 -5.61
N HIS O 345 31.48 30.31 -5.37
CA HIS O 345 32.92 30.15 -5.38
C HIS O 345 33.49 31.09 -4.33
N ILE O 346 34.21 30.55 -3.36
CA ILE O 346 34.76 31.34 -2.27
C ILE O 346 36.25 31.06 -2.19
N GLU O 347 37.04 32.09 -2.45
CA GLU O 347 38.49 32.00 -2.38
C GLU O 347 38.96 31.82 -0.95
N ALA O 348 40.02 31.03 -0.79
CA ALA O 348 40.69 30.90 0.50
C ALA O 348 41.07 32.29 1.01
N ASP O 349 40.85 32.50 2.31
CA ASP O 349 41.16 33.76 2.94
C ASP O 349 41.23 33.54 4.44
N ARG O 350 42.44 33.39 4.95
CA ARG O 350 42.63 33.03 6.34
C ARG O 350 42.20 34.14 7.28
N SER O 351 42.12 35.37 6.79
CA SER O 351 41.72 36.50 7.63
C SER O 351 40.23 36.45 7.96
N ARG O 352 39.50 35.65 7.20
CA ARG O 352 38.08 35.45 7.46
C ARG O 352 37.82 33.98 7.81
N GLY O 353 38.91 33.25 8.07
CA GLY O 353 38.81 31.87 8.51
C GLY O 353 38.55 30.85 7.43
N VAL O 354 38.65 31.25 6.17
CA VAL O 354 38.41 30.34 5.06
C VAL O 354 39.74 29.72 4.65
N PHE O 355 39.98 28.48 5.09
CA PHE O 355 41.26 27.83 4.85
C PHE O 355 41.43 27.35 3.42
N PHE O 356 40.33 26.93 2.81
CA PHE O 356 40.35 26.35 1.47
C PHE O 356 39.41 27.13 0.56
N THR O 357 39.77 27.21 -0.72
CA THR O 357 38.84 27.67 -1.75
C THR O 357 37.74 26.61 -1.94
N GLN O 358 36.49 27.07 -1.91
CA GLN O 358 35.35 26.17 -2.01
C GLN O 358 34.51 26.51 -3.23
N ASP O 359 34.25 25.51 -4.05
CA ASP O 359 33.32 25.63 -5.16
C ASP O 359 32.09 24.80 -4.86
N TRP O 360 30.95 25.26 -5.39
CA TRP O 360 29.67 24.63 -5.10
C TRP O 360 28.96 24.10 -6.34
N ALA O 361 29.56 24.30 -7.50
CA ALA O 361 29.03 23.77 -8.77
C ALA O 361 27.54 24.04 -8.97
N SER O 362 27.14 25.27 -8.65
CA SER O 362 25.78 25.79 -8.86
C SER O 362 24.75 25.22 -7.91
N MET O 363 25.20 24.63 -6.81
CA MET O 363 24.29 24.29 -5.73
C MET O 363 23.77 25.59 -5.13
N PRO O 364 22.43 25.72 -4.99
CA PRO O 364 21.79 26.92 -4.49
C PRO O 364 22.37 27.37 -3.16
N GLY O 365 22.31 28.68 -2.92
CA GLY O 365 22.75 29.21 -1.64
C GLY O 365 21.67 29.08 -0.58
N VAL O 366 22.09 29.31 0.66
CA VAL O 366 21.23 29.23 1.82
C VAL O 366 21.11 30.65 2.38
N LEU O 367 19.90 31.06 2.72
CA LEU O 367 19.68 32.36 3.35
C LEU O 367 20.19 32.35 4.78
N PRO O 368 21.14 33.25 5.11
CA PRO O 368 21.55 33.46 6.50
C PRO O 368 20.45 34.15 7.31
N VAL O 369 20.26 33.68 8.54
CA VAL O 369 19.24 34.23 9.42
C VAL O 369 19.89 34.81 10.67
N ALA O 370 19.79 36.13 10.83
CA ALA O 370 20.35 36.79 12.00
C ALA O 370 19.27 36.92 13.06
N SER O 371 19.51 36.32 14.22
CA SER O 371 18.50 36.19 15.26
C SER O 371 19.19 36.14 16.62
N GLY O 372 18.58 36.78 17.60
CA GLY O 372 18.99 36.63 18.99
C GLY O 372 19.46 37.92 19.65
N GLY O 373 18.59 38.50 20.46
CA GLY O 373 18.97 39.66 21.26
C GLY O 373 19.16 40.94 20.48
N ILE O 374 18.53 41.03 19.31
CA ILE O 374 18.62 42.22 18.48
C ILE O 374 17.33 43.04 18.50
N HIS O 375 17.48 44.35 18.35
CA HIS O 375 16.36 45.29 18.32
C HIS O 375 16.63 46.38 17.28
N VAL O 376 15.73 47.36 17.21
CA VAL O 376 15.74 48.36 16.13
C VAL O 376 17.06 49.10 15.95
N TRP O 377 17.75 49.40 17.04
CA TRP O 377 19.02 50.10 16.95
C TRP O 377 20.10 49.31 16.22
N HIS O 378 19.92 48.00 16.13
CA HIS O 378 20.87 47.13 15.44
C HIS O 378 20.67 47.13 13.93
N MET O 379 19.53 47.63 13.49
CA MET O 379 19.09 47.47 12.10
C MET O 379 20.12 47.94 11.07
N PRO O 380 20.70 49.14 11.26
CA PRO O 380 21.62 49.56 10.20
C PRO O 380 22.87 48.70 10.09
N ALA O 381 23.36 48.23 11.24
CA ALA O 381 24.51 47.31 11.27
C ALA O 381 24.18 45.98 10.62
N LEU O 382 23.00 45.44 10.93
CA LEU O 382 22.57 44.16 10.36
C LEU O 382 22.44 44.24 8.84
N VAL O 383 21.84 45.30 8.33
CA VAL O 383 21.68 45.48 6.88
C VAL O 383 23.06 45.66 6.25
N GLU O 384 23.92 46.36 6.94
CA GLU O 384 25.29 46.56 6.48
C GLU O 384 26.04 45.23 6.36
N ILE O 385 25.97 44.41 7.41
CA ILE O 385 26.71 43.15 7.47
C ILE O 385 26.17 42.11 6.50
N PHE O 386 24.87 41.90 6.52
CA PHE O 386 24.28 40.77 5.81
C PHE O 386 23.75 41.11 4.42
N GLY O 387 23.42 42.38 4.21
CA GLY O 387 22.86 42.77 2.93
C GLY O 387 21.42 42.29 2.75
N ASP O 388 20.94 42.33 1.52
CA ASP O 388 19.54 42.05 1.24
C ASP O 388 19.15 40.58 1.40
N ASP O 389 20.08 39.69 1.09
CA ASP O 389 19.77 38.26 1.11
C ASP O 389 20.01 37.68 2.48
N SER O 390 19.10 38.00 3.39
CA SER O 390 19.18 37.56 4.77
C SER O 390 17.78 37.66 5.36
N VAL O 391 17.57 37.00 6.48
CA VAL O 391 16.34 37.16 7.27
C VAL O 391 16.80 37.68 8.62
N LEU O 392 16.19 38.76 9.07
CA LEU O 392 16.51 39.34 10.37
C LEU O 392 15.34 39.07 11.29
N GLN O 393 15.61 38.48 12.45
CA GLN O 393 14.54 38.02 13.31
C GLN O 393 14.52 38.68 14.67
N PHE O 394 13.34 39.11 15.10
CA PHE O 394 13.18 39.86 16.34
C PHE O 394 12.07 39.20 17.16
N GLY O 395 12.46 38.41 18.15
CA GLY O 395 11.48 37.77 19.01
C GLY O 395 11.07 38.70 20.15
N GLY O 396 11.94 38.83 21.14
CA GLY O 396 11.74 39.82 22.17
C GLY O 396 11.67 41.24 21.62
N GLY O 397 12.36 41.47 20.50
CA GLY O 397 12.37 42.77 19.87
C GLY O 397 11.07 43.12 19.14
N THR O 398 10.12 42.20 19.11
CA THR O 398 8.78 42.50 18.60
C THR O 398 7.75 42.40 19.71
N LEU O 399 7.74 41.25 20.42
CA LEU O 399 6.74 41.00 21.45
C LEU O 399 7.02 41.80 22.72
N GLY O 400 8.21 42.39 22.81
CA GLY O 400 8.55 43.22 23.95
C GLY O 400 8.31 44.70 23.73
N HIS O 401 7.71 45.05 22.58
CA HIS O 401 7.32 46.42 22.31
C HIS O 401 6.26 46.83 23.33
N PRO O 402 6.31 48.08 23.81
CA PRO O 402 5.39 48.52 24.86
C PRO O 402 3.91 48.45 24.48
N TRP O 403 3.63 48.47 23.18
CA TRP O 403 2.25 48.47 22.71
C TRP O 403 1.81 47.13 22.16
N GLY O 404 2.70 46.14 22.17
CA GLY O 404 2.35 44.82 21.71
C GLY O 404 2.95 44.44 20.38
N ASN O 405 2.39 43.38 19.78
CA ASN O 405 3.01 42.68 18.66
C ASN O 405 2.92 43.44 17.34
N ALA O 406 1.72 43.86 16.97
CA ALA O 406 1.51 44.52 15.68
C ALA O 406 2.28 45.83 15.57
N PRO O 407 2.24 46.68 16.63
CA PRO O 407 3.11 47.85 16.58
C PRO O 407 4.60 47.52 16.65
N GLY O 408 4.93 46.47 17.40
CA GLY O 408 6.29 45.98 17.45
C GLY O 408 6.80 45.57 16.08
N ALA O 409 5.93 44.90 15.32
CA ALA O 409 6.25 44.47 13.97
C ALA O 409 6.44 45.65 13.03
N THR O 410 5.53 46.62 13.11
CA THR O 410 5.61 47.83 12.29
C THR O 410 6.89 48.63 12.59
N ALA O 411 7.27 48.71 13.86
CA ALA O 411 8.51 49.36 14.25
C ALA O 411 9.70 48.76 13.51
N ASN O 412 9.79 47.43 13.52
CA ASN O 412 10.88 46.73 12.84
C ASN O 412 10.82 46.86 11.33
N ARG O 413 9.63 46.74 10.76
CA ARG O 413 9.44 46.85 9.32
C ARG O 413 9.78 48.25 8.80
N VAL O 414 9.37 49.28 9.54
CA VAL O 414 9.70 50.66 9.18
C VAL O 414 11.20 50.90 9.29
N ALA O 415 11.79 50.47 10.40
CA ALA O 415 13.23 50.64 10.62
C ALA O 415 14.03 49.99 9.49
N LEU O 416 13.60 48.81 9.05
CA LEU O 416 14.28 48.10 7.97
C LEU O 416 14.18 48.85 6.65
N GLU O 417 12.96 49.23 6.27
CA GLU O 417 12.73 49.88 4.99
C GLU O 417 13.42 51.25 4.92
N ALA O 418 13.47 51.93 6.06
CA ALA O 418 14.17 53.21 6.15
C ALA O 418 15.67 53.01 5.89
N CYS O 419 16.23 51.93 6.43
CA CYS O 419 17.65 51.63 6.25
C CYS O 419 17.97 51.21 4.81
N VAL O 420 17.10 50.41 4.21
CA VAL O 420 17.30 49.97 2.83
C VAL O 420 17.22 51.15 1.87
N GLN O 421 16.22 52.01 2.08
CA GLN O 421 16.08 53.21 1.26
C GLN O 421 17.32 54.09 1.37
N ALA O 422 17.77 54.33 2.59
CA ALA O 422 18.93 55.19 2.85
C ALA O 422 20.20 54.61 2.21
N ARG O 423 20.41 53.32 2.40
CA ARG O 423 21.55 52.64 1.79
C ARG O 423 21.54 52.84 0.29
N ASN O 424 20.39 52.59 -0.33
CA ASN O 424 20.24 52.68 -1.78
C ASN O 424 20.49 54.10 -2.27
N GLU O 425 20.22 55.07 -1.41
CA GLU O 425 20.43 56.47 -1.75
C GLU O 425 21.88 56.90 -1.58
N GLY O 426 22.69 56.05 -0.95
CA GLY O 426 24.11 56.32 -0.86
C GLY O 426 24.54 56.76 0.52
N ARG O 427 23.59 56.73 1.46
CA ARG O 427 23.91 57.08 2.84
C ARG O 427 24.71 55.97 3.50
N ASP O 428 25.66 56.37 4.34
CA ASP O 428 26.49 55.41 5.05
C ASP O 428 25.78 54.93 6.30
N LEU O 429 25.40 53.65 6.29
CA LEU O 429 24.63 53.06 7.37
C LEU O 429 25.37 53.04 8.69
N TYR O 430 26.69 52.90 8.62
CA TYR O 430 27.51 52.87 9.83
C TYR O 430 27.54 54.25 10.50
N ARG O 431 27.83 55.28 9.72
CA ARG O 431 27.97 56.62 10.25
C ARG O 431 26.61 57.28 10.51
N GLU O 432 25.64 56.96 9.68
CA GLU O 432 24.36 57.67 9.71
C GLU O 432 23.18 56.86 10.25
N GLY O 433 23.44 55.63 10.67
CA GLY O 433 22.38 54.73 11.08
C GLY O 433 21.46 55.28 12.15
N GLY O 434 22.04 55.85 13.20
CA GLY O 434 21.25 56.42 14.28
C GLY O 434 20.34 57.52 13.76
N ASP O 435 20.86 58.34 12.86
CA ASP O 435 20.11 59.46 12.30
C ASP O 435 18.96 58.97 11.42
N ILE O 436 19.25 58.00 10.56
CA ILE O 436 18.24 57.42 9.71
C ILE O 436 17.08 56.91 10.56
N LEU O 437 17.41 56.31 11.71
CA LEU O 437 16.41 55.77 12.62
C LEU O 437 15.61 56.87 13.33
N ARG O 438 16.31 57.90 13.80
CA ARG O 438 15.66 59.06 14.39
C ARG O 438 14.68 59.72 13.42
N GLU O 439 15.14 59.91 12.18
CA GLU O 439 14.29 60.45 11.13
C GLU O 439 12.98 59.68 11.05
N ALA O 440 13.08 58.36 10.87
CA ALA O 440 11.90 57.53 10.68
C ALA O 440 11.05 57.55 11.95
N GLY O 441 11.71 57.67 13.10
CA GLY O 441 11.00 57.75 14.36
C GLY O 441 10.11 58.98 14.46
N LYS O 442 10.45 60.01 13.70
CA LYS O 442 9.69 61.26 13.69
C LYS O 442 8.27 61.05 13.20
N TRP O 443 8.10 60.19 12.20
CA TRP O 443 6.77 59.95 11.64
C TRP O 443 6.19 58.57 11.99
N SER O 444 6.99 57.73 12.62
CA SER O 444 6.48 56.46 13.12
C SER O 444 6.51 56.41 14.64
N PRO O 445 5.35 56.64 15.27
CA PRO O 445 5.24 56.57 16.74
C PRO O 445 5.68 55.22 17.31
N GLU O 446 5.33 54.14 16.63
CA GLU O 446 5.66 52.82 17.13
C GLU O 446 7.15 52.52 17.02
N LEU O 447 7.81 53.07 16.01
CA LEU O 447 9.27 52.99 15.97
C LEU O 447 9.90 53.85 17.06
N ALA O 448 9.35 55.04 17.28
CA ALA O 448 9.83 55.93 18.33
C ALA O 448 9.74 55.25 19.70
N ALA O 449 8.64 54.57 19.96
CA ALA O 449 8.47 53.86 21.22
C ALA O 449 9.53 52.78 21.42
N ALA O 450 9.89 52.10 20.34
CA ALA O 450 10.89 51.02 20.39
C ALA O 450 12.29 51.59 20.59
N LEU O 451 12.61 52.64 19.85
CA LEU O 451 13.91 53.30 19.97
C LEU O 451 14.14 53.76 21.41
N ASP O 452 13.11 54.34 22.01
CA ASP O 452 13.18 54.75 23.40
C ASP O 452 13.45 53.59 24.34
N LEU O 453 12.72 52.49 24.14
CA LEU O 453 12.77 51.37 25.08
C LEU O 453 14.16 50.74 25.14
N TRP O 454 14.78 50.55 23.98
CA TRP O 454 15.98 49.74 23.89
C TRP O 454 17.25 50.55 23.57
N LYS O 455 17.16 51.87 23.77
CA LYS O 455 18.27 52.78 23.51
C LYS O 455 19.58 52.34 24.17
N GLU O 456 19.48 51.86 25.40
CA GLU O 456 20.66 51.58 26.19
C GLU O 456 21.23 50.17 26.02
N ILE O 457 20.50 49.29 25.32
CA ILE O 457 20.78 47.85 25.36
C ILE O 457 21.82 47.42 24.32
N LYS O 458 22.97 46.99 24.83
CA LYS O 458 24.08 46.49 24.01
C LYS O 458 24.57 45.16 24.59
N PHE O 459 25.22 44.36 23.74
CA PHE O 459 25.84 43.11 24.18
C PHE O 459 27.27 43.10 23.70
N GLU O 460 28.17 43.47 24.59
CA GLU O 460 29.57 43.62 24.24
C GLU O 460 30.45 42.88 25.23
N PHE O 461 30.90 41.70 24.80
CA PHE O 461 31.74 40.84 25.62
C PHE O 461 32.87 40.30 24.76
N GLU O 462 33.88 39.74 25.42
CA GLU O 462 35.01 39.13 24.74
C GLU O 462 34.59 37.87 23.98
N THR O 463 35.01 37.83 22.71
CA THR O 463 34.74 36.69 21.85
C THR O 463 35.69 35.56 22.20
N MET O 464 35.13 34.39 22.50
CA MET O 464 35.93 33.19 22.79
C MET O 464 36.47 32.57 21.51
N ASP O 465 35.63 32.59 20.47
CA ASP O 465 35.94 31.96 19.21
C ASP O 465 36.69 32.92 18.30
N LYS O 466 37.90 33.28 18.71
CA LYS O 466 38.77 34.13 17.90
C LYS O 466 39.46 33.29 16.84
N LEU O 467 39.76 33.93 15.71
CA LEU O 467 40.42 33.27 14.58
C LEU O 467 41.82 32.73 14.92
N SER P 1 0.66 53.27 27.14
CA SER P 1 0.03 54.37 26.36
C SER P 1 -0.74 53.72 25.22
N MET P 2 -0.12 53.66 24.05
CA MET P 2 -0.41 52.67 23.02
C MET P 2 -1.63 52.89 22.15
N LYS P 3 -1.37 52.76 20.85
CA LYS P 3 -2.40 52.79 19.84
C LYS P 3 -2.56 51.39 19.29
N THR P 4 -3.79 51.03 18.97
CA THR P 4 -4.08 49.86 18.17
C THR P 4 -3.69 50.13 16.73
N LEU P 5 -2.82 49.27 16.18
CA LEU P 5 -2.36 49.43 14.81
C LEU P 5 -3.52 49.28 13.83
N PRO P 6 -3.68 50.23 12.91
CA PRO P 6 -4.72 50.16 11.88
C PRO P 6 -4.45 49.07 10.86
N LYS P 7 -5.52 48.68 10.16
CA LYS P 7 -5.42 47.75 9.05
C LYS P 7 -5.33 48.53 7.76
N GLU P 8 -4.28 48.27 7.01
CA GLU P 8 -4.06 48.93 5.73
C GLU P 8 -3.32 47.92 4.87
N ARG P 9 -3.78 47.74 3.62
CA ARG P 9 -3.08 46.88 2.69
C ARG P 9 -1.73 47.48 2.33
N ARG P 10 -0.73 46.62 2.20
CA ARG P 10 0.60 47.04 1.82
C ARG P 10 1.02 46.37 0.53
N PHE P 11 2.19 46.75 0.03
CA PHE P 11 2.58 46.44 -1.34
C PHE P 11 4.08 46.14 -1.40
N GLU P 12 4.54 45.41 -0.39
CA GLU P 12 5.94 44.99 -0.27
C GLU P 12 6.90 46.16 -0.13
N THR P 13 8.09 46.04 -0.71
CA THR P 13 9.20 46.90 -0.33
C THR P 13 8.93 48.41 -0.52
N PHE P 14 9.17 49.15 0.56
CA PHE P 14 8.99 50.61 0.66
C PHE P 14 7.55 51.04 0.95
N SER P 15 6.63 50.08 1.06
CA SER P 15 5.23 50.43 1.25
C SER P 15 4.91 50.79 2.70
N TYR P 16 5.90 50.69 3.57
CA TYR P 16 5.75 51.16 4.95
C TYR P 16 6.41 52.52 5.16
N LEU P 17 7.02 53.06 4.11
CA LEU P 17 7.53 54.42 4.17
C LEU P 17 6.47 55.37 3.64
N PRO P 18 6.57 56.66 3.97
CA PRO P 18 5.86 57.71 3.25
C PRO P 18 6.00 57.53 1.73
N PRO P 19 4.93 57.78 0.99
CA PRO P 19 4.96 57.68 -0.47
C PRO P 19 6.18 58.40 -1.05
N LEU P 20 6.86 57.72 -1.96
CA LEU P 20 8.13 58.21 -2.46
C LEU P 20 7.89 59.39 -3.40
N SER P 21 8.63 60.47 -3.18
CA SER P 21 8.63 61.59 -4.13
C SER P 21 9.28 61.12 -5.41
N ASP P 22 9.02 61.83 -6.49
CA ASP P 22 9.55 61.44 -7.79
C ASP P 22 11.06 61.54 -7.81
N ARG P 23 11.60 62.30 -6.87
CA ARG P 23 13.03 62.37 -6.68
C ARG P 23 13.57 61.17 -5.88
N GLN P 24 12.76 60.65 -4.96
CA GLN P 24 13.10 59.45 -4.23
C GLN P 24 13.02 58.22 -5.14
N ILE P 25 12.05 58.24 -6.06
CA ILE P 25 11.94 57.21 -7.09
C ILE P 25 13.15 57.23 -8.02
N ALA P 26 13.56 58.41 -8.45
CA ALA P 26 14.73 58.54 -9.32
C ALA P 26 16.00 58.05 -8.64
N ALA P 27 16.11 58.26 -7.33
CA ALA P 27 17.27 57.84 -6.57
C ALA P 27 17.40 56.31 -6.54
N GLN P 28 16.25 55.65 -6.44
CA GLN P 28 16.19 54.19 -6.45
C GLN P 28 16.56 53.65 -7.82
N ILE P 29 16.11 54.34 -8.87
CA ILE P 29 16.44 53.95 -10.23
C ILE P 29 17.91 54.20 -10.53
N GLU P 30 18.48 55.24 -9.91
CA GLU P 30 19.91 55.48 -10.01
C GLU P 30 20.71 54.34 -9.39
N TYR P 31 20.25 53.86 -8.24
CA TYR P 31 20.88 52.74 -7.56
C TYR P 31 20.90 51.51 -8.44
N MET P 32 19.76 51.19 -9.04
CA MET P 32 19.66 50.13 -10.04
C MET P 32 20.74 50.25 -11.09
N ILE P 33 20.74 51.37 -11.80
CA ILE P 33 21.64 51.59 -12.93
C ILE P 33 23.07 51.39 -12.48
N GLU P 34 23.42 51.98 -11.34
CA GLU P 34 24.77 51.92 -10.81
C GLU P 34 25.15 50.48 -10.48
N GLN P 35 24.17 49.73 -10.00
CA GLN P 35 24.38 48.36 -9.57
C GLN P 35 24.43 47.42 -10.77
N GLY P 36 24.01 47.91 -11.93
CA GLY P 36 24.04 47.09 -13.14
C GLY P 36 22.76 46.30 -13.38
N PHE P 37 21.72 46.56 -12.61
CA PHE P 37 20.45 45.87 -12.79
C PHE P 37 19.69 46.44 -13.97
N HIS P 38 18.87 45.60 -14.60
CA HIS P 38 18.06 46.04 -15.73
C HIS P 38 16.68 46.40 -15.27
N PRO P 39 16.22 47.62 -15.59
CA PRO P 39 14.88 48.06 -15.17
C PRO P 39 13.79 47.37 -15.95
N LEU P 40 12.71 47.05 -15.26
CA LEU P 40 11.56 46.43 -15.89
C LEU P 40 10.32 47.09 -15.27
N ILE P 41 9.39 47.48 -16.13
CA ILE P 41 8.13 48.06 -15.68
C ILE P 41 7.03 47.06 -15.94
N GLU P 42 6.24 46.76 -14.92
CA GLU P 42 5.13 45.84 -15.02
C GLU P 42 3.88 46.49 -14.47
N PHE P 43 2.72 46.02 -14.91
CA PHE P 43 1.46 46.53 -14.39
C PHE P 43 0.46 45.40 -14.16
N ASN P 44 -0.45 45.61 -13.23
CA ASN P 44 -1.46 44.64 -12.90
C ASN P 44 -2.70 45.39 -12.46
N GLU P 45 -3.87 44.84 -12.81
CA GLU P 45 -5.12 45.42 -12.37
C GLU P 45 -5.39 45.10 -10.90
N HIS P 46 -4.66 44.14 -10.34
CA HIS P 46 -4.84 43.77 -8.94
C HIS P 46 -3.50 43.59 -8.26
N SER P 47 -3.50 43.67 -6.93
CA SER P 47 -2.30 43.39 -6.15
C SER P 47 -2.55 42.20 -5.22
N ASN P 48 -2.63 41.01 -5.83
CA ASN P 48 -2.80 39.78 -5.07
C ASN P 48 -1.46 39.10 -4.88
N PRO P 49 -1.05 38.93 -3.62
CA PRO P 49 0.28 38.44 -3.27
C PRO P 49 0.57 37.02 -3.75
N GLU P 50 -0.49 36.24 -3.95
CA GLU P 50 -0.40 34.83 -4.33
C GLU P 50 -0.04 34.66 -5.80
N GLU P 51 -0.19 35.72 -6.57
CA GLU P 51 0.08 35.68 -8.00
C GLU P 51 1.53 36.00 -8.32
N PHE P 52 2.10 35.21 -9.22
CA PHE P 52 3.50 35.35 -9.60
C PHE P 52 3.68 36.42 -10.65
N TYR P 53 2.74 36.52 -11.59
CA TYR P 53 2.95 37.32 -12.79
C TYR P 53 2.10 38.57 -12.94
N TRP P 54 2.78 39.67 -13.21
CA TRP P 54 2.18 40.91 -13.71
C TRP P 54 2.45 40.98 -15.21
N THR P 55 1.82 41.93 -15.89
CA THR P 55 2.05 42.09 -17.32
C THR P 55 3.21 43.04 -17.55
N MET P 56 4.07 42.64 -18.48
CA MET P 56 5.26 43.39 -18.84
C MET P 56 4.89 44.60 -19.70
N TRP P 57 5.39 45.76 -19.34
CA TRP P 57 5.32 46.95 -20.18
C TRP P 57 6.48 46.92 -21.17
N LYS P 58 6.14 46.81 -22.45
CA LYS P 58 7.11 46.66 -23.53
C LYS P 58 8.11 45.53 -23.25
N LEU P 59 9.41 45.85 -23.18
CA LEU P 59 10.44 44.89 -22.82
C LEU P 59 11.33 45.55 -21.77
N PRO P 60 12.14 44.77 -21.04
CA PRO P 60 13.07 45.36 -20.07
C PRO P 60 14.04 46.33 -20.72
N LEU P 61 14.39 47.39 -20.00
CA LEU P 61 15.30 48.40 -20.53
C LEU P 61 16.72 47.91 -20.30
N PHE P 62 17.17 47.02 -21.18
CA PHE P 62 18.37 46.23 -20.95
C PHE P 62 19.68 47.00 -20.88
N ALA P 63 19.79 48.09 -21.62
CA ALA P 63 20.97 48.94 -21.50
C ALA P 63 20.56 50.34 -21.07
N CYS P 64 19.72 50.40 -20.04
CA CYS P 64 19.26 51.68 -19.55
C CYS P 64 20.40 52.42 -18.86
N ALA P 65 20.71 53.60 -19.35
CA ALA P 65 21.77 54.41 -18.79
C ALA P 65 21.19 55.59 -18.02
N ALA P 66 19.99 56.00 -18.39
CA ALA P 66 19.35 57.16 -17.79
C ALA P 66 18.17 56.75 -16.92
N PRO P 67 18.14 57.21 -15.66
CA PRO P 67 16.93 57.20 -14.84
C PRO P 67 15.73 57.84 -15.52
N GLN P 68 15.98 58.87 -16.32
CA GLN P 68 14.91 59.58 -17.00
C GLN P 68 14.21 58.67 -18.01
N GLN P 69 15.00 57.86 -18.71
CA GLN P 69 14.49 56.87 -19.65
C GLN P 69 13.47 55.96 -18.97
N VAL P 70 13.80 55.51 -17.76
CA VAL P 70 12.89 54.68 -16.98
C VAL P 70 11.65 55.47 -16.58
N LEU P 71 11.86 56.68 -16.07
CA LEU P 71 10.76 57.53 -15.62
C LEU P 71 9.81 57.89 -16.76
N ASP P 72 10.35 58.04 -17.96
CA ASP P 72 9.53 58.34 -19.13
C ASP P 72 8.61 57.17 -19.48
N GLU P 73 9.12 55.95 -19.33
CA GLU P 73 8.31 54.77 -19.59
C GLU P 73 7.25 54.59 -18.52
N VAL P 74 7.61 54.90 -17.28
CA VAL P 74 6.64 54.86 -16.20
C VAL P 74 5.49 55.85 -16.46
N ARG P 75 5.81 57.03 -17.01
CA ARG P 75 4.78 58.01 -17.37
C ARG P 75 3.90 57.48 -18.49
N GLU P 76 4.53 56.92 -19.52
CA GLU P 76 3.82 56.33 -20.65
C GLU P 76 2.88 55.23 -20.20
N CYS P 77 3.36 54.37 -19.31
CA CYS P 77 2.58 53.26 -18.81
C CYS P 77 1.35 53.75 -18.06
N ARG P 78 1.53 54.81 -17.29
CA ARG P 78 0.45 55.38 -16.51
C ARG P 78 -0.67 55.98 -17.34
N SER P 79 -0.32 56.64 -18.45
CA SER P 79 -1.32 57.27 -19.29
C SER P 79 -2.18 56.21 -19.96
N GLU P 80 -1.55 55.07 -20.19
CA GLU P 80 -2.21 53.95 -20.82
C GLU P 80 -2.94 53.06 -19.80
N TYR P 81 -2.41 52.96 -18.59
CA TYR P 81 -2.92 52.02 -17.58
C TYR P 81 -3.08 52.65 -16.20
N GLY P 82 -3.76 53.78 -16.13
CA GLY P 82 -3.88 54.50 -14.87
C GLY P 82 -4.78 53.79 -13.86
N ASP P 83 -5.56 52.85 -14.35
CA ASP P 83 -6.42 52.03 -13.51
C ASP P 83 -5.71 50.79 -12.96
N CYS P 84 -4.39 50.71 -13.18
CA CYS P 84 -3.61 49.56 -12.76
C CYS P 84 -2.56 49.97 -11.74
N TYR P 85 -2.09 49.00 -10.96
CA TYR P 85 -0.86 49.16 -10.20
C TYR P 85 0.30 49.08 -11.17
N ILE P 86 1.31 49.89 -10.94
CA ILE P 86 2.50 49.88 -11.78
C ILE P 86 3.71 49.78 -10.86
N ARG P 87 4.61 48.86 -11.17
CA ARG P 87 5.75 48.58 -10.31
C ARG P 87 7.03 48.62 -11.13
N VAL P 88 8.07 49.20 -10.54
CA VAL P 88 9.40 49.21 -11.15
C VAL P 88 10.22 48.11 -10.51
N ALA P 89 10.87 47.30 -11.34
CA ALA P 89 11.70 46.21 -10.86
C ALA P 89 13.08 46.32 -11.49
N GLY P 90 14.09 45.87 -10.75
CA GLY P 90 15.42 45.73 -11.32
C GLY P 90 15.76 44.26 -11.37
N PHE P 91 16.42 43.84 -12.44
CA PHE P 91 16.74 42.43 -12.63
C PHE P 91 18.24 42.22 -12.72
N ASP P 92 18.75 41.35 -11.85
CA ASP P 92 20.13 40.88 -11.92
C ASP P 92 20.17 39.62 -12.78
N ASN P 93 20.81 39.69 -13.93
CA ASN P 93 20.82 38.56 -14.87
C ASN P 93 21.92 37.53 -14.56
N ILE P 94 22.85 37.90 -13.69
CA ILE P 94 23.93 37.00 -13.32
C ILE P 94 23.48 36.03 -12.23
N LYS P 95 22.83 36.57 -11.21
CA LYS P 95 22.17 35.76 -10.21
C LYS P 95 20.78 35.34 -10.70
N GLU P 96 20.35 35.92 -11.81
CA GLU P 96 19.01 35.73 -12.35
C GLU P 96 17.92 35.85 -11.29
N CYS P 97 17.90 36.99 -10.61
CA CYS P 97 16.83 37.29 -9.67
C CYS P 97 16.49 38.77 -9.70
N GLN P 98 15.25 39.07 -9.31
CA GLN P 98 14.75 40.43 -9.23
C GLN P 98 15.32 41.05 -7.95
N THR P 99 15.96 42.20 -8.09
CA THR P 99 16.75 42.78 -7.00
C THR P 99 16.06 43.95 -6.35
N SER P 100 15.31 44.69 -7.16
CA SER P 100 14.53 45.82 -6.69
C SER P 100 13.11 45.63 -7.17
N SER P 101 12.17 46.20 -6.43
CA SER P 101 10.77 46.07 -6.75
C SER P 101 9.99 46.98 -5.82
N PHE P 102 9.34 47.99 -6.39
CA PHE P 102 8.46 48.86 -5.62
C PHE P 102 7.37 49.46 -6.50
N ILE P 103 6.20 49.63 -5.90
CA ILE P 103 5.03 50.18 -6.59
C ILE P 103 5.25 51.68 -6.80
N VAL P 104 5.12 52.13 -8.04
CA VAL P 104 5.23 53.55 -8.35
C VAL P 104 3.88 54.18 -8.68
N HIS P 105 2.86 53.36 -8.89
CA HIS P 105 1.52 53.87 -9.15
C HIS P 105 0.46 52.92 -8.64
N ARG P 106 -0.52 53.47 -7.93
CA ARG P 106 -1.71 52.73 -7.54
C ARG P 106 -2.91 53.31 -8.26
N PRO P 107 -3.90 52.46 -8.59
CA PRO P 107 -5.01 52.89 -9.44
C PRO P 107 -5.90 53.91 -8.75
N GLY P 108 -6.70 54.62 -9.55
CA GLY P 108 -7.65 55.57 -9.01
C GLY P 108 -8.58 54.97 -7.96
N ARG P 109 -8.27 55.27 -6.70
CA ARG P 109 -8.89 54.69 -5.51
C ARG P 109 -9.20 53.18 -5.55
#